data_9FQ8
#
_entry.id   9FQ8
#
_cell.length_a   1.00
_cell.length_b   1.00
_cell.length_c   1.00
_cell.angle_alpha   90.00
_cell.angle_beta   90.00
_cell.angle_gamma   90.00
#
_symmetry.space_group_name_H-M   'P 1'
#
loop_
_entity.id
_entity.type
_entity.pdbx_description
1 polymer 'Cytochrome c oxidase subunit 6B'
2 polymer 'Peptidase M14 carboxypeptidase A domain-containing protein'
3 polymer 'Cytochrome c oxidase subunit 40'
4 polymer 'Cytochrome c oxidase subunit 34'
5 polymer 'Merozoite surface protein, putative'
6 polymer 'Ubiquitin, putative'
7 polymer 'Cytochrome c oxidase subunit 33'
8 polymer 'Cytochrome c oxidase subunit 30'
9 polymer 'Cytochrome c oxidase subunit 6C'
10 polymer 'Cytochrome c oxidase subunit 24'
11 polymer 'Cytochrome c oxidase subunit 37'
12 polymer 'Cytochrome c oxidase subunit 7A'
13 polymer 'Cytochrome c oxidase subunit 35'
14 polymer 'Cytochrome c oxidase polypeptide II'
15 polymer 'GINS subunit domain-containing protein'
16 polymer 'Cytochrome oxidase subunit II copper A binding domain-containing protein'
17 polymer 'Cytochrome c oxidase subunit 1'
18 polymer 'Cytochrome c oxidase subunit 32'
19 polymer 'Cytochrome c oxidase subunit 7C'
20 polymer 'Cytochrome c oxidase 13'
21 polymer 'Amino acid transporter transmembrane domain-containing protein'
22 polymer 'Cg8 protein'
23 polymer 'Cytochrome c oxidase subunit 19'
24 polymer 'Cytochrome Coxidase subunit, putative'
25 polymer 'Cytochrome c oxidase subunit 18'
26 polymer 'Cytochrome c oxidase subunit 31'
27 non-polymer '2-(HEXADECANOYLOXY)-1-[(PHOSPHONOOXY)METHYL]ETHYL HEXADECANOATE'
28 non-polymer 1,2-dioleoyl-sn-glycero-3-phosphoethanolamine
29 non-polymer CARDIOLIPIN
30 non-polymer 1,2-DIACYL-SN-GLYCERO-3-PHOSPHOCHOLINE
31 non-polymer 'DINUCLEAR COPPER ION'
32 non-polymer 'POTASSIUM ION'
33 non-polymer 'COPPER (II) ION'
34 non-polymer 'MAGNESIUM ION'
35 non-polymer HEME-A
36 non-polymer 'PEROXIDE ION'
37 non-polymer 'ZINC ION'
38 water water
#
loop_
_entity_poly.entity_id
_entity_poly.type
_entity_poly.pdbx_seq_one_letter_code
_entity_poly.pdbx_strand_id
1 'polypeptide(L)'
;ESADALFVGTLDRLTAEHPHTDDPRFAFQSNQWNNCELRFTQFCRCTRELGEDDPRCKYQYYRAQTVCHEFLLEDWMEHR
HRGTCDLDIMPDRQVIHMRG
;
4A
2 'polypeptide(L)'
;GSIEQFINLRTARMFIYGGVSAVFLYKATPVMYRWEMLPTFLVKTEAYKAREAMIAFDNMKGIVYGPYDKGGLEGPPTKI
PETSVGMMKVDPM
;
4B
3 'polypeptide(L)' YKTENPLYKDDEPFAKTCHTFDYTREGTEKNGLGYYCLMGLWASIFIWDSLYTGATMPTGVHRYVWGPYFPTAWF 4C
4 'polypeptide(L)'
;SIFTPMDWMFYYFPNYSRDKVALMARQIKIHFAIGFALVFLVYHPPYKGADYGNFHKSPLYWYKYNQLERSGQLQENLRI
KRDWFYDEDP
;
4D
5 'polypeptide(L)'
;ISTSETLNQKILRWLDVTGMLTRWHSRREFILDMDPYFRKNSGMWTEWERKTLLFLFYCCTLATPYSAYLDLQELKHQGT
KPPRPVSLESRFMNQRRYDFTWMHPQDKFCSECRPVELECKKMCFDRYRSMDYRMYGFQRPRIQTYYSFSTC
;
4E
6 'polypeptide(L)' HIPHPVKYVGPRRYGRYVYGMNRPPVLRQVKDWIDWTGWNSVFGGFSFQVAFGLMIVSGVYLNNYRATHTLYYTNKPDNQ 4F
7 'polypeptide(L)'
;GRRLLHGNYFTRYLFGSLAVIWIAEYAAACQYGIPRHRNPNWMWSWWLEKQNQIKNGEIPANTPGYAMVKWNNEAEQRWL
KTLNVEAMNEEFARRREAYY
;
4G
8 'polypeptide(L)'
;QVPDVFATFGWERRLTVIHHPGVMAISKLLDQRTVVKPRATFNQELVEEIGDYDEDLQRKAQVALDNGLAIEWRVLDFID
DELPRLLAEKREIEKAREQVMSKAPGDYTQPVFDSSVVVPTPANLGRNYPTLNLPSGDPTE
;
4H
9 'polypeptide(L)'
;AYNGGYPFHYVVQYDDPNYDCEADFEFEEIPRDEFGVPAHIPPELSTQIRHTYYVPPQYYPFLKKLGEDTPELKPYTDKL
IMGDMTYDDYEEMFYKFAKPLKIYRSRLPLPYRTDEEISQEKYVNWCGRWYSYRQRLQGDYYSRHYFRDWLIGVMLGMYL
GNLCVQQHRQYRVDMKLFYLEAPEHKINWVKPRGDL
;
4I
10 'polypeptide(L)'
;GCEAVKNPLIGGPNQKARGAITSGFAGGGAKRLGGKGYGIMADWCDHGYSFTKGQAITGMPHWPLWCGGGVPDKFIKIDP
DVHFNLQGYRERIGWYGFFTAFLQANYHAFVYFVRFIPINIAIFWIYVNERQREPQENVMDHEEFFRDFDSIYLGQVFDH
HRFAEWLARRRAVKWGYADQIHIPPV
;
4J
11 'polypeptide(L)'
;RGSVFQMPSTPVYPLTTTKKVAPPTALAKRTPEQPFGWGSPVREDRAWRVVPRNFIILVIVYLSGWAAIKTMLPRGGSIL
GQIYGGPPKGRLI
;
4K
12 'polypeptide(L)'
;VTRYPSGTRTIMSPYPGGPVYQWLRINYNYFKRYQWRRVGRWQMRSWCYWKAAFYGVPEWNIDPTKNQWRWCVDPAWYGG
MRDKANMDMYRLMVYPFFGYALLYLHSRFKQNDKYNVFAKWR
;
4L
13 'polypeptide(L)'
;AAVRSQIEAAVYKWTRPRPPRLGVAVPRSPPGTGILFHTNMQTIRYSLSPKVWVLVTGAALVGVFSGQRFAQTVLLSKNP
PNPPRYREKPPVRHPHTPD
;
4M
14 'polypeptide(L)'
;SPEDYPTPQKYLEGAPIPSWYSFQSNLVGDMDLKPGMARMLEVDKRLTVPTRTHIRFLITGADVIHSWSVPSLGIKCDAT
PGRLVKINTFIQREGVFYGQCSELCGTLHAFMPIVVEAVSPEAFAAHAKKW
;
4N
15 'polypeptide(L)' DIPWPARTDWGGHDPATPFAELMINTHSMFWPVAIFIYVSAIYMVKK 4O
16 'polypeptide(L)'
;KSYYDDFKDRLKPGKYTQGRCPQSEGDYRQESKTIGREHLNDDGTRSKRYTVKEADALGYHYHPPIDKKGQVYVKGPNTV
IERGQTWIKGYELPSMEYTYGPKQEDIPFYPRVKLNVWGNYNLVMKVEFLFFYLPTIIVFGICIPVYTINFAQEEVIYTT
MTVKVTGRQWYWVYEVESPT
;
4P
17 'polypeptide(L)'
;FYILVNNNKRIGIYYIKLSIIIGILGIVLSYIIRVELYNSGNRIIKYDNVNYYNMVITLHGLLMIFYIIMPGLYGGIPLY
ILPILSVITDIVLPRINNISIIIVLISYIVVINSIVIEYNIGTGWTLYPPLSIIGTVIVNMILYGLIIIGISSIISAINF
MNILIVIDGIIYVYIWSIIITSVLLIISLPILNGILLMILSDIYFNSIYFILNGDVVLYQHLFWYFGHPEVYILILPAFG
IISIILSVLNNKIIFGMKSMILAIIMISILGSIVWAHHIYTVGLELDTKIYFNNLTLIISIPTGNKIYNWIILYIGSYNI
LYNGYQSLIFSIMFIIIFIIGGITGIIISIDIIDIGLHDTYYIVSHFHYILSIGAVISLLAGILLLKDIIGYYNVIIKIN
KYFGLLLFININIIFTPQFIIGFNVMPRRILEYSDNIIVWNLISSIGSISTILILLSIF
;
4Q
18 'polypeptide(L)'
;GRELPEYVVLPHNQQRYGRDKSYSYFTCLWHFPKMVFTEKWCYTNIMWFVFWTGFWFIPNYIWWERRYAYQKAGFHWEHT
NRKLQARKEALGMDKVPASGMDW
;
4R
19 'polypeptide(L)' NLEDHFDLAEYMMKMHNPMSEYLYWIAGFVSGLHGILPLLHSNYYFSGMFLPRDNDNTQLCDDSW 4S
20 'polypeptide(L)'
;TWTEIWWEHDPTPKVAQYRPYVCTVESGKVYWWCACGESKTQPWVDGHCKCSKREGGFRPRRWEPEHDGVRLFCGCKSCF
SSPTWNGGCFTKWMQSNPAGGMLYCFAAAFGFGTLTVYRKF
;
4T
21 'polypeptide(L)'
;YTPSFERGLNPELTSGDYGDMPKPQPLIDFFTQNRNPWFGFAMFCGFNFLWWAFFGAWQIRPLWASQRKSLAEADRLYGP
TKYGVGKKYIN
;
4U
22 'polypeptide(L)'
;RIGGPPVFMQFPPPPPKEYLADGTPKTYPLHQPVFDHGYTWEHWYMTNAGVFHTVYYGEFAKDFPWRWGFVAEKPFWVGA
PILVLGVLCLGHIIQTMGQIGVRPKRYTPEWVEATKERERAENTNPITRYLDRRRAERGPYYLMSNVLPYHPHFLWMRNS
HDYEAAEALAARREKDRELAAKLEA
;
4V
23 'polypeptide(L)'
;KHFFTDGANDYVTGWENTPPLKFPASVMKPCDYSMTKPIPKHWKLRGSGIHGPENTDLMKLVLWNRLKQKRPQREVPNIN
YLKDSIRLELSVNWWLMSCIFLWGPWLHWGQEYQKVHEQPPWAMKRIDGLRGEGYFTWFLE
;
4W
24 'polypeptide(L)'
;YRHWHRMSEDDWALPLDSMPEDVKTLMATPQTERGFVEDYWYNRIRGEATLLDPEALPSKSYIALARDMGLQIVDEPSSH
MMGLIELYEYLRGASFVGPFGTIENPVLVPAVGQERVVACTGGVGDEEHFTLWFRCREGFMYRCGECDQIFMLVRLYYED
RYWTQTLVRDTFMSDGDMFDLKTLERVHKMWNKDEMVRWEVGYWAQDYVLGKGVLPGMVEEHTRVN
;
4X
25 'polypeptide(L)'
;IYEGQTVQESELIPQEDDWVIEETNFCLGRNCYVRFREEDDLARRALHQMDSQLNKMHTRLRDGTVIPYMSFHPDEMVDR
PAPIHTFSEKPLLKWTWDETYEEAYDD
;
4Y
26 'polypeptide(L)'
;PPTRLSTPLYSEGGAFTVNWWRNRYGLYSRRQTDPMLAEFLFRQQVKEWFYDVPSYNYAALVGLALGILVAVIWRHFLFN
PDVYVRRQELRKMWPDRHRQFAYAVPYLNPQLKNLLLPYKNSFIDNEPDYADYNPVGLRPQRVMAIRRIPGFFWAIPQYF
FEDPLYTSCSTKNMQTIYKKLGYSEL
;
4Z
#
loop_
_chem_comp.id
_chem_comp.type
_chem_comp.name
_chem_comp.formula
CDL non-polymer CARDIOLIPIN 'C81 H156 O17 P2 -2'
CU non-polymer 'COPPER (II) ION' 'Cu 2'
CUA non-polymer 'DINUCLEAR COPPER ION' Cu2
HEA non-polymer HEME-A 'C49 H56 Fe N4 O6'
K non-polymer 'POTASSIUM ION' 'K 1'
LPP non-polymer '2-(HEXADECANOYLOXY)-1-[(PHOSPHONOOXY)METHYL]ETHYL HEXADECANOATE' 'C35 H69 O8 P'
MG non-polymer 'MAGNESIUM ION' 'Mg 2'
PC1 non-polymer 1,2-DIACYL-SN-GLYCERO-3-PHOSPHOCHOLINE 'C44 H88 N O8 P'
PEE non-polymer 1,2-dioleoyl-sn-glycero-3-phosphoethanolamine 'C41 H78 N O8 P'
PER non-polymer 'PEROXIDE ION' 'O2 -2'
ZN non-polymer 'ZINC ION' 'Zn 2'
#
# COMPACT_ATOMS: atom_id res chain seq x y z
N GLU A 1 45.05 -46.16 1.49
CA GLU A 1 44.77 -47.34 0.68
C GLU A 1 43.27 -47.65 0.70
N SER A 2 42.71 -47.79 1.91
CA SER A 2 41.28 -48.08 2.06
C SER A 2 40.45 -47.20 1.14
N ALA A 3 39.33 -47.76 0.66
CA ALA A 3 38.49 -47.04 -0.28
C ALA A 3 37.96 -45.74 0.32
N ASP A 4 37.65 -45.75 1.62
CA ASP A 4 37.12 -44.57 2.30
C ASP A 4 38.19 -43.85 3.09
N ALA A 5 39.46 -44.01 2.69
CA ALA A 5 40.56 -43.36 3.40
C ALA A 5 40.45 -41.84 3.31
N LEU A 6 39.98 -41.32 2.17
CA LEU A 6 39.88 -39.88 2.00
C LEU A 6 38.98 -39.25 3.05
N PHE A 7 37.80 -39.84 3.28
CA PHE A 7 36.91 -39.32 4.30
C PHE A 7 37.49 -39.53 5.69
N VAL A 8 38.21 -40.64 5.89
CA VAL A 8 38.90 -40.90 7.16
C VAL A 8 40.06 -39.92 7.31
N GLY A 9 40.45 -39.66 8.55
CA GLY A 9 41.48 -38.67 8.84
C GLY A 9 40.98 -37.24 8.90
N THR A 10 40.48 -36.71 7.78
CA THR A 10 39.89 -35.38 7.73
C THR A 10 38.92 -35.31 6.54
N LEU A 11 38.03 -34.30 6.59
CA LEU A 11 37.28 -33.93 5.38
C LEU A 11 38.16 -33.14 4.42
N ASP A 12 39.26 -32.57 4.92
CA ASP A 12 40.19 -31.82 4.08
C ASP A 12 40.83 -32.69 3.01
N ARG A 13 41.09 -33.97 3.34
CA ARG A 13 41.85 -34.81 2.43
C ARG A 13 41.18 -34.95 1.07
N LEU A 14 39.85 -34.92 1.04
CA LEU A 14 39.11 -35.19 -0.20
C LEU A 14 39.56 -34.27 -1.33
N THR A 15 39.63 -32.96 -1.06
CA THR A 15 40.06 -32.03 -2.10
C THR A 15 41.57 -32.04 -2.27
N ALA A 16 42.32 -32.54 -1.28
CA ALA A 16 43.76 -32.61 -1.40
C ALA A 16 44.19 -33.67 -2.41
N GLU A 17 43.41 -34.74 -2.55
CA GLU A 17 43.70 -35.76 -3.55
C GLU A 17 43.00 -35.45 -4.87
N HIS A 18 41.95 -34.65 -4.84
CA HIS A 18 41.21 -34.22 -6.03
C HIS A 18 41.06 -32.71 -5.94
N PRO A 19 42.10 -31.96 -6.30
CA PRO A 19 42.08 -30.51 -6.08
C PRO A 19 40.96 -29.77 -6.81
N HIS A 20 40.53 -30.24 -7.98
CA HIS A 20 39.59 -29.50 -8.81
C HIS A 20 38.15 -30.01 -8.67
N THR A 21 37.80 -30.62 -7.55
CA THR A 21 36.47 -31.12 -7.30
C THR A 21 35.86 -30.40 -6.10
N ASP A 22 34.56 -30.59 -5.91
CA ASP A 22 33.85 -29.94 -4.82
C ASP A 22 34.33 -30.44 -3.46
N ASP A 23 34.48 -29.51 -2.51
CA ASP A 23 34.78 -29.86 -1.14
C ASP A 23 33.48 -30.29 -0.43
N PRO A 24 33.52 -31.36 0.37
CA PRO A 24 32.27 -31.86 0.96
C PRO A 24 31.53 -30.82 1.78
N ARG A 25 32.26 -29.89 2.39
CA ARG A 25 31.66 -28.92 3.29
C ARG A 25 31.01 -27.75 2.56
N PHE A 26 31.22 -27.62 1.24
CA PHE A 26 30.70 -26.48 0.51
C PHE A 26 30.07 -26.87 -0.82
N ALA A 27 29.88 -28.16 -1.09
CA ALA A 27 29.34 -28.59 -2.38
C ALA A 27 27.86 -28.26 -2.53
N PHE A 28 27.16 -27.99 -1.44
CA PHE A 28 25.73 -27.70 -1.50
C PHE A 28 25.44 -26.36 -2.14
N GLN A 29 26.41 -25.44 -2.16
CA GLN A 29 26.21 -24.09 -2.63
C GLN A 29 27.12 -23.81 -3.82
N SER A 30 26.62 -23.02 -4.76
CA SER A 30 27.44 -22.62 -5.91
C SER A 30 28.50 -21.60 -5.51
N ASN A 31 28.15 -20.71 -4.58
CA ASN A 31 29.09 -19.71 -4.11
C ASN A 31 30.21 -20.37 -3.31
N GLN A 32 31.46 -20.15 -3.74
CA GLN A 32 32.61 -20.81 -3.13
C GLN A 32 33.49 -19.85 -2.35
N TRP A 33 32.96 -18.68 -1.98
CA TRP A 33 33.75 -17.73 -1.20
C TRP A 33 34.22 -18.34 0.11
N ASN A 34 33.28 -18.89 0.89
CA ASN A 34 33.65 -19.48 2.16
C ASN A 34 34.68 -20.58 1.97
N ASN A 35 34.61 -21.31 0.87
CA ASN A 35 35.62 -22.34 0.59
C ASN A 35 37.00 -21.72 0.45
N CYS A 36 37.09 -20.58 -0.23
CA CYS A 36 38.37 -19.91 -0.40
C CYS A 36 38.94 -19.47 0.95
N GLU A 37 38.09 -18.95 1.83
CA GLU A 37 38.57 -18.44 3.09
C GLU A 37 39.07 -19.56 4.00
N LEU A 38 38.40 -20.70 3.98
CA LEU A 38 38.89 -21.85 4.76
C LEU A 38 40.24 -22.31 4.24
N ARG A 39 40.39 -22.38 2.92
CA ARG A 39 41.64 -22.83 2.34
C ARG A 39 42.79 -21.87 2.67
N PHE A 40 42.52 -20.57 2.66
CA PHE A 40 43.56 -19.61 3.01
C PHE A 40 43.92 -19.71 4.49
N THR A 41 42.93 -19.83 5.36
CA THR A 41 43.20 -20.00 6.78
C THR A 41 44.07 -21.23 7.01
N GLN A 42 43.84 -22.29 6.24
CA GLN A 42 44.62 -23.51 6.39
C GLN A 42 46.06 -23.32 5.91
N PHE A 43 46.25 -22.52 4.86
CA PHE A 43 47.61 -22.18 4.46
C PHE A 43 48.31 -21.35 5.54
N CYS A 44 47.57 -20.42 6.15
CA CYS A 44 48.15 -19.58 7.19
C CYS A 44 48.56 -20.41 8.40
N ARG A 45 47.75 -21.39 8.78
CA ARG A 45 48.07 -22.20 9.95
C ARG A 45 49.22 -23.16 9.65
N CYS A 46 49.33 -23.63 8.41
CA CYS A 46 50.44 -24.52 8.05
C CYS A 46 51.78 -23.84 8.24
N THR A 47 51.92 -22.62 7.74
CA THR A 47 53.20 -21.92 7.82
C THR A 47 53.60 -21.70 9.27
N ARG A 48 52.63 -21.37 10.13
CA ARG A 48 52.93 -21.14 11.53
C ARG A 48 53.53 -22.38 12.19
N GLU A 49 53.15 -23.56 11.71
CA GLU A 49 53.60 -24.82 12.29
C GLU A 49 54.80 -25.43 11.60
N LEU A 50 54.92 -25.24 10.29
CA LEU A 50 55.93 -25.93 9.49
C LEU A 50 56.88 -24.99 8.77
N GLY A 51 56.52 -23.72 8.62
CA GLY A 51 57.33 -22.78 7.86
C GLY A 51 56.88 -22.69 6.41
N GLU A 52 57.38 -21.66 5.74
CA GLU A 52 56.98 -21.43 4.35
C GLU A 52 57.63 -22.43 3.40
N ASP A 53 58.84 -22.90 3.72
CA ASP A 53 59.58 -23.77 2.81
C ASP A 53 59.06 -25.19 2.76
N ASP A 54 58.24 -25.59 3.72
CA ASP A 54 57.78 -26.97 3.77
C ASP A 54 56.94 -27.29 2.54
N PRO A 55 57.17 -28.43 1.88
CA PRO A 55 56.33 -28.79 0.73
C PRO A 55 54.85 -28.85 1.07
N ARG A 56 54.50 -29.24 2.29
CA ARG A 56 53.10 -29.29 2.68
C ARG A 56 52.44 -27.92 2.57
N CYS A 57 53.09 -26.90 3.13
CA CYS A 57 52.49 -25.57 3.12
C CYS A 57 52.49 -24.99 1.71
N LYS A 58 53.49 -25.31 0.90
CA LYS A 58 53.46 -24.90 -0.50
C LYS A 58 52.27 -25.49 -1.22
N TYR A 59 51.93 -26.75 -0.92
CA TYR A 59 50.76 -27.36 -1.54
C TYR A 59 49.47 -26.79 -0.97
N GLN A 60 49.45 -26.44 0.31
CA GLN A 60 48.28 -25.79 0.88
C GLN A 60 48.03 -24.45 0.20
N TYR A 61 49.09 -23.83 -0.34
CA TYR A 61 48.90 -22.62 -1.13
C TYR A 61 48.37 -22.92 -2.52
N TYR A 62 48.85 -24.00 -3.15
CA TYR A 62 48.29 -24.41 -4.43
C TYR A 62 46.80 -24.74 -4.28
N ARG A 63 46.45 -25.39 -3.18
CA ARG A 63 45.04 -25.70 -2.93
C ARG A 63 44.22 -24.43 -2.77
N ALA A 64 44.80 -23.42 -2.11
CA ALA A 64 44.11 -22.15 -1.96
C ALA A 64 43.93 -21.46 -3.29
N GLN A 65 44.93 -21.55 -4.17
CA GLN A 65 44.82 -20.95 -5.49
C GLN A 65 43.72 -21.61 -6.32
N THR A 66 43.47 -22.90 -6.11
CA THR A 66 42.49 -23.61 -6.91
C THR A 66 41.10 -23.00 -6.75
N VAL A 67 40.82 -22.39 -5.60
CA VAL A 67 39.49 -21.84 -5.33
C VAL A 67 39.51 -20.33 -5.13
N CYS A 68 40.66 -19.70 -4.94
CA CYS A 68 40.76 -18.26 -4.72
C CYS A 68 41.32 -17.57 -5.95
N HIS A 69 40.60 -16.57 -6.46
CA HIS A 69 41.11 -15.76 -7.56
C HIS A 69 42.36 -14.99 -7.14
N GLU A 70 43.21 -14.70 -8.13
CA GLU A 70 44.51 -14.12 -7.81
C GLU A 70 44.38 -12.73 -7.18
N PHE A 71 43.43 -11.93 -7.63
CA PHE A 71 43.33 -10.57 -7.10
C PHE A 71 43.00 -10.58 -5.61
N LEU A 72 42.22 -11.56 -5.16
CA LEU A 72 41.92 -11.68 -3.74
C LEU A 72 43.15 -12.18 -2.97
N LEU A 73 43.84 -13.19 -3.50
CA LEU A 73 44.99 -13.76 -2.81
C LEU A 73 46.10 -12.74 -2.63
N GLU A 74 46.39 -11.96 -3.68
CA GLU A 74 47.47 -10.97 -3.58
C GLU A 74 47.18 -9.98 -2.46
N ASP A 75 45.95 -9.49 -2.39
CA ASP A 75 45.57 -8.57 -1.33
C ASP A 75 45.67 -9.23 0.04
N TRP A 76 45.09 -10.42 0.17
CA TRP A 76 45.09 -11.11 1.45
C TRP A 76 46.51 -11.55 1.84
N MET A 77 47.37 -11.81 0.86
CA MET A 77 48.74 -12.21 1.15
C MET A 77 49.59 -11.02 1.59
N GLU A 78 49.23 -9.82 1.17
CA GLU A 78 49.93 -8.62 1.67
C GLU A 78 49.54 -8.35 3.12
N HIS A 79 48.23 -8.39 3.42
CA HIS A 79 47.79 -8.24 4.79
C HIS A 79 48.49 -9.25 5.70
N ARG A 80 48.67 -10.48 5.22
CA ARG A 80 49.31 -11.51 6.02
C ARG A 80 50.76 -11.16 6.29
N HIS A 81 51.48 -10.67 5.28
CA HIS A 81 52.88 -10.32 5.46
C HIS A 81 53.05 -9.16 6.42
N ARG A 82 52.18 -8.14 6.33
CA ARG A 82 52.25 -7.02 7.26
C ARG A 82 51.99 -7.48 8.68
N GLY A 83 50.99 -8.33 8.87
CA GLY A 83 50.56 -8.74 10.18
C GLY A 83 49.20 -8.20 10.53
N THR A 84 48.37 -7.95 9.52
CA THR A 84 47.03 -7.44 9.72
C THR A 84 45.94 -8.40 9.24
N CYS A 85 46.32 -9.55 8.68
CA CYS A 85 45.34 -10.54 8.23
C CYS A 85 44.59 -11.10 9.43
N ASP A 86 43.26 -10.97 9.43
CA ASP A 86 42.47 -11.42 10.56
C ASP A 86 42.36 -12.93 10.64
N LEU A 87 42.70 -13.64 9.57
CA LEU A 87 42.70 -15.09 9.55
C LEU A 87 44.01 -15.68 10.05
N ASP A 88 44.99 -14.84 10.38
CA ASP A 88 46.31 -15.30 10.79
C ASP A 88 46.78 -14.74 12.12
N ILE A 89 46.05 -13.80 12.72
CA ILE A 89 46.40 -13.29 14.04
C ILE A 89 46.54 -14.47 14.99
N MET A 90 47.63 -14.52 15.74
CA MET A 90 47.81 -15.59 16.69
C MET A 90 46.66 -15.60 17.68
N PRO A 91 46.19 -16.77 18.11
CA PRO A 91 44.94 -16.80 18.90
C PRO A 91 45.00 -16.03 20.21
N ASP A 92 46.16 -15.87 20.82
CA ASP A 92 46.22 -15.18 22.10
C ASP A 92 46.20 -13.66 21.94
N ARG A 93 46.24 -13.15 20.71
CA ARG A 93 46.13 -11.73 20.43
C ARG A 93 44.83 -11.39 19.70
N GLN A 94 43.88 -12.31 19.68
CA GLN A 94 42.57 -12.04 19.12
C GLN A 94 41.71 -11.27 20.11
N VAL A 95 40.77 -10.49 19.59
CA VAL A 95 39.89 -9.67 20.41
C VAL A 95 38.45 -10.13 20.32
N ILE A 96 38.19 -11.31 19.74
CA ILE A 96 36.83 -11.72 19.43
C ILE A 96 35.99 -11.91 20.67
N HIS A 97 36.61 -12.26 21.80
CA HIS A 97 35.88 -12.51 23.04
C HIS A 97 35.91 -11.33 24.00
N MET A 98 36.40 -10.18 23.58
CA MET A 98 36.53 -9.00 24.42
C MET A 98 35.35 -8.04 24.24
N ARG A 99 35.00 -7.35 25.32
CA ARG A 99 33.86 -6.44 25.38
C ARG A 99 32.57 -7.09 24.90
N GLY A 100 32.54 -8.42 24.80
CA GLY A 100 31.42 -9.12 24.21
C GLY A 100 31.87 -10.19 23.23
N GLY B 1 13.73 -38.87 79.96
CA GLY B 1 13.20 -38.55 81.30
C GLY B 1 13.99 -37.44 81.96
N SER B 2 13.29 -36.44 82.48
CA SER B 2 13.82 -35.22 83.09
C SER B 2 14.15 -34.15 82.05
N ILE B 3 14.01 -34.42 80.77
CA ILE B 3 14.15 -33.42 79.72
C ILE B 3 12.77 -32.91 79.29
N GLU B 4 11.71 -33.64 79.63
CA GLU B 4 10.35 -33.25 79.25
C GLU B 4 10.03 -31.83 79.71
N GLN B 5 10.56 -31.42 80.86
CA GLN B 5 10.33 -30.07 81.34
C GLN B 5 10.73 -29.04 80.28
N PHE B 6 11.83 -29.30 79.56
CA PHE B 6 12.26 -28.40 78.50
C PHE B 6 11.40 -28.55 77.26
N ILE B 7 11.18 -29.79 76.82
CA ILE B 7 10.38 -30.07 75.63
C ILE B 7 9.09 -29.26 75.70
N ASN B 8 8.89 -28.39 74.71
CA ASN B 8 7.76 -27.47 74.68
C ASN B 8 7.59 -26.97 73.26
N LEU B 9 6.39 -26.48 72.95
CA LEU B 9 6.11 -26.03 71.59
C LEU B 9 7.13 -24.98 71.12
N ARG B 10 7.30 -23.92 71.91
CA ARG B 10 8.27 -22.89 71.56
C ARG B 10 9.68 -23.46 71.54
N THR B 11 9.99 -24.35 72.48
CA THR B 11 11.30 -25.00 72.52
C THR B 11 11.49 -25.99 71.39
N ALA B 12 10.41 -26.50 70.81
CA ALA B 12 10.48 -27.40 69.67
C ALA B 12 10.51 -26.65 68.35
N ARG B 13 9.70 -25.60 68.23
CA ARG B 13 9.64 -24.85 66.98
C ARG B 13 10.97 -24.15 66.69
N MET B 14 11.69 -23.76 67.74
CA MET B 14 13.01 -23.15 67.61
C MET B 14 14.12 -24.17 67.55
N PHE B 15 13.80 -25.44 67.73
CA PHE B 15 14.75 -26.54 67.67
C PHE B 15 14.75 -27.22 66.30
N ILE B 16 13.57 -27.46 65.74
CA ILE B 16 13.47 -27.99 64.37
C ILE B 16 13.81 -26.90 63.36
N TYR B 17 13.09 -25.78 63.41
CA TYR B 17 13.35 -24.69 62.49
C TYR B 17 14.78 -24.19 62.64
N GLY B 18 15.20 -23.91 63.87
CA GLY B 18 16.54 -23.39 64.09
C GLY B 18 17.61 -24.37 63.68
N GLY B 19 17.41 -25.65 63.98
CA GLY B 19 18.37 -26.67 63.56
C GLY B 19 18.40 -26.85 62.05
N VAL B 20 17.23 -26.83 61.42
CA VAL B 20 17.18 -26.89 59.95
C VAL B 20 17.99 -25.75 59.36
N SER B 21 17.85 -24.55 59.93
CA SER B 21 18.64 -23.40 59.48
C SER B 21 20.12 -23.63 59.74
N ALA B 22 20.46 -24.17 60.91
CA ALA B 22 21.88 -24.41 61.23
C ALA B 22 22.55 -25.27 60.17
N VAL B 23 21.81 -26.19 59.56
CA VAL B 23 22.36 -27.03 58.50
C VAL B 23 22.24 -26.35 57.13
N PHE B 24 21.24 -25.49 56.95
CA PHE B 24 21.11 -24.79 55.67
C PHE B 24 22.29 -23.86 55.44
N LEU B 25 22.67 -23.10 56.47
CA LEU B 25 23.80 -22.19 56.35
C LEU B 25 25.13 -22.95 56.31
N TYR B 26 25.28 -23.96 57.16
CA TYR B 26 26.54 -24.70 57.20
C TYR B 26 26.83 -25.38 55.87
N LYS B 27 25.80 -25.73 55.12
CA LYS B 27 25.96 -26.42 53.85
C LYS B 27 25.92 -25.49 52.65
N ALA B 28 25.26 -24.35 52.77
CA ALA B 28 25.15 -23.43 51.66
C ALA B 28 26.26 -22.39 51.63
N THR B 29 26.75 -21.97 52.79
CA THR B 29 27.80 -20.94 52.82
C THR B 29 29.01 -21.31 51.99
N PRO B 30 29.56 -22.52 52.06
CA PRO B 30 30.71 -22.83 51.20
C PRO B 30 30.40 -22.70 49.72
N VAL B 31 29.18 -23.03 49.31
CA VAL B 31 28.82 -22.90 47.90
C VAL B 31 28.77 -21.44 47.48
N MET B 32 28.22 -20.58 48.33
CA MET B 32 28.16 -19.16 48.03
C MET B 32 29.56 -18.58 47.91
N TYR B 33 30.46 -19.00 48.81
CA TYR B 33 31.84 -18.54 48.73
C TYR B 33 32.50 -18.97 47.42
N ARG B 34 32.26 -20.21 47.01
CA ARG B 34 32.88 -20.71 45.78
C ARG B 34 32.37 -19.96 44.56
N TRP B 35 31.09 -19.60 44.55
CA TRP B 35 30.46 -18.98 43.39
C TRP B 35 30.39 -17.47 43.49
N GLU B 36 31.21 -16.86 44.35
CA GLU B 36 31.35 -15.41 44.42
C GLU B 36 30.03 -14.72 44.74
N MET B 37 29.17 -15.38 45.50
CA MET B 37 27.90 -14.79 45.89
C MET B 37 27.99 -14.00 47.18
N LEU B 38 29.02 -14.24 48.00
CA LEU B 38 29.17 -13.49 49.23
C LEU B 38 29.59 -12.06 48.94
N PRO B 39 29.19 -11.10 49.78
CA PRO B 39 29.62 -9.71 49.57
C PRO B 39 31.13 -9.59 49.62
N THR B 40 31.67 -8.73 48.76
CA THR B 40 33.11 -8.56 48.68
C THR B 40 33.67 -7.96 49.97
N PHE B 41 32.98 -6.99 50.55
CA PHE B 41 33.51 -6.34 51.75
C PHE B 41 33.60 -7.32 52.91
N LEU B 42 32.64 -8.24 53.01
CA LEU B 42 32.67 -9.22 54.09
C LEU B 42 33.88 -10.13 53.98
N VAL B 43 34.20 -10.59 52.77
CA VAL B 43 35.31 -11.51 52.57
C VAL B 43 35.66 -11.51 51.10
N LYS B 44 36.94 -11.76 50.80
CA LYS B 44 37.43 -11.90 49.44
C LYS B 44 37.89 -13.34 49.21
N THR B 45 37.40 -13.94 48.13
CA THR B 45 37.81 -15.29 47.81
C THR B 45 39.26 -15.32 47.33
N GLU B 46 39.86 -16.50 47.38
CA GLU B 46 41.23 -16.65 46.91
C GLU B 46 41.34 -16.33 45.43
N ALA B 47 40.33 -16.72 44.65
CA ALA B 47 40.32 -16.37 43.24
C ALA B 47 40.26 -14.87 43.05
N TYR B 48 39.49 -14.17 43.90
CA TYR B 48 39.43 -12.72 43.83
C TYR B 48 40.80 -12.11 44.09
N LYS B 49 41.49 -12.60 45.13
CA LYS B 49 42.81 -12.08 45.44
C LYS B 49 43.80 -12.36 44.31
N ALA B 50 43.71 -13.56 43.72
CA ALA B 50 44.64 -13.91 42.66
C ALA B 50 44.51 -12.96 41.47
N ARG B 51 43.28 -12.63 41.09
CA ARG B 51 43.08 -11.69 39.99
C ARG B 51 43.51 -10.28 40.39
N GLU B 52 43.13 -9.84 41.59
CA GLU B 52 43.43 -8.48 42.00
C GLU B 52 44.93 -8.25 42.16
N ALA B 53 45.67 -9.28 42.54
CA ALA B 53 47.11 -9.13 42.69
C ALA B 53 47.81 -8.83 41.38
N MET B 54 47.15 -9.05 40.26
CA MET B 54 47.73 -8.83 38.94
C MET B 54 47.44 -7.45 38.39
N ILE B 55 46.81 -6.58 39.16
CA ILE B 55 46.37 -5.27 38.69
C ILE B 55 47.27 -4.20 39.29
N ALA B 56 47.78 -3.32 38.43
CA ALA B 56 48.59 -2.18 38.84
C ALA B 56 48.13 -0.97 38.03
N PHE B 57 48.53 0.21 38.50
CA PHE B 57 48.11 1.48 37.91
C PHE B 57 49.30 2.38 37.64
N ASP B 58 50.34 1.81 37.02
CA ASP B 58 51.55 2.59 36.75
C ASP B 58 52.12 2.31 35.37
N ASN B 59 51.31 1.84 34.43
CA ASN B 59 51.78 1.56 33.08
C ASN B 59 51.56 2.78 32.20
N MET B 60 52.63 3.31 31.63
CA MET B 60 52.60 4.53 30.83
C MET B 60 53.13 4.28 29.42
N LYS B 61 52.94 3.08 28.89
CA LYS B 61 53.41 2.71 27.57
C LYS B 61 52.25 2.57 26.61
N GLY B 62 52.57 2.44 25.33
CA GLY B 62 51.57 2.17 24.32
C GLY B 62 50.79 3.38 23.83
N ILE B 63 51.22 4.59 24.16
CA ILE B 63 50.53 5.77 23.69
C ILE B 63 50.75 5.92 22.19
N VAL B 64 49.66 6.00 21.43
CA VAL B 64 49.72 6.12 19.98
C VAL B 64 48.82 7.28 19.56
N TYR B 65 49.08 7.80 18.36
CA TYR B 65 48.37 8.95 17.82
C TYR B 65 47.68 8.62 16.51
N GLY B 66 47.29 7.36 16.33
CA GLY B 66 46.55 6.95 15.17
C GLY B 66 45.51 5.90 15.52
N PRO B 67 44.43 5.83 14.73
CA PRO B 67 43.35 4.88 15.05
C PRO B 67 43.64 3.46 14.62
N TYR B 68 44.59 3.24 13.70
CA TYR B 68 44.85 1.92 13.15
C TYR B 68 46.33 1.57 13.24
N ASP B 69 46.58 0.29 13.47
CA ASP B 69 47.91 -0.30 13.28
C ASP B 69 47.88 -1.01 11.93
N LYS B 70 48.59 -0.46 10.95
CA LYS B 70 48.55 -0.95 9.59
C LYS B 70 49.71 -1.90 9.30
N GLY B 71 50.21 -2.55 10.34
CA GLY B 71 51.28 -3.53 10.21
C GLY B 71 52.60 -2.88 9.84
N GLY B 72 53.49 -3.70 9.31
CA GLY B 72 54.82 -3.25 8.97
C GLY B 72 55.74 -3.30 10.16
N LEU B 73 56.91 -2.69 9.99
CA LEU B 73 57.87 -2.56 11.08
C LEU B 73 57.83 -1.20 11.76
N GLU B 74 57.18 -0.21 11.14
CA GLU B 74 57.16 1.13 11.73
C GLU B 74 56.08 1.25 12.80
N GLY B 75 54.93 0.64 12.58
CA GLY B 75 53.85 0.67 13.54
C GLY B 75 53.12 1.99 13.57
N PRO B 76 52.14 2.12 14.46
CA PRO B 76 51.40 3.38 14.54
C PRO B 76 52.29 4.51 15.02
N PRO B 77 51.95 5.75 14.67
CA PRO B 77 52.77 6.88 15.13
C PRO B 77 52.77 6.99 16.65
N THR B 78 53.93 7.32 17.20
CA THR B 78 54.11 7.40 18.63
C THR B 78 54.57 8.77 19.11
N LYS B 79 54.80 9.72 18.21
CA LYS B 79 55.29 11.04 18.54
C LYS B 79 54.15 12.04 18.38
N ILE B 80 53.96 12.89 19.39
CA ILE B 80 52.87 13.87 19.31
C ILE B 80 53.14 14.82 18.16
N PRO B 81 52.14 15.19 17.36
CA PRO B 81 52.39 16.14 16.28
C PRO B 81 52.82 17.50 16.83
N GLU B 82 53.69 18.16 16.06
CA GLU B 82 54.19 19.46 16.48
C GLU B 82 53.06 20.47 16.61
N THR B 83 52.09 20.42 15.69
CA THR B 83 50.98 21.37 15.74
C THR B 83 50.11 21.20 16.96
N SER B 84 50.21 20.06 17.65
CA SER B 84 49.40 19.81 18.84
C SER B 84 50.14 20.15 20.14
N VAL B 85 51.45 20.37 20.09
CA VAL B 85 52.19 20.71 21.30
C VAL B 85 51.71 22.05 21.82
N GLY B 86 51.48 22.11 23.13
CA GLY B 86 51.09 23.36 23.77
C GLY B 86 49.77 23.92 23.30
N MET B 87 48.81 23.07 22.99
CA MET B 87 47.48 23.50 22.57
C MET B 87 46.42 23.31 23.64
N MET B 88 46.83 22.94 24.85
CA MET B 88 45.89 22.66 25.94
C MET B 88 45.76 23.87 26.85
N LYS B 89 44.53 24.20 27.21
CA LYS B 89 44.24 25.35 28.09
C LYS B 89 44.09 24.86 29.53
N VAL B 90 45.21 24.45 30.11
CA VAL B 90 45.24 23.90 31.46
C VAL B 90 45.23 25.04 32.47
N ASP B 91 44.36 24.93 33.48
CA ASP B 91 44.27 25.95 34.52
C ASP B 91 45.59 26.06 35.28
N PRO B 92 45.91 27.25 35.80
CA PRO B 92 47.19 27.42 36.50
C PRO B 92 47.26 26.57 37.77
N MET B 93 48.34 25.81 37.89
CA MET B 93 48.54 24.96 39.07
C MET B 93 48.38 25.76 40.35
N TYR C 1 -33.96 -1.52 52.69
CA TYR C 1 -33.74 -2.15 51.37
C TYR C 1 -32.36 -2.80 51.31
N LYS C 2 -32.13 -3.65 50.30
CA LYS C 2 -30.87 -4.34 50.11
C LYS C 2 -30.30 -3.97 48.75
N THR C 3 -28.97 -3.90 48.68
CA THR C 3 -28.27 -3.48 47.48
C THR C 3 -27.04 -4.36 47.27
N GLU C 4 -26.47 -4.27 46.06
CA GLU C 4 -25.27 -5.00 45.69
C GLU C 4 -24.19 -4.02 45.24
N ASN C 5 -22.98 -4.17 45.77
CA ASN C 5 -21.89 -3.31 45.36
C ASN C 5 -21.63 -3.53 43.87
N PRO C 6 -21.68 -2.48 43.05
CA PRO C 6 -21.53 -2.69 41.60
C PRO C 6 -20.19 -3.27 41.20
N LEU C 7 -19.16 -3.07 42.00
CA LEU C 7 -17.83 -3.54 41.64
C LEU C 7 -17.73 -5.06 41.64
N TYR C 8 -18.63 -5.76 42.31
CA TYR C 8 -18.57 -7.21 42.43
C TYR C 8 -19.73 -7.90 41.73
N LYS C 9 -20.55 -7.15 41.00
CA LYS C 9 -21.60 -7.74 40.17
C LYS C 9 -20.98 -8.50 39.00
N ASP C 10 -21.76 -9.40 38.42
CA ASP C 10 -21.30 -10.21 37.30
C ASP C 10 -21.42 -9.45 35.99
N ASP C 11 -20.63 -9.87 35.00
CA ASP C 11 -20.69 -9.26 33.69
C ASP C 11 -22.07 -9.44 33.08
N GLU C 12 -22.53 -8.42 32.38
CA GLU C 12 -23.81 -8.49 31.69
C GLU C 12 -23.72 -9.43 30.50
N PRO C 13 -24.76 -10.21 30.23
CA PRO C 13 -24.74 -11.11 29.06
C PRO C 13 -25.00 -10.36 27.77
N PHE C 14 -24.55 -10.97 26.68
CA PHE C 14 -24.90 -10.47 25.36
C PHE C 14 -26.40 -10.57 25.15
N ALA C 15 -26.96 -9.59 24.45
CA ALA C 15 -28.39 -9.60 24.15
C ALA C 15 -28.74 -10.75 23.22
N LYS C 16 -29.90 -11.34 23.44
CA LYS C 16 -30.40 -12.43 22.60
C LYS C 16 -31.29 -11.83 21.52
N THR C 17 -30.80 -11.82 20.29
CA THR C 17 -31.54 -11.25 19.16
C THR C 17 -31.28 -12.13 17.93
N CYS C 18 -31.68 -11.63 16.77
CA CYS C 18 -31.29 -12.28 15.52
C CYS C 18 -29.79 -12.25 15.33
N HIS C 19 -29.12 -11.23 15.84
CA HIS C 19 -27.69 -11.04 15.74
C HIS C 19 -27.12 -11.19 17.16
N THR C 20 -26.77 -12.42 17.51
CA THR C 20 -26.32 -12.74 18.86
C THR C 20 -24.85 -13.13 18.85
N PHE C 21 -24.12 -12.60 19.82
CA PHE C 21 -22.70 -12.91 19.98
C PHE C 21 -22.52 -14.03 20.98
N ASP C 22 -21.74 -15.04 20.60
CA ASP C 22 -21.54 -16.22 21.43
C ASP C 22 -20.09 -16.65 21.32
N TYR C 23 -19.37 -16.63 22.44
CA TYR C 23 -17.99 -17.10 22.51
C TYR C 23 -17.85 -18.40 23.29
N THR C 24 -18.95 -19.00 23.74
CA THR C 24 -18.86 -20.12 24.67
C THR C 24 -18.22 -21.33 24.02
N ARG C 25 -18.54 -21.60 22.75
CA ARG C 25 -18.04 -22.79 22.08
C ARG C 25 -16.68 -22.60 21.42
N GLU C 26 -16.13 -21.39 21.43
CA GLU C 26 -14.88 -21.14 20.72
C GLU C 26 -13.70 -21.77 21.46
N GLY C 27 -13.70 -21.69 22.79
CA GLY C 27 -12.57 -22.19 23.55
C GLY C 27 -11.31 -21.36 23.41
N THR C 28 -11.44 -20.10 22.99
CA THR C 28 -10.30 -19.20 22.84
C THR C 28 -10.17 -18.23 24.00
N GLU C 29 -10.95 -18.42 25.06
CA GLU C 29 -10.97 -17.44 26.14
C GLU C 29 -9.66 -17.46 26.92
N LYS C 30 -9.06 -18.62 27.11
CA LYS C 30 -7.85 -18.74 27.90
C LYS C 30 -7.00 -19.89 27.36
N ASN C 31 -5.71 -19.85 27.69
CA ASN C 31 -4.83 -20.95 27.32
C ASN C 31 -5.27 -22.23 28.01
N GLY C 32 -5.29 -23.32 27.24
CA GLY C 32 -5.71 -24.61 27.74
C GLY C 32 -4.54 -25.47 28.19
N LEU C 33 -4.88 -26.70 28.60
CA LEU C 33 -3.87 -27.62 29.07
C LEU C 33 -2.85 -27.91 27.97
N GLY C 34 -3.31 -28.01 26.72
CA GLY C 34 -2.38 -28.27 25.64
C GLY C 34 -1.28 -27.23 25.54
N TYR C 35 -1.63 -25.96 25.71
CA TYR C 35 -0.62 -24.91 25.69
C TYR C 35 0.41 -25.14 26.79
N TYR C 36 -0.06 -25.46 27.99
CA TYR C 36 0.86 -25.71 29.10
C TYR C 36 1.65 -26.99 28.88
N CYS C 37 1.12 -27.93 28.10
CA CYS C 37 1.90 -29.10 27.72
C CYS C 37 3.00 -28.73 26.73
N LEU C 38 2.72 -27.78 25.85
CA LEU C 38 3.77 -27.26 24.97
C LEU C 38 4.88 -26.60 25.77
N MET C 39 4.51 -25.81 26.78
CA MET C 39 5.51 -25.17 27.62
C MET C 39 6.35 -26.21 28.37
N GLY C 40 5.69 -27.25 28.90
CA GLY C 40 6.42 -28.28 29.60
C GLY C 40 7.40 -29.02 28.70
N LEU C 41 6.96 -29.35 27.49
CA LEU C 41 7.84 -30.02 26.54
C LEU C 41 9.01 -29.14 26.16
N TRP C 42 8.76 -27.84 25.96
CA TRP C 42 9.84 -26.91 25.63
C TRP C 42 10.88 -26.87 26.74
N ALA C 43 10.43 -26.78 27.98
CA ALA C 43 11.36 -26.84 29.11
C ALA C 43 12.11 -28.17 29.11
N SER C 44 11.40 -29.26 28.84
CA SER C 44 12.02 -30.58 28.87
C SER C 44 13.06 -30.72 27.77
N ILE C 45 12.73 -30.32 26.55
CA ILE C 45 13.68 -30.39 25.44
C ILE C 45 14.90 -29.54 25.74
N PHE C 46 14.67 -28.35 26.31
CA PHE C 46 15.77 -27.45 26.66
C PHE C 46 16.72 -28.08 27.65
N ILE C 47 16.18 -28.68 28.71
CA ILE C 47 17.03 -29.32 29.71
C ILE C 47 17.69 -30.57 29.13
N TRP C 48 16.92 -31.38 28.40
CA TRP C 48 17.44 -32.64 27.89
C TRP C 48 18.60 -32.41 26.92
N ASP C 49 18.41 -31.49 25.98
CA ASP C 49 19.43 -31.24 24.97
C ASP C 49 20.76 -30.84 25.60
N SER C 50 20.71 -30.21 26.78
CA SER C 50 21.92 -29.78 27.46
C SER C 50 22.47 -30.86 28.39
N LEU C 51 21.60 -31.54 29.12
CA LEU C 51 22.06 -32.59 30.03
C LEU C 51 22.70 -33.74 29.26
N TYR C 52 22.00 -34.25 28.24
CA TYR C 52 22.44 -35.41 27.48
C TYR C 52 22.79 -34.96 26.06
N THR C 53 24.05 -34.62 25.86
CA THR C 53 24.52 -34.06 24.60
C THR C 53 24.93 -35.12 23.59
N GLY C 54 24.91 -36.40 23.96
CA GLY C 54 25.17 -37.50 23.05
C GLY C 54 23.93 -38.24 22.59
N ALA C 55 22.75 -37.69 22.85
CA ALA C 55 21.51 -38.38 22.49
C ALA C 55 21.29 -38.39 20.97
N THR C 56 21.65 -37.29 20.31
CA THR C 56 21.51 -37.21 18.85
C THR C 56 22.48 -38.13 18.13
N MET C 57 23.50 -38.64 18.82
CA MET C 57 24.48 -39.55 18.24
C MET C 57 24.38 -40.93 18.89
N PRO C 58 23.26 -41.66 18.71
CA PRO C 58 23.06 -42.90 19.47
C PRO C 58 23.93 -44.06 19.01
N THR C 59 23.84 -45.18 19.72
CA THR C 59 24.59 -46.39 19.40
C THR C 59 23.70 -47.32 18.58
N GLY C 60 24.23 -47.79 17.44
CA GLY C 60 23.50 -48.71 16.60
C GLY C 60 23.44 -50.14 17.09
N VAL C 61 24.20 -50.46 18.14
CA VAL C 61 24.17 -51.80 18.72
C VAL C 61 22.85 -51.98 19.46
N HIS C 62 22.10 -53.02 19.09
CA HIS C 62 20.78 -53.28 19.67
C HIS C 62 20.60 -54.77 19.90
N ARG C 63 20.18 -55.15 21.11
CA ARG C 63 19.87 -56.54 21.43
C ARG C 63 18.37 -56.84 21.29
N TYR C 64 17.53 -56.14 22.05
CA TYR C 64 16.07 -56.27 21.89
C TYR C 64 15.50 -57.65 22.21
N VAL C 65 15.22 -57.93 23.49
CA VAL C 65 14.52 -59.17 23.84
C VAL C 65 13.28 -59.29 22.96
N TRP C 66 12.94 -60.53 22.58
CA TRP C 66 11.82 -60.84 21.70
C TRP C 66 12.02 -60.28 20.29
N GLY C 67 13.26 -59.98 19.92
CA GLY C 67 13.58 -59.57 18.57
C GLY C 67 13.19 -58.14 18.26
N PRO C 68 13.28 -57.76 16.98
CA PRO C 68 12.98 -56.38 16.59
C PRO C 68 11.52 -56.14 16.25
N TYR C 69 10.76 -57.20 16.02
CA TYR C 69 9.38 -57.07 15.58
C TYR C 69 8.39 -57.09 16.74
N PHE C 70 8.87 -57.00 17.98
CA PHE C 70 8.04 -56.92 19.18
C PHE C 70 7.78 -55.44 19.53
N PRO C 71 6.58 -55.10 20.01
CA PRO C 71 6.23 -53.68 20.16
C PRO C 71 7.16 -52.88 21.05
N THR C 72 7.72 -53.48 22.10
CA THR C 72 8.61 -52.75 22.99
C THR C 72 10.00 -52.55 22.40
N ALA C 73 10.20 -52.96 21.15
CA ALA C 73 11.45 -52.77 20.44
C ALA C 73 11.40 -51.57 19.49
N TRP C 74 10.32 -50.80 19.53
CA TRP C 74 10.19 -49.58 18.74
C TRP C 74 10.25 -48.33 19.61
N PHE C 75 10.35 -48.48 20.93
CA PHE C 75 10.51 -47.36 21.84
C PHE C 75 11.58 -47.70 22.89
N SER D 1 -11.00 -30.87 0.67
CA SER D 1 -11.16 -31.72 -0.51
C SER D 1 -10.24 -31.27 -1.63
N ILE D 2 -9.50 -32.22 -2.20
CA ILE D 2 -8.49 -31.96 -3.22
C ILE D 2 -9.12 -32.17 -4.60
N PHE D 3 -8.87 -31.22 -5.51
CA PHE D 3 -9.36 -31.29 -6.88
C PHE D 3 -10.84 -31.65 -6.93
N THR D 4 -11.62 -31.09 -6.01
CA THR D 4 -13.02 -31.44 -5.86
C THR D 4 -13.90 -30.24 -6.19
N PRO D 5 -14.83 -30.35 -7.14
CA PRO D 5 -15.86 -29.31 -7.27
C PRO D 5 -16.66 -29.21 -6.00
N MET D 6 -16.64 -28.03 -5.37
CA MET D 6 -17.30 -27.86 -4.09
C MET D 6 -18.81 -27.89 -4.21
N ASP D 7 -19.35 -27.71 -5.42
CA ASP D 7 -20.78 -27.94 -5.63
C ASP D 7 -21.12 -29.39 -5.32
N TRP D 8 -20.24 -30.32 -5.70
CA TRP D 8 -20.44 -31.72 -5.36
C TRP D 8 -20.32 -31.94 -3.86
N MET D 9 -19.34 -31.30 -3.21
CA MET D 9 -19.19 -31.42 -1.77
C MET D 9 -20.45 -30.93 -1.05
N PHE D 10 -21.08 -29.87 -1.56
CA PHE D 10 -22.27 -29.34 -0.91
C PHE D 10 -23.44 -30.30 -1.06
N TYR D 11 -23.53 -30.99 -2.20
CA TYR D 11 -24.67 -31.85 -2.48
C TYR D 11 -24.57 -33.19 -1.75
N TYR D 12 -23.44 -33.88 -1.90
CA TYR D 12 -23.32 -35.23 -1.37
C TYR D 12 -22.98 -35.27 0.11
N PHE D 13 -22.46 -34.18 0.68
CA PHE D 13 -22.06 -34.13 2.08
C PHE D 13 -22.70 -32.92 2.74
N PRO D 14 -24.02 -32.87 2.78
CA PRO D 14 -24.69 -31.67 3.30
C PRO D 14 -24.38 -31.36 4.75
N ASN D 15 -24.31 -32.38 5.61
CA ASN D 15 -24.07 -32.13 7.03
C ASN D 15 -22.64 -31.70 7.29
N TYR D 16 -21.69 -32.27 6.57
CA TYR D 16 -20.30 -31.87 6.70
C TYR D 16 -20.07 -30.44 6.20
N SER D 17 -20.93 -29.96 5.29
CA SER D 17 -20.79 -28.64 4.71
C SER D 17 -21.71 -27.59 5.32
N ARG D 18 -22.54 -27.97 6.31
CA ARG D 18 -23.55 -27.04 6.85
C ARG D 18 -22.94 -25.69 7.21
N ASP D 19 -21.83 -25.69 7.95
CA ASP D 19 -21.16 -24.45 8.33
C ASP D 19 -20.14 -24.15 7.24
N LYS D 20 -20.47 -23.20 6.37
CA LYS D 20 -19.61 -22.94 5.22
C LYS D 20 -18.34 -22.20 5.63
N VAL D 21 -18.40 -21.42 6.71
CA VAL D 21 -17.20 -20.75 7.21
C VAL D 21 -16.20 -21.79 7.69
N ALA D 22 -16.66 -22.74 8.50
CA ALA D 22 -15.77 -23.80 8.98
C ALA D 22 -15.27 -24.64 7.81
N LEU D 23 -16.13 -24.86 6.82
CA LEU D 23 -15.73 -25.62 5.64
C LEU D 23 -14.58 -24.93 4.92
N MET D 24 -14.63 -23.61 4.82
CA MET D 24 -13.55 -22.86 4.18
C MET D 24 -12.25 -23.01 4.95
N ALA D 25 -12.33 -22.96 6.28
CA ALA D 25 -11.12 -23.10 7.09
C ALA D 25 -10.46 -24.45 6.88
N ARG D 26 -11.24 -25.52 6.82
CA ARG D 26 -10.68 -26.84 6.59
C ARG D 26 -10.01 -26.91 5.21
N GLN D 27 -10.62 -26.27 4.21
CA GLN D 27 -10.00 -26.23 2.89
C GLN D 27 -8.60 -25.65 2.96
N ILE D 28 -8.44 -24.54 3.67
CA ILE D 28 -7.13 -23.91 3.81
C ILE D 28 -6.18 -24.82 4.59
N LYS D 29 -6.65 -25.35 5.73
CA LYS D 29 -5.79 -26.15 6.59
C LYS D 29 -5.32 -27.41 5.88
N ILE D 30 -6.23 -28.09 5.18
CA ILE D 30 -5.87 -29.34 4.52
C ILE D 30 -4.78 -29.10 3.49
N HIS D 31 -4.94 -28.05 2.67
CA HIS D 31 -3.95 -27.79 1.64
C HIS D 31 -2.68 -27.19 2.22
N PHE D 32 -2.76 -26.52 3.36
CA PHE D 32 -1.56 -26.07 4.04
C PHE D 32 -0.73 -27.27 4.51
N ALA D 33 -1.39 -28.26 5.11
CA ALA D 33 -0.69 -29.45 5.57
C ALA D 33 -0.12 -30.24 4.41
N ILE D 34 -0.79 -30.24 3.27
CA ILE D 34 -0.29 -30.96 2.11
C ILE D 34 1.00 -30.32 1.60
N GLY D 35 1.01 -28.99 1.50
CA GLY D 35 2.22 -28.31 1.06
C GLY D 35 3.37 -28.50 2.03
N PHE D 36 3.10 -28.37 3.33
CA PHE D 36 4.12 -28.57 4.33
C PHE D 36 4.69 -29.98 4.28
N ALA D 37 3.81 -30.97 4.12
CA ALA D 37 4.25 -32.36 4.10
C ALA D 37 5.11 -32.66 2.89
N LEU D 38 4.78 -32.05 1.74
CA LEU D 38 5.56 -32.31 0.53
C LEU D 38 7.03 -31.94 0.73
N VAL D 39 7.28 -30.79 1.35
CA VAL D 39 8.66 -30.33 1.51
C VAL D 39 9.43 -31.28 2.43
N PHE D 40 8.85 -31.63 3.58
CA PHE D 40 9.58 -32.36 4.59
C PHE D 40 9.42 -33.88 4.48
N LEU D 41 8.59 -34.38 3.56
CA LEU D 41 8.40 -35.81 3.40
C LEU D 41 8.69 -36.32 1.99
N VAL D 42 8.76 -35.44 1.00
CA VAL D 42 9.03 -35.83 -0.38
C VAL D 42 10.37 -35.28 -0.86
N TYR D 43 10.71 -34.06 -0.45
CA TYR D 43 11.96 -33.40 -0.85
C TYR D 43 13.07 -33.57 0.19
N HIS D 44 12.78 -33.22 1.44
CA HIS D 44 13.82 -33.20 2.47
C HIS D 44 14.45 -34.55 2.77
N PRO D 45 13.71 -35.64 2.93
CA PRO D 45 14.28 -36.89 3.48
C PRO D 45 15.66 -37.19 2.93
N PRO D 46 16.68 -37.21 3.78
CA PRO D 46 18.06 -37.36 3.30
C PRO D 46 18.44 -38.80 3.00
N TYR D 47 19.34 -38.94 2.03
CA TYR D 47 19.90 -40.23 1.62
C TYR D 47 18.81 -41.23 1.28
N LYS D 48 17.77 -40.78 0.58
CA LYS D 48 16.66 -41.63 0.18
C LYS D 48 16.34 -41.40 -1.29
N GLY D 49 15.70 -42.39 -1.90
CA GLY D 49 15.30 -42.29 -3.29
C GLY D 49 16.38 -42.62 -4.29
N ALA D 50 17.49 -43.22 -3.84
CA ALA D 50 18.61 -43.55 -4.72
C ALA D 50 18.67 -45.04 -5.05
N ASP D 51 17.55 -45.76 -4.90
CA ASP D 51 17.49 -47.18 -5.22
C ASP D 51 17.05 -47.33 -6.68
N TYR D 52 18.03 -47.18 -7.57
CA TYR D 52 17.79 -47.23 -9.01
C TYR D 52 17.62 -48.65 -9.53
N GLY D 53 17.90 -49.66 -8.71
CA GLY D 53 17.56 -51.01 -9.06
C GLY D 53 16.11 -51.36 -8.84
N ASN D 54 15.34 -50.42 -8.29
CA ASN D 54 13.93 -50.61 -8.01
C ASN D 54 13.05 -49.68 -8.84
N PHE D 55 13.53 -49.20 -9.99
CA PHE D 55 12.69 -48.39 -10.87
C PHE D 55 11.37 -49.08 -11.14
N HIS D 56 10.26 -48.40 -10.85
CA HIS D 56 8.95 -48.99 -11.10
C HIS D 56 8.76 -49.28 -12.58
N LYS D 57 8.33 -50.50 -12.89
CA LYS D 57 8.03 -50.92 -14.26
C LYS D 57 6.55 -51.29 -14.34
N SER D 58 5.74 -50.37 -14.86
CA SER D 58 4.29 -50.49 -14.83
C SER D 58 3.80 -51.59 -15.78
N PRO D 59 2.51 -51.96 -15.66
CA PRO D 59 1.95 -52.95 -16.59
C PRO D 59 2.09 -52.57 -18.05
N LEU D 60 2.08 -51.27 -18.36
CA LEU D 60 2.26 -50.84 -19.73
C LEU D 60 3.69 -51.02 -20.18
N TYR D 61 4.65 -50.82 -19.28
CA TYR D 61 6.05 -51.10 -19.59
C TYR D 61 6.21 -52.53 -20.09
N TRP D 62 5.63 -53.50 -19.38
CA TRP D 62 5.81 -54.90 -19.73
C TRP D 62 5.05 -55.26 -21.01
N TYR D 63 3.85 -54.70 -21.20
CA TYR D 63 3.12 -54.95 -22.45
C TYR D 63 3.97 -54.58 -23.65
N LYS D 64 4.54 -53.37 -23.63
CA LYS D 64 5.35 -52.91 -24.75
C LYS D 64 6.69 -53.63 -24.82
N TYR D 65 7.26 -53.98 -23.66
CA TYR D 65 8.54 -54.67 -23.65
C TYR D 65 8.41 -56.08 -24.22
N ASN D 66 7.39 -56.82 -23.79
CA ASN D 66 7.18 -58.16 -24.29
C ASN D 66 6.87 -58.16 -25.78
N GLN D 67 6.07 -57.20 -26.22
CA GLN D 67 5.76 -57.13 -27.64
C GLN D 67 7.04 -57.01 -28.47
N LEU D 68 7.93 -56.10 -28.08
CA LEU D 68 9.18 -55.94 -28.82
C LEU D 68 10.10 -57.14 -28.60
N GLU D 69 10.09 -57.72 -27.40
CA GLU D 69 10.91 -58.89 -27.14
C GLU D 69 10.50 -60.04 -28.04
N ARG D 70 9.19 -60.26 -28.21
CA ARG D 70 8.72 -61.36 -29.03
C ARG D 70 9.29 -61.26 -30.44
N SER D 71 9.23 -60.07 -31.03
CA SER D 71 9.89 -59.84 -32.30
C SER D 71 11.37 -59.52 -32.05
N GLY D 72 12.09 -59.20 -33.12
CA GLY D 72 13.48 -58.85 -33.00
C GLY D 72 13.74 -57.39 -32.72
N GLN D 73 12.68 -56.59 -32.55
CA GLN D 73 12.86 -55.15 -32.43
C GLN D 73 13.65 -54.79 -31.17
N LEU D 74 13.38 -55.47 -30.06
CA LEU D 74 14.08 -55.15 -28.82
C LEU D 74 15.57 -55.37 -28.97
N GLN D 75 15.95 -56.52 -29.54
CA GLN D 75 17.37 -56.77 -29.79
C GLN D 75 17.94 -55.72 -30.74
N GLU D 76 17.22 -55.42 -31.81
CA GLU D 76 17.71 -54.45 -32.79
C GLU D 76 17.80 -53.06 -32.18
N ASN D 77 16.82 -52.67 -31.37
CA ASN D 77 16.85 -51.36 -30.74
C ASN D 77 18.06 -51.22 -29.83
N LEU D 78 18.35 -52.25 -29.04
CA LEU D 78 19.45 -52.16 -28.09
C LEU D 78 20.81 -52.26 -28.76
N ARG D 79 20.88 -52.83 -29.96
CA ARG D 79 22.16 -52.96 -30.65
C ARG D 79 22.77 -51.60 -30.89
N ILE D 80 24.09 -51.52 -30.73
CA ILE D 80 24.81 -50.28 -31.01
C ILE D 80 24.98 -50.14 -32.52
N LYS D 81 24.44 -49.06 -33.07
CA LYS D 81 24.38 -48.90 -34.51
C LYS D 81 25.72 -48.50 -35.11
N ARG D 82 26.48 -47.66 -34.41
CA ARG D 82 27.80 -47.25 -34.86
C ARG D 82 28.72 -47.14 -33.65
N ASP D 83 29.93 -47.69 -33.77
CA ASP D 83 30.95 -47.54 -32.73
C ASP D 83 32.29 -47.14 -33.33
N TRP D 84 32.26 -46.51 -34.51
CA TRP D 84 33.43 -45.95 -35.17
C TRP D 84 33.11 -44.53 -35.60
N PHE D 85 34.14 -43.68 -35.70
CA PHE D 85 33.92 -42.27 -36.04
C PHE D 85 33.93 -42.04 -37.56
N TYR D 86 34.95 -42.54 -38.26
CA TYR D 86 35.14 -42.28 -39.68
C TYR D 86 34.78 -43.50 -40.51
N ASP D 87 34.04 -43.26 -41.60
CA ASP D 87 33.84 -44.28 -42.62
C ASP D 87 35.10 -44.41 -43.47
N GLU D 88 35.24 -45.56 -44.13
CA GLU D 88 36.42 -45.84 -44.94
C GLU D 88 36.19 -45.36 -46.38
N ASP D 89 37.10 -44.53 -46.87
CA ASP D 89 36.96 -43.90 -48.18
C ASP D 89 37.54 -44.81 -49.25
N PRO D 90 36.74 -45.30 -50.21
CA PRO D 90 37.24 -46.19 -51.26
C PRO D 90 38.04 -45.45 -52.33
N ILE E 1 13.10 11.51 70.86
CA ILE E 1 12.31 10.47 70.22
C ILE E 1 10.92 10.43 70.86
N SER E 2 9.88 10.57 70.03
CA SER E 2 8.52 10.59 70.55
C SER E 2 8.08 9.20 70.99
N THR E 3 7.48 9.11 72.18
CA THR E 3 6.89 7.88 72.67
C THR E 3 5.37 7.92 72.65
N SER E 4 4.78 8.95 72.05
CA SER E 4 3.34 9.07 71.93
C SER E 4 2.79 8.29 70.74
N GLU E 5 3.64 7.54 70.04
CA GLU E 5 3.25 6.75 68.88
C GLU E 5 4.01 5.43 68.92
N THR E 6 3.46 4.44 68.23
CA THR E 6 4.15 3.16 68.10
C THR E 6 5.29 3.27 67.10
N LEU E 7 6.15 2.26 67.08
CA LEU E 7 7.25 2.24 66.13
C LEU E 7 6.75 2.18 64.70
N ASN E 8 5.72 1.35 64.44
CA ASN E 8 5.16 1.28 63.09
C ASN E 8 4.57 2.62 62.68
N GLN E 9 3.83 3.27 63.57
CA GLN E 9 3.23 4.56 63.24
C GLN E 9 4.29 5.60 62.93
N LYS E 10 5.38 5.61 63.69
CA LYS E 10 6.46 6.56 63.45
C LYS E 10 7.06 6.38 62.06
N ILE E 11 7.35 5.14 61.68
CA ILE E 11 7.92 4.86 60.36
C ILE E 11 6.96 5.31 59.28
N LEU E 12 5.67 5.00 59.43
CA LEU E 12 4.69 5.38 58.42
C LEU E 12 4.51 6.88 58.35
N ARG E 13 4.56 7.56 59.50
CA ARG E 13 4.47 9.02 59.49
C ARG E 13 5.59 9.62 58.68
N TRP E 14 6.82 9.12 58.86
CA TRP E 14 7.96 9.67 58.15
C TRP E 14 7.91 9.34 56.65
N LEU E 15 7.40 8.15 56.30
CA LEU E 15 7.18 7.85 54.89
C LEU E 15 6.03 8.67 54.31
N ASP E 16 5.21 9.28 55.17
CA ASP E 16 4.12 10.13 54.76
C ASP E 16 4.49 11.61 54.84
N VAL E 17 5.79 11.92 54.91
CA VAL E 17 6.22 13.31 55.03
C VAL E 17 5.68 14.14 53.87
N THR E 18 5.59 13.55 52.68
CA THR E 18 5.01 14.22 51.53
C THR E 18 3.52 13.96 51.37
N GLY E 19 2.91 13.23 52.29
CA GLY E 19 1.49 12.99 52.25
C GLY E 19 1.04 11.87 51.33
N MET E 20 1.96 11.08 50.78
CA MET E 20 1.59 10.03 49.86
C MET E 20 0.65 9.02 50.51
N LEU E 21 1.02 8.54 51.69
CA LEU E 21 0.21 7.52 52.36
C LEU E 21 -1.14 8.07 52.79
N THR E 22 -1.17 9.32 53.26
CA THR E 22 -2.44 9.93 53.65
C THR E 22 -3.39 10.02 52.48
N ARG E 23 -2.88 10.41 51.30
CA ARG E 23 -3.73 10.50 50.12
C ARG E 23 -4.23 9.13 49.69
N TRP E 24 -3.44 8.08 49.95
CA TRP E 24 -3.90 6.73 49.63
C TRP E 24 -5.03 6.30 50.55
N HIS E 25 -4.93 6.57 51.85
CA HIS E 25 -5.91 6.11 52.80
C HIS E 25 -7.05 7.09 53.05
N SER E 26 -7.07 8.23 52.37
CA SER E 26 -8.16 9.19 52.49
C SER E 26 -8.56 9.67 51.09
N ARG E 27 -9.80 9.38 50.70
CA ARG E 27 -10.31 9.92 49.45
C ARG E 27 -10.44 11.43 49.51
N ARG E 28 -10.94 11.96 50.62
CA ARG E 28 -11.09 13.40 50.73
C ARG E 28 -9.76 14.12 50.57
N GLU E 29 -8.70 13.57 51.18
CA GLU E 29 -7.39 14.21 51.08
C GLU E 29 -6.84 14.14 49.67
N PHE E 30 -7.12 13.05 48.94
CA PHE E 30 -6.66 12.95 47.56
C PHE E 30 -7.38 13.95 46.66
N ILE E 31 -8.70 14.10 46.83
CA ILE E 31 -9.44 14.99 45.95
C ILE E 31 -9.10 16.45 46.22
N LEU E 32 -8.76 16.79 47.45
CA LEU E 32 -8.43 18.15 47.83
C LEU E 32 -6.97 18.49 47.58
N ASP E 33 -6.20 17.55 47.02
CA ASP E 33 -4.86 17.84 46.51
C ASP E 33 -4.87 18.05 45.01
N MET E 34 -6.01 17.83 44.37
CA MET E 34 -6.19 18.12 42.96
C MET E 34 -6.49 19.60 42.79
N ASP E 35 -6.05 20.15 41.68
CA ASP E 35 -6.40 21.54 41.41
C ASP E 35 -7.90 21.63 41.09
N PRO E 36 -8.57 22.69 41.56
CA PRO E 36 -10.03 22.76 41.46
C PRO E 36 -10.65 22.33 40.14
N TYR E 37 -10.00 22.59 39.01
CA TYR E 37 -10.62 22.29 37.71
C TYR E 37 -10.79 20.80 37.52
N PHE E 38 -9.84 20.00 37.99
CA PHE E 38 -9.88 18.55 37.85
C PHE E 38 -10.61 17.89 39.00
N ARG E 39 -10.75 18.59 40.12
CA ARG E 39 -11.49 18.06 41.26
C ARG E 39 -12.97 17.91 40.92
N LYS E 40 -13.42 18.67 39.91
CA LYS E 40 -14.80 18.62 39.46
C LYS E 40 -15.20 17.23 38.95
N ASN E 41 -14.25 16.50 38.37
CA ASN E 41 -14.52 15.20 37.78
C ASN E 41 -14.21 14.06 38.74
N SER E 42 -13.77 14.37 39.96
CA SER E 42 -13.28 13.35 40.89
C SER E 42 -14.39 12.45 41.40
N GLY E 43 -15.58 12.99 41.62
CA GLY E 43 -16.66 12.23 42.23
C GLY E 43 -17.08 11.01 41.44
N MET E 44 -16.70 10.94 40.16
CA MET E 44 -17.06 9.80 39.31
C MET E 44 -16.11 8.62 39.46
N TRP E 45 -14.89 8.86 39.96
CA TRP E 45 -13.89 7.81 40.09
C TRP E 45 -14.34 6.74 41.10
N THR E 46 -14.03 5.48 40.81
CA THR E 46 -14.21 4.43 41.81
C THR E 46 -12.97 4.36 42.70
N GLU E 47 -13.13 3.78 43.89
CA GLU E 47 -11.96 3.59 44.75
C GLU E 47 -10.96 2.64 44.12
N TRP E 48 -11.44 1.65 43.35
CA TRP E 48 -10.53 0.79 42.61
C TRP E 48 -9.67 1.61 41.68
N GLU E 49 -10.30 2.46 40.86
CA GLU E 49 -9.57 3.28 39.91
C GLU E 49 -8.59 4.22 40.61
N ARG E 50 -9.01 4.79 41.74
CA ARG E 50 -8.17 5.78 42.41
C ARG E 50 -6.89 5.14 42.95
N LYS E 51 -7.02 4.04 43.69
CA LYS E 51 -5.85 3.43 44.31
C LYS E 51 -4.97 2.75 43.27
N THR E 52 -5.57 2.19 42.22
CA THR E 52 -4.76 1.64 41.13
C THR E 52 -3.93 2.73 40.46
N LEU E 53 -4.53 3.91 40.27
CA LEU E 53 -3.77 5.02 39.70
C LEU E 53 -2.60 5.41 40.59
N LEU E 54 -2.85 5.54 41.90
CA LEU E 54 -1.78 5.87 42.83
C LEU E 54 -0.71 4.80 42.82
N PHE E 55 -1.11 3.53 42.75
CA PHE E 55 -0.15 2.44 42.72
C PHE E 55 0.75 2.54 41.50
N LEU E 56 0.17 2.76 40.33
CA LEU E 56 0.97 2.91 39.12
C LEU E 56 1.86 4.15 39.21
N PHE E 57 1.31 5.24 39.73
CA PHE E 57 2.10 6.46 39.88
C PHE E 57 3.20 6.28 40.91
N TYR E 58 2.89 5.65 42.05
CA TYR E 58 3.89 5.48 43.09
C TYR E 58 4.99 4.52 42.66
N CYS E 59 4.64 3.44 41.97
CA CYS E 59 5.67 2.52 41.48
C CYS E 59 6.61 3.23 40.53
N CYS E 60 6.06 4.06 39.65
CA CYS E 60 6.89 4.75 38.66
C CYS E 60 7.84 5.73 39.34
N THR E 61 7.32 6.57 40.23
CA THR E 61 8.14 7.59 40.87
C THR E 61 9.18 6.98 41.79
N LEU E 62 8.90 5.82 42.36
CA LEU E 62 9.82 5.16 43.28
C LEU E 62 10.91 4.39 42.54
N ALA E 63 10.74 4.16 41.24
CA ALA E 63 11.75 3.50 40.42
C ALA E 63 12.62 4.49 39.66
N THR E 64 12.15 5.73 39.51
CA THR E 64 12.97 6.77 38.91
C THR E 64 14.31 6.94 39.62
N PRO E 65 14.38 6.98 40.95
CA PRO E 65 15.70 7.02 41.59
C PRO E 65 16.60 5.86 41.24
N TYR E 66 16.03 4.66 41.08
CA TYR E 66 16.84 3.50 40.71
C TYR E 66 17.40 3.66 39.31
N SER E 67 16.56 4.07 38.37
CA SER E 67 17.05 4.33 37.00
C SER E 67 18.09 5.43 37.02
N ALA E 68 17.90 6.44 37.86
CA ALA E 68 18.88 7.51 37.98
C ALA E 68 20.22 6.97 38.49
N TYR E 69 20.17 6.05 39.46
CA TYR E 69 21.41 5.41 39.92
C TYR E 69 22.07 4.62 38.81
N LEU E 70 21.28 3.84 38.07
CA LEU E 70 21.82 3.05 36.98
C LEU E 70 22.43 3.93 35.91
N ASP E 71 21.82 5.09 35.66
CA ASP E 71 22.31 5.98 34.62
C ASP E 71 23.58 6.68 35.06
N LEU E 72 23.68 7.05 36.33
CA LEU E 72 24.90 7.65 36.84
C LEU E 72 26.08 6.70 36.73
N GLN E 73 25.88 5.43 37.09
CA GLN E 73 26.94 4.45 36.96
C GLN E 73 27.35 4.29 35.51
N GLU E 74 26.38 4.36 34.60
CA GLU E 74 26.71 4.30 33.18
C GLU E 74 27.58 5.48 32.76
N LEU E 75 27.22 6.67 33.21
CA LEU E 75 28.01 7.85 32.85
C LEU E 75 29.43 7.74 33.40
N LYS E 76 29.56 7.25 34.64
CA LYS E 76 30.89 7.07 35.21
C LYS E 76 31.69 6.04 34.43
N HIS E 77 31.04 4.95 34.02
CA HIS E 77 31.73 3.92 33.25
C HIS E 77 32.24 4.50 31.93
N GLN E 78 31.39 5.25 31.23
CA GLN E 78 31.80 5.86 29.97
C GLN E 78 32.84 6.95 30.20
N GLY E 79 32.75 7.65 31.34
CA GLY E 79 33.71 8.69 31.64
C GLY E 79 35.12 8.19 31.88
N THR E 80 35.27 6.93 32.26
CA THR E 80 36.57 6.31 32.50
C THR E 80 36.67 5.00 31.72
N LYS E 81 36.26 5.02 30.46
CA LYS E 81 36.23 3.80 29.67
C LYS E 81 37.66 3.32 29.42
N PRO E 82 37.97 2.05 29.65
CA PRO E 82 39.35 1.57 29.51
C PRO E 82 39.83 1.68 28.07
N PRO E 83 41.11 1.99 27.87
CA PRO E 83 41.67 1.93 26.51
C PRO E 83 41.61 0.52 25.96
N ARG E 84 41.42 0.41 24.65
CA ARG E 84 41.32 -0.86 23.94
C ARG E 84 42.45 -0.96 22.92
N PRO E 85 42.83 -2.16 22.48
CA PRO E 85 43.96 -2.27 21.56
C PRO E 85 43.68 -1.55 20.24
N VAL E 86 44.73 -0.96 19.66
CA VAL E 86 44.58 -0.33 18.35
C VAL E 86 44.26 -1.40 17.33
N SER E 87 43.22 -1.16 16.53
CA SER E 87 42.77 -2.16 15.58
C SER E 87 43.79 -2.36 14.47
N LEU E 88 44.18 -3.62 14.25
CA LEU E 88 44.94 -3.95 13.05
C LEU E 88 44.05 -3.77 11.84
N GLU E 89 44.63 -3.25 10.75
CA GLU E 89 43.82 -2.86 9.58
C GLU E 89 43.65 -4.10 8.69
N SER E 90 42.56 -4.83 8.93
CA SER E 90 42.33 -6.13 8.32
C SER E 90 41.95 -6.01 6.85
N ARG E 91 41.60 -7.16 6.25
CA ARG E 91 41.35 -7.23 4.81
C ARG E 91 40.26 -6.27 4.37
N PHE E 92 39.22 -6.11 5.18
CA PHE E 92 38.04 -5.34 4.81
C PHE E 92 37.79 -4.21 5.80
N MET E 93 38.85 -3.66 6.39
CA MET E 93 38.74 -2.66 7.44
C MET E 93 39.29 -1.33 6.95
N ASN E 94 38.56 -0.26 7.24
CA ASN E 94 38.98 1.11 6.93
C ASN E 94 39.06 1.33 5.42
N GLN E 95 38.02 0.90 4.72
CA GLN E 95 37.92 1.13 3.29
C GLN E 95 37.24 2.46 3.03
N ARG E 96 37.84 3.27 2.17
CA ARG E 96 37.34 4.60 1.86
C ARG E 96 37.36 4.81 0.36
N ARG E 97 36.24 5.25 -0.19
CA ARG E 97 36.17 5.64 -1.58
C ARG E 97 36.30 7.13 -1.80
N TYR E 98 35.99 7.93 -0.77
CA TYR E 98 36.06 9.38 -0.85
C TYR E 98 36.15 9.90 0.58
N ASP E 99 36.52 11.16 0.72
CA ASP E 99 36.71 11.75 2.03
C ASP E 99 35.37 11.92 2.74
N PHE E 100 35.45 12.11 4.06
CA PHE E 100 34.26 12.32 4.89
C PHE E 100 33.92 13.80 4.88
N THR E 101 32.87 14.16 4.16
CA THR E 101 32.47 15.55 4.06
C THR E 101 30.96 15.75 4.17
N TRP E 102 30.18 14.70 4.43
CA TRP E 102 28.73 14.85 4.45
C TRP E 102 28.26 15.76 5.57
N MET E 103 29.03 15.91 6.64
CA MET E 103 28.66 16.83 7.70
C MET E 103 28.90 18.28 7.32
N HIS E 104 29.95 18.54 6.54
CA HIS E 104 30.32 19.90 6.13
C HIS E 104 30.53 19.92 4.63
N PRO E 105 29.44 19.93 3.85
CA PRO E 105 29.60 19.82 2.40
C PRO E 105 30.44 20.93 1.80
N GLN E 106 30.36 22.15 2.33
CA GLN E 106 31.10 23.28 1.80
C GLN E 106 32.39 23.56 2.56
N ASP E 107 32.35 23.49 3.89
CA ASP E 107 33.56 23.78 4.67
C ASP E 107 34.56 22.64 4.58
N LYS E 108 34.07 21.40 4.64
CA LYS E 108 34.92 20.21 4.51
C LYS E 108 35.95 20.14 5.64
N PHE E 109 35.48 20.33 6.87
CA PHE E 109 36.35 20.18 8.03
C PHE E 109 36.71 18.72 8.22
N CYS E 110 37.98 18.48 8.55
CA CYS E 110 38.47 17.15 8.93
C CYS E 110 38.03 16.10 7.92
N SER E 111 38.37 16.33 6.66
CA SER E 111 37.94 15.42 5.60
C SER E 111 38.48 14.02 5.85
N GLU E 112 39.65 13.90 6.47
CA GLU E 112 40.24 12.58 6.72
C GLU E 112 39.67 11.90 7.95
N CYS E 113 39.12 12.65 8.90
CA CYS E 113 38.60 12.08 10.12
C CYS E 113 37.15 11.64 9.94
N ARG E 114 36.76 10.64 10.72
CA ARG E 114 35.40 10.14 10.67
C ARG E 114 34.47 10.98 11.55
N PRO E 115 33.16 10.88 11.33
CA PRO E 115 32.24 11.85 11.94
C PRO E 115 32.37 11.99 13.45
N VAL E 116 32.60 10.91 14.20
CA VAL E 116 32.68 11.00 15.65
C VAL E 116 34.02 10.47 16.14
N GLU E 117 35.07 10.63 15.33
CA GLU E 117 36.42 10.20 15.69
C GLU E 117 37.11 11.36 16.40
N LEU E 118 36.97 11.39 17.73
CA LEU E 118 37.34 12.57 18.49
C LEU E 118 38.84 12.85 18.50
N GLU E 119 39.68 11.81 18.50
CA GLU E 119 41.12 12.05 18.60
C GLU E 119 41.69 12.55 17.29
N CYS E 120 41.20 12.02 16.17
CA CYS E 120 41.61 12.52 14.86
C CYS E 120 41.22 13.98 14.69
N LYS E 121 40.01 14.35 15.12
CA LYS E 121 39.56 15.73 14.99
C LYS E 121 40.40 16.67 15.85
N LYS E 122 40.77 16.23 17.05
CA LYS E 122 41.57 17.09 17.92
C LYS E 122 42.88 17.48 17.24
N MET E 123 43.60 16.51 16.69
CA MET E 123 44.83 16.82 16.00
C MET E 123 44.56 17.64 14.74
N CYS E 124 43.44 17.41 14.08
CA CYS E 124 43.10 18.21 12.90
C CYS E 124 42.76 19.64 13.29
N PHE E 125 42.03 19.83 14.39
CA PHE E 125 41.75 21.18 14.86
C PHE E 125 43.04 21.90 15.24
N ASP E 126 44.01 21.17 15.79
CA ASP E 126 45.28 21.78 16.15
C ASP E 126 46.00 22.31 14.92
N ARG E 127 45.94 21.57 13.81
CA ARG E 127 46.53 22.07 12.58
C ARG E 127 45.85 23.36 12.13
N TYR E 128 44.51 23.39 12.18
CA TYR E 128 43.80 24.60 11.77
C TYR E 128 44.15 25.77 12.68
N ARG E 129 44.24 25.53 13.98
CA ARG E 129 44.64 26.61 14.89
C ARG E 129 46.05 27.08 14.60
N SER E 130 46.96 26.16 14.32
CA SER E 130 48.31 26.54 13.93
C SER E 130 48.32 27.30 12.62
N MET E 131 47.24 27.20 11.84
CA MET E 131 47.09 27.93 10.59
C MET E 131 46.24 29.19 10.76
N ASP E 132 46.03 29.63 11.99
CA ASP E 132 45.34 30.87 12.31
C ASP E 132 43.82 30.77 12.14
N TYR E 133 43.27 29.56 12.17
CA TYR E 133 41.84 29.32 12.04
C TYR E 133 41.34 28.69 13.33
N ARG E 134 40.42 29.40 14.01
CA ARG E 134 39.92 28.93 15.30
C ARG E 134 38.92 27.80 15.13
N MET E 135 39.03 26.79 15.98
CA MET E 135 38.08 25.69 16.08
C MET E 135 37.77 25.46 17.56
N TYR E 136 36.56 24.97 17.84
CA TYR E 136 36.11 24.79 19.22
C TYR E 136 36.28 23.34 19.65
N GLY E 137 36.81 23.15 20.85
CA GLY E 137 36.82 21.88 21.52
C GLY E 137 38.20 21.29 21.66
N PHE E 138 38.28 20.27 22.53
CA PHE E 138 39.46 19.42 22.67
C PHE E 138 40.64 20.20 23.24
N GLN E 139 40.40 21.06 24.23
CA GLN E 139 41.46 21.85 24.82
C GLN E 139 41.50 21.83 26.34
N ARG E 140 40.40 21.54 27.01
CA ARG E 140 40.41 21.52 28.47
C ARG E 140 40.63 20.11 28.98
N PRO E 141 41.52 19.91 29.95
CA PRO E 141 41.64 18.58 30.56
C PRO E 141 40.33 18.14 31.18
N ARG E 142 40.05 16.84 31.08
CA ARG E 142 38.76 16.33 31.51
C ARG E 142 38.53 16.57 33.00
N ILE E 143 39.58 16.38 33.81
CA ILE E 143 39.44 16.49 35.25
C ILE E 143 39.26 17.92 35.73
N GLN E 144 39.47 18.90 34.87
CA GLN E 144 39.32 20.30 35.22
C GLN E 144 38.00 20.90 34.75
N THR E 145 37.07 20.07 34.28
CA THR E 145 35.78 20.53 33.81
C THR E 145 34.66 19.84 34.58
N TYR E 146 33.51 20.50 34.62
CA TYR E 146 32.35 19.95 35.30
C TYR E 146 31.63 18.94 34.41
N TYR E 147 30.96 17.99 35.06
CA TYR E 147 30.12 17.00 34.39
C TYR E 147 30.93 16.04 33.54
N SER E 148 32.23 15.91 33.81
CA SER E 148 33.08 15.01 33.03
C SER E 148 32.88 13.56 33.42
N PHE E 149 32.51 13.29 34.67
CA PHE E 149 32.40 11.94 35.20
C PHE E 149 33.71 11.17 35.09
N SER E 150 34.83 11.87 35.23
CA SER E 150 36.14 11.25 35.18
C SER E 150 37.01 11.63 36.37
N THR E 151 36.44 12.26 37.38
CA THR E 151 37.19 12.68 38.55
C THR E 151 37.25 11.57 39.59
N CYS E 152 38.35 11.51 40.32
CA CYS E 152 38.56 10.49 41.32
C CYS E 152 37.58 10.65 42.47
N HIS F 1 -16.00 -11.94 24.02
CA HIS F 1 -15.61 -12.46 25.33
C HIS F 1 -16.72 -13.34 25.90
N ILE F 2 -16.48 -13.92 27.08
CA ILE F 2 -17.48 -14.74 27.77
C ILE F 2 -17.77 -14.11 29.12
N PRO F 3 -18.96 -13.53 29.32
CA PRO F 3 -19.29 -12.93 30.63
C PRO F 3 -19.06 -13.90 31.79
N HIS F 4 -18.33 -13.43 32.81
CA HIS F 4 -17.95 -14.23 33.96
C HIS F 4 -18.06 -13.39 35.24
N PRO F 5 -18.08 -14.03 36.41
CA PRO F 5 -18.20 -13.28 37.67
C PRO F 5 -16.84 -12.77 38.17
N VAL F 6 -16.91 -11.79 39.10
CA VAL F 6 -15.70 -11.29 39.74
C VAL F 6 -15.16 -12.36 40.68
N LYS F 7 -13.88 -12.72 40.50
CA LYS F 7 -13.28 -13.84 41.21
C LYS F 7 -12.68 -13.44 42.56
N TYR F 8 -12.73 -12.16 42.92
CA TYR F 8 -12.19 -11.71 44.19
C TYR F 8 -13.06 -12.21 45.35
N VAL F 9 -12.49 -13.02 46.22
CA VAL F 9 -13.20 -13.57 47.36
C VAL F 9 -12.70 -13.02 48.69
N GLY F 10 -11.75 -12.08 48.66
CA GLY F 10 -11.20 -11.53 49.88
C GLY F 10 -12.07 -10.43 50.47
N PRO F 11 -11.54 -9.76 51.49
CA PRO F 11 -12.34 -8.74 52.20
C PRO F 11 -12.51 -7.48 51.37
N ARG F 12 -13.77 -7.06 51.22
CA ARG F 12 -14.07 -5.90 50.38
C ARG F 12 -13.74 -4.58 51.04
N ARG F 13 -13.69 -4.53 52.37
CA ARG F 13 -13.33 -3.30 53.07
C ARG F 13 -12.66 -3.63 54.40
N TYR F 14 -11.58 -2.91 54.71
CA TYR F 14 -10.92 -3.03 56.01
C TYR F 14 -11.48 -2.09 57.06
N GLY F 15 -12.30 -1.13 56.68
CA GLY F 15 -12.74 -0.08 57.56
C GLY F 15 -11.89 1.16 57.45
N ARG F 16 -12.33 2.22 58.12
CA ARG F 16 -11.61 3.48 58.09
C ARG F 16 -10.23 3.32 58.72
N TYR F 17 -9.24 3.94 58.09
CA TYR F 17 -7.89 3.91 58.63
C TYR F 17 -7.85 4.73 59.92
N VAL F 18 -7.54 4.07 61.03
CA VAL F 18 -7.38 4.73 62.32
C VAL F 18 -5.99 4.36 62.82
N TYR F 19 -5.00 5.16 62.43
CA TYR F 19 -3.61 4.98 62.84
C TYR F 19 -3.18 3.52 62.69
N GLY F 20 -3.64 2.89 61.62
CA GLY F 20 -3.22 1.53 61.29
C GLY F 20 -3.60 0.50 62.33
N MET F 21 -4.78 0.64 62.93
CA MET F 21 -5.27 -0.32 63.90
C MET F 21 -6.32 -1.23 63.26
N ASN F 22 -6.38 -2.46 63.76
CA ASN F 22 -7.38 -3.44 63.32
C ASN F 22 -7.28 -3.68 61.82
N ARG F 23 -6.07 -3.91 61.34
CA ARG F 23 -5.80 -4.16 59.94
C ARG F 23 -5.07 -5.49 59.78
N PRO F 24 -5.18 -6.12 58.61
CA PRO F 24 -4.59 -7.45 58.43
C PRO F 24 -3.08 -7.39 58.49
N PRO F 25 -2.41 -8.54 58.55
CA PRO F 25 -0.96 -8.55 58.44
C PRO F 25 -0.52 -8.05 57.07
N VAL F 26 0.71 -7.56 57.01
CA VAL F 26 1.21 -6.93 55.78
C VAL F 26 1.11 -7.91 54.61
N LEU F 27 1.58 -9.14 54.80
CA LEU F 27 1.57 -10.10 53.71
C LEU F 27 0.14 -10.42 53.27
N ARG F 28 -0.78 -10.53 54.23
CA ARG F 28 -2.18 -10.70 53.88
C ARG F 28 -2.66 -9.54 53.03
N GLN F 29 -2.27 -8.32 53.38
CA GLN F 29 -2.67 -7.15 52.59
C GLN F 29 -2.11 -7.21 51.18
N VAL F 30 -0.84 -7.61 51.03
CA VAL F 30 -0.25 -7.71 49.71
C VAL F 30 -1.02 -8.74 48.88
N LYS F 31 -1.34 -9.88 49.48
CA LYS F 31 -2.10 -10.90 48.77
C LYS F 31 -3.48 -10.38 48.36
N ASP F 32 -4.15 -9.69 49.27
CA ASP F 32 -5.48 -9.15 48.95
C ASP F 32 -5.38 -8.13 47.81
N TRP F 33 -4.33 -7.33 47.79
CA TRP F 33 -4.17 -6.34 46.74
C TRP F 33 -4.07 -7.01 45.37
N ILE F 34 -3.22 -8.02 45.25
CA ILE F 34 -3.05 -8.67 43.96
C ILE F 34 -4.32 -9.42 43.58
N ASP F 35 -5.02 -9.98 44.56
CA ASP F 35 -6.32 -10.58 44.28
C ASP F 35 -7.28 -9.54 43.74
N TRP F 36 -7.24 -8.33 44.30
CA TRP F 36 -8.16 -7.28 43.90
C TRP F 36 -7.85 -6.72 42.53
N THR F 37 -6.57 -6.67 42.17
CA THR F 37 -6.13 -6.09 40.90
C THR F 37 -5.82 -7.13 39.85
N GLY F 38 -5.89 -8.41 40.18
CA GLY F 38 -5.71 -9.46 39.19
C GLY F 38 -4.33 -10.06 39.18
N TRP F 39 -4.27 -11.39 39.27
CA TRP F 39 -3.00 -12.09 39.16
C TRP F 39 -2.55 -12.27 37.72
N ASN F 40 -3.45 -12.08 36.76
CA ASN F 40 -3.08 -12.27 35.36
C ASN F 40 -1.99 -11.29 34.95
N SER F 41 -2.08 -10.05 35.41
CA SER F 41 -1.04 -9.07 35.11
C SER F 41 0.29 -9.46 35.76
N VAL F 42 0.25 -9.96 37.00
CA VAL F 42 1.47 -10.38 37.67
C VAL F 42 2.13 -11.51 36.88
N PHE F 43 1.37 -12.56 36.57
CA PHE F 43 1.95 -13.67 35.83
C PHE F 43 2.42 -13.23 34.46
N GLY F 44 1.61 -12.44 33.76
CA GLY F 44 2.01 -11.99 32.44
C GLY F 44 3.25 -11.11 32.47
N GLY F 45 3.30 -10.17 33.42
CA GLY F 45 4.43 -9.26 33.48
C GLY F 45 5.73 -9.96 33.85
N PHE F 46 5.69 -10.83 34.85
CA PHE F 46 6.91 -11.49 35.30
C PHE F 46 7.31 -12.68 34.42
N SER F 47 6.42 -13.17 33.55
CA SER F 47 6.70 -14.38 32.81
C SER F 47 7.95 -14.21 31.94
N PHE F 48 8.06 -13.10 31.23
CA PHE F 48 9.16 -12.92 30.30
C PHE F 48 10.49 -12.96 31.03
N GLN F 49 10.61 -12.24 32.13
CA GLN F 49 11.89 -12.19 32.85
C GLN F 49 12.18 -13.53 33.50
N VAL F 50 11.17 -14.18 34.08
CA VAL F 50 11.37 -15.49 34.69
C VAL F 50 11.94 -16.47 33.67
N ALA F 51 11.34 -16.49 32.47
CA ALA F 51 11.82 -17.40 31.44
C ALA F 51 13.27 -17.11 31.07
N PHE F 52 13.58 -15.84 30.78
CA PHE F 52 14.93 -15.49 30.39
C PHE F 52 15.93 -15.79 31.50
N GLY F 53 15.59 -15.41 32.73
CA GLY F 53 16.48 -15.65 33.84
C GLY F 53 16.71 -17.14 34.10
N LEU F 54 15.62 -17.92 34.08
CA LEU F 54 15.77 -19.35 34.31
C LEU F 54 16.69 -19.98 33.28
N MET F 55 16.56 -19.59 32.02
CA MET F 55 17.38 -20.18 30.97
C MET F 55 18.84 -19.80 31.13
N ILE F 56 19.11 -18.51 31.36
CA ILE F 56 20.50 -18.08 31.48
C ILE F 56 21.15 -18.72 32.70
N VAL F 57 20.49 -18.63 33.85
CA VAL F 57 21.09 -19.13 35.08
C VAL F 57 21.18 -20.65 35.06
N SER F 58 20.25 -21.32 34.36
CA SER F 58 20.33 -22.77 34.27
C SER F 58 21.65 -23.22 33.67
N GLY F 59 22.28 -22.38 32.86
CA GLY F 59 23.57 -22.72 32.30
C GLY F 59 24.66 -22.87 33.35
N VAL F 60 24.43 -22.37 34.56
CA VAL F 60 25.41 -22.53 35.62
C VAL F 60 25.66 -24.00 35.90
N TYR F 61 24.62 -24.82 35.81
CA TYR F 61 24.72 -26.26 36.00
C TYR F 61 24.71 -27.03 34.70
N LEU F 62 23.88 -26.62 33.73
CA LEU F 62 23.76 -27.36 32.48
C LEU F 62 24.93 -27.09 31.55
N ASN F 63 25.42 -25.86 31.53
CA ASN F 63 26.47 -25.49 30.60
C ASN F 63 27.85 -25.46 31.25
N ASN F 64 27.95 -25.15 32.54
CA ASN F 64 29.25 -25.03 33.19
C ASN F 64 29.62 -26.25 34.03
N TYR F 65 28.85 -26.54 35.08
CA TYR F 65 29.19 -27.64 35.97
C TYR F 65 29.17 -28.97 35.24
N ARG F 66 28.01 -29.34 34.70
CA ARG F 66 27.88 -30.58 33.96
C ARG F 66 29.01 -30.71 32.93
N ALA F 67 29.23 -29.67 32.15
CA ALA F 67 30.24 -29.70 31.08
C ALA F 67 31.61 -30.07 31.61
N THR F 68 31.95 -29.59 32.81
CA THR F 68 33.24 -29.93 33.42
C THR F 68 33.42 -31.43 33.52
N HIS F 69 32.33 -32.17 33.66
CA HIS F 69 32.35 -33.63 33.75
C HIS F 69 31.60 -34.27 32.59
N THR F 70 31.45 -33.55 31.47
CA THR F 70 30.80 -34.03 30.27
C THR F 70 31.79 -34.58 29.26
N LEU F 71 32.82 -33.80 28.93
CA LEU F 71 33.84 -34.23 27.98
C LEU F 71 34.40 -35.58 28.40
N TYR F 72 34.12 -36.61 27.59
CA TYR F 72 34.53 -37.97 27.92
C TYR F 72 36.03 -38.16 27.67
N TYR F 73 36.65 -37.23 26.94
CA TYR F 73 38.05 -37.32 26.56
C TYR F 73 38.92 -36.40 27.40
N THR F 74 38.39 -35.92 28.52
CA THR F 74 39.08 -35.04 29.46
C THR F 74 39.48 -35.72 30.75
N ASN F 75 38.65 -36.63 31.28
CA ASN F 75 38.98 -37.32 32.53
C ASN F 75 40.32 -38.06 32.40
N LYS F 76 40.65 -38.52 31.19
CA LYS F 76 41.90 -39.27 30.97
C LYS F 76 43.08 -38.32 31.12
N PRO F 77 44.03 -38.56 32.04
CA PRO F 77 45.23 -37.71 32.14
C PRO F 77 46.42 -38.31 31.39
N ASP F 78 47.26 -37.49 30.76
CA ASP F 78 48.36 -37.97 29.94
C ASP F 78 49.51 -38.44 30.85
N ASN F 79 50.29 -39.43 30.36
CA ASN F 79 51.36 -40.06 31.16
C ASN F 79 50.83 -40.69 32.46
N GLN F 80 49.69 -41.37 32.39
CA GLN F 80 49.14 -42.07 33.56
C GLN F 80 48.71 -43.47 33.18
N GLY G 1 -18.41 -4.72 24.64
CA GLY G 1 -17.33 -5.61 25.01
C GLY G 1 -17.34 -6.90 24.23
N ARG G 2 -16.57 -6.92 23.14
CA ARG G 2 -16.49 -8.07 22.25
C ARG G 2 -15.03 -8.29 21.89
N ARG G 3 -14.61 -9.56 21.90
CA ARG G 3 -13.20 -9.92 21.76
C ARG G 3 -12.90 -10.33 20.33
N LEU G 4 -11.74 -9.89 19.84
CA LEU G 4 -11.29 -10.21 18.48
C LEU G 4 -10.21 -11.27 18.45
N LEU G 5 -9.32 -11.29 19.41
CA LEU G 5 -8.17 -12.20 19.44
C LEU G 5 -8.32 -13.18 20.60
N HIS G 6 -7.38 -14.11 20.67
CA HIS G 6 -7.34 -15.05 21.77
C HIS G 6 -7.18 -14.30 23.08
N GLY G 7 -7.84 -14.78 24.12
CA GLY G 7 -7.83 -14.07 25.39
C GLY G 7 -6.44 -13.83 25.94
N ASN G 8 -5.51 -14.74 25.65
CA ASN G 8 -4.12 -14.59 26.09
C ASN G 8 -3.20 -14.56 24.89
N TYR G 9 -3.55 -13.79 23.87
CA TYR G 9 -2.90 -13.93 22.58
C TYR G 9 -1.40 -13.62 22.66
N PHE G 10 -1.04 -12.56 23.39
CA PHE G 10 0.35 -12.12 23.36
C PHE G 10 1.29 -13.18 23.93
N THR G 11 1.00 -13.65 25.14
CA THR G 11 1.83 -14.71 25.72
C THR G 11 1.70 -16.00 24.93
N ARG G 12 0.50 -16.31 24.46
CA ARG G 12 0.27 -17.56 23.76
C ARG G 12 1.17 -17.67 22.52
N TYR G 13 1.13 -16.66 21.66
CA TYR G 13 1.87 -16.75 20.41
C TYR G 13 3.35 -16.42 20.57
N LEU G 14 3.73 -15.76 21.66
CA LEU G 14 5.14 -15.51 21.90
C LEU G 14 5.83 -16.75 22.48
N PHE G 15 5.40 -17.18 23.67
CA PHE G 15 6.00 -18.37 24.26
C PHE G 15 5.72 -19.59 23.39
N GLY G 16 4.52 -19.66 22.82
CA GLY G 16 4.18 -20.79 21.98
C GLY G 16 5.10 -20.91 20.77
N SER G 17 5.35 -19.78 20.10
CA SER G 17 6.25 -19.81 18.95
C SER G 17 7.66 -20.22 19.37
N LEU G 18 8.14 -19.69 20.49
CA LEU G 18 9.47 -20.07 20.97
C LEU G 18 9.54 -21.57 21.22
N ALA G 19 8.50 -22.13 21.84
CA ALA G 19 8.49 -23.55 22.13
C ALA G 19 8.54 -24.38 20.85
N VAL G 20 7.76 -24.00 19.84
CA VAL G 20 7.75 -24.75 18.60
C VAL G 20 9.11 -24.66 17.90
N ILE G 21 9.73 -23.48 17.95
CA ILE G 21 11.05 -23.33 17.33
C ILE G 21 12.06 -24.25 18.01
N TRP G 22 12.08 -24.25 19.34
CA TRP G 22 13.04 -25.07 20.08
C TRP G 22 12.83 -26.55 19.81
N ILE G 23 11.57 -27.00 19.85
CA ILE G 23 11.28 -28.42 19.67
C ILE G 23 11.60 -28.85 18.24
N ALA G 24 11.24 -28.03 17.26
CA ALA G 24 11.52 -28.36 15.87
C ALA G 24 13.03 -28.48 15.64
N GLU G 25 13.82 -27.63 16.30
CA GLU G 25 15.26 -27.67 16.13
C GLU G 25 15.85 -28.96 16.68
N TYR G 26 15.37 -29.42 17.83
CA TYR G 26 15.83 -30.68 18.37
C TYR G 26 15.52 -31.81 17.40
N ALA G 27 14.32 -31.82 16.85
CA ALA G 27 13.95 -32.85 15.89
C ALA G 27 14.86 -32.82 14.67
N ALA G 28 15.18 -31.62 14.17
CA ALA G 28 16.05 -31.49 13.01
C ALA G 28 17.43 -32.04 13.31
N ALA G 29 17.96 -31.75 14.50
CA ALA G 29 19.28 -32.24 14.87
C ALA G 29 19.31 -33.76 14.92
N CYS G 30 18.25 -34.37 15.45
CA CYS G 30 18.19 -35.82 15.55
C CYS G 30 18.20 -36.47 14.17
N GLN G 31 17.46 -35.89 13.23
CA GLN G 31 17.34 -36.48 11.90
C GLN G 31 18.65 -36.43 11.12
N TYR G 32 19.47 -35.40 11.35
CA TYR G 32 20.76 -35.27 10.68
C TYR G 32 21.92 -35.77 11.52
N GLY G 33 21.66 -36.19 12.77
CA GLY G 33 22.72 -36.67 13.64
C GLY G 33 23.81 -35.65 13.90
N ILE G 34 23.42 -34.42 14.25
CA ILE G 34 24.38 -33.35 14.48
C ILE G 34 24.90 -33.47 15.92
N PRO G 35 26.22 -33.34 16.14
CA PRO G 35 26.73 -33.32 17.51
C PRO G 35 26.19 -32.12 18.28
N ARG G 36 25.64 -32.38 19.46
CA ARG G 36 24.96 -31.37 20.25
C ARG G 36 25.79 -30.89 21.44
N HIS G 37 27.06 -31.27 21.55
CA HIS G 37 27.88 -30.89 22.67
C HIS G 37 28.61 -29.59 22.34
N ARG G 38 28.40 -28.56 23.16
CA ARG G 38 28.98 -27.25 22.90
C ARG G 38 30.46 -27.25 23.24
N ASN G 39 31.28 -26.78 22.30
CA ASN G 39 32.71 -26.56 22.51
C ASN G 39 32.97 -25.07 22.42
N PRO G 40 33.50 -24.41 23.46
CA PRO G 40 33.76 -22.98 23.36
C PRO G 40 35.14 -22.61 22.84
N ASN G 41 35.96 -23.59 22.48
CA ASN G 41 37.36 -23.38 22.16
C ASN G 41 37.60 -23.48 20.66
N TRP G 42 38.76 -22.95 20.25
CA TRP G 42 39.27 -23.20 18.92
C TRP G 42 39.79 -24.63 18.83
N MET G 43 39.84 -25.16 17.60
CA MET G 43 40.20 -26.55 17.38
C MET G 43 41.59 -26.72 16.78
N TRP G 44 42.34 -25.64 16.62
CA TRP G 44 43.72 -25.74 16.12
C TRP G 44 44.52 -26.62 17.07
N SER G 45 44.85 -27.83 16.63
CA SER G 45 45.40 -28.83 17.53
C SER G 45 46.78 -28.42 18.04
N TRP G 46 47.64 -27.95 17.14
CA TRP G 46 48.98 -27.53 17.54
C TRP G 46 48.93 -26.41 18.56
N TRP G 47 47.99 -25.48 18.40
CA TRP G 47 47.85 -24.39 19.35
C TRP G 47 47.43 -24.90 20.72
N LEU G 48 46.42 -25.77 20.76
CA LEU G 48 45.94 -26.30 22.02
C LEU G 48 47.04 -27.08 22.74
N GLU G 49 47.94 -27.70 21.97
CA GLU G 49 49.07 -28.40 22.57
C GLU G 49 50.06 -27.41 23.19
N LYS G 50 50.32 -26.29 22.52
CA LYS G 50 51.19 -25.26 23.09
C LYS G 50 50.59 -24.70 24.37
N GLN G 51 49.27 -24.56 24.40
CA GLN G 51 48.61 -24.04 25.60
C GLN G 51 48.73 -25.00 26.76
N ASN G 52 48.65 -26.31 26.50
CA ASN G 52 48.87 -27.28 27.56
C ASN G 52 50.29 -27.20 28.10
N GLN G 53 51.26 -26.99 27.21
CA GLN G 53 52.65 -26.86 27.65
C GLN G 53 52.81 -25.67 28.59
N ILE G 54 52.09 -24.58 28.32
CA ILE G 54 52.12 -23.43 29.21
C ILE G 54 51.49 -23.78 30.55
N LYS G 55 50.37 -24.51 30.53
CA LYS G 55 49.72 -24.91 31.78
C LYS G 55 50.57 -25.91 32.55
N ASN G 56 51.37 -26.71 31.84
CA ASN G 56 52.26 -27.68 32.49
C ASN G 56 53.57 -27.06 32.95
N GLY G 57 53.85 -25.81 32.57
CA GLY G 57 55.10 -25.18 32.91
C GLY G 57 56.24 -25.47 31.95
N GLU G 58 55.97 -26.15 30.84
CA GLU G 58 57.02 -26.41 29.85
C GLU G 58 57.39 -25.15 29.10
N ILE G 59 56.41 -24.30 28.80
CA ILE G 59 56.62 -23.01 28.16
C ILE G 59 56.40 -21.94 29.22
N PRO G 60 57.29 -20.94 29.35
CA PRO G 60 57.13 -19.96 30.43
C PRO G 60 55.84 -19.16 30.28
N ALA G 61 55.29 -18.74 31.40
CA ALA G 61 54.02 -18.03 31.42
C ALA G 61 54.12 -16.70 30.68
N ASN G 62 53.00 -16.30 30.07
CA ASN G 62 52.89 -15.04 29.34
C ASN G 62 53.77 -14.99 28.11
N THR G 63 54.25 -16.14 27.65
CA THR G 63 55.00 -16.20 26.40
C THR G 63 54.04 -16.02 25.23
N PRO G 64 54.26 -15.04 24.35
CA PRO G 64 53.30 -14.81 23.27
C PRO G 64 53.30 -15.93 22.25
N GLY G 65 52.17 -16.03 21.54
CA GLY G 65 52.03 -17.07 20.53
C GLY G 65 52.98 -16.90 19.37
N TYR G 66 53.35 -15.65 19.06
CA TYR G 66 54.33 -15.40 18.00
C TYR G 66 55.75 -15.70 18.44
N ALA G 67 55.98 -15.90 19.73
CA ALA G 67 57.28 -16.36 20.22
C ALA G 67 57.43 -17.87 20.07
N MET G 68 56.44 -18.54 19.48
CA MET G 68 56.44 -19.99 19.38
C MET G 68 56.24 -20.50 17.96
N VAL G 69 55.92 -19.63 16.99
CA VAL G 69 55.65 -20.08 15.63
C VAL G 69 56.96 -20.22 14.87
N LYS G 70 56.88 -20.91 13.73
CA LYS G 70 58.03 -21.09 12.85
C LYS G 70 58.01 -20.12 11.67
N TRP G 71 57.07 -19.18 11.67
CA TRP G 71 57.05 -18.09 10.70
C TRP G 71 56.41 -16.88 11.34
N ASN G 72 57.06 -15.73 11.25
CA ASN G 72 56.59 -14.50 11.84
C ASN G 72 56.36 -13.45 10.77
N ASN G 73 55.25 -12.73 10.89
CA ASN G 73 54.98 -11.61 10.01
C ASN G 73 55.76 -10.38 10.48
N GLU G 74 55.66 -9.30 9.71
CA GLU G 74 56.47 -8.11 9.99
C GLU G 74 56.11 -7.50 11.34
N ALA G 75 54.81 -7.40 11.65
CA ALA G 75 54.41 -6.77 12.90
C ALA G 75 54.86 -7.58 14.11
N GLU G 76 54.92 -8.90 13.97
CA GLU G 76 55.38 -9.75 15.07
C GLU G 76 56.89 -9.72 15.20
N GLN G 77 57.62 -9.46 14.12
CA GLN G 77 59.05 -9.20 14.24
C GLN G 77 59.30 -7.92 15.01
N ARG G 78 58.48 -6.89 14.77
CA ARG G 78 58.60 -5.65 15.53
C ARG G 78 58.41 -5.91 17.01
N TRP G 79 57.44 -6.76 17.36
CA TRP G 79 57.14 -7.05 18.76
C TRP G 79 58.23 -7.88 19.40
N LEU G 80 58.81 -8.81 18.65
CA LEU G 80 59.85 -9.68 19.21
C LEU G 80 61.06 -8.88 19.65
N LYS G 81 61.31 -7.73 19.04
CA LYS G 81 62.47 -6.93 19.42
C LYS G 81 62.33 -6.33 20.80
N THR G 82 61.10 -6.14 21.28
CA THR G 82 60.86 -5.56 22.59
C THR G 82 60.29 -6.55 23.59
N LEU G 83 60.22 -7.83 23.23
CA LEU G 83 59.63 -8.83 24.10
C LEU G 83 60.65 -9.30 25.13
N ASN G 84 60.25 -9.26 26.40
CA ASN G 84 61.06 -9.79 27.51
C ASN G 84 60.10 -10.50 28.46
N VAL G 85 59.90 -11.79 28.22
CA VAL G 85 58.99 -12.57 29.07
C VAL G 85 59.53 -12.67 30.48
N GLU G 86 60.84 -12.84 30.63
CA GLU G 86 61.43 -12.95 31.95
C GLU G 86 61.14 -11.72 32.78
N ALA G 87 61.30 -10.53 32.19
CA ALA G 87 61.01 -9.30 32.90
C ALA G 87 59.53 -9.20 33.25
N MET G 88 58.65 -9.63 32.33
CA MET G 88 57.22 -9.59 32.61
C MET G 88 56.86 -10.46 33.80
N ASN G 89 57.44 -11.65 33.87
CA ASN G 89 57.15 -12.55 34.99
C ASN G 89 57.62 -11.96 36.30
N GLU G 90 58.80 -11.35 36.31
CA GLU G 90 59.30 -10.72 37.53
C GLU G 90 58.39 -9.59 37.97
N GLU G 91 57.90 -8.80 37.02
CA GLU G 91 56.99 -7.72 37.37
C GLU G 91 55.71 -8.24 38.00
N PHE G 92 55.14 -9.31 37.44
CA PHE G 92 53.95 -9.91 38.03
C PHE G 92 54.25 -10.44 39.42
N ALA G 93 55.42 -11.06 39.60
CA ALA G 93 55.79 -11.56 40.92
C ALA G 93 55.88 -10.42 41.93
N ARG G 94 56.45 -9.28 41.53
CA ARG G 94 56.52 -8.14 42.43
C ARG G 94 55.13 -7.66 42.82
N ARG G 95 54.20 -7.62 41.86
CA ARG G 95 52.84 -7.18 42.18
C ARG G 95 52.20 -8.09 43.22
N ARG G 96 52.38 -9.40 43.08
CA ARG G 96 51.79 -10.32 44.04
C ARG G 96 52.34 -10.08 45.44
N GLU G 97 53.65 -9.87 45.56
CA GLU G 97 54.23 -9.61 46.87
C GLU G 97 53.65 -8.34 47.49
N ALA G 98 53.51 -7.29 46.68
CA ALA G 98 52.95 -6.05 47.21
C ALA G 98 51.51 -6.25 47.67
N TYR G 99 50.72 -6.98 46.89
CA TYR G 99 49.32 -7.20 47.24
C TYR G 99 49.19 -7.96 48.55
N TYR G 100 50.01 -8.99 48.74
CA TYR G 100 49.97 -9.77 49.97
C TYR G 100 50.94 -9.20 51.01
N GLN H 1 -59.52 12.79 27.37
CA GLN H 1 -58.75 12.44 26.18
C GLN H 1 -57.43 13.19 26.17
N VAL H 2 -56.34 12.47 25.91
CA VAL H 2 -54.99 13.02 25.96
C VAL H 2 -54.46 13.10 24.53
N PRO H 3 -54.15 14.29 24.02
CA PRO H 3 -53.59 14.39 22.67
C PRO H 3 -52.12 14.02 22.65
N ASP H 4 -51.69 13.49 21.51
CA ASP H 4 -50.27 13.25 21.28
C ASP H 4 -49.57 14.55 20.90
N VAL H 5 -48.28 14.62 21.21
CA VAL H 5 -47.48 15.79 20.96
C VAL H 5 -46.15 15.39 20.33
N PHE H 6 -45.52 16.35 19.66
CA PHE H 6 -44.16 16.18 19.16
C PHE H 6 -43.19 16.65 20.23
N ALA H 7 -42.21 15.80 20.55
CA ALA H 7 -41.14 16.15 21.47
C ALA H 7 -39.82 16.10 20.71
N THR H 8 -39.10 17.21 20.72
CA THR H 8 -37.86 17.34 19.97
C THR H 8 -36.70 17.51 20.95
N PHE H 9 -35.55 16.97 20.57
CA PHE H 9 -34.35 17.03 21.39
C PHE H 9 -33.14 17.41 20.53
N GLY H 10 -32.23 18.15 21.11
CA GLY H 10 -31.06 18.63 20.42
C GLY H 10 -31.25 20.06 19.93
N TRP H 11 -30.12 20.78 19.83
CA TRP H 11 -30.16 22.19 19.45
C TRP H 11 -29.96 22.38 17.95
N GLU H 12 -28.80 21.97 17.44
CA GLU H 12 -28.51 22.09 16.01
C GLU H 12 -28.96 20.86 15.24
N ARG H 13 -28.73 19.67 15.80
CA ARG H 13 -29.18 18.42 15.23
C ARG H 13 -30.38 17.96 16.06
N ARG H 14 -31.57 18.11 15.50
CA ARG H 14 -32.81 17.92 16.24
C ARG H 14 -33.49 16.62 15.84
N LEU H 15 -33.84 15.81 16.83
CA LEU H 15 -34.53 14.55 16.64
C LEU H 15 -35.94 14.67 17.20
N THR H 16 -36.95 14.38 16.38
CA THR H 16 -38.34 14.52 16.76
C THR H 16 -38.99 13.16 16.89
N VAL H 17 -39.73 12.97 17.99
CA VAL H 17 -40.53 11.77 18.22
C VAL H 17 -41.90 12.22 18.73
N ILE H 18 -42.82 11.26 18.83
CA ILE H 18 -44.12 11.49 19.43
C ILE H 18 -44.06 11.06 20.89
N HIS H 19 -44.80 11.75 21.75
CA HIS H 19 -44.71 11.52 23.18
C HIS H 19 -46.02 11.92 23.85
N HIS H 20 -46.11 11.67 25.15
CA HIS H 20 -47.27 11.96 25.97
C HIS H 20 -47.16 13.37 26.54
N PRO H 21 -48.20 14.20 26.43
CA PRO H 21 -48.08 15.56 26.98
C PRO H 21 -47.82 15.59 28.47
N GLY H 22 -48.43 14.67 29.23
CA GLY H 22 -48.19 14.64 30.66
C GLY H 22 -46.79 14.15 30.99
N VAL H 23 -46.28 13.18 30.24
CA VAL H 23 -44.93 12.69 30.49
C VAL H 23 -43.89 13.76 30.17
N MET H 24 -44.15 14.58 29.16
CA MET H 24 -43.23 15.67 28.85
C MET H 24 -43.29 16.75 29.92
N ALA H 25 -44.47 17.03 30.46
CA ALA H 25 -44.58 18.01 31.53
C ALA H 25 -43.82 17.56 32.76
N ILE H 26 -43.92 16.28 33.11
CA ILE H 26 -43.15 15.76 34.24
C ILE H 26 -41.66 15.86 33.95
N SER H 27 -41.26 15.56 32.72
CA SER H 27 -39.84 15.60 32.38
C SER H 27 -39.27 16.99 32.58
N LYS H 28 -39.97 18.02 32.08
CA LYS H 28 -39.50 19.38 32.27
C LYS H 28 -39.56 19.80 33.73
N LEU H 29 -40.55 19.31 34.47
CA LEU H 29 -40.65 19.65 35.88
C LEU H 29 -39.46 19.10 36.65
N LEU H 30 -39.04 17.86 36.35
CA LEU H 30 -37.88 17.30 37.03
C LEU H 30 -36.58 17.98 36.61
N ASP H 31 -36.60 18.73 35.50
CA ASP H 31 -35.44 19.51 35.11
C ASP H 31 -35.27 20.77 35.94
N GLN H 32 -36.30 21.17 36.68
CA GLN H 32 -36.20 22.32 37.59
C GLN H 32 -35.48 21.85 38.85
N ARG H 33 -34.16 21.80 38.74
CA ARG H 33 -33.34 21.22 39.80
C ARG H 33 -33.48 22.00 41.10
N THR H 34 -33.80 23.29 41.03
CA THR H 34 -33.97 24.07 42.24
C THR H 34 -35.29 23.83 42.93
N VAL H 35 -36.29 23.31 42.22
CA VAL H 35 -37.62 23.12 42.79
C VAL H 35 -37.78 21.67 43.20
N VAL H 36 -37.69 20.76 42.23
CA VAL H 36 -37.79 19.32 42.50
C VAL H 36 -36.41 18.83 42.87
N LYS H 37 -36.29 18.21 44.04
CA LYS H 37 -35.01 17.86 44.61
C LYS H 37 -34.89 16.35 44.81
N PRO H 38 -33.78 15.74 44.42
CA PRO H 38 -33.54 14.35 44.83
C PRO H 38 -33.21 14.27 46.31
N ARG H 39 -33.71 13.22 46.96
CA ARG H 39 -33.48 13.00 48.38
C ARG H 39 -33.00 11.57 48.59
N ALA H 40 -32.13 11.40 49.59
CA ALA H 40 -31.50 10.13 49.86
C ALA H 40 -32.16 9.42 51.03
N THR H 41 -32.35 8.12 50.89
CA THR H 41 -32.80 7.25 51.97
C THR H 41 -31.71 6.23 52.25
N PHE H 42 -31.38 6.05 53.53
CA PHE H 42 -30.27 5.21 53.92
C PHE H 42 -30.75 3.90 54.53
N ASN H 43 -29.83 2.96 54.64
CA ASN H 43 -29.99 1.75 55.42
C ASN H 43 -28.75 1.57 56.29
N GLN H 44 -28.88 0.75 57.33
CA GLN H 44 -27.80 0.61 58.29
C GLN H 44 -26.52 0.14 57.62
N GLU H 45 -26.65 -0.75 56.63
CA GLU H 45 -25.46 -1.27 55.95
C GLU H 45 -24.68 -0.14 55.28
N LEU H 46 -25.38 0.74 54.56
CA LEU H 46 -24.69 1.79 53.83
C LEU H 46 -24.21 2.91 54.75
N VAL H 47 -24.93 3.17 55.84
CA VAL H 47 -24.48 4.19 56.79
C VAL H 47 -23.12 3.80 57.36
N GLU H 48 -22.94 2.53 57.69
CA GLU H 48 -21.67 2.08 58.24
C GLU H 48 -20.54 2.28 57.22
N GLU H 49 -20.82 2.00 55.95
CA GLU H 49 -19.79 2.16 54.93
C GLU H 49 -19.40 3.62 54.74
N ILE H 50 -20.32 4.55 55.00
CA ILE H 50 -20.00 5.96 54.84
C ILE H 50 -18.86 6.36 55.77
N GLY H 51 -18.84 5.81 56.98
CA GLY H 51 -17.80 6.15 57.93
C GLY H 51 -16.40 5.90 57.41
N ASP H 52 -16.26 4.97 56.46
CA ASP H 52 -14.95 4.71 55.88
C ASP H 52 -14.41 5.89 55.10
N TYR H 53 -15.25 6.86 54.76
CA TYR H 53 -14.85 8.00 53.95
C TYR H 53 -15.13 9.35 54.60
N ASP H 54 -16.12 9.44 55.48
CA ASP H 54 -16.42 10.69 56.16
C ASP H 54 -17.08 10.35 57.49
N GLU H 55 -16.33 10.46 58.58
CA GLU H 55 -16.85 10.10 59.89
C GLU H 55 -18.02 10.98 60.30
N ASP H 56 -17.91 12.28 60.04
CA ASP H 56 -18.99 13.20 60.42
C ASP H 56 -20.29 12.86 59.69
N LEU H 57 -20.20 12.58 58.39
CA LEU H 57 -21.40 12.22 57.65
C LEU H 57 -22.03 10.93 58.18
N GLN H 58 -21.21 10.01 58.67
CA GLN H 58 -21.75 8.78 59.24
C GLN H 58 -22.65 9.08 60.42
N ARG H 59 -22.20 9.95 61.33
CA ARG H 59 -23.01 10.29 62.49
C ARG H 59 -24.30 10.98 62.07
N LYS H 60 -24.21 11.93 61.15
CA LYS H 60 -25.40 12.64 60.69
C LYS H 60 -26.32 11.71 59.90
N ALA H 61 -25.73 10.84 59.07
CA ALA H 61 -26.55 9.87 58.34
C ALA H 61 -27.26 8.91 59.28
N GLN H 62 -26.60 8.54 60.38
CA GLN H 62 -27.24 7.66 61.35
C GLN H 62 -28.49 8.32 61.94
N VAL H 63 -28.42 9.62 62.22
CA VAL H 63 -29.59 10.32 62.73
C VAL H 63 -30.73 10.26 61.73
N ALA H 64 -30.42 10.50 60.45
CA ALA H 64 -31.45 10.45 59.43
C ALA H 64 -32.06 9.05 59.33
N LEU H 65 -31.21 8.02 59.39
CA LEU H 65 -31.71 6.66 59.32
C LEU H 65 -32.59 6.34 60.52
N ASP H 66 -32.19 6.76 61.71
CA ASP H 66 -32.95 6.43 62.91
C ASP H 66 -34.35 7.03 62.87
N ASN H 67 -34.50 8.16 62.20
CA ASN H 67 -35.81 8.80 62.06
C ASN H 67 -36.48 8.51 60.74
N GLY H 68 -35.89 7.66 59.90
CA GLY H 68 -36.50 7.29 58.64
C GLY H 68 -36.77 8.47 57.74
N LEU H 69 -35.78 9.34 57.59
CA LEU H 69 -35.92 10.57 56.83
C LEU H 69 -35.34 10.41 55.43
N ALA H 70 -36.10 10.83 54.43
CA ALA H 70 -35.57 11.06 53.09
C ALA H 70 -35.06 12.49 53.05
N ILE H 71 -33.75 12.66 52.99
CA ILE H 71 -33.11 13.94 53.26
C ILE H 71 -32.16 14.28 52.12
N GLU H 72 -32.10 15.56 51.77
CA GLU H 72 -31.09 16.05 50.85
C GLU H 72 -29.74 16.12 51.54
N TRP H 73 -28.67 15.90 50.76
CA TRP H 73 -27.33 15.87 51.34
C TRP H 73 -26.95 17.21 51.94
N ARG H 74 -27.31 18.30 51.27
CA ARG H 74 -26.98 19.63 51.80
C ARG H 74 -27.64 19.84 53.16
N VAL H 75 -28.91 19.43 53.29
CA VAL H 75 -29.60 19.54 54.57
C VAL H 75 -28.97 18.61 55.59
N LEU H 76 -28.51 17.43 55.14
CA LEU H 76 -27.93 16.47 56.06
C LEU H 76 -26.75 17.05 56.82
N ASP H 77 -26.01 17.97 56.20
CA ASP H 77 -24.89 18.61 56.88
C ASP H 77 -25.35 19.46 58.05
N PHE H 78 -26.63 19.81 58.12
CA PHE H 78 -27.17 20.63 59.18
C PHE H 78 -28.29 19.92 59.92
N ILE H 79 -28.28 18.59 59.91
CA ILE H 79 -29.36 17.81 60.52
C ILE H 79 -29.46 18.08 62.00
N ASP H 80 -28.38 18.51 62.64
CA ASP H 80 -28.45 18.81 64.07
C ASP H 80 -29.44 19.93 64.35
N ASP H 81 -29.47 20.94 63.49
CA ASP H 81 -30.37 22.07 63.68
C ASP H 81 -31.71 21.90 62.97
N GLU H 82 -31.73 21.19 61.85
CA GLU H 82 -32.93 21.05 61.05
C GLU H 82 -33.82 19.89 61.48
N LEU H 83 -33.37 19.08 62.43
CA LEU H 83 -34.12 17.88 62.78
C LEU H 83 -35.56 18.17 63.18
N PRO H 84 -35.85 19.11 64.07
CA PRO H 84 -37.26 19.37 64.40
C PRO H 84 -38.11 19.75 63.20
N ARG H 85 -37.55 20.54 62.28
CA ARG H 85 -38.31 20.89 61.08
C ARG H 85 -38.46 19.68 60.17
N LEU H 86 -37.42 18.86 60.05
CA LEU H 86 -37.49 17.70 59.17
C LEU H 86 -38.55 16.72 59.64
N LEU H 87 -38.65 16.50 60.95
CA LEU H 87 -39.69 15.62 61.46
C LEU H 87 -41.07 16.19 61.16
N ALA H 88 -41.25 17.50 61.37
CA ALA H 88 -42.52 18.12 61.02
C ALA H 88 -42.79 18.03 59.52
N GLU H 89 -41.75 18.23 58.71
CA GLU H 89 -41.91 18.12 57.26
C GLU H 89 -42.35 16.71 56.87
N LYS H 90 -41.75 15.69 57.49
CA LYS H 90 -42.11 14.32 57.16
C LYS H 90 -43.60 14.09 57.38
N ARG H 91 -44.12 14.55 58.51
CA ARG H 91 -45.53 14.36 58.81
C ARG H 91 -46.42 15.02 57.76
N GLU H 92 -46.10 16.27 57.41
CA GLU H 92 -46.95 17.01 56.49
C GLU H 92 -46.98 16.36 55.11
N ILE H 93 -45.83 15.92 54.62
CA ILE H 93 -45.79 15.26 53.31
C ILE H 93 -46.64 14.00 53.35
N GLU H 94 -46.54 13.21 54.42
CA GLU H 94 -47.32 12.00 54.55
C GLU H 94 -48.81 12.31 54.56
N LYS H 95 -49.22 13.32 55.32
CA LYS H 95 -50.63 13.72 55.33
C LYS H 95 -51.10 14.05 53.92
N ALA H 96 -50.32 14.85 53.20
CA ALA H 96 -50.70 15.26 51.85
C ALA H 96 -50.80 14.05 50.92
N ARG H 97 -49.81 13.17 50.95
CA ARG H 97 -49.85 11.99 50.10
C ARG H 97 -51.11 11.19 50.36
N GLU H 98 -51.44 10.97 51.64
CA GLU H 98 -52.63 10.22 51.99
C GLU H 98 -53.89 10.90 51.46
N GLN H 99 -54.00 12.22 51.66
CA GLN H 99 -55.21 12.92 51.25
C GLN H 99 -55.43 12.84 49.74
N VAL H 100 -54.37 13.08 48.96
CA VAL H 100 -54.51 13.05 47.51
C VAL H 100 -54.81 11.65 47.02
N MET H 101 -54.12 10.64 47.56
CA MET H 101 -54.34 9.27 47.13
C MET H 101 -55.76 8.81 47.45
N SER H 102 -56.26 9.15 48.63
CA SER H 102 -57.58 8.68 49.05
C SER H 102 -58.72 9.41 48.36
N LYS H 103 -58.47 10.58 47.78
CA LYS H 103 -59.54 11.33 47.14
C LYS H 103 -60.13 10.57 45.97
N ALA H 104 -61.42 10.76 45.75
CA ALA H 104 -62.11 10.07 44.69
C ALA H 104 -61.61 10.54 43.32
N PRO H 105 -61.74 9.71 42.29
CA PRO H 105 -61.29 10.13 40.96
C PRO H 105 -62.02 11.38 40.48
N GLY H 106 -61.26 12.25 39.83
CA GLY H 106 -61.78 13.52 39.36
C GLY H 106 -61.73 14.64 40.38
N ASP H 107 -61.33 14.35 41.61
CA ASP H 107 -61.21 15.36 42.67
C ASP H 107 -59.76 15.81 42.73
N TYR H 108 -59.50 17.01 42.21
CA TYR H 108 -58.14 17.52 42.10
C TYR H 108 -57.91 18.72 43.02
N THR H 109 -58.64 18.80 44.13
CA THR H 109 -58.44 19.87 45.09
C THR H 109 -57.09 19.71 45.78
N GLN H 110 -56.50 20.84 46.15
CA GLN H 110 -55.21 20.83 46.80
C GLN H 110 -55.30 20.19 48.18
N PRO H 111 -54.25 19.47 48.62
CA PRO H 111 -54.26 18.92 49.97
C PRO H 111 -54.11 20.01 51.02
N VAL H 112 -54.58 19.69 52.22
CA VAL H 112 -54.53 20.60 53.35
C VAL H 112 -53.36 20.17 54.22
N PHE H 113 -52.33 21.01 54.30
CA PHE H 113 -51.15 20.71 55.08
C PHE H 113 -50.42 22.01 55.38
N ASP H 114 -49.48 21.94 56.31
CA ASP H 114 -48.69 23.09 56.72
C ASP H 114 -47.47 23.18 55.81
N SER H 115 -47.56 24.03 54.78
CA SER H 115 -46.48 24.17 53.82
C SER H 115 -45.29 24.95 54.36
N SER H 116 -45.44 25.64 55.50
CA SER H 116 -44.34 26.44 56.02
C SER H 116 -43.15 25.61 56.44
N VAL H 117 -43.32 24.30 56.64
CA VAL H 117 -42.23 23.44 57.06
C VAL H 117 -41.68 22.60 55.92
N VAL H 118 -42.30 22.65 54.74
CA VAL H 118 -41.88 21.86 53.58
C VAL H 118 -41.02 22.74 52.69
N VAL H 119 -39.83 22.25 52.35
CA VAL H 119 -38.89 22.98 51.50
C VAL H 119 -38.51 22.09 50.33
N PRO H 120 -38.43 22.61 49.09
CA PRO H 120 -38.78 23.97 48.65
C PRO H 120 -40.25 24.13 48.31
N THR H 121 -40.88 25.14 48.91
CA THR H 121 -42.24 25.52 48.61
C THR H 121 -42.33 27.03 48.66
N PRO H 122 -43.34 27.63 48.04
CA PRO H 122 -43.51 29.08 48.16
C PRO H 122 -43.52 29.56 49.59
N ALA H 123 -44.15 28.80 50.49
CA ALA H 123 -44.24 29.22 51.88
C ALA H 123 -42.89 29.20 52.58
N ASN H 124 -42.00 28.29 52.21
CA ASN H 124 -40.67 28.19 52.81
C ASN H 124 -39.69 27.80 51.70
N LEU H 125 -39.01 28.79 51.15
CA LEU H 125 -38.08 28.57 50.05
C LEU H 125 -36.70 28.14 50.50
N GLY H 126 -36.51 27.91 51.79
CA GLY H 126 -35.28 27.34 52.31
C GLY H 126 -34.40 28.37 53.01
N ARG H 127 -33.21 27.90 53.36
CA ARG H 127 -32.21 28.67 54.10
C ARG H 127 -30.95 28.81 53.27
N ASN H 128 -30.20 29.88 53.50
CA ASN H 128 -28.91 30.08 52.85
C ASN H 128 -27.86 29.37 53.68
N TYR H 129 -27.58 28.12 53.32
CA TYR H 129 -26.66 27.29 54.09
C TYR H 129 -25.22 27.76 53.88
N PRO H 130 -24.46 27.99 54.95
CA PRO H 130 -23.04 28.34 54.78
C PRO H 130 -22.20 27.13 54.40
N THR H 131 -21.20 27.36 53.54
CA THR H 131 -20.28 26.27 53.24
C THR H 131 -19.59 25.81 54.51
N LEU H 132 -19.42 24.50 54.64
CA LEU H 132 -18.77 23.90 55.78
C LEU H 132 -17.40 23.35 55.42
N ASN H 133 -16.87 23.71 54.25
CA ASN H 133 -15.56 23.26 53.80
C ASN H 133 -14.48 24.22 54.28
N LEU H 134 -14.38 24.33 55.60
CA LEU H 134 -13.41 25.22 56.24
C LEU H 134 -12.65 24.43 57.30
N PRO H 135 -11.33 24.34 57.22
CA PRO H 135 -10.58 23.67 58.29
C PRO H 135 -10.64 24.45 59.58
N SER H 136 -10.82 23.74 60.69
CA SER H 136 -10.93 24.34 62.01
C SER H 136 -9.90 23.81 62.99
N GLY H 137 -8.92 23.03 62.53
CA GLY H 137 -7.92 22.44 63.39
C GLY H 137 -6.54 22.99 63.09
N ASP H 138 -5.71 23.05 64.12
CA ASP H 138 -4.33 23.50 63.97
C ASP H 138 -3.45 22.28 63.69
N PRO H 139 -2.75 22.22 62.55
CA PRO H 139 -1.94 21.03 62.26
C PRO H 139 -0.83 20.79 63.25
N THR H 140 -0.45 21.80 64.03
CA THR H 140 0.62 21.69 65.02
C THR H 140 -0.02 21.60 66.40
N GLU H 141 -0.30 20.39 66.85
CA GLU H 141 -0.89 20.17 68.17
C GLU H 141 -0.45 18.83 68.76
N ALA I 1 -22.62 1.33 30.12
CA ALA I 1 -22.12 0.42 29.10
C ALA I 1 -21.46 1.17 27.96
N TYR I 2 -21.29 2.49 28.12
CA TYR I 2 -20.58 3.31 27.17
C TYR I 2 -19.63 4.23 27.93
N ASN I 3 -18.43 4.43 27.39
CA ASN I 3 -17.45 5.35 27.98
C ASN I 3 -17.12 4.97 29.43
N GLY I 4 -17.11 3.68 29.73
CA GLY I 4 -16.76 3.19 31.04
C GLY I 4 -17.72 3.56 32.15
N GLY I 5 -18.95 3.92 31.81
CA GLY I 5 -19.92 4.36 32.79
C GLY I 5 -19.87 5.83 33.09
N TYR I 6 -18.88 6.54 32.57
CA TYR I 6 -18.79 7.98 32.77
C TYR I 6 -19.80 8.67 31.85
N PRO I 7 -20.74 9.43 32.38
CA PRO I 7 -21.66 10.16 31.49
C PRO I 7 -20.92 11.26 30.74
N PHE I 8 -21.23 11.39 29.45
CA PHE I 8 -20.60 12.46 28.66
C PHE I 8 -20.85 13.82 29.30
N HIS I 9 -22.09 14.07 29.72
CA HIS I 9 -22.48 15.30 30.40
C HIS I 9 -23.09 14.98 31.76
N TYR I 10 -22.68 15.73 32.80
CA TYR I 10 -23.21 15.54 34.13
C TYR I 10 -23.18 16.85 34.90
N VAL I 11 -24.05 16.96 35.92
CA VAL I 11 -24.20 18.17 36.74
C VAL I 11 -23.24 18.10 37.93
N VAL I 12 -22.63 19.24 38.26
CA VAL I 12 -21.77 19.40 39.43
C VAL I 12 -22.27 20.60 40.23
N GLN I 13 -22.28 20.48 41.56
CA GLN I 13 -22.74 21.55 42.44
C GLN I 13 -21.63 21.98 43.40
N TYR I 14 -21.66 23.25 43.79
CA TYR I 14 -20.65 23.84 44.68
C TYR I 14 -21.34 24.58 45.82
N ASP I 15 -20.85 24.37 47.05
CA ASP I 15 -21.49 24.95 48.23
C ASP I 15 -21.33 26.46 48.27
N ASP I 16 -20.14 26.95 47.95
CA ASP I 16 -19.87 28.38 47.97
C ASP I 16 -20.53 29.05 46.77
N PRO I 17 -21.39 30.06 46.94
CA PRO I 17 -22.07 30.65 45.79
C PRO I 17 -21.16 31.39 44.83
N ASN I 18 -19.99 31.84 45.28
CA ASN I 18 -19.07 32.60 44.44
C ASN I 18 -17.84 31.79 44.04
N TYR I 19 -17.99 30.46 44.01
CA TYR I 19 -16.87 29.60 43.70
C TYR I 19 -16.71 29.45 42.19
N ASP I 20 -15.46 29.46 41.74
CA ASP I 20 -15.14 29.27 40.33
C ASP I 20 -13.98 28.28 40.24
N CYS I 21 -14.22 27.13 39.62
CA CYS I 21 -13.20 26.10 39.53
C CYS I 21 -12.02 26.51 38.66
N GLU I 22 -12.15 27.59 37.89
CA GLU I 22 -11.09 28.02 37.00
C GLU I 22 -10.30 29.21 37.52
N ALA I 23 -10.93 30.10 38.29
CA ALA I 23 -10.23 31.26 38.83
C ALA I 23 -9.59 30.98 40.17
N ASP I 24 -10.28 30.24 41.04
CA ASP I 24 -9.77 29.98 42.37
C ASP I 24 -8.76 28.83 42.34
N PHE I 25 -7.83 28.88 43.29
CA PHE I 25 -6.86 27.81 43.48
C PHE I 25 -6.77 27.43 44.95
N GLU I 26 -7.94 27.29 45.58
CA GLU I 26 -8.03 26.83 46.95
C GLU I 26 -8.13 25.31 46.96
N PHE I 27 -7.98 24.72 48.14
CA PHE I 27 -7.86 23.27 48.26
C PHE I 27 -8.75 22.71 49.36
N GLU I 28 -9.88 23.36 49.62
CA GLU I 28 -10.80 22.91 50.65
C GLU I 28 -12.21 22.59 50.14
N GLU I 29 -12.63 23.15 49.00
CA GLU I 29 -13.98 22.96 48.52
C GLU I 29 -14.13 21.60 47.85
N ILE I 30 -15.19 20.88 48.20
CA ILE I 30 -15.46 19.54 47.70
C ILE I 30 -16.70 19.59 46.80
N PRO I 31 -16.58 19.26 45.52
CA PRO I 31 -17.74 19.31 44.63
C PRO I 31 -18.73 18.19 44.91
N ARG I 32 -20.00 18.44 44.59
CA ARG I 32 -21.08 17.47 44.74
C ARG I 32 -21.60 17.06 43.37
N ASP I 33 -22.39 15.98 43.35
CA ASP I 33 -22.98 15.46 42.12
C ASP I 33 -24.39 16.01 41.96
N GLU I 34 -25.14 15.47 40.99
CA GLU I 34 -26.48 15.98 40.72
C GLU I 34 -27.43 15.71 41.87
N PHE I 35 -27.30 14.55 42.52
CA PHE I 35 -28.11 14.24 43.68
C PHE I 35 -27.62 14.92 44.94
N GLY I 36 -26.47 15.59 44.90
CA GLY I 36 -25.91 16.24 46.05
C GLY I 36 -24.88 15.45 46.81
N VAL I 37 -24.47 14.29 46.29
CA VAL I 37 -23.50 13.46 47.00
C VAL I 37 -22.13 14.12 46.95
N PRO I 38 -21.47 14.33 48.08
CA PRO I 38 -20.12 14.90 48.04
C PRO I 38 -19.16 13.99 47.31
N ALA I 39 -18.15 14.61 46.68
CA ALA I 39 -17.26 13.87 45.81
C ALA I 39 -16.41 12.86 46.55
N HIS I 40 -16.21 13.05 47.87
CA HIS I 40 -15.39 12.17 48.67
C HIS I 40 -16.10 10.87 49.05
N ILE I 41 -17.39 10.75 48.70
CA ILE I 41 -18.14 9.48 48.89
C ILE I 41 -18.04 8.77 47.54
N PRO I 42 -17.35 7.61 47.42
CA PRO I 42 -17.11 6.99 46.07
C PRO I 42 -18.38 6.64 45.32
N PRO I 43 -18.32 6.55 43.98
CA PRO I 43 -19.54 6.17 43.20
C PRO I 43 -20.11 4.82 43.59
N GLU I 44 -19.25 3.83 43.84
CA GLU I 44 -19.75 2.49 44.15
C GLU I 44 -20.67 2.50 45.35
N LEU I 45 -20.43 3.39 46.31
CA LEU I 45 -21.26 3.50 47.50
C LEU I 45 -22.48 4.38 47.28
N SER I 46 -22.31 5.53 46.61
CA SER I 46 -23.41 6.45 46.43
C SER I 46 -24.46 5.89 45.48
N THR I 47 -24.04 5.14 44.47
CA THR I 47 -24.99 4.56 43.53
C THR I 47 -25.87 3.50 44.18
N GLN I 48 -25.43 2.91 45.30
CA GLN I 48 -26.27 1.98 46.05
C GLN I 48 -27.31 2.72 46.87
N ILE I 49 -26.98 3.89 47.40
CA ILE I 49 -27.94 4.69 48.14
C ILE I 49 -29.10 5.04 47.21
N ARG I 50 -30.32 4.93 47.74
CA ARG I 50 -31.52 5.13 46.95
C ARG I 50 -31.94 6.59 46.99
N HIS I 51 -31.98 7.23 45.82
CA HIS I 51 -32.39 8.62 45.70
C HIS I 51 -33.71 8.68 44.95
N THR I 52 -34.67 9.43 45.50
CA THR I 52 -35.99 9.57 44.90
C THR I 52 -36.31 11.05 44.75
N TYR I 53 -37.12 11.35 43.73
CA TYR I 53 -37.50 12.72 43.45
C TYR I 53 -38.65 13.15 44.36
N TYR I 54 -38.51 14.32 44.96
CA TYR I 54 -39.53 14.91 45.82
C TYR I 54 -40.03 16.18 45.16
N VAL I 55 -41.29 16.15 44.71
CA VAL I 55 -41.94 17.33 44.16
C VAL I 55 -42.70 18.01 45.29
N PRO I 56 -42.91 19.32 45.24
CA PRO I 56 -43.72 19.97 46.26
C PRO I 56 -45.12 19.38 46.30
N PRO I 57 -45.73 19.28 47.48
CA PRO I 57 -47.04 18.62 47.57
C PRO I 57 -48.11 19.30 46.74
N GLN I 58 -47.94 20.57 46.40
CA GLN I 58 -48.93 21.25 45.56
C GLN I 58 -49.06 20.60 44.19
N TYR I 59 -48.07 19.81 43.78
CA TYR I 59 -48.14 19.12 42.50
C TYR I 59 -48.89 17.79 42.55
N TYR I 60 -49.13 17.25 43.74
CA TYR I 60 -49.80 15.96 43.84
C TYR I 60 -51.13 15.94 43.08
N PRO I 61 -52.00 16.94 43.21
CA PRO I 61 -53.25 16.90 42.44
C PRO I 61 -53.05 16.83 40.93
N PHE I 62 -52.01 17.49 40.41
CA PHE I 62 -51.73 17.41 38.97
C PHE I 62 -51.26 16.02 38.59
N LEU I 63 -50.33 15.46 39.37
CA LEU I 63 -49.85 14.10 39.10
C LEU I 63 -50.97 13.08 39.20
N LYS I 64 -51.96 13.33 40.07
CA LYS I 64 -53.12 12.46 40.15
C LYS I 64 -53.97 12.55 38.89
N LYS I 65 -54.17 13.76 38.37
CA LYS I 65 -54.96 13.91 37.15
C LYS I 65 -54.32 13.16 35.99
N LEU I 66 -52.99 13.19 35.90
CA LEU I 66 -52.31 12.49 34.82
C LEU I 66 -52.55 10.99 34.89
N GLY I 67 -52.49 10.42 36.09
CA GLY I 67 -52.70 8.99 36.22
C GLY I 67 -54.09 8.57 35.81
N GLU I 68 -55.10 9.36 36.17
CA GLU I 68 -56.48 8.98 35.88
C GLU I 68 -56.77 9.06 34.39
N ASP I 69 -56.27 10.10 33.72
CA ASP I 69 -56.53 10.24 32.29
C ASP I 69 -55.81 9.17 31.49
N THR I 70 -54.66 8.71 31.96
CA THR I 70 -53.88 7.65 31.31
C THR I 70 -53.59 6.56 32.34
N PRO I 71 -54.45 5.55 32.45
CA PRO I 71 -54.24 4.53 33.48
C PRO I 71 -52.91 3.82 33.38
N GLU I 72 -52.38 3.63 32.17
CA GLU I 72 -51.06 3.00 32.04
C GLU I 72 -49.99 3.85 32.70
N LEU I 73 -50.20 5.16 32.79
CA LEU I 73 -49.26 6.07 33.42
C LEU I 73 -49.45 6.16 34.92
N LYS I 74 -50.55 5.65 35.45
CA LYS I 74 -50.84 5.80 36.89
C LYS I 74 -49.76 5.22 37.78
N PRO I 75 -49.26 3.99 37.56
CA PRO I 75 -48.25 3.47 38.49
C PRO I 75 -47.02 4.34 38.62
N TYR I 76 -46.57 4.96 37.53
CA TYR I 76 -45.41 5.84 37.62
C TYR I 76 -45.75 7.11 38.39
N THR I 77 -46.91 7.71 38.13
CA THR I 77 -47.31 8.90 38.85
C THR I 77 -47.46 8.62 40.34
N ASP I 78 -48.02 7.45 40.68
CA ASP I 78 -48.15 7.09 42.09
C ASP I 78 -46.79 7.02 42.76
N LYS I 79 -45.81 6.42 42.09
CA LYS I 79 -44.47 6.38 42.66
C LYS I 79 -43.94 7.78 42.90
N LEU I 80 -44.17 8.69 41.96
CA LEU I 80 -43.69 10.06 42.11
C LEU I 80 -44.37 10.75 43.29
N ILE I 81 -45.68 10.56 43.44
CA ILE I 81 -46.39 11.16 44.56
C ILE I 81 -45.86 10.62 45.89
N MET I 82 -45.65 9.31 45.95
CA MET I 82 -45.20 8.67 47.19
C MET I 82 -43.70 8.78 47.41
N GLY I 83 -43.00 9.52 46.56
CA GLY I 83 -41.57 9.68 46.73
C GLY I 83 -40.80 8.38 46.56
N ASP I 84 -41.23 7.53 45.63
CA ASP I 84 -40.57 6.26 45.37
C ASP I 84 -40.01 6.19 43.96
N MET I 85 -40.02 7.28 43.20
CA MET I 85 -39.55 7.28 41.82
C MET I 85 -38.07 7.62 41.81
N THR I 86 -37.25 6.66 41.41
CA THR I 86 -35.83 6.90 41.20
C THR I 86 -35.61 7.40 39.78
N TYR I 87 -34.34 7.66 39.44
CA TYR I 87 -34.03 8.06 38.08
C TYR I 87 -34.36 6.95 37.09
N ASP I 88 -34.10 5.70 37.47
CA ASP I 88 -34.42 4.58 36.58
C ASP I 88 -35.92 4.49 36.34
N ASP I 89 -36.72 4.68 37.38
CA ASP I 89 -38.17 4.66 37.20
C ASP I 89 -38.62 5.76 36.24
N TYR I 90 -38.02 6.95 36.36
CA TYR I 90 -38.36 8.03 35.44
C TYR I 90 -38.00 7.65 34.02
N GLU I 91 -36.84 7.04 33.81
CA GLU I 91 -36.43 6.65 32.46
C GLU I 91 -37.41 5.63 31.87
N GLU I 92 -37.83 4.66 32.68
CA GLU I 92 -38.80 3.68 32.20
C GLU I 92 -40.10 4.35 31.76
N MET I 93 -40.57 5.31 32.56
CA MET I 93 -41.76 6.05 32.19
C MET I 93 -41.55 6.81 30.89
N PHE I 94 -40.39 7.44 30.74
CA PHE I 94 -40.15 8.28 29.57
C PHE I 94 -40.20 7.46 28.28
N TYR I 95 -39.45 6.36 28.24
CA TYR I 95 -39.37 5.57 27.01
C TYR I 95 -40.60 4.72 26.78
N LYS I 96 -41.42 4.47 27.80
CA LYS I 96 -42.60 3.66 27.61
C LYS I 96 -43.64 4.38 26.76
N PHE I 97 -43.69 5.71 26.85
CA PHE I 97 -44.72 6.50 26.17
C PHE I 97 -44.20 7.22 24.94
N ALA I 98 -43.04 6.82 24.42
CA ALA I 98 -42.52 7.37 23.19
C ALA I 98 -43.02 6.55 22.00
N LYS I 99 -43.58 7.22 21.01
CA LYS I 99 -44.15 6.56 19.84
C LYS I 99 -43.47 7.03 18.56
N PRO I 100 -43.41 6.18 17.54
CA PRO I 100 -42.75 6.55 16.30
C PRO I 100 -43.63 7.42 15.42
N LEU I 101 -42.99 8.24 14.61
CA LEU I 101 -43.71 9.08 13.66
C LEU I 101 -44.32 8.22 12.55
N LYS I 102 -45.49 8.63 12.08
CA LYS I 102 -46.26 7.87 11.11
C LYS I 102 -46.25 8.54 9.74
N ILE I 103 -46.05 7.75 8.70
CA ILE I 103 -46.08 8.22 7.31
C ILE I 103 -47.32 7.63 6.64
N TYR I 104 -48.06 8.46 5.92
CA TYR I 104 -49.28 8.06 5.24
C TYR I 104 -49.04 8.08 3.74
N ARG I 105 -49.11 6.90 3.12
CA ARG I 105 -48.94 6.81 1.67
C ARG I 105 -50.08 7.47 0.91
N SER I 106 -51.26 7.58 1.51
CA SER I 106 -52.39 8.19 0.82
C SER I 106 -52.19 9.68 0.57
N ARG I 107 -51.23 10.30 1.24
CA ARG I 107 -50.98 11.72 1.09
C ARG I 107 -49.88 12.03 0.08
N LEU I 108 -49.26 11.01 -0.51
CA LEU I 108 -48.18 11.24 -1.46
C LEU I 108 -48.76 11.55 -2.84
N PRO I 109 -48.42 12.68 -3.45
CA PRO I 109 -48.81 12.89 -4.85
C PRO I 109 -48.17 11.86 -5.76
N LEU I 110 -48.91 11.44 -6.75
CA LEU I 110 -48.44 10.38 -7.62
C LEU I 110 -47.95 10.93 -8.95
N PRO I 111 -47.00 10.26 -9.60
CA PRO I 111 -46.63 10.66 -10.96
C PRO I 111 -47.82 10.53 -11.89
N TYR I 112 -47.93 11.47 -12.82
CA TYR I 112 -49.11 11.57 -13.65
C TYR I 112 -49.18 10.39 -14.62
N ARG I 113 -50.34 9.74 -14.64
CA ARG I 113 -50.60 8.64 -15.57
C ARG I 113 -52.06 8.70 -15.95
N THR I 114 -52.34 8.63 -17.25
CA THR I 114 -53.71 8.73 -17.72
C THR I 114 -54.50 7.46 -17.37
N ASP I 115 -55.82 7.60 -17.39
CA ASP I 115 -56.66 6.45 -17.10
C ASP I 115 -56.48 5.34 -18.13
N GLU I 116 -56.21 5.71 -19.38
CA GLU I 116 -55.87 4.70 -20.38
C GLU I 116 -54.63 3.93 -19.96
N GLU I 117 -53.61 4.64 -19.47
CA GLU I 117 -52.38 3.98 -19.07
C GLU I 117 -52.59 3.10 -17.85
N ILE I 118 -53.44 3.53 -16.92
CA ILE I 118 -53.65 2.77 -15.69
C ILE I 118 -54.32 1.43 -15.99
N SER I 119 -55.10 1.35 -17.06
CA SER I 119 -55.78 0.10 -17.40
C SER I 119 -54.87 -0.91 -18.07
N GLN I 120 -53.64 -0.54 -18.41
CA GLN I 120 -52.71 -1.43 -19.08
C GLN I 120 -51.68 -2.03 -18.14
N GLU I 121 -51.87 -1.89 -16.83
CA GLU I 121 -50.87 -2.38 -15.88
C GLU I 121 -50.70 -3.89 -15.97
N LYS I 122 -51.80 -4.62 -16.09
CA LYS I 122 -51.70 -6.08 -16.17
C LYS I 122 -50.95 -6.50 -17.43
N TYR I 123 -51.19 -5.81 -18.55
CA TYR I 123 -50.50 -6.15 -19.79
C TYR I 123 -49.00 -5.98 -19.65
N VAL I 124 -48.56 -4.87 -19.04
CA VAL I 124 -47.13 -4.62 -18.93
C VAL I 124 -46.47 -5.65 -18.01
N ASN I 125 -47.15 -6.01 -16.91
CA ASN I 125 -46.64 -7.07 -16.06
C ASN I 125 -46.55 -8.39 -16.82
N TRP I 126 -47.55 -8.67 -17.65
CA TRP I 126 -47.54 -9.89 -18.46
C TRP I 126 -46.34 -9.91 -19.40
N CYS I 127 -46.05 -8.77 -20.04
CA CYS I 127 -44.87 -8.71 -20.91
C CYS I 127 -43.59 -8.93 -20.12
N GLY I 128 -43.53 -8.39 -18.90
CA GLY I 128 -42.32 -8.54 -18.10
C GLY I 128 -42.04 -9.98 -17.73
N ARG I 129 -43.09 -10.74 -17.42
CA ARG I 129 -42.90 -12.14 -17.07
C ARG I 129 -42.42 -12.95 -18.26
N TRP I 130 -42.98 -12.70 -19.44
CA TRP I 130 -42.53 -13.39 -20.65
C TRP I 130 -41.09 -13.03 -21.00
N TYR I 131 -40.68 -11.80 -20.72
CA TYR I 131 -39.30 -11.41 -20.94
C TYR I 131 -38.37 -12.14 -19.98
N SER I 132 -38.80 -12.36 -18.74
CA SER I 132 -37.98 -13.09 -17.78
C SER I 132 -37.93 -14.57 -18.11
N TYR I 133 -39.04 -15.13 -18.62
CA TYR I 133 -39.06 -16.52 -19.05
C TYR I 133 -38.12 -16.74 -20.23
N ARG I 134 -38.17 -15.85 -21.21
CA ARG I 134 -37.31 -15.96 -22.37
C ARG I 134 -35.85 -15.74 -22.01
N GLN I 135 -35.58 -14.84 -21.06
CA GLN I 135 -34.22 -14.60 -20.60
C GLN I 135 -33.64 -15.86 -19.96
N ARG I 136 -34.39 -16.47 -19.06
CA ARG I 136 -33.87 -17.61 -18.31
C ARG I 136 -33.60 -18.79 -19.23
N LEU I 137 -34.50 -19.05 -20.17
CA LEU I 137 -34.29 -20.16 -21.09
C LEU I 137 -33.08 -19.92 -21.98
N GLN I 138 -32.93 -18.68 -22.48
CA GLN I 138 -31.80 -18.38 -23.34
C GLN I 138 -30.47 -18.57 -22.62
N GLY I 139 -30.43 -18.33 -21.31
CA GLY I 139 -29.20 -18.55 -20.58
C GLY I 139 -28.71 -19.97 -20.68
N ASP I 140 -29.62 -20.93 -20.50
CA ASP I 140 -29.26 -22.33 -20.67
C ASP I 140 -28.82 -22.62 -22.10
N TYR I 141 -29.56 -22.10 -23.08
CA TYR I 141 -29.23 -22.34 -24.48
C TYR I 141 -27.86 -21.82 -24.83
N TYR I 142 -27.57 -20.57 -24.45
CA TYR I 142 -26.28 -19.97 -24.79
C TYR I 142 -25.14 -20.66 -24.05
N SER I 143 -25.32 -20.95 -22.77
CA SER I 143 -24.25 -21.60 -22.02
C SER I 143 -23.84 -22.90 -22.69
N ARG I 144 -24.82 -23.68 -23.17
CA ARG I 144 -24.50 -24.93 -23.85
C ARG I 144 -23.75 -24.69 -25.16
N HIS I 145 -24.16 -23.68 -25.93
CA HIS I 145 -23.56 -23.47 -27.25
C HIS I 145 -22.11 -23.02 -27.14
N TYR I 146 -21.84 -22.03 -26.31
CA TYR I 146 -20.52 -21.41 -26.32
C TYR I 146 -19.50 -22.25 -25.56
N PHE I 147 -19.88 -22.83 -24.43
CA PHE I 147 -18.97 -23.71 -23.72
C PHE I 147 -18.64 -24.95 -24.56
N ARG I 148 -19.60 -25.41 -25.37
CA ARG I 148 -19.29 -26.47 -26.33
C ARG I 148 -18.33 -25.98 -27.41
N ASP I 149 -18.51 -24.75 -27.88
CA ASP I 149 -17.60 -24.22 -28.90
C ASP I 149 -16.17 -24.17 -28.38
N TRP I 150 -15.99 -23.81 -27.12
CA TRP I 150 -14.64 -23.71 -26.55
C TRP I 150 -13.88 -25.01 -26.77
N LEU I 151 -14.58 -26.13 -26.92
CA LEU I 151 -13.93 -27.40 -27.20
C LEU I 151 -13.26 -27.37 -28.58
N ILE I 152 -13.88 -26.71 -29.56
CA ILE I 152 -13.25 -26.57 -30.87
C ILE I 152 -11.91 -25.88 -30.72
N GLY I 153 -11.83 -24.89 -29.84
CA GLY I 153 -10.56 -24.23 -29.59
C GLY I 153 -9.54 -25.14 -28.94
N VAL I 154 -9.99 -25.99 -28.01
CA VAL I 154 -9.08 -26.97 -27.43
C VAL I 154 -8.52 -27.89 -28.51
N MET I 155 -9.39 -28.38 -29.39
CA MET I 155 -8.95 -29.30 -30.43
C MET I 155 -8.06 -28.59 -31.45
N LEU I 156 -8.38 -27.34 -31.77
CA LEU I 156 -7.52 -26.58 -32.68
C LEU I 156 -6.17 -26.29 -32.04
N GLY I 157 -6.16 -26.01 -30.74
CA GLY I 157 -4.91 -25.80 -30.04
C GLY I 157 -4.13 -27.07 -29.80
N MET I 158 -4.81 -28.22 -29.78
CA MET I 158 -4.11 -29.49 -29.68
C MET I 158 -3.51 -29.92 -31.02
N TYR I 159 -4.16 -29.59 -32.13
CA TYR I 159 -3.60 -29.89 -33.44
C TYR I 159 -2.36 -29.04 -33.70
N LEU I 160 -2.47 -27.74 -33.46
CA LEU I 160 -1.34 -26.84 -33.73
C LEU I 160 -0.18 -27.14 -32.81
N GLY I 161 -0.46 -27.49 -31.56
CA GLY I 161 0.61 -27.88 -30.65
C GLY I 161 1.30 -29.17 -31.09
N ASN I 162 0.51 -30.13 -31.60
CA ASN I 162 1.10 -31.39 -32.04
C ASN I 162 2.05 -31.19 -33.21
N LEU I 163 1.84 -30.15 -34.01
CA LEU I 163 2.77 -29.87 -35.10
C LEU I 163 4.18 -29.59 -34.56
N CYS I 164 4.27 -28.84 -33.47
CA CYS I 164 5.57 -28.56 -32.88
C CYS I 164 6.13 -29.77 -32.14
N VAL I 165 5.26 -30.64 -31.63
CA VAL I 165 5.74 -31.89 -31.04
C VAL I 165 6.44 -32.72 -32.10
N GLN I 166 5.86 -32.81 -33.29
CA GLN I 166 6.49 -33.59 -34.35
C GLN I 166 7.81 -32.98 -34.78
N GLN I 167 7.86 -31.65 -34.90
CA GLN I 167 9.12 -31.01 -35.23
C GLN I 167 10.17 -31.27 -34.16
N HIS I 168 9.78 -31.18 -32.88
CA HIS I 168 10.71 -31.49 -31.81
C HIS I 168 11.14 -32.94 -31.85
N ARG I 169 10.21 -33.84 -32.16
CA ARG I 169 10.54 -35.25 -32.25
C ARG I 169 11.59 -35.50 -33.31
N GLN I 170 11.41 -34.93 -34.50
CA GLN I 170 12.40 -35.09 -35.55
C GLN I 170 13.72 -34.41 -35.20
N TYR I 171 13.65 -33.30 -34.48
CA TYR I 171 14.86 -32.60 -34.07
C TYR I 171 15.74 -33.49 -33.21
N ARG I 172 15.14 -34.19 -32.25
CA ARG I 172 15.92 -35.05 -31.36
C ARG I 172 16.54 -36.21 -32.12
N VAL I 173 15.83 -36.77 -33.09
CA VAL I 173 16.40 -37.82 -33.92
C VAL I 173 17.63 -37.30 -34.66
N ASP I 174 17.52 -36.10 -35.23
CA ASP I 174 18.64 -35.52 -35.96
C ASP I 174 19.82 -35.29 -35.05
N MET I 175 19.57 -34.79 -33.84
CA MET I 175 20.66 -34.49 -32.91
C MET I 175 21.43 -35.74 -32.56
N LYS I 176 20.71 -36.86 -32.36
CA LYS I 176 21.37 -38.11 -32.02
C LYS I 176 22.30 -38.60 -33.10
N LEU I 177 22.07 -38.21 -34.35
CA LEU I 177 22.91 -38.63 -35.46
C LEU I 177 24.04 -37.66 -35.77
N PHE I 178 24.09 -36.50 -35.12
CA PHE I 178 25.12 -35.52 -35.44
C PHE I 178 26.50 -36.04 -35.06
N TYR I 179 26.70 -36.33 -33.77
CA TYR I 179 27.99 -36.77 -33.28
C TYR I 179 28.34 -38.18 -33.74
N LEU I 180 27.39 -38.90 -34.33
CA LEU I 180 27.59 -40.28 -34.74
C LEU I 180 27.87 -40.45 -36.22
N GLU I 181 27.20 -39.69 -37.07
CA GLU I 181 27.28 -39.88 -38.52
C GLU I 181 27.48 -38.61 -39.32
N ALA I 182 27.11 -37.46 -38.79
CA ALA I 182 27.10 -36.24 -39.60
C ALA I 182 28.52 -35.85 -39.98
N PRO I 183 28.81 -35.66 -41.27
CA PRO I 183 30.14 -35.16 -41.66
C PRO I 183 30.40 -33.74 -41.21
N GLU I 184 29.37 -32.99 -40.84
CA GLU I 184 29.59 -31.65 -40.31
C GLU I 184 30.38 -31.69 -39.01
N HIS I 185 30.25 -32.77 -38.24
CA HIS I 185 31.01 -32.91 -37.01
C HIS I 185 32.46 -33.25 -37.34
N LYS I 186 33.37 -32.40 -36.91
CA LYS I 186 34.79 -32.55 -37.21
C LYS I 186 35.57 -32.52 -35.91
N ILE I 187 36.59 -33.38 -35.82
CA ILE I 187 37.47 -33.47 -34.67
C ILE I 187 38.90 -33.32 -35.18
N ASN I 188 39.79 -32.94 -34.28
CA ASN I 188 41.19 -32.64 -34.64
C ASN I 188 41.23 -31.66 -35.79
N TRP I 189 40.42 -30.62 -35.69
CA TRP I 189 40.20 -29.65 -36.76
C TRP I 189 40.55 -28.23 -36.34
N VAL I 190 40.00 -27.75 -35.23
CA VAL I 190 40.24 -26.38 -34.78
C VAL I 190 41.60 -26.30 -34.12
N LYS I 191 42.42 -25.35 -34.59
CA LYS I 191 43.73 -25.10 -34.01
C LYS I 191 43.74 -23.77 -33.28
N PRO I 192 44.43 -23.66 -32.15
CA PRO I 192 44.48 -22.37 -31.46
C PRO I 192 45.05 -21.27 -32.34
N ARG I 193 44.43 -20.10 -32.27
CA ARG I 193 44.90 -18.97 -33.07
C ARG I 193 46.20 -18.40 -32.51
N GLY I 194 46.29 -18.29 -31.19
CA GLY I 194 47.40 -17.62 -30.56
C GLY I 194 47.15 -16.13 -30.37
N ASP I 195 47.92 -15.55 -29.45
CA ASP I 195 47.77 -14.13 -29.17
C ASP I 195 48.16 -13.31 -30.39
N LEU I 196 47.41 -12.24 -30.63
CA LEU I 196 47.70 -11.34 -31.74
C LEU I 196 48.94 -10.50 -31.45
N GLY J 1 -4.32 52.54 7.89
CA GLY J 1 -5.36 53.04 7.00
C GLY J 1 -6.68 53.27 7.70
N CYS J 2 -7.30 52.18 8.15
CA CYS J 2 -8.57 52.27 8.84
C CYS J 2 -8.38 52.64 10.30
N GLU J 3 -9.47 53.05 10.93
CA GLU J 3 -9.42 53.47 12.33
C GLU J 3 -8.97 52.33 13.22
N ALA J 4 -9.41 51.10 12.91
CA ALA J 4 -9.07 49.96 13.76
C ALA J 4 -7.56 49.78 13.87
N VAL J 5 -6.85 49.88 12.75
CA VAL J 5 -5.40 49.76 12.78
C VAL J 5 -4.78 50.93 13.53
N LYS J 6 -5.34 52.13 13.35
CA LYS J 6 -4.79 53.30 14.03
C LYS J 6 -5.00 53.20 15.54
N ASN J 7 -6.14 52.68 15.97
CA ASN J 7 -6.49 52.56 17.38
C ASN J 7 -6.94 51.13 17.66
N PRO J 8 -6.01 50.20 17.84
CA PRO J 8 -6.38 48.80 18.07
C PRO J 8 -7.20 48.65 19.36
N LEU J 9 -8.29 47.91 19.26
CA LEU J 9 -9.18 47.65 20.39
C LEU J 9 -9.73 46.24 20.28
N ILE J 10 -10.19 45.72 21.42
CA ILE J 10 -10.76 44.39 21.50
C ILE J 10 -12.23 44.54 21.91
N GLY J 11 -13.13 44.26 20.98
CA GLY J 11 -14.55 44.22 21.28
C GLY J 11 -15.20 45.56 21.59
N GLY J 12 -14.95 46.56 20.75
CA GLY J 12 -15.57 47.86 20.93
C GLY J 12 -16.83 48.02 20.10
N PRO J 13 -17.49 49.16 20.24
CA PRO J 13 -18.62 49.48 19.37
C PRO J 13 -18.14 49.97 18.00
N ASN J 14 -19.08 50.03 17.06
CA ASN J 14 -18.81 50.52 15.71
C ASN J 14 -17.69 49.74 15.03
N GLN J 15 -17.67 48.42 15.20
CA GLN J 15 -16.60 47.64 14.59
C GLN J 15 -16.64 47.72 13.07
N LYS J 16 -17.83 47.65 12.49
CA LYS J 16 -17.94 47.69 11.04
C LYS J 16 -17.44 49.02 10.49
N ALA J 17 -17.81 50.12 11.14
CA ALA J 17 -17.33 51.43 10.69
C ALA J 17 -15.82 51.53 10.82
N ARG J 18 -15.25 50.99 11.89
CA ARG J 18 -13.81 51.03 12.06
C ARG J 18 -13.09 50.28 10.95
N GLY J 19 -13.73 49.28 10.35
CA GLY J 19 -13.29 48.70 9.11
C GLY J 19 -12.57 47.37 9.22
N ALA J 20 -12.10 47.00 10.41
CA ALA J 20 -11.37 45.74 10.55
C ALA J 20 -11.41 45.30 12.00
N ILE J 21 -11.11 44.02 12.20
CA ILE J 21 -10.98 43.42 13.53
C ILE J 21 -9.52 43.00 13.68
N THR J 22 -8.80 43.67 14.58
CA THR J 22 -7.37 43.46 14.73
C THR J 22 -7.01 42.44 15.81
N SER J 23 -7.99 41.95 16.56
CA SER J 23 -7.74 41.06 17.68
C SER J 23 -8.28 39.68 17.38
N GLY J 24 -7.45 38.66 17.57
CA GLY J 24 -7.89 37.28 17.46
C GLY J 24 -8.54 36.73 18.70
N PHE J 25 -8.63 37.53 19.76
CA PHE J 25 -9.27 37.08 20.99
C PHE J 25 -10.77 36.88 20.75
N ALA J 26 -11.27 35.71 21.14
CA ALA J 26 -12.67 35.35 20.94
C ALA J 26 -13.25 34.87 22.26
N GLY J 27 -14.41 35.39 22.62
CA GLY J 27 -15.08 35.01 23.84
C GLY J 27 -14.96 36.07 24.91
N GLY J 28 -15.34 35.66 26.11
CA GLY J 28 -15.43 36.52 27.27
C GLY J 28 -16.67 36.18 28.06
N GLY J 29 -17.07 37.10 28.92
CA GLY J 29 -18.26 36.90 29.74
C GLY J 29 -17.96 36.43 31.15
N ALA J 30 -16.70 36.23 31.48
CA ALA J 30 -16.34 35.88 32.85
C ALA J 30 -16.75 36.97 33.81
N LYS J 31 -17.21 36.58 34.99
CA LYS J 31 -17.57 37.53 36.04
C LYS J 31 -16.37 37.97 36.86
N ARG J 32 -15.27 37.22 36.80
CA ARG J 32 -14.03 37.55 37.50
C ARG J 32 -12.86 37.24 36.58
N LEU J 33 -11.68 37.71 36.96
CA LEU J 33 -10.49 37.43 36.19
C LEU J 33 -10.08 35.97 36.37
N GLY J 34 -9.84 35.29 35.25
CA GLY J 34 -9.54 33.88 35.27
C GLY J 34 -10.73 32.97 35.47
N GLY J 35 -11.95 33.51 35.39
CA GLY J 35 -13.14 32.76 35.70
C GLY J 35 -13.74 32.07 34.49
N LYS J 36 -14.79 31.29 34.76
CA LYS J 36 -15.49 30.57 33.70
C LYS J 36 -16.17 31.57 32.77
N GLY J 37 -15.83 31.49 31.49
CA GLY J 37 -16.43 32.35 30.49
C GLY J 37 -16.86 31.57 29.27
N TYR J 38 -17.26 32.26 28.22
CA TYR J 38 -17.63 31.65 26.96
C TYR J 38 -16.52 31.87 25.95
N GLY J 39 -16.51 31.04 24.91
CA GLY J 39 -15.49 31.13 23.88
C GLY J 39 -14.15 30.58 24.34
N ILE J 40 -13.20 30.59 23.41
CA ILE J 40 -11.91 29.96 23.66
C ILE J 40 -10.91 30.90 24.33
N MET J 41 -11.01 32.21 24.09
CA MET J 41 -10.24 33.21 24.83
C MET J 41 -8.73 32.94 24.70
N ALA J 42 -8.25 33.02 23.46
CA ALA J 42 -6.84 32.83 23.15
C ALA J 42 -6.30 34.09 22.47
N ASP J 43 -5.08 34.48 22.85
CA ASP J 43 -4.47 35.68 22.29
C ASP J 43 -2.96 35.61 22.54
N TRP J 44 -2.23 36.51 21.88
CA TRP J 44 -0.78 36.58 22.10
C TRP J 44 -0.46 37.12 23.49
N CYS J 45 -1.35 37.96 24.04
CA CYS J 45 -1.12 38.61 25.31
C CYS J 45 -2.38 38.55 26.16
N ASP J 46 -2.19 38.70 27.47
CA ASP J 46 -3.27 38.88 28.44
C ASP J 46 -4.30 37.75 28.32
N HIS J 47 -3.83 36.53 28.51
CA HIS J 47 -4.71 35.38 28.50
C HIS J 47 -4.06 34.26 29.30
N GLY J 48 -4.88 33.28 29.67
CA GLY J 48 -4.34 32.11 30.35
C GLY J 48 -3.96 32.42 31.79
N TYR J 49 -2.85 31.82 32.22
CA TYR J 49 -2.37 31.91 33.59
C TYR J 49 -1.06 32.68 33.61
N SER J 50 -0.99 33.69 34.48
CA SER J 50 0.21 34.52 34.59
C SER J 50 1.18 33.88 35.57
N PHE J 51 2.37 33.54 35.10
CA PHE J 51 3.36 32.90 35.96
C PHE J 51 3.91 33.88 36.98
N THR J 52 4.25 35.09 36.55
CA THR J 52 4.85 36.06 37.47
C THR J 52 3.86 36.43 38.58
N LYS J 53 2.61 36.68 38.23
CA LYS J 53 1.61 37.04 39.22
C LYS J 53 0.97 35.83 39.89
N GLY J 54 1.20 34.63 39.37
CA GLY J 54 0.57 33.45 39.95
C GLY J 54 -0.94 33.53 39.98
N GLN J 55 -1.54 34.08 38.92
CA GLN J 55 -2.98 34.30 38.88
C GLN J 55 -3.49 33.93 37.51
N ALA J 56 -4.76 33.55 37.45
CA ALA J 56 -5.42 33.24 36.19
C ALA J 56 -5.94 34.52 35.55
N ILE J 57 -5.67 34.68 34.26
CA ILE J 57 -6.18 35.84 33.51
C ILE J 57 -7.50 35.52 32.84
N THR J 58 -7.56 34.39 32.13
CA THR J 58 -8.78 33.91 31.51
C THR J 58 -9.05 32.49 31.96
N GLY J 59 -10.30 32.08 31.88
CA GLY J 59 -10.69 30.75 32.26
C GLY J 59 -10.26 29.73 31.23
N MET J 60 -10.54 28.46 31.56
CA MET J 60 -10.25 27.39 30.63
C MET J 60 -11.10 27.56 29.38
N PRO J 61 -10.60 27.13 28.21
CA PRO J 61 -11.35 27.33 26.97
C PRO J 61 -12.69 26.63 26.98
N HIS J 62 -13.68 27.26 26.38
CA HIS J 62 -15.04 26.72 26.20
C HIS J 62 -15.18 26.38 24.72
N TRP J 63 -14.96 25.11 24.39
CA TRP J 63 -14.82 24.72 23.00
C TRP J 63 -16.17 24.75 22.29
N PRO J 64 -16.19 25.04 20.98
CA PRO J 64 -17.44 25.02 20.22
C PRO J 64 -17.78 23.61 19.74
N LEU J 65 -17.51 22.62 20.60
CA LEU J 65 -17.68 21.21 20.31
C LEU J 65 -18.65 20.62 21.34
N TRP J 66 -18.72 19.28 21.40
CA TRP J 66 -19.67 18.65 22.36
C TRP J 66 -19.46 19.12 23.76
N CYS J 67 -18.22 19.35 24.18
CA CYS J 67 -17.94 19.69 25.58
C CYS J 67 -18.46 21.07 25.95
N GLY J 68 -18.70 21.93 24.96
CA GLY J 68 -19.23 23.25 25.21
C GLY J 68 -20.39 23.61 24.31
N GLY J 69 -20.29 24.75 23.63
CA GLY J 69 -21.38 25.22 22.80
C GLY J 69 -21.09 26.60 22.26
N GLY J 70 -22.14 27.28 21.83
CA GLY J 70 -22.00 28.62 21.28
C GLY J 70 -21.74 29.68 22.33
N VAL J 71 -21.37 30.85 21.85
CA VAL J 71 -21.10 32.01 22.70
C VAL J 71 -22.30 32.94 22.66
N PRO J 72 -22.78 33.44 23.80
CA PRO J 72 -23.88 34.41 23.76
C PRO J 72 -23.48 35.67 23.00
N ASP J 73 -24.48 36.29 22.35
CA ASP J 73 -24.22 37.46 21.54
C ASP J 73 -23.67 38.61 22.37
N LYS J 74 -24.03 38.69 23.65
CA LYS J 74 -23.54 39.77 24.49
C LYS J 74 -22.02 39.83 24.52
N PHE J 75 -21.34 38.71 24.26
CA PHE J 75 -19.90 38.62 24.47
C PHE J 75 -19.15 38.20 23.21
N ILE J 76 -19.77 38.28 22.04
CA ILE J 76 -19.07 37.99 20.80
C ILE J 76 -18.28 39.22 20.39
N LYS J 77 -17.01 39.00 20.00
CA LYS J 77 -16.12 40.09 19.64
C LYS J 77 -15.59 40.01 18.22
N ILE J 78 -15.65 38.86 17.57
CA ILE J 78 -15.23 38.72 16.19
C ILE J 78 -16.46 38.53 15.33
N ASP J 79 -17.00 39.62 14.81
CA ASP J 79 -18.19 39.55 13.96
C ASP J 79 -17.80 39.01 12.59
N PRO J 80 -18.39 37.90 12.14
CA PRO J 80 -18.01 37.36 10.83
C PRO J 80 -18.24 38.33 9.68
N ASP J 81 -19.25 39.19 9.77
CA ASP J 81 -19.48 40.14 8.69
C ASP J 81 -18.28 41.07 8.52
N VAL J 82 -17.68 41.52 9.61
CA VAL J 82 -16.50 42.37 9.54
C VAL J 82 -15.22 41.54 9.45
N HIS J 83 -15.19 40.39 10.11
CA HIS J 83 -14.02 39.54 10.07
C HIS J 83 -13.73 39.05 8.65
N PHE J 84 -14.76 38.67 7.93
CA PHE J 84 -14.65 38.30 6.53
C PHE J 84 -14.92 39.55 5.68
N ASN J 85 -15.19 39.37 4.39
CA ASN J 85 -15.29 40.47 3.44
C ASN J 85 -13.96 41.21 3.33
N LEU J 86 -12.95 40.47 2.89
CA LEU J 86 -11.58 40.96 2.78
C LEU J 86 -11.34 41.83 1.57
N GLN J 87 -12.40 42.31 0.91
CA GLN J 87 -12.21 43.16 -0.27
C GLN J 87 -11.39 44.38 0.10
N GLY J 88 -10.23 44.50 -0.53
CA GLY J 88 -9.36 45.64 -0.27
C GLY J 88 -8.93 45.75 1.17
N TYR J 89 -8.60 44.62 1.80
CA TYR J 89 -8.16 44.67 3.19
C TYR J 89 -6.74 45.21 3.31
N ARG J 90 -5.92 45.00 2.28
CA ARG J 90 -4.53 45.46 2.36
C ARG J 90 -4.46 46.97 2.46
N GLU J 91 -5.37 47.67 1.78
CA GLU J 91 -5.41 49.12 1.89
C GLU J 91 -5.87 49.57 3.27
N ARG J 92 -6.76 48.80 3.89
CA ARG J 92 -7.23 49.16 5.23
C ARG J 92 -6.16 48.93 6.28
N ILE J 93 -5.28 47.95 6.10
CA ILE J 93 -4.30 47.62 7.12
C ILE J 93 -2.93 48.23 6.84
N GLY J 94 -2.62 48.56 5.60
CA GLY J 94 -1.32 49.10 5.27
C GLY J 94 -0.26 48.01 5.23
N TRP J 95 0.98 48.45 4.97
CA TRP J 95 2.08 47.51 4.86
C TRP J 95 2.50 46.98 6.22
N TYR J 96 2.59 47.85 7.24
CA TYR J 96 2.94 47.37 8.57
C TYR J 96 1.85 46.46 9.12
N GLY J 97 0.59 46.76 8.82
CA GLY J 97 -0.49 45.87 9.21
C GLY J 97 -0.39 44.51 8.54
N PHE J 98 0.02 44.50 7.27
CA PHE J 98 0.23 43.23 6.58
C PHE J 98 1.30 42.41 7.28
N PHE J 99 2.40 43.05 7.65
CA PHE J 99 3.46 42.38 8.40
C PHE J 99 2.94 41.90 9.76
N THR J 100 2.15 42.73 10.44
CA THR J 100 1.57 42.31 11.72
C THR J 100 0.64 41.11 11.53
N ALA J 101 -0.21 41.14 10.52
CA ALA J 101 -1.15 40.04 10.31
C ALA J 101 -0.42 38.74 10.00
N PHE J 102 0.63 38.81 9.19
CA PHE J 102 1.41 37.61 8.89
C PHE J 102 2.02 37.03 10.17
N LEU J 103 2.60 37.91 11.01
CA LEU J 103 3.21 37.46 12.25
C LEU J 103 2.17 36.87 13.18
N GLN J 104 0.94 37.41 13.15
CA GLN J 104 -0.10 37.00 14.07
C GLN J 104 -0.80 35.73 13.57
N ALA J 105 -0.67 35.44 12.27
CA ALA J 105 -1.23 34.22 11.71
C ALA J 105 -0.45 32.98 12.13
N ASN J 106 0.74 33.15 12.68
CA ASN J 106 1.61 32.04 13.05
C ASN J 106 1.70 31.87 14.58
N TYR J 107 0.62 32.18 15.29
CA TYR J 107 0.59 31.97 16.74
C TYR J 107 0.69 30.49 17.07
N HIS J 108 0.01 29.65 16.29
CA HIS J 108 0.05 28.21 16.51
C HIS J 108 1.47 27.68 16.37
N ALA J 109 2.18 28.13 15.33
CA ALA J 109 3.57 27.72 15.15
C ALA J 109 4.46 28.30 16.24
N PHE J 110 4.17 29.52 16.70
CA PHE J 110 4.92 30.11 17.80
C PHE J 110 4.71 29.35 19.10
N VAL J 111 3.45 28.97 19.37
CA VAL J 111 3.17 28.20 20.58
C VAL J 111 3.98 26.91 20.59
N TYR J 112 4.09 26.26 19.44
CA TYR J 112 4.84 25.02 19.37
C TYR J 112 6.32 25.26 19.65
N PHE J 113 6.90 26.27 19.01
CA PHE J 113 8.33 26.51 19.16
C PHE J 113 8.69 26.88 20.60
N VAL J 114 7.77 27.53 21.32
CA VAL J 114 8.03 27.85 22.72
C VAL J 114 8.06 26.58 23.57
N ARG J 115 7.33 25.55 23.17
CA ARG J 115 7.31 24.30 23.91
C ARG J 115 8.39 23.31 23.46
N PHE J 116 8.90 23.47 22.25
CA PHE J 116 9.83 22.52 21.64
C PHE J 116 11.30 22.90 21.86
N ILE J 117 11.60 24.20 21.83
CA ILE J 117 13.00 24.63 21.88
C ILE J 117 13.68 24.22 23.19
N PRO J 118 13.08 24.38 24.37
CA PRO J 118 13.84 24.15 25.60
C PRO J 118 14.54 22.80 25.69
N ILE J 119 13.83 21.71 25.37
CA ILE J 119 14.45 20.40 25.47
C ILE J 119 15.63 20.29 24.52
N ASN J 120 15.52 20.88 23.33
CA ASN J 120 16.60 20.83 22.37
C ASN J 120 17.81 21.63 22.84
N ILE J 121 17.59 22.73 23.55
CA ILE J 121 18.70 23.46 24.15
C ILE J 121 19.42 22.57 25.14
N ALA J 122 18.68 21.83 25.95
CA ALA J 122 19.29 20.94 26.92
C ALA J 122 20.15 19.89 26.24
N ILE J 123 19.65 19.30 25.15
CA ILE J 123 20.43 18.32 24.41
C ILE J 123 21.69 18.96 23.85
N PHE J 124 21.58 20.18 23.35
CA PHE J 124 22.75 20.86 22.82
C PHE J 124 23.77 21.16 23.91
N TRP J 125 23.31 21.41 25.14
CA TRP J 125 24.25 21.64 26.23
C TRP J 125 25.10 20.40 26.50
N ILE J 126 24.52 19.22 26.35
CA ILE J 126 25.29 17.99 26.53
C ILE J 126 26.45 17.96 25.55
N TYR J 127 26.18 18.29 24.29
CA TYR J 127 27.23 18.25 23.27
C TYR J 127 28.31 19.28 23.56
N VAL J 128 27.92 20.52 23.83
CA VAL J 128 28.90 21.58 24.03
C VAL J 128 29.77 21.27 25.23
N ASN J 129 29.17 20.84 26.33
CA ASN J 129 29.94 20.54 27.53
C ASN J 129 30.94 19.43 27.29
N GLU J 130 30.60 18.46 26.43
CA GLU J 130 31.53 17.38 26.14
C GLU J 130 32.60 17.80 25.15
N ARG J 131 32.23 18.60 24.15
CA ARG J 131 33.19 18.98 23.11
C ARG J 131 34.38 19.74 23.69
N GLN J 132 34.17 20.50 24.76
CA GLN J 132 35.26 21.26 25.34
C GLN J 132 36.35 20.34 25.89
N ARG J 133 35.96 19.20 26.45
CA ARG J 133 36.91 18.33 27.11
C ARG J 133 37.81 17.62 26.10
N GLU J 134 39.04 17.36 26.51
CA GLU J 134 39.94 16.60 25.69
C GLU J 134 39.38 15.20 25.45
N PRO J 135 39.67 14.60 24.31
CA PRO J 135 39.17 13.24 24.05
C PRO J 135 39.79 12.23 25.00
N GLN J 136 38.98 11.26 25.43
CA GLN J 136 39.54 10.16 26.21
C GLN J 136 40.41 9.29 25.31
N GLU J 137 41.30 8.51 25.91
CA GLU J 137 42.19 7.68 25.10
C GLU J 137 41.44 6.41 24.72
N ASN J 138 40.83 6.42 23.53
CA ASN J 138 40.02 5.29 23.10
C ASN J 138 40.88 4.05 22.92
N VAL J 139 42.05 4.19 22.31
CA VAL J 139 42.90 3.06 21.95
C VAL J 139 44.34 3.28 22.42
N MET J 140 45.04 2.18 22.64
CA MET J 140 46.47 2.14 22.94
C MET J 140 47.15 1.15 22.01
N ASP J 141 48.45 0.95 22.20
CA ASP J 141 49.18 0.00 21.36
C ASP J 141 48.61 -1.40 21.52
N HIS J 142 48.47 -2.10 20.39
CA HIS J 142 47.92 -3.44 20.43
C HIS J 142 48.77 -4.37 21.27
N GLU J 143 50.09 -4.29 21.08
CA GLU J 143 50.97 -5.22 21.78
C GLU J 143 50.99 -4.95 23.27
N GLU J 144 51.22 -3.70 23.65
CA GLU J 144 51.34 -3.37 25.05
C GLU J 144 50.07 -3.69 25.82
N PHE J 145 48.91 -3.58 25.15
CA PHE J 145 47.67 -3.90 25.81
C PHE J 145 47.63 -5.36 26.24
N PHE J 146 48.03 -6.27 25.34
CA PHE J 146 47.96 -7.68 25.64
C PHE J 146 49.05 -8.16 26.58
N ARG J 147 50.14 -7.39 26.72
CA ARG J 147 51.15 -7.73 27.70
C ARG J 147 50.75 -7.33 29.12
N ASP J 148 49.75 -6.46 29.27
CA ASP J 148 49.20 -6.09 30.57
C ASP J 148 47.68 -6.15 30.51
N PHE J 149 47.15 -7.23 29.94
CA PHE J 149 45.72 -7.32 29.68
C PHE J 149 44.91 -7.18 30.96
N ASP J 150 45.27 -7.93 32.00
CA ASP J 150 44.44 -7.99 33.19
C ASP J 150 44.35 -6.62 33.86
N SER J 151 45.48 -5.94 34.04
CA SER J 151 45.45 -4.63 34.68
C SER J 151 44.57 -3.66 33.91
N ILE J 152 44.76 -3.57 32.59
CA ILE J 152 44.04 -2.60 31.78
C ILE J 152 42.58 -3.02 31.63
N TYR J 153 42.34 -4.28 31.27
CA TYR J 153 40.99 -4.71 30.94
C TYR J 153 40.09 -4.76 32.17
N LEU J 154 40.66 -5.07 33.34
CA LEU J 154 39.87 -5.26 34.55
C LEU J 154 40.16 -4.24 35.64
N GLY J 155 41.07 -3.30 35.40
CA GLY J 155 41.43 -2.36 36.45
C GLY J 155 40.25 -1.53 36.91
N GLN J 156 39.36 -1.18 35.99
CA GLN J 156 38.24 -0.30 36.33
C GLN J 156 37.32 -0.95 37.36
N VAL J 157 36.98 -2.22 37.16
CA VAL J 157 36.02 -2.86 38.04
C VAL J 157 36.61 -3.07 39.43
N PHE J 158 37.91 -3.38 39.51
CA PHE J 158 38.52 -3.65 40.80
C PHE J 158 38.69 -2.37 41.62
N ASP J 159 39.19 -1.30 41.01
CA ASP J 159 39.32 -0.02 41.70
C ASP J 159 39.14 1.11 40.70
N HIS J 160 37.97 1.75 40.72
CA HIS J 160 37.65 2.76 39.72
C HIS J 160 38.33 4.10 39.99
N HIS J 161 38.58 4.44 41.26
CA HIS J 161 39.21 5.73 41.54
C HIS J 161 40.66 5.75 41.10
N ARG J 162 41.40 4.69 41.37
CA ARG J 162 42.79 4.62 40.93
C ARG J 162 42.88 4.45 39.42
N PHE J 163 41.94 3.72 38.83
CA PHE J 163 41.92 3.60 37.38
C PHE J 163 41.64 4.95 36.73
N ALA J 164 40.76 5.74 37.33
CA ALA J 164 40.48 7.07 36.82
C ALA J 164 41.73 7.95 36.89
N GLU J 165 42.46 7.87 38.00
CA GLU J 165 43.67 8.67 38.15
C GLU J 165 44.73 8.24 37.15
N TRP J 166 44.88 6.93 36.95
CA TRP J 166 45.84 6.43 35.99
C TRP J 166 45.50 6.90 34.59
N LEU J 167 44.22 6.87 34.23
CA LEU J 167 43.80 7.37 32.92
C LEU J 167 44.16 8.85 32.76
N ALA J 168 43.91 9.64 33.79
CA ALA J 168 44.18 11.07 33.72
C ALA J 168 45.66 11.34 33.46
N ARG J 169 46.53 10.61 34.15
CA ARG J 169 47.96 10.79 33.96
C ARG J 169 48.40 10.40 32.56
N ARG J 170 47.76 9.37 31.99
CA ARG J 170 48.09 9.00 30.62
C ARG J 170 47.63 10.06 29.63
N ARG J 171 46.47 10.66 29.87
CA ARG J 171 46.02 11.77 29.02
C ARG J 171 46.99 12.94 29.13
N ALA J 172 47.47 13.22 30.33
CA ALA J 172 48.44 14.30 30.51
C ALA J 172 49.75 14.00 29.80
N VAL J 173 50.10 12.73 29.64
CA VAL J 173 51.31 12.38 28.91
C VAL J 173 51.06 12.39 27.41
N LYS J 174 49.85 12.02 26.98
CA LYS J 174 49.57 11.92 25.54
C LYS J 174 49.43 13.29 24.90
N TRP J 175 49.08 14.30 25.68
CA TRP J 175 48.85 15.63 25.15
C TRP J 175 49.83 16.66 25.72
N GLY J 176 50.88 16.21 26.40
CA GLY J 176 51.97 17.09 26.77
C GLY J 176 51.60 18.24 27.67
N TYR J 177 50.78 17.99 28.69
CA TYR J 177 50.48 19.00 29.70
C TYR J 177 50.71 18.44 31.10
N ALA J 178 51.55 17.40 31.22
CA ALA J 178 51.77 16.74 32.50
C ALA J 178 52.44 17.66 33.51
N ASP J 179 53.37 18.49 33.05
CA ASP J 179 54.07 19.41 33.93
C ASP J 179 53.28 20.68 34.22
N GLN J 180 52.12 20.85 33.60
CA GLN J 180 51.29 22.02 33.79
C GLN J 180 50.07 21.74 34.64
N ILE J 181 49.83 20.49 35.02
CA ILE J 181 48.68 20.09 35.81
C ILE J 181 49.19 19.33 37.02
N HIS J 182 48.45 19.44 38.13
CA HIS J 182 48.71 18.66 39.33
C HIS J 182 47.54 17.69 39.49
N ILE J 183 47.80 16.41 39.28
CA ILE J 183 46.71 15.43 39.32
C ILE J 183 46.43 15.07 40.78
N PRO J 184 45.22 15.29 41.26
CA PRO J 184 44.94 15.08 42.68
C PRO J 184 45.26 13.66 43.11
N PRO J 185 45.81 13.47 44.30
CA PRO J 185 46.14 12.13 44.76
C PRO J 185 44.90 11.33 45.08
N VAL J 186 44.98 10.01 44.89
CA VAL J 186 43.87 9.13 45.17
C VAL J 186 44.05 8.47 46.53
N ARG K 1 -19.80 33.00 31.94
CA ARG K 1 -20.41 32.56 33.20
C ARG K 1 -20.16 31.08 33.43
N GLY K 2 -20.05 30.32 32.34
CA GLY K 2 -19.69 28.91 32.41
C GLY K 2 -20.81 28.01 31.93
N SER K 3 -20.60 26.71 32.13
CA SER K 3 -21.54 25.69 31.69
C SER K 3 -22.87 25.81 32.43
N VAL K 4 -23.94 25.38 31.76
CA VAL K 4 -25.25 25.28 32.40
C VAL K 4 -25.29 24.15 33.42
N PHE K 5 -24.29 23.27 33.40
CA PHE K 5 -24.28 22.12 34.29
C PHE K 5 -23.75 22.47 35.67
N GLN K 6 -22.67 23.25 35.75
CA GLN K 6 -22.20 23.73 37.04
C GLN K 6 -23.19 24.74 37.62
N MET K 7 -23.45 24.62 38.92
CA MET K 7 -24.48 25.43 39.56
C MET K 7 -24.19 25.48 41.06
N PRO K 8 -24.79 26.43 41.78
CA PRO K 8 -24.64 26.45 43.23
C PRO K 8 -25.57 25.45 43.89
N SER K 9 -25.08 24.83 44.98
CA SER K 9 -25.88 23.85 45.68
C SER K 9 -27.11 24.49 46.31
N THR K 10 -26.97 25.71 46.84
CA THR K 10 -28.10 26.49 47.31
C THR K 10 -28.27 27.71 46.40
N PRO K 11 -29.45 27.92 45.81
CA PRO K 11 -29.60 29.00 44.82
C PRO K 11 -29.87 30.38 45.41
N VAL K 12 -28.82 31.14 45.71
CA VAL K 12 -28.94 32.41 46.41
C VAL K 12 -28.35 33.53 45.57
N TYR K 13 -29.03 34.68 45.55
CA TYR K 13 -28.53 35.89 44.89
C TYR K 13 -28.27 36.97 45.94
N PRO K 14 -27.06 37.54 46.00
CA PRO K 14 -26.72 38.44 47.10
C PRO K 14 -27.49 39.76 47.04
N LEU K 15 -28.00 40.18 48.20
CA LEU K 15 -28.62 41.51 48.34
C LEU K 15 -27.51 42.52 48.65
N THR K 16 -26.75 42.84 47.61
CA THR K 16 -25.59 43.72 47.77
C THR K 16 -26.02 45.06 48.36
N THR K 17 -25.41 45.43 49.48
CA THR K 17 -25.67 46.71 50.12
C THR K 17 -24.71 47.81 49.67
N THR K 18 -23.62 47.43 49.00
CA THR K 18 -22.69 48.41 48.45
C THR K 18 -23.42 49.34 47.47
N LYS K 19 -22.96 50.59 47.40
CA LYS K 19 -23.60 51.62 46.59
C LYS K 19 -22.78 51.97 45.35
N LYS K 20 -21.84 51.12 44.96
CA LYS K 20 -21.00 51.37 43.79
C LYS K 20 -21.87 51.57 42.54
N VAL K 21 -21.45 52.53 41.68
CA VAL K 21 -22.18 52.80 40.43
C VAL K 21 -22.07 51.59 39.51
N ALA K 22 -23.14 51.33 38.73
CA ALA K 22 -23.16 50.18 37.83
C ALA K 22 -22.18 50.34 36.66
N PRO K 23 -21.32 49.36 36.38
CA PRO K 23 -20.46 49.47 35.20
C PRO K 23 -21.32 49.70 33.99
N PRO K 24 -20.84 50.47 32.99
CA PRO K 24 -21.73 50.78 31.84
C PRO K 24 -22.20 49.56 31.09
N THR K 25 -21.33 48.55 30.92
CA THR K 25 -21.69 47.35 30.16
C THR K 25 -22.70 46.49 30.91
N ALA K 26 -22.85 46.70 32.21
CA ALA K 26 -23.78 45.90 33.00
C ALA K 26 -25.22 46.25 32.67
N LEU K 27 -25.47 47.51 32.28
CA LEU K 27 -26.81 47.98 31.92
C LEU K 27 -26.98 48.17 30.42
N ALA K 28 -26.05 47.67 29.61
CA ALA K 28 -26.06 47.91 28.19
C ALA K 28 -27.07 47.01 27.48
N LYS K 29 -27.37 47.36 26.24
CA LYS K 29 -28.28 46.61 25.38
C LYS K 29 -27.68 46.52 23.99
N ARG K 30 -28.16 45.54 23.22
CA ARG K 30 -27.77 45.46 21.83
C ARG K 30 -28.24 46.71 21.09
N THR K 31 -27.36 47.24 20.26
CA THR K 31 -27.60 48.47 19.52
C THR K 31 -27.23 48.26 18.05
N PRO K 32 -27.76 49.11 17.16
CA PRO K 32 -27.33 49.02 15.76
C PRO K 32 -25.82 49.22 15.58
N GLU K 33 -25.19 50.07 16.39
CA GLU K 33 -23.75 50.23 16.27
C GLU K 33 -22.99 49.02 16.82
N GLN K 34 -23.57 48.32 17.78
CA GLN K 34 -22.91 47.19 18.44
C GLN K 34 -23.82 45.98 18.35
N PRO K 35 -23.85 45.33 17.19
CA PRO K 35 -24.65 44.10 17.07
C PRO K 35 -24.21 43.00 18.02
N PHE K 36 -22.92 42.93 18.33
CA PHE K 36 -22.38 41.90 19.20
C PHE K 36 -21.42 42.52 20.20
N GLY K 37 -21.25 41.84 21.33
CA GLY K 37 -20.23 42.20 22.30
C GLY K 37 -20.61 43.31 23.25
N TRP K 38 -21.87 43.72 23.30
CA TRP K 38 -22.26 44.87 24.09
C TRP K 38 -22.18 44.62 25.59
N GLY K 39 -22.09 43.37 26.02
CA GLY K 39 -21.96 43.05 27.42
C GLY K 39 -20.56 42.94 27.94
N SER K 40 -19.56 43.04 27.06
CA SER K 40 -18.16 42.93 27.44
C SER K 40 -17.49 44.29 27.42
N PRO K 41 -16.69 44.62 28.43
CA PRO K 41 -16.01 45.92 28.45
C PRO K 41 -14.95 45.99 27.35
N VAL K 42 -14.91 47.15 26.67
CA VAL K 42 -13.92 47.35 25.62
C VAL K 42 -12.53 47.36 26.24
N ARG K 43 -11.55 46.82 25.51
CA ARG K 43 -10.19 46.71 26.00
C ARG K 43 -9.22 47.10 24.90
N GLU K 44 -7.98 47.37 25.31
CA GLU K 44 -6.91 47.63 24.36
C GLU K 44 -6.40 46.32 23.75
N ASP K 45 -6.02 46.39 22.49
CA ASP K 45 -5.46 45.26 21.75
C ASP K 45 -3.94 45.42 21.72
N ARG K 46 -3.27 44.93 22.77
CA ARG K 46 -1.83 45.07 22.87
C ARG K 46 -1.11 44.21 21.83
N ALA K 47 -1.67 43.05 21.49
CA ALA K 47 -1.00 42.13 20.59
C ALA K 47 -0.68 42.80 19.26
N TRP K 48 -1.58 43.67 18.77
CA TRP K 48 -1.39 44.29 17.47
C TRP K 48 -0.14 45.16 17.43
N ARG K 49 0.23 45.75 18.56
CA ARG K 49 1.42 46.58 18.65
C ARG K 49 2.63 45.82 19.18
N VAL K 50 2.42 44.92 20.15
CA VAL K 50 3.52 44.26 20.86
C VAL K 50 4.12 43.14 20.01
N VAL K 51 3.32 42.44 19.20
CA VAL K 51 3.83 41.30 18.43
C VAL K 51 4.77 41.82 17.35
N PRO K 52 4.38 42.78 16.52
CA PRO K 52 5.30 43.24 15.47
C PRO K 52 6.51 43.97 16.05
N ARG K 53 6.37 44.68 17.17
CA ARG K 53 7.49 45.35 17.81
C ARG K 53 8.50 44.34 18.35
N ASN K 54 8.03 43.35 19.11
CA ASN K 54 8.94 42.38 19.71
C ASN K 54 9.64 41.58 18.63
N PHE K 55 8.92 41.23 17.56
CA PHE K 55 9.53 40.42 16.50
C PHE K 55 10.68 41.18 15.87
N ILE K 56 10.49 42.48 15.62
CA ILE K 56 11.54 43.29 14.98
C ILE K 56 12.77 43.36 15.88
N ILE K 57 12.56 43.58 17.18
CA ILE K 57 13.69 43.70 18.10
C ILE K 57 14.52 42.42 18.11
N LEU K 58 13.84 41.27 18.21
CA LEU K 58 14.55 40.00 18.27
C LEU K 58 15.34 39.75 17.00
N VAL K 59 14.75 40.06 15.85
CA VAL K 59 15.45 39.87 14.58
C VAL K 59 16.67 40.78 14.52
N ILE K 60 16.52 42.03 14.94
CA ILE K 60 17.65 42.96 14.90
C ILE K 60 18.77 42.48 15.80
N VAL K 61 18.43 42.07 17.01
CA VAL K 61 19.44 41.57 17.93
C VAL K 61 20.07 40.30 17.37
N TYR K 62 19.25 39.39 16.82
CA TYR K 62 19.77 38.15 16.28
C TYR K 62 20.74 38.41 15.14
N LEU K 63 20.33 39.22 14.15
CA LEU K 63 21.20 39.49 13.01
C LEU K 63 22.40 40.33 13.41
N SER K 64 22.18 41.36 14.22
CA SER K 64 23.29 42.24 14.59
C SER K 64 24.36 41.47 15.36
N GLY K 65 23.94 40.61 16.29
CA GLY K 65 24.91 39.81 17.01
C GLY K 65 25.66 38.85 16.10
N TRP K 66 24.95 38.24 15.16
CA TRP K 66 25.59 37.31 14.23
C TRP K 66 26.62 38.04 13.36
N ALA K 67 26.23 39.16 12.77
CA ALA K 67 27.17 39.94 11.99
C ALA K 67 28.38 40.32 12.84
N ALA K 68 28.13 40.85 14.04
CA ALA K 68 29.22 41.27 14.91
C ALA K 68 30.18 40.12 15.18
N ILE K 69 29.66 38.97 15.61
CA ILE K 69 30.52 37.84 15.93
C ILE K 69 31.38 37.47 14.73
N LYS K 70 30.78 37.40 13.55
CA LYS K 70 31.46 36.96 12.35
C LYS K 70 32.31 38.04 11.71
N THR K 71 32.35 39.24 12.27
CA THR K 71 33.17 40.32 11.75
C THR K 71 34.07 40.96 12.78
N MET K 72 33.79 40.80 14.08
CA MET K 72 34.57 41.41 15.13
C MET K 72 35.41 40.41 15.92
N LEU K 73 35.31 39.13 15.58
CA LEU K 73 36.08 38.06 16.19
C LEU K 73 36.92 37.38 15.12
N PRO K 74 38.04 36.75 15.50
CA PRO K 74 38.90 36.13 14.50
C PRO K 74 38.18 35.00 13.78
N ARG K 75 38.60 34.77 12.53
CA ARG K 75 37.96 33.76 11.71
C ARG K 75 38.06 32.38 12.35
N GLY K 76 36.98 31.62 12.27
CA GLY K 76 36.94 30.30 12.89
C GLY K 76 35.85 29.43 12.28
N GLY K 77 35.85 28.17 12.70
CA GLY K 77 34.97 27.19 12.09
C GLY K 77 33.52 27.33 12.49
N SER K 78 33.27 27.72 13.74
CA SER K 78 31.91 27.95 14.21
C SER K 78 31.93 29.14 15.15
N ILE K 79 30.75 29.56 15.61
CA ILE K 79 30.66 30.67 16.53
C ILE K 79 31.37 30.34 17.83
N LEU K 80 31.13 29.15 18.37
CA LEU K 80 31.88 28.71 19.55
C LEU K 80 33.36 28.64 19.26
N GLY K 81 33.73 28.29 18.02
CA GLY K 81 35.14 28.30 17.64
C GLY K 81 35.73 29.70 17.65
N GLN K 82 34.96 30.67 17.17
CA GLN K 82 35.47 32.04 17.11
C GLN K 82 35.58 32.68 18.49
N ILE K 83 34.91 32.11 19.49
CA ILE K 83 34.92 32.66 20.84
C ILE K 83 35.91 31.92 21.74
N TYR K 84 35.83 30.58 21.77
CA TYR K 84 36.67 29.77 22.65
C TYR K 84 37.60 28.83 21.88
N GLY K 85 37.90 29.14 20.61
CA GLY K 85 38.65 28.23 19.78
C GLY K 85 40.07 28.64 19.44
N GLY K 86 40.61 29.67 20.07
CA GLY K 86 41.97 30.06 19.84
C GLY K 86 42.94 29.20 20.61
N PRO K 87 44.22 29.29 20.24
CA PRO K 87 45.24 28.53 20.96
C PRO K 87 45.47 29.10 22.34
N PRO K 88 46.10 28.33 23.23
CA PRO K 88 46.34 28.85 24.58
C PRO K 88 47.18 30.11 24.55
N LYS K 89 46.91 31.00 25.49
CA LYS K 89 47.66 32.24 25.58
C LYS K 89 49.14 31.93 25.78
N GLY K 90 49.98 32.60 24.99
CA GLY K 90 51.40 32.33 25.01
C GLY K 90 51.86 31.29 24.02
N ARG K 91 50.95 30.65 23.30
CA ARG K 91 51.29 29.68 22.27
C ARG K 91 51.38 30.41 20.95
N LEU K 92 52.61 30.65 20.48
CA LEU K 92 52.82 31.38 19.24
C LEU K 92 52.68 30.44 18.05
N ILE K 93 51.85 30.82 17.09
CA ILE K 93 51.64 30.01 15.90
C ILE K 93 52.53 30.52 14.77
N VAL L 1 -15.72 15.99 64.97
CA VAL L 1 -14.44 15.65 64.34
C VAL L 1 -13.78 16.91 63.83
N THR L 2 -12.51 17.09 64.19
CA THR L 2 -11.75 18.26 63.76
C THR L 2 -11.20 18.04 62.36
N ARG L 3 -11.37 19.04 61.50
CA ARG L 3 -10.89 19.00 60.13
C ARG L 3 -9.72 19.96 60.01
N TYR L 4 -8.56 19.43 59.65
CA TYR L 4 -7.37 20.23 59.45
C TYR L 4 -7.26 20.68 58.01
N PRO L 5 -6.46 21.71 57.74
CA PRO L 5 -6.21 22.09 56.35
C PRO L 5 -5.63 20.93 55.56
N SER L 6 -6.06 20.80 54.32
CA SER L 6 -5.68 19.65 53.50
C SER L 6 -4.16 19.60 53.34
N GLY L 7 -3.60 18.41 53.53
CA GLY L 7 -2.18 18.18 53.31
C GLY L 7 -1.28 18.65 54.42
N THR L 8 -1.83 19.09 55.55
CA THR L 8 -1.02 19.64 56.63
C THR L 8 -0.83 18.70 57.81
N ARG L 9 -1.77 17.80 58.06
CA ARG L 9 -1.72 16.89 59.20
C ARG L 9 -1.76 15.45 58.71
N THR L 10 -0.89 14.61 59.26
CA THR L 10 -0.85 13.21 58.87
C THR L 10 -1.97 12.43 59.55
N ILE L 11 -2.43 11.39 58.87
CA ILE L 11 -3.42 10.46 59.43
C ILE L 11 -2.78 9.13 59.82
N MET L 12 -1.49 8.96 59.57
CA MET L 12 -0.80 7.72 59.85
C MET L 12 -0.45 7.57 61.32
N SER L 13 -0.42 8.66 62.09
CA SER L 13 -0.01 8.62 63.47
C SER L 13 -0.82 9.59 64.31
N PRO L 14 -1.13 9.24 65.56
CA PRO L 14 -1.76 10.21 66.46
C PRO L 14 -0.85 11.37 66.81
N TYR L 15 0.46 11.17 66.72
CA TYR L 15 1.42 12.22 67.00
C TYR L 15 1.61 13.08 65.76
N PRO L 16 1.35 14.39 65.83
CA PRO L 16 1.49 15.22 64.62
C PRO L 16 2.87 15.21 64.03
N GLY L 17 3.90 14.97 64.83
CA GLY L 17 5.28 15.03 64.39
C GLY L 17 6.05 16.12 65.10
N GLY L 18 7.37 16.06 64.94
CA GLY L 18 8.25 17.03 65.53
C GLY L 18 8.40 18.27 64.67
N PRO L 19 9.08 19.27 65.22
CA PRO L 19 9.22 20.54 64.46
C PRO L 19 9.75 20.36 63.05
N VAL L 20 10.85 19.65 62.87
CA VAL L 20 11.40 19.47 61.54
C VAL L 20 10.39 18.77 60.64
N TYR L 21 9.75 17.71 61.15
CA TYR L 21 8.77 16.99 60.35
C TYR L 21 7.65 17.92 59.91
N GLN L 22 7.07 18.66 60.86
CA GLN L 22 5.97 19.54 60.51
C GLN L 22 6.41 20.59 59.49
N TRP L 23 7.61 21.14 59.66
CA TRP L 23 8.11 22.11 58.69
C TRP L 23 8.20 21.50 57.30
N LEU L 24 8.74 20.28 57.20
CA LEU L 24 8.86 19.63 55.90
C LEU L 24 7.49 19.38 55.29
N ARG L 25 6.54 18.89 56.09
CA ARG L 25 5.23 18.58 55.55
C ARG L 25 4.50 19.83 55.09
N ILE L 26 4.50 20.87 55.93
CA ILE L 26 3.78 22.09 55.59
C ILE L 26 4.40 22.73 54.36
N ASN L 27 5.72 22.81 54.31
CA ASN L 27 6.38 23.55 53.24
C ASN L 27 6.36 22.80 51.91
N TYR L 28 6.44 21.47 51.93
CA TYR L 28 6.24 20.74 50.69
C TYR L 28 4.83 20.95 50.16
N ASN L 29 3.85 20.94 51.05
CA ASN L 29 2.47 21.18 50.64
C ASN L 29 2.33 22.56 50.00
N TYR L 30 2.97 23.57 50.58
CA TYR L 30 2.93 24.90 49.99
C TYR L 30 3.68 24.95 48.67
N PHE L 31 4.89 24.37 48.63
CA PHE L 31 5.68 24.44 47.41
C PHE L 31 4.96 23.78 46.25
N LYS L 32 4.36 22.61 46.47
CA LYS L 32 3.64 21.94 45.40
C LYS L 32 2.46 22.77 44.91
N ARG L 33 1.65 23.26 45.84
CA ARG L 33 0.36 23.85 45.47
C ARG L 33 0.49 25.28 44.97
N TYR L 34 1.47 26.03 45.47
CA TYR L 34 1.54 27.46 45.17
C TYR L 34 2.85 27.89 44.51
N GLN L 35 3.84 27.00 44.37
CA GLN L 35 5.07 27.35 43.68
C GLN L 35 5.37 26.45 42.49
N TRP L 36 5.54 25.14 42.69
CA TRP L 36 5.79 24.22 41.58
C TRP L 36 4.67 24.28 40.55
N ARG L 37 3.41 24.24 41.01
CA ARG L 37 2.29 24.15 40.11
C ARG L 37 2.03 25.45 39.35
N ARG L 38 2.78 26.52 39.62
CA ARG L 38 2.70 27.71 38.79
C ARG L 38 3.17 27.41 37.38
N VAL L 39 4.20 26.56 37.24
CA VAL L 39 4.72 26.22 35.93
C VAL L 39 3.69 25.41 35.15
N GLY L 40 3.08 24.42 35.81
CA GLY L 40 2.11 23.59 35.11
C GLY L 40 0.89 24.37 34.67
N ARG L 41 0.36 25.22 35.55
CA ARG L 41 -0.78 26.04 35.17
C ARG L 41 -0.43 26.99 34.04
N TRP L 42 0.78 27.55 34.07
CA TRP L 42 1.23 28.44 33.01
C TRP L 42 1.31 27.72 31.67
N GLN L 43 1.87 26.51 31.67
CA GLN L 43 1.97 25.76 30.42
C GLN L 43 0.60 25.31 29.93
N MET L 44 -0.26 24.89 30.85
CA MET L 44 -1.55 24.35 30.45
C MET L 44 -2.46 25.43 29.87
N ARG L 45 -2.46 26.62 30.45
CA ARG L 45 -3.39 27.65 30.04
C ARG L 45 -2.81 28.59 29.00
N SER L 46 -1.62 29.14 29.25
CA SER L 46 -1.08 30.17 28.39
C SER L 46 -0.39 29.64 27.14
N TRP L 47 -0.13 28.34 27.07
CA TRP L 47 0.61 27.78 25.95
C TRP L 47 -0.04 26.48 25.48
N CYS L 48 -1.35 26.51 25.30
CA CYS L 48 -2.08 25.34 24.82
C CYS L 48 -2.01 25.29 23.29
N TYR L 49 -1.52 24.16 22.78
CA TYR L 49 -1.37 23.98 21.34
C TYR L 49 -2.72 23.88 20.64
N TRP L 50 -3.76 23.50 21.36
CA TRP L 50 -5.09 23.37 20.78
C TRP L 50 -5.88 24.67 20.86
N LYS L 51 -5.64 25.49 21.89
CA LYS L 51 -6.23 26.82 21.92
C LYS L 51 -5.67 27.66 20.78
N ALA L 52 -4.40 27.47 20.47
CA ALA L 52 -3.73 28.25 19.44
C ALA L 52 -4.23 27.94 18.04
N ALA L 53 -4.84 26.77 17.84
CA ALA L 53 -5.40 26.44 16.53
C ALA L 53 -6.69 27.20 16.27
N PHE L 54 -7.40 27.58 17.33
CA PHE L 54 -8.64 28.32 17.22
C PHE L 54 -8.45 29.82 17.45
N TYR L 55 -7.21 30.28 17.56
CA TYR L 55 -6.94 31.70 17.65
C TYR L 55 -7.33 32.40 16.36
N GLY L 56 -8.11 33.46 16.47
CA GLY L 56 -8.53 34.22 15.31
C GLY L 56 -9.71 33.67 14.56
N VAL L 57 -10.29 32.57 15.02
CA VAL L 57 -11.48 31.99 14.43
C VAL L 57 -12.69 32.67 15.05
N PRO L 58 -13.71 33.04 14.28
CA PRO L 58 -14.88 33.68 14.87
C PRO L 58 -15.52 32.80 15.94
N GLU L 59 -16.24 33.44 16.85
CA GLU L 59 -17.01 32.71 17.84
C GLU L 59 -18.07 31.87 17.17
N TRP L 60 -18.42 30.76 17.81
CA TRP L 60 -19.52 29.93 17.35
C TRP L 60 -20.82 30.50 17.90
N ASN L 61 -21.64 31.03 17.01
CA ASN L 61 -22.89 31.65 17.44
C ASN L 61 -23.86 30.59 17.95
N ILE L 62 -24.62 30.95 18.98
CA ILE L 62 -25.64 30.04 19.48
C ILE L 62 -26.74 29.85 18.45
N ASP L 63 -27.07 30.90 17.72
CA ASP L 63 -28.03 30.76 16.63
C ASP L 63 -27.40 29.91 15.54
N PRO L 64 -27.99 28.77 15.18
CA PRO L 64 -27.32 27.85 14.26
C PRO L 64 -27.10 28.42 12.87
N THR L 65 -27.90 29.40 12.44
CA THR L 65 -27.82 29.91 11.08
C THR L 65 -26.79 31.00 10.89
N LYS L 66 -26.10 31.41 11.95
CA LYS L 66 -25.11 32.47 11.85
C LYS L 66 -23.68 31.96 11.79
N ASN L 67 -23.50 30.65 11.60
CA ASN L 67 -22.18 30.04 11.51
C ASN L 67 -21.88 29.51 10.12
N GLN L 68 -22.57 30.02 9.10
CA GLN L 68 -22.44 29.47 7.76
C GLN L 68 -21.06 29.66 7.18
N TRP L 69 -20.22 30.51 7.79
CA TRP L 69 -18.85 30.65 7.33
C TRP L 69 -18.07 29.35 7.46
N ARG L 70 -18.56 28.40 8.27
CA ARG L 70 -17.87 27.13 8.40
C ARG L 70 -17.76 26.42 7.06
N TRP L 71 -18.85 26.42 6.28
CA TRP L 71 -18.83 25.77 4.98
C TRP L 71 -18.75 26.76 3.82
N CYS L 72 -19.07 28.03 4.05
CA CYS L 72 -18.93 29.02 2.99
C CYS L 72 -17.47 29.38 2.75
N VAL L 73 -16.64 29.29 3.79
CA VAL L 73 -15.23 29.64 3.71
C VAL L 73 -14.40 28.40 4.00
N ASP L 74 -13.35 28.19 3.22
CA ASP L 74 -12.48 27.07 3.44
C ASP L 74 -11.77 27.20 4.80
N PRO L 75 -11.46 26.09 5.47
CA PRO L 75 -10.81 26.19 6.77
C PRO L 75 -9.47 26.90 6.73
N ALA L 76 -8.76 26.84 5.61
CA ALA L 76 -7.47 27.49 5.52
C ALA L 76 -7.57 29.01 5.66
N TRP L 77 -8.77 29.58 5.50
CA TRP L 77 -8.97 31.01 5.59
C TRP L 77 -10.02 31.38 6.63
N TYR L 78 -10.17 30.55 7.67
CA TYR L 78 -11.04 30.93 8.78
C TYR L 78 -10.52 32.13 9.54
N GLY L 79 -9.24 32.45 9.40
CA GLY L 79 -8.60 33.52 10.13
C GLY L 79 -8.74 34.90 9.52
N GLY L 80 -9.50 35.03 8.43
CA GLY L 80 -9.67 36.34 7.83
C GLY L 80 -8.37 36.87 7.26
N MET L 81 -8.07 38.13 7.56
CA MET L 81 -6.89 38.76 6.98
C MET L 81 -5.61 38.07 7.42
N ARG L 82 -5.57 37.54 8.63
CA ARG L 82 -4.36 36.87 9.10
C ARG L 82 -4.01 35.70 8.18
N ASP L 83 -5.01 34.88 7.86
CA ASP L 83 -4.77 33.72 7.01
C ASP L 83 -4.51 34.14 5.56
N LYS L 84 -5.18 35.19 5.10
CA LYS L 84 -4.91 35.70 3.76
C LYS L 84 -3.52 36.31 3.68
N ALA L 85 -3.07 36.95 4.76
CA ALA L 85 -1.74 37.54 4.79
C ALA L 85 -0.66 36.48 4.70
N ASN L 86 -0.82 35.37 5.42
CA ASN L 86 0.20 34.32 5.39
C ASN L 86 0.35 33.77 3.98
N MET L 87 -0.77 33.50 3.31
CA MET L 87 -0.70 33.06 1.92
C MET L 87 -0.04 34.11 1.04
N ASP L 88 -0.43 35.37 1.22
CA ASP L 88 0.11 36.43 0.37
C ASP L 88 1.61 36.59 0.58
N MET L 89 2.08 36.49 1.81
CA MET L 89 3.51 36.64 2.08
C MET L 89 4.30 35.57 1.35
N TYR L 90 3.88 34.31 1.46
CA TYR L 90 4.57 33.25 0.74
C TYR L 90 4.49 33.45 -0.76
N ARG L 91 3.40 34.04 -1.24
CA ARG L 91 3.27 34.34 -2.66
C ARG L 91 4.37 35.30 -3.11
N LEU L 92 4.74 36.24 -2.27
CA LEU L 92 5.76 37.22 -2.63
C LEU L 92 7.12 36.59 -2.83
N MET L 93 7.33 35.37 -2.35
CA MET L 93 8.63 34.71 -2.41
C MET L 93 8.80 33.86 -3.66
N VAL L 94 7.84 33.87 -4.58
CA VAL L 94 7.90 32.99 -5.74
C VAL L 94 9.11 33.32 -6.59
N TYR L 95 9.18 34.54 -7.11
CA TYR L 95 10.29 34.91 -7.98
C TYR L 95 11.64 34.85 -7.29
N PRO L 96 11.79 35.30 -6.05
CA PRO L 96 13.06 35.05 -5.35
C PRO L 96 13.45 33.60 -5.35
N PHE L 97 12.48 32.69 -5.20
CA PHE L 97 12.78 31.28 -5.28
C PHE L 97 13.26 30.88 -6.67
N PHE L 98 12.63 31.40 -7.71
CA PHE L 98 13.04 31.06 -9.07
C PHE L 98 14.48 31.46 -9.33
N GLY L 99 14.86 32.68 -8.93
CA GLY L 99 16.24 33.09 -9.08
C GLY L 99 17.19 32.20 -8.30
N TYR L 100 16.81 31.84 -7.08
CA TYR L 100 17.65 30.98 -6.26
C TYR L 100 17.80 29.61 -6.90
N ALA L 101 16.70 29.02 -7.36
CA ALA L 101 16.76 27.72 -7.99
C ALA L 101 17.55 27.77 -9.29
N LEU L 102 17.34 28.83 -10.09
CA LEU L 102 18.08 28.97 -11.32
C LEU L 102 19.57 29.09 -11.07
N LEU L 103 19.96 29.73 -9.96
CA LEU L 103 21.37 29.83 -9.63
C LEU L 103 21.97 28.45 -9.38
N TYR L 104 21.23 27.58 -8.68
CA TYR L 104 21.75 26.24 -8.42
C TYR L 104 22.02 25.50 -9.71
N LEU L 105 21.11 25.62 -10.68
CA LEU L 105 21.34 25.00 -11.98
C LEU L 105 22.58 25.55 -12.64
N HIS L 106 22.79 26.87 -12.57
CA HIS L 106 24.00 27.47 -13.11
C HIS L 106 25.22 26.97 -12.38
N SER L 107 25.14 26.83 -11.05
CA SER L 107 26.30 26.37 -10.29
C SER L 107 26.74 24.98 -10.73
N ARG L 108 25.79 24.05 -10.83
CA ARG L 108 26.13 22.71 -11.29
C ARG L 108 26.60 22.72 -12.74
N PHE L 109 25.94 23.50 -13.59
CA PHE L 109 26.31 23.55 -14.99
C PHE L 109 27.74 24.04 -15.17
N LYS L 110 28.13 25.05 -14.38
CA LYS L 110 29.48 25.58 -14.48
C LYS L 110 30.51 24.59 -13.93
N GLN L 111 30.23 24.03 -12.75
CA GLN L 111 31.19 23.14 -12.12
C GLN L 111 31.47 21.90 -12.95
N ASN L 112 30.55 21.50 -13.82
CA ASN L 112 30.74 20.36 -14.70
C ASN L 112 31.40 20.74 -16.01
N ASP L 113 31.85 22.00 -16.15
CA ASP L 113 32.56 22.43 -17.34
C ASP L 113 31.70 22.31 -18.59
N LYS L 114 30.39 22.46 -18.44
CA LYS L 114 29.49 22.36 -19.58
C LYS L 114 29.45 23.65 -20.40
N TYR L 115 29.94 24.76 -19.85
CA TYR L 115 30.03 25.99 -20.63
C TYR L 115 31.20 25.98 -21.60
N ASN L 116 32.22 25.15 -21.39
CA ASN L 116 33.37 25.09 -22.27
C ASN L 116 33.21 24.03 -23.35
N VAL L 117 31.97 23.69 -23.72
CA VAL L 117 31.77 22.67 -24.73
C VAL L 117 32.39 23.10 -26.05
N PHE L 118 32.23 24.36 -26.42
CA PHE L 118 32.79 24.86 -27.67
C PHE L 118 34.24 25.28 -27.53
N ALA L 119 34.58 25.93 -26.41
CA ALA L 119 35.96 26.36 -26.19
C ALA L 119 36.90 25.17 -26.08
N LYS L 120 36.38 24.01 -25.65
CA LYS L 120 37.22 22.83 -25.51
C LYS L 120 37.80 22.42 -26.86
N TRP L 121 37.00 22.48 -27.91
CA TRP L 121 37.41 22.02 -29.24
C TRP L 121 37.78 23.15 -30.18
N ARG L 122 37.91 24.37 -29.68
CA ARG L 122 38.31 25.49 -30.52
C ARG L 122 39.80 25.77 -30.38
N ALA M 1 -25.86 -42.29 -56.66
CA ALA M 1 -26.79 -41.25 -56.27
C ALA M 1 -27.91 -41.84 -55.41
N ALA M 2 -28.34 -43.05 -55.75
CA ALA M 2 -29.34 -43.73 -54.93
C ALA M 2 -28.80 -44.01 -53.54
N VAL M 3 -27.56 -44.49 -53.45
CA VAL M 3 -26.93 -44.71 -52.15
C VAL M 3 -26.69 -43.39 -51.45
N ARG M 4 -26.33 -42.35 -52.21
CA ARG M 4 -26.11 -41.03 -51.62
C ARG M 4 -27.37 -40.53 -50.91
N SER M 5 -28.51 -40.59 -51.59
CA SER M 5 -29.76 -40.16 -50.96
C SER M 5 -30.13 -41.07 -49.81
N GLN M 6 -29.81 -42.36 -49.92
CA GLN M 6 -30.13 -43.31 -48.86
C GLN M 6 -29.39 -42.96 -47.57
N ILE M 7 -28.07 -42.78 -47.65
CA ILE M 7 -27.29 -42.45 -46.46
C ILE M 7 -27.63 -41.04 -45.97
N GLU M 8 -27.91 -40.12 -46.89
CA GLU M 8 -28.32 -38.78 -46.49
C GLU M 8 -29.63 -38.81 -45.71
N ALA M 9 -30.57 -39.64 -46.16
CA ALA M 9 -31.85 -39.76 -45.46
C ALA M 9 -31.71 -40.57 -44.17
N ALA M 10 -30.73 -41.48 -44.12
CA ALA M 10 -30.51 -42.25 -42.91
C ALA M 10 -29.88 -41.39 -41.81
N VAL M 11 -28.87 -40.60 -42.18
CA VAL M 11 -28.26 -39.70 -41.21
C VAL M 11 -29.28 -38.69 -40.70
N TYR M 12 -30.02 -38.08 -41.63
CA TYR M 12 -30.98 -37.04 -41.26
C TYR M 12 -31.97 -37.51 -40.21
N LYS M 13 -32.56 -38.69 -40.43
CA LYS M 13 -33.58 -39.19 -39.51
C LYS M 13 -33.01 -39.39 -38.12
N TRP M 14 -31.79 -39.92 -38.03
CA TRP M 14 -31.20 -40.22 -36.73
C TRP M 14 -30.82 -38.95 -35.96
N THR M 15 -30.48 -37.87 -36.67
CA THR M 15 -29.98 -36.68 -36.03
C THR M 15 -31.06 -35.70 -35.58
N ARG M 16 -32.30 -35.91 -35.99
CA ARG M 16 -33.35 -34.96 -35.66
C ARG M 16 -33.40 -34.77 -34.14
N PRO M 17 -33.30 -33.54 -33.65
CA PRO M 17 -33.12 -33.33 -32.21
C PRO M 17 -34.38 -33.65 -31.41
N ARG M 18 -34.15 -34.09 -30.17
CA ARG M 18 -35.18 -34.34 -29.19
C ARG M 18 -35.27 -33.13 -28.26
N PRO M 19 -36.37 -32.94 -27.54
CA PRO M 19 -36.50 -31.74 -26.71
C PRO M 19 -35.42 -31.68 -25.64
N PRO M 20 -34.88 -30.50 -25.35
CA PRO M 20 -33.79 -30.40 -24.38
C PRO M 20 -34.23 -30.71 -22.96
N ARG M 21 -33.33 -31.31 -22.18
CA ARG M 21 -33.52 -31.52 -20.76
C ARG M 21 -33.09 -30.25 -20.04
N LEU M 22 -34.03 -29.32 -19.86
CA LEU M 22 -33.68 -28.02 -19.32
C LEU M 22 -32.96 -28.15 -17.99
N GLY M 23 -31.81 -27.48 -17.89
CA GLY M 23 -31.05 -27.43 -16.65
C GLY M 23 -31.38 -26.19 -15.85
N VAL M 24 -32.58 -25.66 -16.06
CA VAL M 24 -33.02 -24.43 -15.42
C VAL M 24 -34.50 -24.58 -15.07
N ALA M 25 -34.92 -23.90 -13.99
CA ALA M 25 -36.27 -24.00 -13.46
C ALA M 25 -37.17 -22.95 -14.10
N VAL M 26 -37.70 -23.29 -15.27
CA VAL M 26 -38.58 -22.37 -16.00
C VAL M 26 -40.02 -22.87 -15.93
N PRO M 27 -41.02 -21.99 -16.12
CA PRO M 27 -42.41 -22.44 -16.14
C PRO M 27 -42.74 -23.14 -17.44
N ARG M 28 -43.89 -23.81 -17.45
CA ARG M 28 -44.45 -24.33 -18.69
C ARG M 28 -45.23 -23.22 -19.38
N SER M 29 -45.03 -23.09 -20.69
CA SER M 29 -45.78 -22.10 -21.44
C SER M 29 -47.27 -22.41 -21.34
N PRO M 30 -48.13 -21.41 -21.16
CA PRO M 30 -49.56 -21.67 -21.14
C PRO M 30 -49.98 -22.41 -22.39
N PRO M 31 -51.00 -23.26 -22.33
CA PRO M 31 -51.36 -24.03 -23.52
C PRO M 31 -52.08 -23.17 -24.55
N GLY M 32 -51.70 -23.35 -25.81
CA GLY M 32 -52.29 -22.59 -26.89
C GLY M 32 -51.63 -21.25 -27.16
N THR M 33 -50.43 -21.05 -26.65
CA THR M 33 -49.72 -19.77 -26.79
C THR M 33 -48.82 -19.82 -28.01
N GLY M 34 -49.05 -18.90 -28.94
CA GLY M 34 -48.30 -18.84 -30.19
C GLY M 34 -47.11 -17.91 -30.11
N ILE M 35 -46.80 -17.30 -31.25
CA ILE M 35 -45.66 -16.40 -31.34
C ILE M 35 -46.07 -15.06 -30.72
N LEU M 36 -45.29 -14.61 -29.74
CA LEU M 36 -45.54 -13.34 -29.08
C LEU M 36 -44.50 -12.29 -29.39
N PHE M 37 -43.27 -12.68 -29.66
CA PHE M 37 -42.19 -11.75 -29.94
C PHE M 37 -42.10 -11.50 -31.45
N HIS M 38 -41.13 -10.69 -31.85
CA HIS M 38 -40.96 -10.28 -33.23
C HIS M 38 -39.52 -10.51 -33.65
N THR M 39 -39.26 -10.31 -34.94
CA THR M 39 -37.93 -10.57 -35.49
C THR M 39 -36.93 -9.45 -35.23
N ASN M 40 -37.37 -8.32 -34.68
CA ASN M 40 -36.45 -7.25 -34.34
C ASN M 40 -35.78 -7.47 -32.99
N MET M 41 -36.12 -8.54 -32.29
CA MET M 41 -35.41 -8.89 -31.07
C MET M 41 -33.96 -9.18 -31.38
N GLN M 42 -33.09 -8.90 -30.42
CA GLN M 42 -31.67 -9.19 -30.59
C GLN M 42 -31.49 -10.63 -31.04
N THR M 43 -30.74 -10.82 -32.12
CA THR M 43 -30.63 -12.13 -32.72
C THR M 43 -30.05 -13.13 -31.72
N ILE M 44 -30.63 -14.33 -31.71
CA ILE M 44 -30.15 -15.44 -30.89
C ILE M 44 -29.44 -16.41 -31.82
N ARG M 45 -28.19 -16.73 -31.48
CA ARG M 45 -27.36 -17.51 -32.38
C ARG M 45 -27.98 -18.86 -32.67
N TYR M 46 -27.88 -19.28 -33.94
CA TYR M 46 -28.38 -20.58 -34.36
C TYR M 46 -27.33 -21.64 -34.06
N SER M 47 -27.67 -22.57 -33.17
CA SER M 47 -26.75 -23.58 -32.68
C SER M 47 -27.16 -24.96 -33.15
N LEU M 48 -26.18 -25.74 -33.60
CA LEU M 48 -26.43 -27.11 -34.02
C LEU M 48 -26.84 -27.97 -32.83
N SER M 49 -27.64 -29.00 -33.10
CA SER M 49 -28.02 -29.92 -32.06
C SER M 49 -26.84 -30.83 -31.71
N PRO M 50 -26.78 -31.35 -30.47
CA PRO M 50 -25.59 -32.09 -30.05
C PRO M 50 -25.14 -33.18 -31.01
N LYS M 51 -26.06 -34.01 -31.49
CA LYS M 51 -25.68 -35.10 -32.38
C LYS M 51 -25.04 -34.58 -33.66
N VAL M 52 -25.66 -33.59 -34.29
CA VAL M 52 -25.12 -33.02 -35.52
C VAL M 52 -23.76 -32.40 -35.25
N TRP M 53 -23.61 -31.70 -34.12
CA TRP M 53 -22.34 -31.07 -33.80
C TRP M 53 -21.23 -32.10 -33.68
N VAL M 54 -21.52 -33.23 -33.03
CA VAL M 54 -20.52 -34.29 -32.89
C VAL M 54 -20.16 -34.86 -34.26
N LEU M 55 -21.16 -35.09 -35.10
CA LEU M 55 -20.89 -35.69 -36.41
C LEU M 55 -19.98 -34.80 -37.24
N VAL M 56 -20.30 -33.52 -37.36
CA VAL M 56 -19.50 -32.63 -38.20
C VAL M 56 -18.14 -32.37 -37.56
N THR M 57 -18.11 -32.18 -36.24
CA THR M 57 -16.85 -31.97 -35.56
C THR M 57 -15.96 -33.20 -35.67
N GLY M 58 -16.55 -34.38 -35.60
CA GLY M 58 -15.78 -35.60 -35.79
C GLY M 58 -15.27 -35.75 -37.21
N ALA M 59 -16.09 -35.38 -38.19
CA ALA M 59 -15.63 -35.40 -39.58
C ALA M 59 -14.46 -34.44 -39.76
N ALA M 60 -14.49 -33.30 -39.08
CA ALA M 60 -13.39 -32.34 -39.16
C ALA M 60 -12.11 -32.93 -38.56
N LEU M 61 -12.22 -33.60 -37.42
CA LEU M 61 -11.05 -34.18 -36.78
C LEU M 61 -10.48 -35.31 -37.63
N VAL M 62 -11.36 -36.17 -38.16
CA VAL M 62 -10.90 -37.23 -39.06
C VAL M 62 -10.30 -36.64 -40.32
N GLY M 63 -10.75 -35.44 -40.72
CA GLY M 63 -10.23 -34.82 -41.91
C GLY M 63 -8.85 -34.24 -41.74
N VAL M 64 -8.61 -33.55 -40.63
CA VAL M 64 -7.33 -32.87 -40.45
C VAL M 64 -6.20 -33.87 -40.26
N PHE M 65 -6.47 -34.96 -39.52
CA PHE M 65 -5.41 -35.93 -39.27
C PHE M 65 -5.18 -36.85 -40.46
N SER M 66 -6.21 -37.12 -41.26
CA SER M 66 -5.98 -37.80 -42.53
C SER M 66 -5.24 -36.89 -43.51
N GLY M 67 -5.50 -35.58 -43.45
CA GLY M 67 -4.72 -34.65 -44.25
C GLY M 67 -3.28 -34.59 -43.81
N GLN M 68 -3.05 -34.63 -42.50
CA GLN M 68 -1.67 -34.68 -42.00
C GLN M 68 -0.96 -35.92 -42.50
N ARG M 69 -1.65 -37.07 -42.50
CA ARG M 69 -1.04 -38.29 -43.01
C ARG M 69 -0.77 -38.20 -44.51
N PHE M 70 -1.70 -37.63 -45.27
CA PHE M 70 -1.47 -37.49 -46.70
C PHE M 70 -0.23 -36.66 -47.00
N ALA M 71 -0.07 -35.55 -46.28
CA ALA M 71 1.11 -34.72 -46.47
C ALA M 71 2.38 -35.45 -46.08
N GLN M 72 2.32 -36.23 -45.00
CA GLN M 72 3.53 -36.91 -44.52
C GLN M 72 3.97 -38.01 -45.47
N THR M 73 3.05 -38.70 -46.13
CA THR M 73 3.39 -39.86 -46.93
C THR M 73 3.60 -39.55 -48.41
N VAL M 74 3.00 -38.49 -48.93
CA VAL M 74 3.04 -38.17 -50.35
C VAL M 74 3.84 -36.90 -50.61
N LEU M 75 3.48 -35.80 -49.93
CA LEU M 75 4.10 -34.52 -50.22
C LEU M 75 5.51 -34.42 -49.64
N LEU M 76 5.72 -34.97 -48.46
CA LEU M 76 7.03 -34.89 -47.80
C LEU M 76 7.86 -36.12 -48.12
N SER M 77 9.15 -36.03 -47.81
CA SER M 77 10.10 -37.09 -48.07
C SER M 77 10.88 -37.40 -46.80
N LYS M 78 11.42 -38.62 -46.75
CA LYS M 78 12.23 -39.07 -45.63
C LYS M 78 13.69 -38.70 -45.84
N ASN M 79 14.40 -38.52 -44.74
CA ASN M 79 15.81 -38.20 -44.83
C ASN M 79 16.58 -39.38 -45.40
N PRO M 80 17.38 -39.18 -46.44
CA PRO M 80 18.32 -40.22 -46.85
C PRO M 80 19.44 -40.35 -45.85
N PRO M 81 20.18 -41.45 -45.86
CA PRO M 81 21.27 -41.60 -44.89
C PRO M 81 22.29 -40.49 -45.04
N ASN M 82 22.86 -40.07 -43.92
CA ASN M 82 23.82 -38.99 -43.94
C ASN M 82 25.01 -39.37 -44.81
N PRO M 83 25.65 -38.40 -45.47
CA PRO M 83 26.80 -38.73 -46.29
C PRO M 83 27.91 -39.35 -45.44
N PRO M 84 28.69 -40.26 -46.02
CA PRO M 84 29.81 -40.82 -45.27
C PRO M 84 30.73 -39.73 -44.75
N ARG M 85 31.20 -39.92 -43.51
CA ARG M 85 32.08 -38.97 -42.84
C ARG M 85 33.51 -39.45 -43.03
N TYR M 86 34.19 -38.91 -44.04
CA TYR M 86 35.57 -39.27 -44.34
C TYR M 86 36.51 -38.27 -43.68
N ARG M 87 37.74 -38.73 -43.44
CA ARG M 87 38.76 -37.85 -42.89
C ARG M 87 39.14 -36.78 -43.93
N GLU M 88 39.12 -35.52 -43.51
CA GLU M 88 39.44 -34.39 -44.37
C GLU M 88 40.50 -33.53 -43.70
N LYS M 89 41.36 -32.92 -44.51
CA LYS M 89 42.45 -32.11 -43.98
C LYS M 89 41.93 -30.76 -43.50
N PRO M 90 42.23 -30.35 -42.27
CA PRO M 90 41.84 -29.01 -41.82
C PRO M 90 42.75 -27.95 -42.39
N PRO M 91 42.34 -26.68 -42.38
CA PRO M 91 43.22 -25.61 -42.87
C PRO M 91 44.51 -25.55 -42.07
N VAL M 92 45.60 -25.22 -42.77
CA VAL M 92 46.92 -25.27 -42.15
C VAL M 92 47.01 -24.28 -41.01
N ARG M 93 46.54 -23.06 -41.22
CA ARG M 93 46.62 -22.00 -40.23
C ARG M 93 45.28 -21.33 -40.06
N HIS M 94 45.03 -20.84 -38.85
CA HIS M 94 43.92 -19.93 -38.64
C HIS M 94 44.19 -18.64 -39.42
N PRO M 95 43.19 -18.09 -40.10
CA PRO M 95 43.45 -16.90 -40.93
C PRO M 95 43.96 -15.71 -40.14
N HIS M 96 43.76 -15.71 -38.83
CA HIS M 96 44.13 -14.60 -37.98
C HIS M 96 45.40 -14.86 -37.18
N THR M 97 46.09 -15.97 -37.45
CA THR M 97 47.33 -16.27 -36.74
C THR M 97 48.43 -15.32 -37.16
N PRO M 98 49.10 -14.64 -36.23
CA PRO M 98 50.20 -13.76 -36.62
C PRO M 98 51.32 -14.53 -37.31
N ASP M 99 51.92 -13.90 -38.30
CA ASP M 99 52.96 -14.53 -39.10
C ASP M 99 54.34 -14.27 -38.50
N SER N 1 49.84 -30.93 13.66
CA SER N 1 50.74 -31.95 13.14
C SER N 1 50.88 -31.78 11.63
N PRO N 2 51.98 -32.26 11.05
CA PRO N 2 52.11 -32.20 9.59
C PRO N 2 50.96 -32.86 8.87
N GLU N 3 50.36 -33.88 9.47
CA GLU N 3 49.28 -34.62 8.84
C GLU N 3 47.95 -33.90 8.91
N ASP N 4 47.85 -32.79 9.63
CA ASP N 4 46.65 -31.96 9.60
C ASP N 4 46.61 -31.09 8.36
N TYR N 5 47.59 -31.23 7.47
CA TYR N 5 47.69 -30.46 6.23
C TYR N 5 47.90 -31.43 5.08
N PRO N 6 46.84 -32.13 4.66
CA PRO N 6 46.99 -33.24 3.70
C PRO N 6 47.63 -32.83 2.38
N THR N 7 48.67 -33.56 1.98
CA THR N 7 49.39 -33.33 0.74
C THR N 7 49.69 -34.67 0.05
N PRO N 8 49.53 -34.76 -1.27
CA PRO N 8 49.84 -36.02 -1.96
C PRO N 8 51.30 -36.42 -1.80
N GLN N 9 51.54 -37.72 -1.77
CA GLN N 9 52.87 -38.24 -1.49
C GLN N 9 53.87 -37.82 -2.54
N LYS N 10 53.43 -37.63 -3.79
CA LYS N 10 54.36 -37.27 -4.85
C LYS N 10 55.03 -35.93 -4.56
N TYR N 11 54.28 -34.96 -4.05
CA TYR N 11 54.85 -33.66 -3.75
C TYR N 11 55.76 -33.71 -2.54
N LEU N 12 55.42 -34.56 -1.56
CA LEU N 12 56.31 -34.72 -0.41
C LEU N 12 57.64 -35.33 -0.81
N GLU N 13 57.71 -35.99 -1.96
CA GLU N 13 58.94 -36.60 -2.43
C GLU N 13 59.71 -35.70 -3.38
N GLY N 14 59.27 -34.47 -3.61
CA GLY N 14 59.99 -33.52 -4.42
C GLY N 14 59.37 -33.18 -5.75
N ALA N 15 58.16 -33.66 -6.04
CA ALA N 15 57.53 -33.32 -7.31
C ALA N 15 57.18 -31.83 -7.35
N PRO N 16 57.32 -31.19 -8.51
CA PRO N 16 57.00 -29.76 -8.60
C PRO N 16 55.51 -29.49 -8.42
N ILE N 17 55.18 -28.56 -7.53
CA ILE N 17 53.80 -28.15 -7.30
C ILE N 17 53.40 -27.22 -8.44
N PRO N 18 52.20 -27.37 -9.01
CA PRO N 18 51.86 -26.56 -10.19
C PRO N 18 51.73 -25.08 -9.88
N SER N 19 52.08 -24.27 -10.87
CA SER N 19 51.88 -22.82 -10.82
C SER N 19 50.62 -22.46 -11.61
N TRP N 20 50.26 -21.18 -11.57
CA TRP N 20 49.11 -20.68 -12.31
C TRP N 20 49.54 -19.51 -13.19
N TYR N 21 48.86 -19.37 -14.33
CA TYR N 21 49.12 -18.32 -15.31
C TYR N 21 47.86 -17.51 -15.53
N SER N 22 48.00 -16.18 -15.50
CA SER N 22 46.89 -15.26 -15.70
C SER N 22 47.13 -14.43 -16.95
N PHE N 23 46.07 -14.19 -17.72
CA PHE N 23 46.14 -13.36 -18.91
C PHE N 23 44.88 -12.52 -19.02
N GLN N 24 45.01 -11.38 -19.70
CA GLN N 24 43.92 -10.43 -19.86
C GLN N 24 43.35 -10.54 -21.27
N SER N 25 42.02 -10.57 -21.37
CA SER N 25 41.32 -10.65 -22.64
C SER N 25 40.59 -9.34 -22.89
N ASN N 26 40.93 -8.66 -23.98
CA ASN N 26 40.39 -7.35 -24.31
C ASN N 26 39.77 -7.36 -25.70
N LEU N 27 38.75 -6.54 -25.87
CA LEU N 27 38.12 -6.38 -27.18
C LEU N 27 39.12 -5.82 -28.18
N VAL N 28 39.02 -6.29 -29.42
CA VAL N 28 39.81 -5.72 -30.51
C VAL N 28 39.11 -4.46 -30.99
N GLY N 29 39.84 -3.35 -31.00
CA GLY N 29 39.23 -2.08 -31.36
C GLY N 29 38.80 -2.04 -32.82
N ASP N 30 37.89 -1.12 -33.11
CA ASP N 30 37.38 -0.99 -34.47
C ASP N 30 38.50 -0.73 -35.46
N MET N 31 39.45 0.13 -35.08
CA MET N 31 40.55 0.45 -35.98
C MET N 31 41.58 -0.66 -36.08
N ASP N 32 41.58 -1.60 -35.13
CA ASP N 32 42.52 -2.71 -35.14
C ASP N 32 41.94 -3.98 -35.74
N LEU N 33 40.67 -3.97 -36.14
CA LEU N 33 40.06 -5.17 -36.70
C LEU N 33 40.71 -5.54 -38.02
N LYS N 34 40.83 -6.84 -38.25
CA LYS N 34 41.37 -7.41 -39.48
C LYS N 34 40.23 -7.78 -40.42
N PRO N 35 40.55 -8.12 -41.67
CA PRO N 35 39.47 -8.34 -42.64
C PRO N 35 38.44 -9.37 -42.22
N GLY N 36 38.83 -10.43 -41.54
CA GLY N 36 37.91 -11.49 -41.21
C GLY N 36 37.36 -11.50 -39.81
N MET N 37 37.80 -10.59 -38.95
CA MET N 37 37.37 -10.63 -37.55
C MET N 37 35.92 -10.17 -37.41
N ALA N 38 35.25 -10.77 -36.43
CA ALA N 38 33.87 -10.42 -36.12
C ALA N 38 33.84 -9.19 -35.23
N ARG N 39 33.17 -8.14 -35.69
CA ARG N 39 33.11 -6.90 -34.94
C ARG N 39 32.25 -7.07 -33.70
N MET N 40 32.70 -6.49 -32.59
CA MET N 40 32.06 -6.48 -31.28
C MET N 40 32.22 -7.80 -30.54
N LEU N 41 32.86 -8.80 -31.14
CA LEU N 41 33.00 -10.11 -30.51
C LEU N 41 34.43 -10.61 -30.42
N GLU N 42 35.34 -10.09 -31.23
CA GLU N 42 36.71 -10.57 -31.22
C GLU N 42 37.47 -10.04 -30.01
N VAL N 43 38.46 -10.81 -29.56
CA VAL N 43 39.33 -10.43 -28.46
C VAL N 43 40.77 -10.70 -28.85
N ASP N 44 41.70 -10.08 -28.13
CA ASP N 44 43.11 -10.23 -28.44
C ASP N 44 43.75 -11.46 -27.81
N LYS N 45 43.17 -11.99 -26.74
CA LYS N 45 43.62 -13.25 -26.14
C LYS N 45 42.40 -14.10 -25.84
N ARG N 46 42.27 -15.22 -26.54
CA ARG N 46 41.17 -16.14 -26.33
C ARG N 46 41.49 -17.11 -25.19
N LEU N 47 40.44 -17.71 -24.64
CA LEU N 47 40.58 -18.76 -23.63
C LEU N 47 40.46 -20.12 -24.32
N THR N 48 41.56 -20.86 -24.34
CA THR N 48 41.58 -22.19 -24.92
C THR N 48 41.27 -23.23 -23.84
N VAL N 49 40.41 -24.18 -24.18
CA VAL N 49 40.04 -25.26 -23.25
C VAL N 49 39.97 -26.57 -24.01
N PRO N 50 40.21 -27.67 -23.31
CA PRO N 50 40.09 -28.98 -23.94
C PRO N 50 38.65 -29.44 -24.03
N THR N 51 38.35 -30.16 -25.09
CA THR N 51 37.02 -30.71 -25.30
C THR N 51 36.93 -32.11 -24.68
N ARG N 52 35.70 -32.55 -24.42
CA ARG N 52 35.45 -33.85 -23.82
C ARG N 52 36.16 -33.97 -22.46
N THR N 53 36.09 -32.88 -21.68
CA THR N 53 36.67 -32.82 -20.35
C THR N 53 35.74 -32.04 -19.44
N HIS N 54 35.64 -32.48 -18.18
CA HIS N 54 34.86 -31.74 -17.19
C HIS N 54 35.70 -30.60 -16.64
N ILE N 55 35.22 -29.36 -16.82
CA ILE N 55 35.93 -28.16 -16.43
C ILE N 55 35.08 -27.40 -15.42
N ARG N 56 35.71 -26.97 -14.33
CA ARG N 56 35.05 -26.14 -13.32
C ARG N 56 35.44 -24.69 -13.55
N PHE N 57 34.46 -23.84 -13.85
CA PHE N 57 34.67 -22.41 -14.00
C PHE N 57 34.26 -21.72 -12.71
N LEU N 58 35.20 -21.01 -12.09
CA LEU N 58 34.93 -20.19 -10.91
C LEU N 58 34.93 -18.73 -11.34
N ILE N 59 33.78 -18.07 -11.20
CA ILE N 59 33.53 -16.75 -11.78
C ILE N 59 33.22 -15.76 -10.67
N THR N 60 33.93 -14.63 -10.68
CA THR N 60 33.67 -13.53 -9.75
C THR N 60 33.92 -12.21 -10.48
N GLY N 61 33.49 -11.12 -9.84
CA GLY N 61 33.72 -9.80 -10.37
C GLY N 61 34.51 -8.94 -9.40
N ALA N 62 35.55 -8.26 -9.90
CA ALA N 62 36.44 -7.53 -9.02
C ALA N 62 35.83 -6.22 -8.53
N ASP N 63 35.22 -5.45 -9.42
CA ASP N 63 34.78 -4.09 -9.10
C ASP N 63 33.27 -3.93 -9.13
N VAL N 64 32.63 -4.22 -10.25
CA VAL N 64 31.18 -4.12 -10.39
C VAL N 64 30.67 -5.49 -10.81
N ILE N 65 29.36 -5.64 -10.95
CA ILE N 65 28.78 -6.90 -11.37
C ILE N 65 28.83 -6.98 -12.89
N HIS N 66 29.63 -7.91 -13.41
CA HIS N 66 29.59 -8.30 -14.80
C HIS N 66 28.78 -9.59 -14.90
N SER N 67 28.80 -10.23 -16.07
CA SER N 67 28.17 -11.54 -16.23
C SER N 67 28.85 -12.28 -17.38
N TRP N 68 29.41 -13.44 -17.08
CA TRP N 68 30.12 -14.26 -18.07
C TRP N 68 29.11 -15.14 -18.78
N SER N 69 28.86 -14.84 -20.06
CA SER N 69 27.84 -15.53 -20.83
C SER N 69 28.48 -16.13 -22.08
N VAL N 70 28.29 -17.44 -22.26
CA VAL N 70 28.68 -18.13 -23.48
C VAL N 70 27.46 -18.93 -23.95
N PRO N 71 26.62 -18.35 -24.82
CA PRO N 71 25.35 -19.04 -25.19
C PRO N 71 25.50 -20.45 -25.70
N SER N 72 26.57 -20.76 -26.46
CA SER N 72 26.74 -22.10 -27.02
C SER N 72 27.03 -23.13 -25.94
N LEU N 73 27.69 -22.72 -24.85
CA LEU N 73 28.01 -23.61 -23.74
C LEU N 73 26.94 -23.60 -22.68
N GLY N 74 25.88 -22.84 -22.89
CA GLY N 74 24.78 -22.79 -21.93
C GLY N 74 25.19 -22.24 -20.59
N ILE N 75 26.05 -21.22 -20.58
CA ILE N 75 26.58 -20.64 -19.36
C ILE N 75 26.19 -19.17 -19.32
N LYS N 76 25.57 -18.75 -18.22
CA LYS N 76 25.34 -17.33 -17.95
C LYS N 76 25.42 -17.15 -16.43
N CYS N 77 26.61 -16.81 -15.96
CA CYS N 77 26.88 -16.68 -14.53
C CYS N 77 27.27 -15.24 -14.23
N ASP N 78 26.65 -14.66 -13.20
CA ASP N 78 26.94 -13.29 -12.82
C ASP N 78 28.25 -13.22 -12.06
N ALA N 79 29.15 -12.35 -12.52
CA ALA N 79 30.44 -12.12 -11.87
C ALA N 79 30.23 -11.04 -10.81
N THR N 80 29.75 -11.47 -9.66
CA THR N 80 29.41 -10.56 -8.58
C THR N 80 30.56 -10.45 -7.59
N PRO N 81 30.95 -9.24 -7.18
CA PRO N 81 31.96 -9.12 -6.13
C PRO N 81 31.52 -9.80 -4.84
N GLY N 82 32.41 -10.60 -4.27
CA GLY N 82 32.13 -11.31 -3.05
C GLY N 82 31.60 -12.72 -3.23
N ARG N 83 31.26 -13.12 -4.44
CA ARG N 83 30.74 -14.45 -4.71
C ARG N 83 31.58 -15.11 -5.80
N LEU N 84 32.13 -16.27 -5.48
CA LEU N 84 32.94 -17.07 -6.42
C LEU N 84 32.08 -18.24 -6.87
N VAL N 85 31.27 -18.01 -7.89
CA VAL N 85 30.26 -18.99 -8.32
C VAL N 85 30.92 -20.07 -9.15
N LYS N 86 30.60 -21.33 -8.82
CA LYS N 86 31.11 -22.50 -9.52
C LYS N 86 30.16 -22.89 -10.65
N ILE N 87 30.71 -23.06 -11.85
CA ILE N 87 29.96 -23.52 -13.01
C ILE N 87 30.73 -24.68 -13.63
N ASN N 88 30.06 -25.83 -13.78
CA ASN N 88 30.67 -27.02 -14.39
C ASN N 88 30.21 -27.15 -15.84
N THR N 89 31.13 -27.54 -16.72
CA THR N 89 30.84 -27.67 -18.14
C THR N 89 31.56 -28.88 -18.72
N PHE N 90 31.00 -29.40 -19.83
CA PHE N 90 31.59 -30.52 -20.56
C PHE N 90 31.38 -30.27 -22.05
N ILE N 91 32.39 -29.73 -22.72
CA ILE N 91 32.28 -29.43 -24.14
C ILE N 91 32.30 -30.71 -24.95
N GLN N 92 31.44 -30.79 -25.97
CA GLN N 92 31.29 -31.99 -26.75
C GLN N 92 31.86 -31.86 -28.15
N ARG N 93 31.98 -30.63 -28.69
CA ARG N 93 32.47 -30.40 -30.03
C ARG N 93 33.48 -29.26 -30.01
N GLU N 94 34.45 -29.32 -30.93
CA GLU N 94 35.42 -28.23 -31.10
C GLU N 94 34.77 -27.02 -31.75
N GLY N 95 35.39 -25.87 -31.58
CA GLY N 95 34.92 -24.65 -32.19
C GLY N 95 35.32 -23.44 -31.35
N VAL N 96 34.78 -22.30 -31.73
CA VAL N 96 34.98 -21.04 -31.04
C VAL N 96 33.60 -20.49 -30.69
N PHE N 97 33.35 -20.29 -29.40
CA PHE N 97 32.06 -19.87 -28.89
C PHE N 97 32.18 -18.44 -28.38
N TYR N 98 31.39 -17.53 -28.96
CA TYR N 98 31.45 -16.10 -28.65
C TYR N 98 30.33 -15.70 -27.71
N GLY N 99 30.66 -14.83 -26.75
CA GLY N 99 29.68 -14.31 -25.82
C GLY N 99 30.02 -12.88 -25.45
N GLN N 100 29.12 -12.27 -24.67
CA GLN N 100 29.25 -10.88 -24.28
C GLN N 100 28.87 -10.74 -22.81
N CYS N 101 29.40 -9.70 -22.17
CA CYS N 101 29.00 -9.41 -20.80
C CYS N 101 27.51 -9.16 -20.76
N SER N 102 26.84 -9.74 -19.77
CA SER N 102 25.39 -9.71 -19.67
C SER N 102 24.91 -9.00 -18.41
N GLU N 103 25.68 -8.06 -17.87
CA GLU N 103 25.20 -7.20 -16.80
C GLU N 103 25.79 -5.82 -17.00
N LEU N 104 24.92 -4.84 -17.18
CA LEU N 104 25.37 -3.46 -17.35
C LEU N 104 26.44 -3.14 -16.33
N CYS N 105 27.64 -2.84 -16.82
CA CYS N 105 28.82 -2.74 -15.98
C CYS N 105 29.49 -1.37 -16.07
N GLY N 106 28.92 -0.44 -16.82
CA GLY N 106 29.47 0.87 -16.98
C GLY N 106 29.47 1.28 -18.44
N THR N 107 30.36 2.22 -18.77
CA THR N 107 30.36 2.84 -20.08
C THR N 107 30.52 1.80 -21.18
N LEU N 108 31.49 0.90 -21.03
CA LEU N 108 31.84 -0.07 -22.06
C LEU N 108 31.32 -1.47 -21.74
N HIS N 109 30.09 -1.54 -21.24
CA HIS N 109 29.43 -2.83 -21.02
C HIS N 109 29.34 -3.64 -22.30
N ALA N 110 29.21 -2.97 -23.44
CA ALA N 110 29.05 -3.60 -24.74
C ALA N 110 30.37 -3.95 -25.41
N PHE N 111 31.50 -3.76 -24.73
CA PHE N 111 32.80 -3.86 -25.37
C PHE N 111 33.74 -4.79 -24.62
N MET N 112 33.21 -5.79 -23.93
CA MET N 112 34.03 -6.82 -23.28
C MET N 112 33.46 -8.19 -23.65
N PRO N 113 33.75 -8.68 -24.84
CA PRO N 113 33.23 -9.98 -25.27
C PRO N 113 33.98 -11.14 -24.62
N ILE N 114 33.38 -12.32 -24.75
CA ILE N 114 33.88 -13.55 -24.14
C ILE N 114 34.06 -14.55 -25.27
N VAL N 115 35.32 -14.89 -25.56
CA VAL N 115 35.65 -15.82 -26.63
C VAL N 115 36.31 -17.04 -26.02
N VAL N 116 35.72 -18.20 -26.23
CA VAL N 116 36.25 -19.48 -25.76
C VAL N 116 36.42 -20.38 -26.97
N GLU N 117 37.62 -20.93 -27.14
CA GLU N 117 37.91 -21.87 -28.21
C GLU N 117 38.19 -23.23 -27.60
N ALA N 118 37.43 -24.23 -28.05
CA ALA N 118 37.59 -25.60 -27.59
C ALA N 118 38.33 -26.41 -28.64
N VAL N 119 39.42 -27.05 -28.24
CA VAL N 119 40.28 -27.81 -29.13
C VAL N 119 40.42 -29.22 -28.58
N SER N 120 41.03 -30.09 -29.38
CA SER N 120 41.25 -31.46 -28.95
C SER N 120 42.18 -31.48 -27.74
N PRO N 121 42.04 -32.47 -26.87
CA PRO N 121 42.92 -32.52 -25.68
C PRO N 121 44.39 -32.53 -26.04
N GLU N 122 44.78 -33.22 -27.11
CA GLU N 122 46.19 -33.19 -27.50
C GLU N 122 46.60 -31.78 -27.94
N ALA N 123 45.72 -31.08 -28.64
CA ALA N 123 46.02 -29.71 -29.05
C ALA N 123 46.10 -28.78 -27.84
N PHE N 124 45.19 -28.94 -26.88
CA PHE N 124 45.19 -28.07 -25.71
C PHE N 124 46.48 -28.22 -24.93
N ALA N 125 46.98 -29.45 -24.79
CA ALA N 125 48.20 -29.69 -24.03
C ALA N 125 49.38 -29.00 -24.69
N ALA N 126 49.48 -29.08 -26.02
CA ALA N 126 50.57 -28.42 -26.73
C ALA N 126 50.49 -26.91 -26.57
N HIS N 127 49.28 -26.35 -26.70
CA HIS N 127 49.08 -24.92 -26.52
C HIS N 127 49.49 -24.47 -25.12
N ALA N 128 48.99 -25.17 -24.10
CA ALA N 128 49.30 -24.80 -22.73
C ALA N 128 50.79 -24.88 -22.46
N LYS N 129 51.46 -25.87 -23.05
CA LYS N 129 52.90 -26.02 -22.84
C LYS N 129 53.67 -24.86 -23.44
N LYS N 130 53.20 -24.30 -24.55
CA LYS N 130 53.89 -23.21 -25.23
C LYS N 130 53.49 -21.84 -24.70
N TRP N 131 52.22 -21.66 -24.34
CA TRP N 131 51.74 -20.37 -23.88
C TRP N 131 51.51 -20.39 -22.36
N ASP O 1 27.54 -21.16 -31.65
CA ASP O 1 28.82 -20.49 -31.57
C ASP O 1 28.69 -18.97 -31.72
N ILE O 2 28.21 -18.52 -32.87
CA ILE O 2 28.10 -17.07 -33.16
C ILE O 2 26.74 -16.81 -33.80
N PRO O 3 26.13 -15.66 -33.53
CA PRO O 3 24.87 -15.31 -34.22
C PRO O 3 25.03 -15.26 -35.73
N TRP O 4 23.97 -15.64 -36.43
CA TRP O 4 23.91 -15.63 -37.88
C TRP O 4 22.70 -14.84 -38.33
N PRO O 5 22.76 -14.22 -39.53
CA PRO O 5 21.72 -13.27 -39.93
C PRO O 5 20.34 -13.90 -40.14
N ALA O 6 19.31 -13.16 -39.74
CA ALA O 6 17.92 -13.51 -40.02
C ALA O 6 17.62 -14.94 -39.61
N ARG O 7 18.01 -15.28 -38.39
CA ARG O 7 17.79 -16.60 -37.81
C ARG O 7 16.79 -16.50 -36.68
N THR O 8 15.73 -17.31 -36.75
CA THR O 8 14.79 -17.37 -35.64
C THR O 8 15.43 -18.02 -34.42
N ASP O 9 16.07 -19.18 -34.62
CA ASP O 9 16.75 -19.89 -33.54
C ASP O 9 15.83 -20.07 -32.34
N TRP O 10 14.56 -20.37 -32.61
CA TRP O 10 13.56 -20.45 -31.56
C TRP O 10 13.95 -21.49 -30.52
N GLY O 11 14.21 -21.04 -29.29
CA GLY O 11 14.64 -21.92 -28.23
C GLY O 11 16.13 -22.07 -28.05
N GLY O 12 16.94 -21.54 -28.97
CA GLY O 12 18.39 -21.63 -28.91
C GLY O 12 18.95 -22.28 -30.17
N HIS O 13 20.28 -22.25 -30.28
CA HIS O 13 20.94 -22.85 -31.45
C HIS O 13 22.37 -23.30 -31.11
N ASP O 14 22.87 -24.27 -31.92
CA ASP O 14 24.25 -24.78 -31.85
C ASP O 14 24.70 -25.00 -30.40
N PRO O 15 24.12 -25.98 -29.70
CA PRO O 15 24.61 -26.32 -28.35
C PRO O 15 25.92 -27.07 -28.49
N ALA O 16 26.82 -26.90 -27.50
CA ALA O 16 28.09 -27.60 -27.49
C ALA O 16 28.38 -28.25 -26.15
N THR O 17 27.38 -28.35 -25.28
CA THR O 17 27.46 -29.00 -23.99
C THR O 17 26.17 -29.75 -23.74
N PRO O 18 26.20 -30.83 -22.93
CA PRO O 18 24.92 -31.49 -22.58
C PRO O 18 23.92 -30.57 -21.93
N PHE O 19 24.37 -29.63 -21.12
CA PHE O 19 23.45 -28.68 -20.50
C PHE O 19 22.80 -27.78 -21.54
N ALA O 20 23.57 -27.37 -22.55
CA ALA O 20 23.02 -26.53 -23.61
C ALA O 20 21.90 -27.25 -24.34
N GLU O 21 22.08 -28.55 -24.64
CA GLU O 21 21.02 -29.35 -25.24
C GLU O 21 19.80 -29.39 -24.32
N LEU O 22 20.03 -29.52 -23.01
CA LEU O 22 18.92 -29.56 -22.07
C LEU O 22 18.09 -28.28 -22.18
N MET O 23 18.75 -27.12 -22.22
CA MET O 23 18.04 -25.86 -22.28
C MET O 23 17.15 -25.78 -23.52
N ILE O 24 17.70 -26.16 -24.67
CA ILE O 24 16.94 -26.09 -25.91
C ILE O 24 15.71 -26.98 -25.82
N ASN O 25 15.88 -28.21 -25.28
CA ASN O 25 14.78 -29.15 -25.22
C ASN O 25 13.73 -28.74 -24.18
N THR O 26 14.13 -28.10 -23.10
CA THR O 26 13.15 -27.60 -22.14
C THR O 26 12.23 -26.59 -22.79
N HIS O 27 12.79 -25.68 -23.58
CA HIS O 27 11.96 -24.71 -24.29
C HIS O 27 11.07 -25.40 -25.31
N SER O 28 11.64 -26.34 -26.08
CA SER O 28 10.86 -27.05 -27.09
C SER O 28 9.74 -27.86 -26.44
N MET O 29 9.99 -28.42 -25.26
CA MET O 29 8.97 -29.20 -24.58
C MET O 29 7.77 -28.34 -24.22
N PHE O 30 8.00 -27.12 -23.72
CA PHE O 30 6.89 -26.27 -23.30
C PHE O 30 6.24 -25.53 -24.44
N TRP O 31 6.94 -25.34 -25.56
CA TRP O 31 6.41 -24.51 -26.64
C TRP O 31 5.04 -24.97 -27.13
N PRO O 32 4.80 -26.26 -27.39
CA PRO O 32 3.45 -26.66 -27.81
C PRO O 32 2.38 -26.36 -26.77
N VAL O 33 2.71 -26.45 -25.48
CA VAL O 33 1.73 -26.09 -24.46
C VAL O 33 1.39 -24.62 -24.55
N ALA O 34 2.40 -23.78 -24.79
CA ALA O 34 2.15 -22.35 -24.94
C ALA O 34 1.23 -22.08 -26.13
N ILE O 35 1.47 -22.76 -27.25
CA ILE O 35 0.61 -22.59 -28.41
C ILE O 35 -0.82 -23.01 -28.09
N PHE O 36 -0.97 -24.13 -27.38
CA PHE O 36 -2.32 -24.57 -26.99
C PHE O 36 -3.01 -23.52 -26.13
N ILE O 37 -2.30 -23.00 -25.14
CA ILE O 37 -2.88 -21.98 -24.26
C ILE O 37 -3.31 -20.77 -25.07
N TYR O 38 -2.49 -20.35 -26.02
CA TYR O 38 -2.83 -19.18 -26.84
C TYR O 38 -4.02 -19.48 -27.75
N VAL O 39 -3.90 -20.51 -28.58
CA VAL O 39 -4.94 -20.81 -29.58
C VAL O 39 -6.28 -21.03 -28.88
N SER O 40 -6.28 -21.81 -27.81
CA SER O 40 -7.54 -22.17 -27.17
C SER O 40 -8.26 -20.96 -26.62
N ALA O 41 -7.50 -19.97 -26.14
CA ALA O 41 -8.10 -18.78 -25.55
C ALA O 41 -8.52 -17.79 -26.64
N ILE O 42 -7.66 -17.56 -27.63
CA ILE O 42 -7.93 -16.58 -28.66
C ILE O 42 -9.13 -16.97 -29.50
N TYR O 43 -9.33 -18.27 -29.73
CA TYR O 43 -10.44 -18.71 -30.56
C TYR O 43 -11.79 -18.25 -30.04
N MET O 44 -11.88 -17.96 -28.75
CA MET O 44 -13.13 -17.55 -28.12
C MET O 44 -13.25 -16.04 -27.95
N VAL O 45 -12.32 -15.27 -28.49
CA VAL O 45 -12.41 -13.82 -28.42
C VAL O 45 -13.30 -13.36 -29.56
N LYS O 46 -14.59 -13.22 -29.29
CA LYS O 46 -15.58 -12.91 -30.31
C LYS O 46 -16.92 -12.67 -29.62
N LYS O 47 -17.86 -12.16 -30.39
CA LYS O 47 -19.23 -11.99 -29.89
C LYS O 47 -19.99 -13.30 -29.94
N LYS P 1 -31.48 10.14 -46.48
CA LYS P 1 -31.41 11.59 -46.42
C LYS P 1 -30.14 12.02 -45.68
N SER P 2 -29.76 13.29 -45.87
CA SER P 2 -28.63 13.88 -45.16
C SER P 2 -29.17 14.67 -43.98
N TYR P 3 -28.91 14.19 -42.78
CA TYR P 3 -29.41 14.86 -41.59
C TYR P 3 -28.67 16.15 -41.28
N TYR P 4 -27.46 16.32 -41.82
CA TYR P 4 -26.72 17.55 -41.59
C TYR P 4 -27.42 18.75 -42.21
N ASP P 5 -28.07 18.56 -43.36
CA ASP P 5 -28.77 19.66 -44.01
C ASP P 5 -29.92 20.18 -43.17
N ASP P 6 -30.46 19.37 -42.26
CA ASP P 6 -31.58 19.82 -41.44
C ASP P 6 -31.17 20.96 -40.53
N PHE P 7 -29.98 20.89 -39.94
CA PHE P 7 -29.51 21.90 -39.00
C PHE P 7 -28.29 22.64 -39.54
N LYS P 8 -28.17 22.71 -40.87
CA LYS P 8 -27.10 23.51 -41.46
C LYS P 8 -27.25 24.98 -41.09
N ASP P 9 -28.48 25.48 -41.04
CA ASP P 9 -28.70 26.90 -40.79
C ASP P 9 -28.14 27.32 -39.44
N ARG P 10 -28.29 26.47 -38.42
CA ARG P 10 -27.81 26.82 -37.09
C ARG P 10 -26.31 27.01 -37.06
N LEU P 11 -25.58 26.30 -37.92
CA LEU P 11 -24.13 26.31 -37.91
C LEU P 11 -23.63 27.32 -38.94
N LYS P 12 -23.41 28.54 -38.49
CA LYS P 12 -22.86 29.58 -39.35
C LYS P 12 -21.34 29.52 -39.26
N PRO P 13 -20.62 29.36 -40.38
CA PRO P 13 -19.15 29.27 -40.30
C PRO P 13 -18.54 30.48 -39.63
N GLY P 14 -17.41 30.24 -38.95
CA GLY P 14 -16.79 31.26 -38.14
C GLY P 14 -15.87 32.19 -38.93
N LYS P 15 -15.56 33.33 -38.32
CA LYS P 15 -14.73 34.36 -38.92
C LYS P 15 -13.35 34.48 -38.31
N TYR P 16 -13.24 34.33 -37.00
CA TYR P 16 -11.98 34.51 -36.29
C TYR P 16 -11.34 33.17 -35.97
N THR P 17 -10.02 33.10 -36.08
CA THR P 17 -9.29 31.90 -35.66
C THR P 17 -9.37 31.79 -34.14
N GLN P 18 -9.90 30.67 -33.67
CA GLN P 18 -10.16 30.39 -32.26
C GLN P 18 -11.30 31.24 -31.70
N GLY P 19 -12.09 31.87 -32.56
CA GLY P 19 -13.32 32.51 -32.16
C GLY P 19 -13.17 33.81 -31.38
N ARG P 20 -12.04 34.49 -31.49
CA ARG P 20 -11.82 35.76 -30.82
C ARG P 20 -11.08 36.70 -31.76
N CYS P 21 -11.46 37.98 -31.72
CA CYS P 21 -10.75 39.01 -32.44
C CYS P 21 -9.43 39.32 -31.74
N PRO P 22 -8.48 39.96 -32.44
CA PRO P 22 -7.27 40.41 -31.74
C PRO P 22 -7.64 41.26 -30.54
N GLN P 23 -6.87 41.11 -29.45
CA GLN P 23 -7.18 41.84 -28.23
C GLN P 23 -7.23 43.33 -28.49
N SER P 24 -6.46 43.82 -29.45
CA SER P 24 -6.48 45.23 -29.80
C SER P 24 -7.84 45.65 -30.33
N GLU P 25 -8.45 44.84 -31.19
CA GLU P 25 -9.76 45.17 -31.74
C GLU P 25 -10.85 45.08 -30.68
N GLY P 26 -10.70 44.16 -29.73
CA GLY P 26 -11.59 44.07 -28.60
C GLY P 26 -10.90 43.40 -27.43
N ASP P 27 -10.91 44.06 -26.27
CA ASP P 27 -10.17 43.59 -25.11
C ASP P 27 -11.06 42.62 -24.33
N TYR P 28 -10.91 41.33 -24.61
CA TYR P 28 -11.67 40.30 -23.93
C TYR P 28 -11.13 39.99 -22.53
N ARG P 29 -9.95 40.52 -22.18
CA ARG P 29 -9.37 40.25 -20.87
C ARG P 29 -10.05 41.06 -19.77
N GLN P 30 -10.65 42.20 -20.11
CA GLN P 30 -11.25 43.05 -19.10
C GLN P 30 -12.58 42.49 -18.64
N GLU P 31 -12.96 42.87 -17.42
CA GLU P 31 -14.27 42.51 -16.90
C GLU P 31 -15.36 43.27 -17.63
N SER P 32 -16.48 42.60 -17.86
CA SER P 32 -17.61 43.23 -18.51
C SER P 32 -18.23 44.29 -17.60
N LYS P 33 -18.65 45.40 -18.20
CA LYS P 33 -19.30 46.48 -17.48
C LYS P 33 -20.81 46.31 -17.44
N THR P 34 -21.35 45.30 -18.12
CA THR P 34 -22.79 45.10 -18.14
C THR P 34 -23.30 44.78 -16.74
N ILE P 35 -24.44 45.37 -16.40
CA ILE P 35 -25.03 45.13 -15.08
C ILE P 35 -25.38 43.65 -14.96
N GLY P 36 -25.06 43.09 -13.80
CA GLY P 36 -25.31 41.68 -13.55
C GLY P 36 -24.28 40.74 -14.14
N ARG P 37 -23.23 41.27 -14.77
CA ARG P 37 -22.17 40.45 -15.35
C ARG P 37 -20.80 40.82 -14.79
N GLU P 38 -20.77 41.32 -13.56
CA GLU P 38 -19.51 41.74 -12.96
C GLU P 38 -18.57 40.57 -12.70
N HIS P 39 -19.10 39.35 -12.68
CA HIS P 39 -18.29 38.17 -12.46
C HIS P 39 -17.79 37.55 -13.75
N LEU P 40 -18.07 38.16 -14.89
CA LEU P 40 -17.70 37.63 -16.19
C LEU P 40 -16.82 38.62 -16.94
N ASN P 41 -15.98 38.09 -17.82
CA ASN P 41 -15.22 38.93 -18.73
C ASN P 41 -16.09 39.32 -19.92
N ASP P 42 -15.53 40.14 -20.81
CA ASP P 42 -16.30 40.59 -21.96
C ASP P 42 -16.66 39.43 -22.88
N ASP P 43 -15.74 38.48 -23.06
CA ASP P 43 -16.00 37.34 -23.93
C ASP P 43 -16.86 36.28 -23.26
N GLY P 44 -17.24 36.47 -22.00
CA GLY P 44 -18.12 35.56 -21.32
C GLY P 44 -17.44 34.65 -20.32
N THR P 45 -16.12 34.54 -20.36
CA THR P 45 -15.41 33.71 -19.41
C THR P 45 -15.39 34.37 -18.03
N ARG P 46 -15.26 33.54 -17.00
CA ARG P 46 -15.24 34.05 -15.64
C ARG P 46 -14.00 34.90 -15.40
N SER P 47 -14.19 36.02 -14.72
CA SER P 47 -13.10 36.95 -14.47
C SER P 47 -12.19 36.44 -13.36
N LYS P 48 -10.90 36.77 -13.49
CA LYS P 48 -9.94 36.35 -12.47
C LYS P 48 -10.28 36.93 -11.10
N ARG P 49 -10.88 38.13 -11.07
CA ARG P 49 -11.27 38.70 -9.79
C ARG P 49 -12.30 37.81 -9.10
N TYR P 50 -13.27 37.30 -9.85
CA TYR P 50 -14.33 36.50 -9.27
C TYR P 50 -13.80 35.15 -8.78
N THR P 51 -12.87 34.55 -9.52
CA THR P 51 -12.46 33.18 -9.24
C THR P 51 -11.17 33.08 -8.45
N VAL P 52 -10.28 34.06 -8.53
CA VAL P 52 -8.97 33.96 -7.91
C VAL P 52 -8.74 35.07 -6.91
N LYS P 53 -8.73 36.32 -7.39
CA LYS P 53 -8.28 37.42 -6.55
C LYS P 53 -9.23 37.67 -5.38
N GLU P 54 -10.53 37.49 -5.60
CA GLU P 54 -11.53 37.71 -4.57
C GLU P 54 -12.47 36.52 -4.48
N ALA P 55 -11.90 35.32 -4.45
CA ALA P 55 -12.70 34.11 -4.36
C ALA P 55 -13.43 34.06 -3.03
N ASP P 56 -14.71 33.71 -3.08
CA ASP P 56 -15.53 33.69 -1.86
C ASP P 56 -15.05 32.65 -0.87
N ALA P 57 -14.43 31.57 -1.34
CA ALA P 57 -13.90 30.56 -0.43
C ALA P 57 -12.78 31.09 0.43
N LEU P 58 -12.18 32.22 0.05
CA LEU P 58 -11.10 32.83 0.81
C LEU P 58 -11.56 33.91 1.77
N GLY P 59 -12.87 34.11 1.89
CA GLY P 59 -13.43 35.09 2.80
C GLY P 59 -13.89 36.37 2.16
N TYR P 60 -13.81 36.48 0.83
CA TYR P 60 -14.27 37.67 0.13
C TYR P 60 -15.76 37.58 -0.12
N HIS P 61 -16.44 38.72 -0.05
CA HIS P 61 -17.86 38.83 -0.34
C HIS P 61 -18.66 37.78 0.45
N TYR P 62 -18.49 37.84 1.77
CA TYR P 62 -19.16 36.89 2.65
C TYR P 62 -20.66 37.14 2.63
N HIS P 63 -21.43 36.14 2.22
CA HIS P 63 -22.88 36.26 2.11
C HIS P 63 -23.51 34.91 2.39
N PRO P 64 -23.90 34.64 3.63
CA PRO P 64 -24.51 33.35 3.96
C PRO P 64 -25.83 33.15 3.21
N PRO P 65 -25.99 32.04 2.49
CA PRO P 65 -27.24 31.84 1.74
C PRO P 65 -28.43 31.51 2.61
N ILE P 66 -28.25 30.65 3.62
CA ILE P 66 -29.37 30.18 4.43
C ILE P 66 -29.93 31.35 5.24
N ASP P 67 -31.25 31.36 5.40
CA ASP P 67 -31.95 32.46 6.06
C ASP P 67 -32.08 32.16 7.56
N LYS P 68 -32.85 32.99 8.26
CA LYS P 68 -32.98 32.83 9.70
C LYS P 68 -33.62 31.50 10.07
N LYS P 69 -34.65 31.10 9.33
CA LYS P 69 -35.38 29.88 9.63
C LYS P 69 -34.69 28.63 9.10
N GLY P 70 -33.43 28.73 8.68
CA GLY P 70 -32.73 27.58 8.16
C GLY P 70 -33.34 27.05 6.87
N GLN P 71 -33.75 27.94 5.97
CA GLN P 71 -34.40 27.56 4.74
C GLN P 71 -33.68 28.19 3.55
N VAL P 72 -33.78 27.52 2.41
CA VAL P 72 -33.29 28.04 1.14
C VAL P 72 -34.39 27.86 0.11
N TYR P 73 -34.36 28.69 -0.92
CA TYR P 73 -35.40 28.63 -1.94
C TYR P 73 -35.36 27.30 -2.65
N VAL P 74 -36.54 26.68 -2.80
CA VAL P 74 -36.70 25.41 -3.48
C VAL P 74 -37.87 25.52 -4.44
N LYS P 75 -37.66 25.11 -5.68
CA LYS P 75 -38.71 25.15 -6.70
C LYS P 75 -39.59 23.91 -6.60
N GLY P 76 -40.90 24.11 -6.58
CA GLY P 76 -41.83 23.04 -6.39
C GLY P 76 -42.11 22.28 -7.66
N PRO P 77 -42.79 21.14 -7.52
CA PRO P 77 -43.16 20.35 -8.68
C PRO P 77 -44.37 20.92 -9.41
N ASN P 78 -44.56 20.45 -10.64
CA ASN P 78 -45.73 20.81 -11.43
C ASN P 78 -46.88 19.92 -11.01
N THR P 79 -47.72 20.42 -10.12
CA THR P 79 -48.81 19.65 -9.55
C THR P 79 -50.11 19.90 -10.31
N VAL P 80 -50.85 18.82 -10.55
CA VAL P 80 -52.06 18.86 -11.33
C VAL P 80 -53.08 17.94 -10.66
N ILE P 81 -54.07 18.52 -9.98
CA ILE P 81 -55.10 17.72 -9.32
C ILE P 81 -56.11 17.27 -10.37
N GLU P 82 -56.58 16.03 -10.23
CA GLU P 82 -57.40 15.39 -11.24
C GLU P 82 -57.96 14.10 -10.66
N ARG P 83 -59.18 13.77 -11.06
CA ARG P 83 -59.80 12.49 -10.71
C ARG P 83 -59.69 12.21 -9.22
N GLY P 84 -59.90 13.25 -8.42
CA GLY P 84 -59.78 13.09 -6.97
C GLY P 84 -58.41 12.64 -6.53
N GLN P 85 -57.36 13.17 -7.14
CA GLN P 85 -55.99 12.78 -6.81
C GLN P 85 -55.06 13.89 -7.23
N THR P 86 -54.05 14.14 -6.41
CA THR P 86 -53.02 15.14 -6.71
C THR P 86 -51.88 14.46 -7.45
N TRP P 87 -51.62 14.90 -8.68
CA TRP P 87 -50.60 14.32 -9.53
C TRP P 87 -49.44 15.28 -9.70
N ILE P 88 -48.27 14.72 -9.99
CA ILE P 88 -47.08 15.47 -10.33
C ILE P 88 -46.67 15.08 -11.74
N LYS P 89 -46.58 16.08 -12.61
CA LYS P 89 -46.13 15.86 -13.98
C LYS P 89 -44.62 16.08 -14.05
N GLY P 90 -43.89 15.04 -14.43
CA GLY P 90 -42.45 15.14 -14.49
C GLY P 90 -41.98 15.99 -15.64
N TYR P 91 -40.79 16.55 -15.48
CA TYR P 91 -40.19 17.39 -16.51
C TYR P 91 -39.51 16.52 -17.56
N GLU P 92 -40.00 16.58 -18.79
CA GLU P 92 -39.40 15.84 -19.89
C GLU P 92 -38.35 16.69 -20.57
N LEU P 93 -37.20 16.09 -20.86
CA LEU P 93 -36.13 16.83 -21.49
C LEU P 93 -36.52 17.22 -22.91
N PRO P 94 -35.95 18.31 -23.43
CA PRO P 94 -36.32 18.75 -24.78
C PRO P 94 -35.87 17.74 -25.83
N SER P 95 -36.47 17.86 -27.01
CA SER P 95 -36.15 16.97 -28.10
C SER P 95 -34.66 17.00 -28.39
N MET P 96 -34.08 15.84 -28.67
CA MET P 96 -32.65 15.75 -28.91
C MET P 96 -32.23 16.52 -30.16
N GLU P 97 -33.17 16.84 -31.04
CA GLU P 97 -32.84 17.69 -32.18
C GLU P 97 -32.45 19.09 -31.72
N TYR P 98 -33.14 19.61 -30.71
CA TYR P 98 -32.82 20.94 -30.20
C TYR P 98 -31.42 20.97 -29.61
N THR P 99 -31.04 19.95 -28.86
CA THR P 99 -29.77 19.94 -28.16
C THR P 99 -28.63 19.43 -29.04
N TYR P 100 -28.89 18.43 -29.89
CA TYR P 100 -27.86 17.84 -30.73
C TYR P 100 -27.94 18.26 -32.18
N GLY P 101 -29.14 18.43 -32.73
CA GLY P 101 -29.30 18.91 -34.08
C GLY P 101 -29.99 17.96 -35.03
N PRO P 102 -29.62 16.68 -35.03
CA PRO P 102 -30.27 15.74 -35.94
C PRO P 102 -31.77 15.62 -35.67
N LYS P 103 -32.53 15.49 -36.74
CA LYS P 103 -33.97 15.33 -36.64
C LYS P 103 -34.30 13.92 -36.16
N GLN P 104 -35.16 13.83 -35.14
CA GLN P 104 -35.44 12.55 -34.49
C GLN P 104 -36.49 11.80 -35.30
N GLU P 105 -36.03 11.20 -36.39
CA GLU P 105 -36.89 10.41 -37.25
C GLU P 105 -36.07 9.24 -37.82
N ASP P 106 -36.77 8.19 -38.24
CA ASP P 106 -36.13 7.00 -38.78
C ASP P 106 -35.11 6.42 -37.80
N ILE P 107 -35.50 6.39 -36.53
CA ILE P 107 -34.61 5.86 -35.49
C ILE P 107 -34.58 4.33 -35.61
N PRO P 108 -33.41 3.70 -35.62
CA PRO P 108 -33.39 2.23 -35.63
C PRO P 108 -34.02 1.66 -34.37
N PHE P 109 -34.59 0.47 -34.50
CA PHE P 109 -35.33 -0.15 -33.41
C PHE P 109 -34.39 -1.03 -32.59
N TYR P 110 -34.30 -0.73 -31.29
CA TYR P 110 -33.57 -1.56 -30.33
C TYR P 110 -34.55 -2.01 -29.27
N PRO P 111 -35.04 -3.25 -29.32
CA PRO P 111 -36.11 -3.65 -28.40
C PRO P 111 -35.62 -3.79 -26.97
N ARG P 112 -36.57 -3.75 -26.05
CA ARG P 112 -36.28 -4.09 -24.67
C ARG P 112 -35.92 -5.56 -24.57
N VAL P 113 -34.85 -5.86 -23.85
CA VAL P 113 -34.44 -7.23 -23.58
C VAL P 113 -33.78 -7.26 -22.21
N LYS P 114 -34.19 -8.22 -21.39
CA LYS P 114 -33.59 -8.35 -20.07
C LYS P 114 -32.15 -8.85 -20.20
N LEU P 115 -31.38 -8.70 -19.12
CA LEU P 115 -29.95 -8.92 -19.18
C LEU P 115 -29.60 -10.30 -19.73
N ASN P 116 -28.54 -10.35 -20.54
CA ASN P 116 -28.06 -11.60 -21.12
C ASN P 116 -27.24 -12.33 -20.06
N VAL P 117 -27.84 -13.33 -19.43
CA VAL P 117 -27.23 -14.04 -18.32
C VAL P 117 -26.89 -15.46 -18.76
N TRP P 118 -25.82 -16.00 -18.21
CA TRP P 118 -25.45 -17.39 -18.42
C TRP P 118 -26.25 -18.28 -17.49
N GLY P 119 -26.83 -19.35 -18.03
CA GLY P 119 -27.68 -20.24 -17.28
C GLY P 119 -27.04 -21.60 -17.02
N ASN P 120 -27.87 -22.51 -16.49
CA ASN P 120 -27.45 -23.88 -16.19
C ASN P 120 -26.36 -23.91 -15.12
N TYR P 121 -26.77 -23.58 -13.90
CA TYR P 121 -25.83 -23.52 -12.77
C TYR P 121 -24.84 -24.67 -12.74
N ASN P 122 -25.31 -25.90 -12.91
CA ASN P 122 -24.40 -27.05 -12.84
C ASN P 122 -23.32 -26.94 -13.91
N LEU P 123 -23.70 -26.63 -15.15
CA LEU P 123 -22.73 -26.50 -16.23
C LEU P 123 -21.75 -25.37 -15.94
N VAL P 124 -22.26 -24.23 -15.48
CA VAL P 124 -21.41 -23.07 -15.22
C VAL P 124 -20.38 -23.39 -14.15
N MET P 125 -20.81 -24.06 -13.08
CA MET P 125 -19.88 -24.41 -12.01
C MET P 125 -18.75 -25.28 -12.52
N LYS P 126 -19.06 -26.24 -13.40
CA LYS P 126 -18.02 -27.10 -13.94
C LYS P 126 -17.04 -26.31 -14.80
N VAL P 127 -17.53 -25.36 -15.58
CA VAL P 127 -16.65 -24.53 -16.40
C VAL P 127 -15.71 -23.72 -15.50
N GLU P 128 -16.25 -23.09 -14.46
CA GLU P 128 -15.44 -22.32 -13.54
C GLU P 128 -14.37 -23.18 -12.88
N PHE P 129 -14.73 -24.41 -12.53
CA PHE P 129 -13.74 -25.36 -12.01
C PHE P 129 -12.63 -25.57 -13.04
N LEU P 130 -13.00 -25.77 -14.29
CA LEU P 130 -12.01 -25.94 -15.35
C LEU P 130 -11.20 -24.68 -15.59
N PHE P 131 -11.83 -23.51 -15.47
CA PHE P 131 -11.10 -22.26 -15.66
C PHE P 131 -9.97 -22.14 -14.65
N PHE P 132 -10.10 -22.78 -13.48
CA PHE P 132 -9.08 -22.74 -12.44
C PHE P 132 -8.13 -23.94 -12.52
N TYR P 133 -8.68 -25.15 -12.71
CA TYR P 133 -7.87 -26.35 -12.55
C TYR P 133 -7.21 -26.84 -13.82
N LEU P 134 -7.65 -26.42 -15.00
CA LEU P 134 -6.87 -26.70 -16.20
C LEU P 134 -5.51 -26.02 -16.15
N PRO P 135 -5.42 -24.73 -15.81
CA PRO P 135 -4.08 -24.15 -15.58
C PRO P 135 -3.31 -24.85 -14.47
N THR P 136 -3.99 -25.26 -13.41
CA THR P 136 -3.31 -25.94 -12.31
C THR P 136 -2.65 -27.22 -12.80
N ILE P 137 -3.34 -27.97 -13.65
CA ILE P 137 -2.79 -29.20 -14.21
C ILE P 137 -1.54 -28.90 -15.02
N ILE P 138 -1.60 -27.86 -15.86
CA ILE P 138 -0.45 -27.50 -16.69
C ILE P 138 0.74 -27.16 -15.80
N VAL P 139 0.52 -26.35 -14.77
CA VAL P 139 1.60 -26.02 -13.85
C VAL P 139 2.18 -27.30 -13.26
N PHE P 140 1.32 -28.21 -12.80
CA PHE P 140 1.82 -29.47 -12.25
C PHE P 140 2.60 -30.25 -13.29
N GLY P 141 2.23 -30.14 -14.56
CA GLY P 141 2.97 -30.80 -15.62
C GLY P 141 4.34 -30.23 -15.86
N ILE P 142 4.55 -28.96 -15.50
CA ILE P 142 5.86 -28.32 -15.62
C ILE P 142 6.69 -28.56 -14.35
N CYS P 143 6.03 -28.71 -13.20
CA CYS P 143 6.74 -28.82 -11.93
C CYS P 143 7.81 -29.90 -11.96
N ILE P 144 7.46 -31.13 -12.38
CA ILE P 144 8.45 -32.20 -12.34
C ILE P 144 9.60 -31.86 -13.27
N PRO P 145 9.39 -31.49 -14.52
CA PRO P 145 10.52 -31.04 -15.37
C PRO P 145 11.38 -29.97 -14.72
N VAL P 146 10.77 -28.98 -14.05
CA VAL P 146 11.53 -27.89 -13.42
C VAL P 146 12.47 -28.43 -12.35
N TYR P 147 11.98 -29.34 -11.51
CA TYR P 147 12.83 -29.91 -10.47
C TYR P 147 14.02 -30.62 -11.09
N THR P 148 13.77 -31.43 -12.12
CA THR P 148 14.84 -32.25 -12.69
C THR P 148 15.95 -31.38 -13.27
N ILE P 149 15.56 -30.35 -14.04
CA ILE P 149 16.57 -29.52 -14.70
C ILE P 149 17.34 -28.70 -13.66
N ASN P 150 16.66 -28.27 -12.60
CA ASN P 150 17.36 -27.59 -11.52
C ASN P 150 18.37 -28.52 -10.85
N PHE P 151 17.96 -29.75 -10.56
CA PHE P 151 18.88 -30.73 -9.98
C PHE P 151 20.06 -30.97 -10.90
N ALA P 152 19.85 -30.90 -12.23
CA ALA P 152 20.91 -31.20 -13.18
C ALA P 152 22.01 -30.15 -13.15
N GLN P 153 21.63 -28.87 -13.09
CA GLN P 153 22.63 -27.82 -13.00
C GLN P 153 23.46 -27.98 -11.74
N GLU P 154 22.81 -28.28 -10.62
CA GLU P 154 23.49 -28.43 -9.33
C GLU P 154 23.79 -29.90 -9.06
N GLU P 155 24.69 -30.46 -9.88
CA GLU P 155 25.14 -31.84 -9.74
C GLU P 155 26.63 -31.85 -9.44
N VAL P 156 27.02 -32.60 -8.41
CA VAL P 156 28.42 -32.74 -8.04
C VAL P 156 29.11 -33.59 -9.10
N ILE P 157 29.95 -32.97 -9.91
CA ILE P 157 30.63 -33.60 -11.03
C ILE P 157 32.12 -33.75 -10.70
N TYR P 158 32.74 -34.78 -11.27
CA TYR P 158 34.17 -35.01 -11.08
C TYR P 158 34.95 -34.17 -12.09
N THR P 159 35.02 -32.88 -11.80
CA THR P 159 35.80 -31.97 -12.63
C THR P 159 37.29 -32.19 -12.41
N THR P 160 38.06 -32.07 -13.48
CA THR P 160 39.49 -32.35 -13.46
C THR P 160 40.36 -31.12 -13.74
N MET P 161 39.75 -29.99 -14.08
CA MET P 161 40.46 -28.78 -14.44
C MET P 161 39.64 -27.59 -13.96
N THR P 162 40.33 -26.51 -13.59
CA THR P 162 39.67 -25.30 -13.10
C THR P 162 40.16 -24.09 -13.89
N VAL P 163 39.24 -23.25 -14.33
CA VAL P 163 39.53 -21.97 -14.98
C VAL P 163 38.87 -20.88 -14.16
N LYS P 164 39.67 -19.96 -13.64
CA LYS P 164 39.17 -18.83 -12.86
C LYS P 164 38.97 -17.62 -13.76
N VAL P 165 37.80 -17.01 -13.68
CA VAL P 165 37.40 -15.90 -14.55
C VAL P 165 37.01 -14.70 -13.69
N THR P 166 37.75 -13.61 -13.84
CA THR P 166 37.48 -12.36 -13.12
C THR P 166 37.04 -11.29 -14.12
N GLY P 167 35.95 -10.60 -13.80
CA GLY P 167 35.42 -9.55 -14.64
C GLY P 167 35.75 -8.17 -14.11
N ARG P 168 36.47 -7.40 -14.93
CA ARG P 168 36.90 -6.05 -14.58
C ARG P 168 36.43 -5.06 -15.65
N GLN P 169 36.47 -3.78 -15.32
CA GLN P 169 36.05 -2.72 -16.23
C GLN P 169 37.22 -2.33 -17.12
N TRP P 170 37.15 -2.61 -18.42
CA TRP P 170 36.15 -3.46 -19.08
C TRP P 170 36.85 -4.56 -19.86
N TYR P 171 37.18 -5.64 -19.17
CA TYR P 171 37.88 -6.77 -19.75
C TYR P 171 37.73 -7.96 -18.82
N TRP P 172 38.04 -9.15 -19.34
CA TRP P 172 37.90 -10.41 -18.60
C TRP P 172 39.28 -11.02 -18.38
N VAL P 173 39.66 -11.18 -17.10
CA VAL P 173 40.92 -11.82 -16.73
C VAL P 173 40.68 -13.31 -16.54
N TYR P 174 41.61 -14.13 -17.04
CA TYR P 174 41.51 -15.59 -16.96
C TYR P 174 42.76 -16.17 -16.32
N GLU P 175 42.58 -16.96 -15.26
CA GLU P 175 43.67 -17.64 -14.58
C GLU P 175 43.54 -19.15 -14.78
N VAL P 176 44.58 -19.78 -15.32
CA VAL P 176 44.57 -21.19 -15.67
C VAL P 176 45.85 -21.84 -15.14
N GLU P 177 45.73 -23.09 -14.68
CA GLU P 177 46.89 -23.83 -14.18
C GLU P 177 47.85 -24.12 -15.33
N SER P 178 49.13 -23.89 -15.09
CA SER P 178 50.14 -24.05 -16.13
C SER P 178 50.71 -25.46 -16.11
N PRO P 179 50.96 -26.06 -17.29
CA PRO P 179 51.49 -27.43 -17.31
C PRO P 179 52.86 -27.51 -16.64
N THR P 180 53.06 -28.58 -15.88
CA THR P 180 54.30 -28.76 -15.14
C THR P 180 55.36 -29.45 -15.99
N PHE Q 1 -8.85 28.83 -9.17
CA PHE Q 1 -7.42 28.55 -9.07
C PHE Q 1 -7.05 27.33 -9.90
N TYR Q 2 -5.74 27.09 -10.02
CA TYR Q 2 -5.23 25.92 -10.72
C TYR Q 2 -4.42 25.02 -9.81
N ILE Q 3 -3.43 25.55 -9.11
CA ILE Q 3 -2.58 24.70 -8.28
C ILE Q 3 -3.24 24.43 -6.92
N LEU Q 4 -4.10 25.33 -6.44
CA LEU Q 4 -4.70 25.17 -5.13
C LEU Q 4 -5.86 24.18 -5.10
N VAL Q 5 -6.37 23.77 -6.26
CA VAL Q 5 -7.60 22.99 -6.30
C VAL Q 5 -7.42 21.68 -5.54
N ASN Q 6 -8.42 21.33 -4.73
CA ASN Q 6 -8.47 20.07 -4.03
C ASN Q 6 -9.46 19.08 -4.63
N ASN Q 7 -10.31 19.52 -5.56
CA ASN Q 7 -11.27 18.63 -6.22
C ASN Q 7 -10.58 17.35 -6.67
N ASN Q 8 -11.13 16.21 -6.26
CA ASN Q 8 -10.51 14.94 -6.60
C ASN Q 8 -10.57 14.66 -8.10
N LYS Q 9 -11.62 15.15 -8.77
CA LYS Q 9 -11.75 14.93 -10.20
C LYS Q 9 -10.79 15.81 -10.98
N ARG Q 10 -10.59 17.06 -10.54
CA ARG Q 10 -9.58 17.91 -11.17
C ARG Q 10 -8.20 17.30 -11.03
N ILE Q 11 -7.87 16.79 -9.83
CA ILE Q 11 -6.56 16.21 -9.62
C ILE Q 11 -6.37 14.98 -10.50
N GLY Q 12 -7.43 14.21 -10.71
CA GLY Q 12 -7.34 13.09 -11.63
C GLY Q 12 -6.97 13.54 -13.03
N ILE Q 13 -7.55 14.64 -13.49
CA ILE Q 13 -7.18 15.19 -14.79
C ILE Q 13 -5.72 15.61 -14.80
N TYR Q 14 -5.27 16.25 -13.72
CA TYR Q 14 -3.87 16.65 -13.64
C TYR Q 14 -2.94 15.45 -13.80
N TYR Q 15 -3.28 14.32 -13.18
CA TYR Q 15 -2.42 13.15 -13.27
C TYR Q 15 -2.30 12.66 -14.71
N ILE Q 16 -3.42 12.61 -15.44
CA ILE Q 16 -3.37 12.21 -16.84
C ILE Q 16 -2.60 13.23 -17.67
N LYS Q 17 -2.84 14.52 -17.44
CA LYS Q 17 -2.13 15.54 -18.19
C LYS Q 17 -0.62 15.44 -17.99
N LEU Q 18 -0.19 15.28 -16.75
CA LEU Q 18 1.24 15.19 -16.46
C LEU Q 18 1.84 13.92 -17.02
N SER Q 19 1.09 12.83 -17.03
CA SER Q 19 1.59 11.58 -17.58
C SER Q 19 1.86 11.70 -19.07
N ILE Q 20 1.00 12.41 -19.79
CA ILE Q 20 1.21 12.63 -21.22
C ILE Q 20 2.44 13.51 -21.44
N ILE Q 21 2.56 14.60 -20.66
CA ILE Q 21 3.73 15.47 -20.80
C ILE Q 21 5.01 14.70 -20.56
N ILE Q 22 5.15 14.14 -19.35
CA ILE Q 22 6.33 13.34 -19.04
C ILE Q 22 6.46 12.20 -20.05
N GLY Q 23 5.34 11.70 -20.56
CA GLY Q 23 5.38 10.65 -21.55
C GLY Q 23 6.07 11.05 -22.83
N ILE Q 24 5.96 12.32 -23.22
CA ILE Q 24 6.65 12.80 -24.40
C ILE Q 24 8.16 12.59 -24.24
N LEU Q 25 8.69 12.94 -23.07
CA LEU Q 25 10.10 12.70 -22.81
C LEU Q 25 10.41 11.22 -22.83
N GLY Q 26 9.50 10.39 -22.31
CA GLY Q 26 9.73 8.95 -22.34
C GLY Q 26 9.80 8.40 -23.74
N ILE Q 27 8.85 8.79 -24.60
CA ILE Q 27 8.82 8.29 -25.97
C ILE Q 27 10.05 8.77 -26.74
N VAL Q 28 10.46 10.02 -26.52
CA VAL Q 28 11.63 10.56 -27.22
C VAL Q 28 12.85 9.69 -26.91
N LEU Q 29 13.03 9.36 -25.64
CA LEU Q 29 14.15 8.49 -25.26
C LEU Q 29 14.06 7.14 -25.96
N SER Q 30 12.84 6.61 -26.07
CA SER Q 30 12.66 5.34 -26.77
C SER Q 30 13.06 5.46 -28.23
N TYR Q 31 12.73 6.59 -28.86
CA TYR Q 31 13.11 6.80 -30.25
C TYR Q 31 14.63 6.88 -30.40
N ILE Q 32 15.31 7.52 -29.45
CA ILE Q 32 16.76 7.58 -29.47
C ILE Q 32 17.33 6.16 -29.44
N ILE Q 33 16.82 5.33 -28.53
CA ILE Q 33 17.32 3.96 -28.40
C ILE Q 33 17.15 3.21 -29.72
N ARG Q 34 15.94 3.23 -30.27
CA ARG Q 34 15.68 2.45 -31.47
C ARG Q 34 16.45 2.99 -32.67
N VAL Q 35 16.58 4.32 -32.79
CA VAL Q 35 17.39 4.89 -33.86
C VAL Q 35 18.81 4.37 -33.76
N GLU Q 36 19.41 4.46 -32.57
CA GLU Q 36 20.78 3.98 -32.40
C GLU Q 36 20.91 2.53 -32.84
N LEU Q 37 19.96 1.69 -32.44
CA LEU Q 37 20.02 0.26 -32.69
C LEU Q 37 19.63 -0.13 -34.12
N TYR Q 38 19.45 0.84 -35.01
CA TYR Q 38 19.00 0.55 -36.37
C TYR Q 38 20.03 -0.29 -37.13
N ASN Q 39 21.31 0.03 -36.98
CA ASN Q 39 22.39 -0.79 -37.56
C ASN Q 39 23.52 -0.88 -36.54
N SER Q 40 24.64 -1.45 -36.98
CA SER Q 40 25.88 -1.45 -36.22
C SER Q 40 26.78 -0.32 -36.69
N GLY Q 41 27.50 0.28 -35.76
CA GLY Q 41 28.14 1.56 -35.92
C GLY Q 41 27.63 2.54 -34.87
N ASN Q 42 28.08 3.78 -34.97
CA ASN Q 42 27.43 4.87 -34.24
C ASN Q 42 26.56 5.67 -35.18
N ARG Q 43 25.30 5.89 -34.77
CA ARG Q 43 24.29 6.55 -35.58
C ARG Q 43 23.96 7.95 -35.08
N ILE Q 44 23.55 8.08 -33.82
CA ILE Q 44 23.22 9.37 -33.24
C ILE Q 44 23.95 9.64 -31.94
N ILE Q 45 24.70 8.67 -31.42
CA ILE Q 45 25.48 8.83 -30.20
C ILE Q 45 26.92 8.49 -30.53
N LYS Q 46 27.84 9.38 -30.15
CA LYS Q 46 29.25 9.14 -30.40
C LYS Q 46 29.78 8.02 -29.51
N TYR Q 47 30.85 7.37 -29.96
CA TYR Q 47 31.48 6.34 -29.15
C TYR Q 47 32.08 6.93 -27.89
N ASP Q 48 32.46 8.21 -27.91
CA ASP Q 48 32.96 8.86 -26.72
C ASP Q 48 31.85 9.32 -25.80
N ASN Q 49 30.60 9.28 -26.26
CA ASN Q 49 29.44 9.66 -25.47
C ASN Q 49 28.53 8.47 -25.19
N VAL Q 50 29.11 7.27 -25.09
CA VAL Q 50 28.33 6.08 -24.81
C VAL Q 50 27.66 6.17 -23.45
N ASN Q 51 28.21 6.96 -22.53
CA ASN Q 51 27.56 7.13 -21.24
C ASN Q 51 26.17 7.72 -21.39
N TYR Q 52 25.94 8.51 -22.44
CA TYR Q 52 24.61 9.07 -22.65
C TYR Q 52 23.59 7.98 -22.93
N TYR Q 53 23.95 6.99 -23.76
CA TYR Q 53 23.03 5.88 -24.01
C TYR Q 53 22.66 5.17 -22.72
N ASN Q 54 23.66 4.92 -21.87
CA ASN Q 54 23.37 4.28 -20.59
C ASN Q 54 22.41 5.12 -19.77
N MET Q 55 22.52 6.44 -19.86
CA MET Q 55 21.58 7.32 -19.16
C MET Q 55 20.21 7.31 -19.85
N VAL Q 56 20.18 7.21 -21.17
CA VAL Q 56 18.90 7.22 -21.89
C VAL Q 56 18.06 6.02 -21.49
N ILE Q 57 18.67 4.83 -21.47
CA ILE Q 57 17.91 3.63 -21.13
C ILE Q 57 17.49 3.67 -19.67
N THR Q 58 18.35 4.20 -18.80
CA THR Q 58 18.01 4.30 -17.38
C THR Q 58 16.82 5.22 -17.16
N LEU Q 59 16.85 6.40 -17.76
CA LEU Q 59 15.77 7.36 -17.57
C LEU Q 59 14.49 6.91 -18.25
N HIS Q 60 14.60 6.37 -19.45
CA HIS Q 60 13.45 5.78 -20.10
C HIS Q 60 12.70 4.87 -19.14
N GLY Q 61 13.40 3.86 -18.61
CA GLY Q 61 12.75 2.91 -17.73
C GLY Q 61 12.13 3.57 -16.51
N LEU Q 62 12.91 4.41 -15.82
CA LEU Q 62 12.42 5.01 -14.57
C LEU Q 62 11.21 5.90 -14.83
N LEU Q 63 11.28 6.74 -15.87
CA LEU Q 63 10.21 7.67 -16.14
C LEU Q 63 8.93 6.96 -16.55
N MET Q 64 9.04 5.98 -17.44
CA MET Q 64 7.85 5.30 -17.92
C MET Q 64 7.16 4.52 -16.80
N ILE Q 65 7.94 3.98 -15.87
CA ILE Q 65 7.38 3.16 -14.80
C ILE Q 65 6.79 4.03 -13.70
N PHE Q 66 7.58 4.97 -13.18
CA PHE Q 66 7.19 5.71 -11.97
C PHE Q 66 6.55 7.06 -12.26
N TYR Q 67 6.81 7.65 -13.41
CA TYR Q 67 6.31 8.99 -13.71
C TYR Q 67 5.25 9.02 -14.80
N ILE Q 68 4.96 7.89 -15.45
CA ILE Q 68 3.99 7.88 -16.54
C ILE Q 68 2.89 6.85 -16.32
N ILE Q 69 3.22 5.57 -16.32
CA ILE Q 69 2.19 4.54 -16.23
C ILE Q 69 1.61 4.48 -14.82
N MET Q 70 2.47 4.54 -13.80
CA MET Q 70 1.95 4.54 -12.42
C MET Q 70 1.12 5.77 -12.13
N PRO Q 71 1.57 6.99 -12.44
CA PRO Q 71 0.70 8.15 -12.22
C PRO Q 71 -0.56 8.14 -13.08
N GLY Q 72 -0.57 7.39 -14.17
CA GLY Q 72 -1.72 7.39 -15.05
C GLY Q 72 -2.78 6.37 -14.70
N LEU Q 73 -2.35 5.17 -14.29
CA LEU Q 73 -3.29 4.10 -13.97
C LEU Q 73 -3.61 4.01 -12.49
N TYR Q 74 -2.72 4.48 -11.62
CA TYR Q 74 -2.96 4.47 -10.19
C TYR Q 74 -3.26 5.85 -9.63
N GLY Q 75 -2.95 6.91 -10.36
CA GLY Q 75 -3.26 8.25 -9.92
C GLY Q 75 -4.35 8.93 -10.73
N GLY Q 76 -4.36 8.72 -12.05
CA GLY Q 76 -5.30 9.42 -12.91
C GLY Q 76 -6.72 8.89 -12.89
N ILE Q 77 -6.94 7.72 -13.50
CA ILE Q 77 -8.28 7.14 -13.53
C ILE Q 77 -8.77 6.91 -12.11
N PRO Q 78 -7.97 6.39 -11.19
CA PRO Q 78 -8.45 6.18 -9.80
C PRO Q 78 -8.98 7.42 -9.12
N LEU Q 79 -8.28 8.54 -9.20
CA LEU Q 79 -8.72 9.73 -8.50
C LEU Q 79 -9.97 10.34 -9.10
N TYR Q 80 -10.31 9.98 -10.33
CA TYR Q 80 -11.47 10.58 -10.98
C TYR Q 80 -12.80 9.79 -10.76
N ILE Q 81 -12.72 8.44 -10.79
CA ILE Q 81 -13.94 7.62 -10.73
C ILE Q 81 -14.12 6.92 -9.37
N LEU Q 82 -13.02 6.56 -8.66
CA LEU Q 82 -13.15 5.82 -7.42
C LEU Q 82 -14.14 6.46 -6.44
N PRO Q 83 -14.07 7.76 -6.16
CA PRO Q 83 -15.07 8.35 -5.26
C PRO Q 83 -16.48 8.31 -5.82
N ILE Q 84 -16.63 8.28 -7.15
CA ILE Q 84 -17.96 8.14 -7.75
C ILE Q 84 -18.47 6.71 -7.64
N LEU Q 85 -17.59 5.73 -7.91
CA LEU Q 85 -17.94 4.31 -7.83
C LEU Q 85 -18.35 3.97 -6.39
N SER Q 86 -17.78 4.68 -5.43
CA SER Q 86 -18.02 4.50 -4.00
C SER Q 86 -19.21 5.35 -3.54
N VAL Q 87 -19.96 5.92 -4.49
CA VAL Q 87 -21.07 6.83 -4.18
C VAL Q 87 -20.79 7.71 -2.99
N ILE Q 88 -19.60 8.35 -2.95
CA ILE Q 88 -19.19 9.30 -1.92
C ILE Q 88 -18.97 10.68 -2.59
N THR Q 89 -19.21 11.76 -1.84
CA THR Q 89 -19.11 13.10 -2.42
C THR Q 89 -17.73 13.39 -2.99
N ASP Q 90 -16.66 13.07 -2.22
CA ASP Q 90 -15.29 13.38 -2.64
C ASP Q 90 -14.34 12.39 -1.94
N ILE Q 91 -13.06 12.49 -2.30
CA ILE Q 91 -12.01 11.67 -1.68
C ILE Q 91 -11.86 11.94 -0.17
N VAL Q 92 -11.47 10.94 0.61
CA VAL Q 92 -11.45 11.08 2.06
C VAL Q 92 -10.46 12.16 2.49
N LEU Q 93 -9.28 12.23 1.90
CA LEU Q 93 -8.22 13.16 2.30
C LEU Q 93 -7.98 14.22 1.22
N PRO Q 94 -8.72 15.32 1.24
CA PRO Q 94 -8.60 16.30 0.15
C PRO Q 94 -7.23 16.94 0.04
N ARG Q 95 -6.66 17.41 1.15
CA ARG Q 95 -5.39 18.14 1.09
C ARG Q 95 -4.24 17.22 0.71
N ILE Q 96 -4.28 15.96 1.16
CA ILE Q 96 -3.23 15.01 0.79
C ILE Q 96 -3.26 14.77 -0.71
N ASN Q 97 -4.46 14.70 -1.29
CA ASN Q 97 -4.57 14.46 -2.72
C ASN Q 97 -3.89 15.57 -3.51
N ASN Q 98 -4.04 16.82 -3.08
CA ASN Q 98 -3.41 17.93 -3.77
C ASN Q 98 -1.89 17.82 -3.73
N ILE Q 99 -1.32 17.55 -2.56
CA ILE Q 99 0.13 17.56 -2.45
C ILE Q 99 0.75 16.42 -3.23
N SER Q 100 0.02 15.32 -3.40
CA SER Q 100 0.58 14.15 -4.09
C SER Q 100 0.94 14.49 -5.53
N ILE Q 101 0.04 15.16 -6.25
CA ILE Q 101 0.33 15.49 -7.64
C ILE Q 101 1.45 16.53 -7.72
N ILE Q 102 1.46 17.48 -6.79
CA ILE Q 102 2.53 18.48 -6.78
C ILE Q 102 3.87 17.82 -6.54
N ILE Q 103 3.90 16.82 -5.65
CA ILE Q 103 5.14 16.09 -5.38
C ILE Q 103 5.64 15.40 -6.63
N VAL Q 104 4.74 14.78 -7.39
CA VAL Q 104 5.15 14.07 -8.60
C VAL Q 104 5.80 15.05 -9.56
N LEU Q 105 5.20 16.21 -9.76
CA LEU Q 105 5.76 17.20 -10.68
C LEU Q 105 7.12 17.67 -10.21
N ILE Q 106 7.28 17.91 -8.90
CA ILE Q 106 8.54 18.42 -8.40
C ILE Q 106 9.64 17.39 -8.55
N SER Q 107 9.33 16.11 -8.34
CA SER Q 107 10.34 15.07 -8.56
C SER Q 107 10.69 14.94 -10.03
N TYR Q 108 9.73 15.16 -10.92
CA TYR Q 108 10.03 15.13 -12.35
C TYR Q 108 10.99 16.25 -12.73
N ILE Q 109 10.76 17.45 -12.20
CA ILE Q 109 11.62 18.58 -12.53
C ILE Q 109 13.04 18.31 -12.04
N VAL Q 110 13.18 17.71 -10.86
CA VAL Q 110 14.51 17.37 -10.35
C VAL Q 110 15.23 16.43 -11.30
N VAL Q 111 14.52 15.41 -11.79
CA VAL Q 111 15.16 14.41 -12.66
C VAL Q 111 15.64 15.06 -13.95
N ILE Q 112 14.77 15.81 -14.62
CA ILE Q 112 15.13 16.38 -15.90
C ILE Q 112 16.20 17.44 -15.75
N ASN Q 113 16.13 18.22 -14.66
CA ASN Q 113 17.20 19.18 -14.39
C ASN Q 113 18.54 18.47 -14.23
N SER Q 114 18.53 17.29 -13.62
CA SER Q 114 19.77 16.55 -13.46
C SER Q 114 20.35 16.09 -14.79
N ILE Q 115 19.49 15.86 -15.79
CA ILE Q 115 19.99 15.58 -17.13
C ILE Q 115 20.80 16.78 -17.63
N VAL Q 116 20.24 17.97 -17.48
CA VAL Q 116 20.82 19.16 -18.09
C VAL Q 116 22.12 19.55 -17.41
N ILE Q 117 22.16 19.47 -16.09
CA ILE Q 117 23.25 20.06 -15.32
C ILE Q 117 24.33 19.05 -14.98
N GLU Q 118 23.96 17.81 -14.64
CA GLU Q 118 24.93 16.83 -14.21
C GLU Q 118 25.54 16.11 -15.41
N TYR Q 119 26.70 15.49 -15.17
CA TYR Q 119 27.26 14.59 -16.16
C TYR Q 119 26.32 13.42 -16.39
N ASN Q 120 26.18 13.01 -17.65
CA ASN Q 120 25.20 12.00 -18.04
C ASN Q 120 25.85 10.63 -18.02
N ILE Q 121 25.49 9.83 -17.01
CA ILE Q 121 25.90 8.43 -16.93
C ILE Q 121 24.69 7.62 -16.48
N GLY Q 122 24.76 6.31 -16.69
CA GLY Q 122 23.63 5.44 -16.41
C GLY Q 122 24.05 4.16 -15.72
N THR Q 123 23.12 3.61 -14.95
CA THR Q 123 23.34 2.34 -14.26
C THR Q 123 22.11 1.44 -14.33
N GLY Q 124 21.25 1.65 -15.30
CA GLY Q 124 19.99 0.93 -15.38
C GLY Q 124 18.95 1.49 -14.43
N TRP Q 125 17.69 1.17 -14.71
CA TRP Q 125 16.62 1.59 -13.82
C TRP Q 125 16.58 0.76 -12.54
N THR Q 126 17.33 -0.34 -12.51
CA THR Q 126 17.44 -1.21 -11.34
C THR Q 126 18.59 -0.81 -10.42
N LEU Q 127 19.36 0.21 -10.79
CA LEU Q 127 20.36 0.83 -9.93
C LEU Q 127 21.15 -0.19 -9.12
N TYR Q 128 21.64 -1.22 -9.80
CA TYR Q 128 22.47 -2.21 -9.13
C TYR Q 128 23.75 -1.58 -8.61
N PRO Q 129 24.09 -1.77 -7.34
CA PRO Q 129 25.46 -1.49 -6.89
C PRO Q 129 26.38 -2.64 -7.28
N PRO Q 130 27.70 -2.44 -7.28
CA PRO Q 130 28.45 -1.23 -6.92
C PRO Q 130 28.47 -0.16 -7.99
N LEU Q 131 27.93 -0.45 -9.18
CA LEU Q 131 27.98 0.52 -10.26
C LEU Q 131 27.23 1.79 -9.88
N SER Q 132 26.08 1.65 -9.23
CA SER Q 132 25.28 2.81 -8.85
C SER Q 132 26.00 3.69 -7.84
N ILE Q 133 26.85 3.09 -6.99
CA ILE Q 133 27.47 3.84 -5.91
C ILE Q 133 28.85 4.40 -6.28
N ILE Q 134 29.37 4.06 -7.45
CA ILE Q 134 30.63 4.62 -7.92
C ILE Q 134 30.40 5.64 -9.02
N GLY Q 135 29.17 6.07 -9.23
CA GLY Q 135 28.84 7.03 -10.28
C GLY Q 135 28.93 8.46 -9.79
N THR Q 136 28.46 9.36 -10.65
CA THR Q 136 28.52 10.80 -10.38
C THR Q 136 27.24 11.26 -9.70
N VAL Q 137 27.08 12.58 -9.58
CA VAL Q 137 25.99 13.14 -8.80
C VAL Q 137 24.63 12.90 -9.44
N ILE Q 138 24.58 12.61 -10.74
CA ILE Q 138 23.28 12.37 -11.37
C ILE Q 138 22.58 11.20 -10.70
N VAL Q 139 23.34 10.23 -10.19
CA VAL Q 139 22.74 9.12 -9.47
C VAL Q 139 22.14 9.60 -8.16
N ASN Q 140 22.80 10.53 -7.48
CA ASN Q 140 22.24 11.10 -6.26
C ASN Q 140 20.92 11.79 -6.54
N MET Q 141 20.85 12.56 -7.63
CA MET Q 141 19.62 13.26 -7.96
C MET Q 141 18.49 12.28 -8.26
N ILE Q 142 18.79 11.21 -9.00
CA ILE Q 142 17.77 10.22 -9.32
C ILE Q 142 17.26 9.57 -8.04
N LEU Q 143 18.14 9.31 -7.08
CA LEU Q 143 17.70 8.74 -5.81
C LEU Q 143 16.72 9.66 -5.10
N TYR Q 144 17.01 10.96 -5.10
CA TYR Q 144 16.09 11.91 -4.47
C TYR Q 144 14.72 11.86 -5.14
N GLY Q 145 14.71 11.76 -6.48
CA GLY Q 145 13.44 11.67 -7.18
C GLY Q 145 12.64 10.45 -6.77
N LEU Q 146 13.31 9.30 -6.68
CA LEU Q 146 12.60 8.07 -6.32
C LEU Q 146 12.04 8.16 -4.91
N ILE Q 147 12.84 8.65 -3.97
CA ILE Q 147 12.36 8.77 -2.59
C ILE Q 147 11.18 9.72 -2.52
N ILE Q 148 11.27 10.85 -3.23
CA ILE Q 148 10.16 11.80 -3.26
C ILE Q 148 8.93 11.18 -3.89
N ILE Q 149 9.12 10.44 -5.00
CA ILE Q 149 8.01 9.73 -5.61
C ILE Q 149 7.41 8.74 -4.62
N GLY Q 150 8.26 8.07 -3.84
CA GLY Q 150 7.75 7.11 -2.88
C GLY Q 150 6.82 7.75 -1.87
N ILE Q 151 7.12 8.99 -1.47
CA ILE Q 151 6.24 9.69 -0.54
C ILE Q 151 4.87 9.88 -1.16
N SER Q 152 4.82 10.31 -2.41
CA SER Q 152 3.53 10.53 -3.07
C SER Q 152 2.76 9.22 -3.20
N SER Q 153 3.45 8.14 -3.56
CA SER Q 153 2.77 6.87 -3.74
C SER Q 153 2.16 6.38 -2.44
N ILE Q 154 2.89 6.49 -1.32
CA ILE Q 154 2.39 5.94 -0.07
C ILE Q 154 1.20 6.75 0.44
N ILE Q 155 1.26 8.08 0.34
CA ILE Q 155 0.17 8.89 0.85
C ILE Q 155 -1.07 8.69 -0.02
N SER Q 156 -0.89 8.52 -1.33
CA SER Q 156 -2.02 8.20 -2.18
C SER Q 156 -2.61 6.83 -1.83
N ALA Q 157 -1.75 5.87 -1.49
CA ALA Q 157 -2.25 4.57 -1.05
C ALA Q 157 -3.06 4.70 0.22
N ILE Q 158 -2.59 5.51 1.18
CA ILE Q 158 -3.36 5.75 2.39
C ILE Q 158 -4.72 6.35 2.04
N ASN Q 159 -4.74 7.24 1.06
CA ASN Q 159 -5.98 7.90 0.69
C ASN Q 159 -7.01 6.89 0.19
N PHE Q 160 -6.59 5.96 -0.66
CA PHE Q 160 -7.53 5.00 -1.22
C PHE Q 160 -8.02 4.01 -0.17
N MET Q 161 -7.13 3.61 0.76
CA MET Q 161 -7.54 2.67 1.80
C MET Q 161 -8.67 3.24 2.65
N ASN Q 162 -8.69 4.55 2.85
CA ASN Q 162 -9.73 5.17 3.67
C ASN Q 162 -11.11 5.09 3.04
N ILE Q 163 -11.20 4.72 1.77
CA ILE Q 163 -12.51 4.60 1.13
C ILE Q 163 -13.31 3.46 1.77
N LEU Q 164 -12.64 2.43 2.26
CA LEU Q 164 -13.35 1.35 2.94
C LEU Q 164 -14.17 1.88 4.10
N ILE Q 165 -13.69 2.93 4.77
CA ILE Q 165 -14.40 3.48 5.92
C ILE Q 165 -15.63 4.29 5.50
N VAL Q 166 -15.66 4.81 4.28
CA VAL Q 166 -16.73 5.71 3.86
C VAL Q 166 -17.58 5.16 2.72
N ILE Q 167 -17.15 4.10 2.04
CA ILE Q 167 -17.89 3.61 0.90
C ILE Q 167 -19.34 3.40 1.29
N ASP Q 168 -20.25 3.98 0.51
CA ASP Q 168 -21.68 3.90 0.79
C ASP Q 168 -22.40 2.88 -0.08
N GLY Q 169 -21.70 2.25 -1.02
CA GLY Q 169 -22.30 1.25 -1.88
C GLY Q 169 -21.63 -0.11 -1.76
N ILE Q 170 -21.46 -0.78 -2.90
CA ILE Q 170 -20.81 -2.08 -2.97
C ILE Q 170 -19.39 -1.88 -3.49
N ILE Q 171 -18.44 -2.64 -2.94
CA ILE Q 171 -17.07 -2.60 -3.44
C ILE Q 171 -17.02 -3.34 -4.76
N TYR Q 172 -17.03 -2.60 -5.87
CA TYR Q 172 -16.94 -3.22 -7.18
C TYR Q 172 -15.53 -3.76 -7.41
N VAL Q 173 -15.39 -4.58 -8.45
CA VAL Q 173 -14.10 -5.21 -8.74
C VAL Q 173 -13.02 -4.16 -8.90
N TYR Q 174 -13.33 -3.07 -9.60
CA TYR Q 174 -12.33 -2.03 -9.82
C TYR Q 174 -11.87 -1.44 -8.50
N ILE Q 175 -12.80 -1.17 -7.59
CA ILE Q 175 -12.42 -0.67 -6.28
C ILE Q 175 -11.52 -1.66 -5.57
N TRP Q 176 -11.84 -2.96 -5.69
CA TRP Q 176 -10.96 -3.99 -5.12
C TRP Q 176 -9.59 -3.94 -5.75
N SER Q 177 -9.51 -3.65 -7.05
CA SER Q 177 -8.22 -3.61 -7.72
C SER Q 177 -7.33 -2.53 -7.13
N ILE Q 178 -7.89 -1.35 -6.87
CA ILE Q 178 -7.10 -0.24 -6.33
C ILE Q 178 -6.72 -0.50 -4.88
N ILE Q 179 -7.66 -1.05 -4.10
CA ILE Q 179 -7.37 -1.28 -2.68
C ILE Q 179 -6.20 -2.24 -2.53
N ILE Q 180 -6.17 -3.29 -3.34
CA ILE Q 180 -5.11 -4.28 -3.23
C ILE Q 180 -3.78 -3.70 -3.69
N THR Q 181 -3.80 -2.89 -4.74
CA THR Q 181 -2.57 -2.19 -5.13
C THR Q 181 -2.09 -1.27 -4.01
N SER Q 182 -3.03 -0.62 -3.32
CA SER Q 182 -2.66 0.21 -2.18
C SER Q 182 -2.01 -0.62 -1.08
N VAL Q 183 -2.56 -1.79 -0.80
CA VAL Q 183 -1.96 -2.67 0.19
C VAL Q 183 -0.57 -3.08 -0.26
N LEU Q 184 -0.41 -3.44 -1.53
CA LEU Q 184 0.89 -3.83 -2.04
C LEU Q 184 1.90 -2.70 -1.89
N LEU Q 185 1.45 -1.45 -2.05
CA LEU Q 185 2.35 -0.32 -1.88
C LEU Q 185 2.73 -0.13 -0.42
N ILE Q 186 1.76 -0.25 0.49
CA ILE Q 186 2.04 -0.03 1.91
C ILE Q 186 3.05 -1.03 2.43
N ILE Q 187 3.06 -2.24 1.87
CA ILE Q 187 3.95 -3.27 2.37
C ILE Q 187 5.30 -3.29 1.65
N SER Q 188 5.34 -2.84 0.40
CA SER Q 188 6.56 -2.92 -0.39
C SER Q 188 7.40 -1.65 -0.31
N LEU Q 189 6.75 -0.49 -0.30
CA LEU Q 189 7.49 0.78 -0.28
C LEU Q 189 8.43 0.90 0.90
N PRO Q 190 8.03 0.62 2.14
CA PRO Q 190 8.98 0.78 3.25
C PRO Q 190 10.25 0.00 3.08
N ILE Q 191 10.20 -1.17 2.44
CA ILE Q 191 11.41 -1.93 2.20
C ILE Q 191 12.27 -1.24 1.15
N LEU Q 192 11.63 -0.71 0.10
CA LEU Q 192 12.38 0.01 -0.91
C LEU Q 192 13.11 1.19 -0.31
N ASN Q 193 12.41 1.97 0.51
CA ASN Q 193 13.04 3.14 1.13
C ASN Q 193 14.29 2.73 1.87
N GLY Q 194 14.23 1.64 2.64
CA GLY Q 194 15.40 1.22 3.38
C GLY Q 194 16.60 0.94 2.50
N ILE Q 195 16.39 0.18 1.43
CA ILE Q 195 17.53 -0.17 0.57
C ILE Q 195 18.02 1.06 -0.18
N LEU Q 196 17.11 1.95 -0.57
CA LEU Q 196 17.54 3.19 -1.20
C LEU Q 196 18.38 4.03 -0.24
N LEU Q 197 17.98 4.09 1.02
CA LEU Q 197 18.79 4.79 2.01
C LEU Q 197 20.18 4.20 2.11
N MET Q 198 20.29 2.88 1.97
CA MET Q 198 21.60 2.24 2.03
C MET Q 198 22.43 2.59 0.80
N ILE Q 199 21.79 2.70 -0.37
CA ILE Q 199 22.50 3.19 -1.55
C ILE Q 199 23.03 4.58 -1.30
N LEU Q 200 22.20 5.44 -0.70
CA LEU Q 200 22.65 6.79 -0.35
C LEU Q 200 23.80 6.75 0.65
N SER Q 201 23.70 5.90 1.66
CA SER Q 201 24.75 5.83 2.67
C SER Q 201 26.10 5.51 2.04
N ASP Q 202 26.11 4.60 1.08
CA ASP Q 202 27.35 4.25 0.40
C ASP Q 202 27.79 5.34 -0.56
N ILE Q 203 26.84 6.07 -1.15
CA ILE Q 203 27.19 7.16 -2.05
C ILE Q 203 27.67 8.37 -1.29
N TYR Q 204 27.00 8.70 -0.17
CA TYR Q 204 27.15 10.00 0.45
C TYR Q 204 27.63 9.95 1.90
N PHE Q 205 27.62 8.78 2.56
CA PHE Q 205 27.97 8.71 3.97
C PHE Q 205 29.09 7.71 4.25
N ASN Q 206 29.86 7.35 3.22
CA ASN Q 206 31.05 6.51 3.39
C ASN Q 206 30.71 5.15 4.00
N SER Q 207 29.49 4.68 3.78
CA SER Q 207 29.12 3.34 4.22
C SER Q 207 29.79 2.30 3.34
N ILE Q 208 29.81 1.05 3.82
CA ILE Q 208 30.59 0.01 3.15
C ILE Q 208 29.77 -1.23 2.88
N TYR Q 209 28.44 -1.09 2.79
CA TYR Q 209 27.60 -2.26 2.59
C TYR Q 209 27.85 -2.94 1.24
N PHE Q 210 28.25 -2.19 0.23
CA PHE Q 210 28.37 -2.71 -1.13
C PHE Q 210 29.82 -2.76 -1.60
N ILE Q 211 30.71 -3.06 -0.66
CA ILE Q 211 32.12 -3.32 -0.94
C ILE Q 211 32.47 -4.63 -0.25
N LEU Q 212 33.64 -5.18 -0.59
CA LEU Q 212 33.93 -6.56 -0.23
C LEU Q 212 33.66 -6.83 1.25
N ASN Q 213 33.23 -8.06 1.52
CA ASN Q 213 32.71 -8.56 2.78
C ASN Q 213 31.29 -8.09 3.02
N GLY Q 214 30.80 -7.14 2.22
CA GLY Q 214 29.39 -6.81 2.19
C GLY Q 214 28.82 -7.39 0.91
N ASP Q 215 27.63 -7.96 1.03
CA ASP Q 215 27.05 -8.71 -0.08
C ASP Q 215 26.26 -7.76 -0.97
N VAL Q 216 26.71 -7.60 -2.21
CA VAL Q 216 25.97 -6.80 -3.18
C VAL Q 216 24.64 -7.47 -3.52
N VAL Q 217 24.58 -8.79 -3.45
CA VAL Q 217 23.33 -9.48 -3.75
C VAL Q 217 22.25 -9.07 -2.77
N LEU Q 218 22.63 -8.51 -1.61
CA LEU Q 218 21.64 -8.03 -0.66
C LEU Q 218 20.74 -6.99 -1.29
N TYR Q 219 21.32 -6.05 -2.03
CA TYR Q 219 20.52 -5.01 -2.65
C TYR Q 219 19.45 -5.62 -3.55
N GLN Q 220 19.84 -6.60 -4.36
CA GLN Q 220 18.93 -7.19 -5.33
C GLN Q 220 17.73 -7.82 -4.62
N HIS Q 221 17.96 -8.43 -3.46
CA HIS Q 221 16.84 -9.00 -2.71
C HIS Q 221 15.86 -7.91 -2.28
N LEU Q 222 16.37 -6.86 -1.64
CA LEU Q 222 15.48 -5.82 -1.14
C LEU Q 222 14.86 -5.02 -2.28
N PHE Q 223 15.64 -4.74 -3.32
CA PHE Q 223 15.09 -4.02 -4.46
C PHE Q 223 13.97 -4.80 -5.10
N TRP Q 224 14.21 -6.07 -5.44
CA TRP Q 224 13.20 -6.85 -6.13
C TRP Q 224 12.07 -7.26 -5.21
N TYR Q 225 12.28 -7.27 -3.90
CA TYR Q 225 11.16 -7.44 -2.99
C TYR Q 225 10.15 -6.32 -3.17
N PHE Q 226 10.58 -5.18 -3.69
CA PHE Q 226 9.69 -4.14 -4.16
C PHE Q 226 9.47 -4.21 -5.66
N GLY Q 227 10.49 -4.65 -6.39
CA GLY Q 227 10.42 -4.64 -7.85
C GLY Q 227 9.25 -5.41 -8.40
N HIS Q 228 9.10 -6.65 -8.00
CA HIS Q 228 8.05 -7.41 -8.64
C HIS Q 228 6.67 -6.99 -8.15
N PRO Q 229 6.48 -6.71 -6.87
CA PRO Q 229 5.20 -6.14 -6.45
C PRO Q 229 4.86 -4.88 -7.22
N GLU Q 230 5.89 -4.15 -7.68
CA GLU Q 230 5.65 -2.97 -8.50
C GLU Q 230 5.00 -3.32 -9.83
N VAL Q 231 5.47 -4.39 -10.48
CA VAL Q 231 4.89 -4.75 -11.78
C VAL Q 231 3.42 -5.14 -11.63
N TYR Q 232 3.02 -5.66 -10.47
CA TYR Q 232 1.60 -5.91 -10.25
C TYR Q 232 0.87 -4.70 -9.71
N ILE Q 233 1.56 -3.77 -9.06
CA ILE Q 233 0.94 -2.50 -8.74
C ILE Q 233 0.64 -1.73 -10.01
N LEU Q 234 1.35 -2.01 -11.10
CA LEU Q 234 1.12 -1.32 -12.36
C LEU Q 234 0.10 -2.03 -13.25
N ILE Q 235 -0.18 -3.30 -13.01
CA ILE Q 235 -1.05 -4.06 -13.90
C ILE Q 235 -2.43 -4.22 -13.30
N LEU Q 236 -2.49 -4.35 -11.97
CA LEU Q 236 -3.78 -4.58 -11.33
C LEU Q 236 -4.79 -3.47 -11.60
N PRO Q 237 -4.43 -2.18 -11.53
CA PRO Q 237 -5.41 -1.16 -11.93
C PRO Q 237 -5.87 -1.34 -13.36
N ALA Q 238 -4.99 -1.79 -14.25
CA ALA Q 238 -5.39 -2.06 -15.62
C ALA Q 238 -6.42 -3.17 -15.69
N PHE Q 239 -6.24 -4.23 -14.90
CA PHE Q 239 -7.23 -5.30 -14.85
C PHE Q 239 -8.58 -4.76 -14.40
N GLY Q 240 -8.58 -3.91 -13.37
CA GLY Q 240 -9.83 -3.35 -12.90
C GLY Q 240 -10.56 -2.59 -13.99
N ILE Q 241 -9.82 -1.83 -14.80
CA ILE Q 241 -10.44 -1.08 -15.89
C ILE Q 241 -11.04 -2.04 -16.90
N ILE Q 242 -10.29 -3.08 -17.28
CA ILE Q 242 -10.76 -4.01 -18.30
C ILE Q 242 -12.08 -4.61 -17.89
N SER Q 243 -12.25 -4.92 -16.60
CA SER Q 243 -13.49 -5.51 -16.13
C SER Q 243 -14.67 -4.57 -16.34
N ILE Q 244 -14.50 -3.29 -16.02
CA ILE Q 244 -15.60 -2.33 -16.17
C ILE Q 244 -15.97 -2.18 -17.64
N ILE Q 245 -14.97 -2.03 -18.49
CA ILE Q 245 -15.24 -1.75 -19.91
C ILE Q 245 -16.00 -2.90 -20.53
N LEU Q 246 -15.54 -4.13 -20.30
CA LEU Q 246 -16.18 -5.28 -20.93
C LEU Q 246 -17.61 -5.43 -20.45
N SER Q 247 -17.85 -5.27 -19.15
CA SER Q 247 -19.22 -5.41 -18.64
C SER Q 247 -20.11 -4.31 -19.19
N VAL Q 248 -19.63 -3.07 -19.18
CA VAL Q 248 -20.47 -1.95 -19.60
C VAL Q 248 -20.77 -2.03 -21.09
N LEU Q 249 -19.73 -2.16 -21.92
CA LEU Q 249 -19.93 -2.09 -23.36
C LEU Q 249 -20.70 -3.27 -23.90
N ASN Q 250 -20.54 -4.45 -23.30
CA ASN Q 250 -21.28 -5.62 -23.71
C ASN Q 250 -22.61 -5.76 -23.00
N ASN Q 251 -22.92 -4.86 -22.06
CA ASN Q 251 -24.18 -4.91 -21.31
C ASN Q 251 -24.35 -6.24 -20.59
N LYS Q 252 -23.24 -6.77 -20.06
CA LYS Q 252 -23.24 -8.07 -19.39
C LYS Q 252 -22.68 -7.92 -17.99
N ILE Q 253 -23.39 -8.48 -17.01
CA ILE Q 253 -22.91 -8.47 -15.64
C ILE Q 253 -21.63 -9.28 -15.54
N ILE Q 254 -20.69 -8.79 -14.73
CA ILE Q 254 -19.43 -9.50 -14.52
C ILE Q 254 -19.73 -10.92 -14.08
N PHE Q 255 -19.07 -11.88 -14.71
CA PHE Q 255 -19.22 -13.29 -14.36
C PHE Q 255 -18.13 -13.68 -13.38
N GLY Q 256 -18.52 -14.34 -12.30
CA GLY Q 256 -17.58 -14.71 -11.27
C GLY Q 256 -16.95 -13.50 -10.59
N MET Q 257 -17.78 -12.56 -10.14
CA MET Q 257 -17.26 -11.36 -9.50
C MET Q 257 -16.35 -11.73 -8.33
N LYS Q 258 -16.80 -12.64 -7.48
CA LYS Q 258 -16.02 -13.03 -6.31
C LYS Q 258 -14.73 -13.73 -6.72
N SER Q 259 -14.75 -14.49 -7.81
CA SER Q 259 -13.52 -15.11 -8.29
C SER Q 259 -12.58 -14.08 -8.87
N MET Q 260 -13.12 -13.07 -9.55
CA MET Q 260 -12.29 -11.95 -10.00
C MET Q 260 -11.61 -11.29 -8.81
N ILE Q 261 -12.39 -10.98 -7.77
CA ILE Q 261 -11.85 -10.31 -6.59
C ILE Q 261 -10.82 -11.19 -5.92
N LEU Q 262 -11.16 -12.47 -5.71
CA LEU Q 262 -10.23 -13.37 -5.04
C LEU Q 262 -9.03 -13.70 -5.91
N ALA Q 263 -9.15 -13.54 -7.22
CA ALA Q 263 -7.99 -13.68 -8.09
C ALA Q 263 -7.03 -12.52 -7.91
N ILE Q 264 -7.57 -11.31 -7.73
CA ILE Q 264 -6.72 -10.14 -7.53
C ILE Q 264 -5.99 -10.25 -6.18
N ILE Q 265 -6.70 -10.66 -5.14
CA ILE Q 265 -6.06 -10.85 -3.83
C ILE Q 265 -4.97 -11.90 -3.93
N MET Q 266 -5.24 -12.99 -4.64
CA MET Q 266 -4.26 -14.06 -4.76
C MET Q 266 -3.02 -13.60 -5.48
N ILE Q 267 -3.19 -12.87 -6.58
CA ILE Q 267 -2.03 -12.39 -7.33
C ILE Q 267 -1.15 -11.53 -6.44
N SER Q 268 -1.77 -10.74 -5.56
CA SER Q 268 -1.00 -9.85 -4.69
C SER Q 268 -0.15 -10.65 -3.70
N ILE Q 269 -0.77 -11.60 -2.99
CA ILE Q 269 -0.03 -12.40 -2.02
C ILE Q 269 1.12 -13.12 -2.71
N LEU Q 270 0.82 -13.78 -3.83
CA LEU Q 270 1.85 -14.51 -4.57
C LEU Q 270 2.89 -13.56 -5.11
N GLY Q 271 2.48 -12.39 -5.61
CA GLY Q 271 3.43 -11.43 -6.13
C GLY Q 271 4.35 -10.87 -5.09
N SER Q 272 3.98 -10.99 -3.82
CA SER Q 272 4.80 -10.53 -2.72
C SER Q 272 5.84 -11.56 -2.27
N ILE Q 273 5.87 -12.74 -2.89
CA ILE Q 273 6.73 -13.82 -2.42
C ILE Q 273 7.51 -14.50 -3.55
N VAL Q 274 7.62 -13.87 -4.71
CA VAL Q 274 8.24 -14.53 -5.87
C VAL Q 274 9.39 -13.69 -6.45
N TRP Q 275 9.83 -12.67 -5.70
CA TRP Q 275 10.74 -11.67 -6.27
C TRP Q 275 12.03 -12.23 -6.82
N ALA Q 276 12.53 -13.36 -6.29
CA ALA Q 276 13.87 -13.79 -6.66
C ALA Q 276 13.94 -14.46 -8.02
N HIS Q 277 12.84 -14.51 -8.77
CA HIS Q 277 12.95 -14.95 -10.16
C HIS Q 277 13.71 -13.94 -11.00
N HIS Q 278 13.99 -12.75 -10.45
CA HIS Q 278 14.87 -11.77 -11.05
C HIS Q 278 16.34 -11.99 -10.71
N ILE Q 279 16.64 -12.99 -9.88
CA ILE Q 279 17.98 -13.19 -9.36
C ILE Q 279 18.43 -14.62 -9.63
N TYR Q 280 17.92 -15.21 -10.71
CA TYR Q 280 18.19 -16.62 -10.98
C TYR Q 280 19.67 -16.88 -11.29
N THR Q 281 20.34 -15.94 -11.96
CA THR Q 281 21.69 -16.16 -12.43
C THR Q 281 22.76 -15.73 -11.45
N VAL Q 282 22.37 -15.25 -10.26
CA VAL Q 282 23.37 -14.84 -9.28
C VAL Q 282 24.09 -16.03 -8.68
N GLY Q 283 23.40 -17.16 -8.53
CA GLY Q 283 23.99 -18.30 -7.86
C GLY Q 283 23.35 -18.65 -6.54
N LEU Q 284 22.03 -18.54 -6.47
CA LEU Q 284 21.29 -18.89 -5.26
C LEU Q 284 21.27 -20.41 -5.07
N GLU Q 285 20.90 -20.82 -3.86
CA GLU Q 285 20.87 -22.24 -3.51
C GLU Q 285 19.80 -22.96 -4.31
N LEU Q 286 20.03 -24.25 -4.55
CA LEU Q 286 19.14 -25.05 -5.39
C LEU Q 286 17.72 -25.02 -4.86
N ASP Q 287 17.54 -25.16 -3.54
CA ASP Q 287 16.20 -25.21 -2.99
C ASP Q 287 15.50 -23.87 -3.10
N THR Q 288 16.24 -22.77 -2.90
CA THR Q 288 15.66 -21.45 -3.11
C THR Q 288 15.18 -21.29 -4.54
N LYS Q 289 16.02 -21.63 -5.50
CA LYS Q 289 15.64 -21.54 -6.90
C LYS Q 289 14.38 -22.34 -7.18
N ILE Q 290 14.29 -23.53 -6.61
CA ILE Q 290 13.12 -24.37 -6.87
C ILE Q 290 11.88 -23.78 -6.22
N TYR Q 291 12.01 -23.26 -4.99
CA TYR Q 291 10.86 -22.60 -4.37
C TYR Q 291 10.36 -21.47 -5.25
N PHE Q 292 11.24 -20.56 -5.64
CA PHE Q 292 10.81 -19.38 -6.37
C PHE Q 292 10.26 -19.74 -7.74
N ASN Q 293 10.89 -20.71 -8.41
CA ASN Q 293 10.36 -21.15 -9.69
C ASN Q 293 8.98 -21.75 -9.52
N ASN Q 294 8.77 -22.55 -8.47
CA ASN Q 294 7.48 -23.17 -8.25
C ASN Q 294 6.40 -22.13 -7.99
N LEU Q 295 6.68 -21.18 -7.09
CA LEU Q 295 5.67 -20.19 -6.74
C LEU Q 295 5.41 -19.22 -7.88
N THR Q 296 6.43 -18.93 -8.69
CA THR Q 296 6.26 -18.06 -9.84
C THR Q 296 5.27 -18.67 -10.83
N LEU Q 297 5.37 -19.97 -11.07
CA LEU Q 297 4.44 -20.63 -11.99
C LEU Q 297 3.03 -20.68 -11.43
N ILE Q 298 2.87 -20.62 -10.11
CA ILE Q 298 1.54 -20.65 -9.52
C ILE Q 298 0.75 -19.39 -9.87
N ILE Q 299 1.43 -18.25 -10.00
CA ILE Q 299 0.74 -17.00 -10.29
C ILE Q 299 -0.10 -17.09 -11.55
N SER Q 300 0.23 -18.01 -12.45
CA SER Q 300 -0.55 -18.14 -13.67
C SER Q 300 -1.98 -18.58 -13.40
N ILE Q 301 -2.19 -19.37 -12.35
CA ILE Q 301 -3.52 -19.91 -12.04
C ILE Q 301 -4.49 -18.75 -11.81
N PRO Q 302 -4.29 -17.91 -10.79
CA PRO Q 302 -5.25 -16.80 -10.60
C PRO Q 302 -5.30 -15.86 -11.79
N THR Q 303 -4.16 -15.61 -12.43
CA THR Q 303 -4.14 -14.75 -13.60
C THR Q 303 -4.92 -15.37 -14.75
N GLY Q 304 -4.85 -16.70 -14.88
CA GLY Q 304 -5.60 -17.36 -15.94
C GLY Q 304 -7.09 -17.30 -15.72
N ASN Q 305 -7.53 -17.43 -14.47
CA ASN Q 305 -8.96 -17.38 -14.19
C ASN Q 305 -9.55 -16.04 -14.62
N LYS Q 306 -8.84 -14.95 -14.38
CA LYS Q 306 -9.35 -13.64 -14.78
C LYS Q 306 -9.47 -13.54 -16.29
N ILE Q 307 -8.50 -14.07 -17.03
CA ILE Q 307 -8.52 -13.96 -18.48
C ILE Q 307 -9.77 -14.64 -19.04
N TYR Q 308 -10.05 -15.86 -18.57
CA TYR Q 308 -11.18 -16.61 -19.11
C TYR Q 308 -12.51 -15.98 -18.69
N ASN Q 309 -12.56 -15.37 -17.51
CA ASN Q 309 -13.78 -14.67 -17.09
C ASN Q 309 -14.04 -13.44 -17.96
N TRP Q 310 -12.97 -12.80 -18.44
CA TRP Q 310 -13.14 -11.69 -19.38
C TRP Q 310 -13.67 -12.18 -20.72
N ILE Q 311 -13.19 -13.33 -21.20
CA ILE Q 311 -13.58 -13.81 -22.52
C ILE Q 311 -15.08 -14.04 -22.57
N ILE Q 312 -15.64 -14.69 -21.54
CA ILE Q 312 -17.07 -14.95 -21.53
C ILE Q 312 -17.88 -13.67 -21.41
N LEU Q 313 -17.27 -12.58 -20.92
CA LEU Q 313 -17.96 -11.31 -20.92
C LEU Q 313 -18.21 -10.81 -22.34
N TYR Q 314 -17.23 -10.98 -23.22
CA TYR Q 314 -17.42 -10.53 -24.60
C TYR Q 314 -18.24 -11.52 -25.42
N ILE Q 315 -18.17 -12.81 -25.08
CA ILE Q 315 -18.96 -13.80 -25.79
C ILE Q 315 -20.45 -13.53 -25.56
N GLY Q 316 -21.24 -13.76 -26.61
CA GLY Q 316 -22.68 -13.71 -26.49
C GLY Q 316 -23.28 -12.34 -26.52
N SER Q 317 -22.48 -11.28 -26.63
CA SER Q 317 -23.01 -9.93 -26.61
C SER Q 317 -23.78 -9.63 -27.90
N TYR Q 318 -24.75 -8.73 -27.79
CA TYR Q 318 -25.64 -8.45 -28.91
C TYR Q 318 -24.87 -7.98 -30.12
N ASN Q 319 -25.28 -8.48 -31.29
CA ASN Q 319 -24.62 -8.12 -32.53
C ASN Q 319 -24.99 -6.73 -33.02
N ILE Q 320 -26.18 -6.24 -32.66
CA ILE Q 320 -26.64 -4.97 -33.19
C ILE Q 320 -25.75 -3.82 -32.71
N LEU Q 321 -25.24 -3.92 -31.49
CA LEU Q 321 -24.35 -2.88 -30.98
C LEU Q 321 -23.09 -2.80 -31.82
N TYR Q 322 -22.70 -1.58 -32.16
CA TYR Q 322 -21.49 -1.38 -32.94
C TYR Q 322 -20.26 -1.72 -32.10
N ASN Q 323 -19.39 -2.56 -32.64
CA ASN Q 323 -18.24 -3.07 -31.91
C ASN Q 323 -16.93 -2.40 -32.31
N GLY Q 324 -16.98 -1.36 -33.13
CA GLY Q 324 -15.79 -0.69 -33.58
C GLY Q 324 -15.34 0.47 -32.72
N TYR Q 325 -15.98 0.70 -31.57
CA TYR Q 325 -15.54 1.75 -30.68
C TYR Q 325 -14.13 1.47 -30.18
N GLN Q 326 -13.33 2.54 -30.08
CA GLN Q 326 -11.92 2.36 -29.75
C GLN Q 326 -11.74 1.75 -28.37
N SER Q 327 -12.59 2.12 -27.42
CA SER Q 327 -12.48 1.57 -26.08
C SER Q 327 -12.69 0.06 -26.08
N LEU Q 328 -13.71 -0.40 -26.79
CA LEU Q 328 -13.96 -1.84 -26.86
C LEU Q 328 -12.82 -2.57 -27.55
N ILE Q 329 -12.31 -2.02 -28.65
CA ILE Q 329 -11.22 -2.65 -29.37
C ILE Q 329 -9.99 -2.77 -28.48
N PHE Q 330 -9.67 -1.70 -27.75
CA PHE Q 330 -8.52 -1.73 -26.87
C PHE Q 330 -8.69 -2.77 -25.76
N SER Q 331 -9.90 -2.85 -25.19
CA SER Q 331 -10.13 -3.83 -24.13
C SER Q 331 -9.93 -5.25 -24.65
N ILE Q 332 -10.45 -5.54 -25.85
CA ILE Q 332 -10.26 -6.86 -26.44
C ILE Q 332 -8.80 -7.08 -26.77
N MET Q 333 -8.14 -6.07 -27.33
CA MET Q 333 -6.73 -6.19 -27.67
C MET Q 333 -5.90 -6.50 -26.44
N PHE Q 334 -6.32 -6.02 -25.27
CA PHE Q 334 -5.56 -6.29 -24.05
C PHE Q 334 -5.51 -7.78 -23.74
N ILE Q 335 -6.63 -8.48 -23.87
CA ILE Q 335 -6.65 -9.92 -23.63
C ILE Q 335 -5.70 -10.62 -24.59
N ILE Q 336 -5.78 -10.26 -25.87
CA ILE Q 336 -4.94 -10.90 -26.88
C ILE Q 336 -3.47 -10.63 -26.59
N ILE Q 337 -3.14 -9.41 -26.16
CA ILE Q 337 -1.76 -9.03 -25.96
C ILE Q 337 -1.23 -9.54 -24.62
N PHE Q 338 -2.04 -9.46 -23.58
CA PHE Q 338 -1.56 -9.86 -22.25
C PHE Q 338 -1.20 -11.34 -22.21
N ILE Q 339 -1.96 -12.17 -22.93
CA ILE Q 339 -1.66 -13.60 -22.96
C ILE Q 339 -0.26 -13.83 -23.52
N ILE Q 340 0.10 -13.09 -24.58
CA ILE Q 340 1.44 -13.21 -25.14
C ILE Q 340 2.49 -12.87 -24.09
N GLY Q 341 2.31 -11.73 -23.42
CA GLY Q 341 3.29 -11.31 -22.43
C GLY Q 341 3.38 -12.28 -21.27
N GLY Q 342 2.24 -12.75 -20.78
CA GLY Q 342 2.25 -13.68 -19.66
C GLY Q 342 2.87 -15.01 -19.99
N ILE Q 343 2.54 -15.56 -21.17
CA ILE Q 343 3.08 -16.86 -21.56
C ILE Q 343 4.60 -16.78 -21.64
N THR Q 344 5.12 -15.73 -22.27
CA THR Q 344 6.57 -15.55 -22.30
C THR Q 344 7.13 -15.38 -20.90
N GLY Q 345 6.35 -14.79 -19.99
CA GLY Q 345 6.78 -14.73 -18.60
C GLY Q 345 6.93 -16.10 -17.99
N ILE Q 346 6.01 -17.01 -18.30
CA ILE Q 346 6.11 -18.38 -17.79
C ILE Q 346 7.32 -19.08 -18.39
N ILE Q 347 7.63 -18.79 -19.65
CA ILE Q 347 8.83 -19.38 -20.26
C ILE Q 347 10.08 -18.95 -19.52
N ILE Q 348 10.22 -17.64 -19.28
CA ILE Q 348 11.39 -17.14 -18.57
C ILE Q 348 11.37 -17.58 -17.11
N SER Q 349 10.21 -17.97 -16.58
CA SER Q 349 10.13 -18.39 -15.20
C SER Q 349 10.94 -19.67 -14.95
N ILE Q 350 10.95 -20.58 -15.92
CA ILE Q 350 11.82 -21.74 -15.81
C ILE Q 350 13.26 -21.24 -15.76
N ASP Q 351 13.95 -21.54 -14.66
CA ASP Q 351 15.27 -20.94 -14.47
C ASP Q 351 16.26 -21.41 -15.52
N ILE Q 352 16.19 -22.68 -15.92
CA ILE Q 352 17.14 -23.17 -16.91
C ILE Q 352 16.94 -22.48 -18.25
N ILE Q 353 15.69 -22.26 -18.65
CA ILE Q 353 15.43 -21.43 -19.81
C ILE Q 353 15.92 -20.01 -19.55
N ASP Q 354 15.81 -19.55 -18.30
CA ASP Q 354 16.19 -18.19 -17.96
C ASP Q 354 17.69 -17.96 -18.08
N ILE Q 355 18.50 -18.99 -17.83
CA ILE Q 355 19.95 -18.81 -17.97
C ILE Q 355 20.27 -18.29 -19.36
N GLY Q 356 19.65 -18.86 -20.38
CA GLY Q 356 19.87 -18.40 -21.73
C GLY Q 356 19.23 -17.05 -22.02
N LEU Q 357 18.09 -16.76 -21.39
CA LEU Q 357 17.30 -15.60 -21.74
C LEU Q 357 17.40 -14.45 -20.73
N HIS Q 358 18.24 -14.55 -19.69
CA HIS Q 358 18.43 -13.41 -18.79
C HIS Q 358 19.30 -12.35 -19.46
N ASP Q 359 18.95 -11.09 -19.21
CA ASP Q 359 19.68 -9.95 -19.77
C ASP Q 359 19.78 -10.04 -21.29
N THR Q 360 18.69 -10.42 -21.93
CA THR Q 360 18.56 -10.45 -23.38
C THR Q 360 17.28 -9.71 -23.77
N TYR Q 361 17.16 -9.39 -25.06
CA TYR Q 361 16.00 -8.61 -25.49
C TYR Q 361 14.70 -9.39 -25.43
N TYR Q 362 14.76 -10.70 -25.19
CA TYR Q 362 13.53 -11.45 -24.93
C TYR Q 362 12.83 -10.93 -23.68
N ILE Q 363 13.59 -10.62 -22.64
CA ILE Q 363 13.00 -10.04 -21.44
C ILE Q 363 12.38 -8.68 -21.76
N VAL Q 364 13.07 -7.88 -22.57
CA VAL Q 364 12.54 -6.59 -23.00
C VAL Q 364 11.17 -6.78 -23.62
N SER Q 365 11.10 -7.56 -24.70
CA SER Q 365 9.84 -7.78 -25.39
C SER Q 365 8.77 -8.30 -24.44
N HIS Q 366 9.16 -9.14 -23.48
CA HIS Q 366 8.18 -9.68 -22.54
C HIS Q 366 7.48 -8.58 -21.77
N PHE Q 367 8.25 -7.69 -21.12
CA PHE Q 367 7.61 -6.68 -20.30
C PHE Q 367 7.09 -5.50 -21.11
N HIS Q 368 7.55 -5.34 -22.36
CA HIS Q 368 6.94 -4.34 -23.22
C HIS Q 368 5.54 -4.77 -23.66
N TYR Q 369 5.38 -6.02 -24.05
CA TYR Q 369 4.06 -6.52 -24.46
C TYR Q 369 3.04 -6.31 -23.35
N ILE Q 370 3.46 -6.39 -22.09
CA ILE Q 370 2.54 -6.22 -20.98
C ILE Q 370 2.35 -4.74 -20.64
N LEU Q 371 3.43 -3.96 -20.61
CA LEU Q 371 3.38 -2.56 -20.21
C LEU Q 371 3.24 -1.61 -21.39
N SER Q 372 4.21 -1.64 -22.30
CA SER Q 372 4.21 -0.69 -23.41
C SER Q 372 3.01 -0.88 -24.32
N ILE Q 373 2.46 -2.08 -24.38
CA ILE Q 373 1.27 -2.38 -25.17
C ILE Q 373 0.05 -2.54 -24.27
N GLY Q 374 0.12 -3.48 -23.32
CA GLY Q 374 -1.07 -3.80 -22.54
C GLY Q 374 -1.49 -2.68 -21.61
N ALA Q 375 -0.55 -2.19 -20.80
CA ALA Q 375 -0.91 -1.16 -19.82
C ALA Q 375 -1.28 0.15 -20.50
N VAL Q 376 -0.53 0.55 -21.52
CA VAL Q 376 -0.84 1.78 -22.25
C VAL Q 376 -2.23 1.70 -22.85
N ILE Q 377 -2.53 0.60 -23.52
CA ILE Q 377 -3.83 0.43 -24.17
C ILE Q 377 -4.95 0.41 -23.14
N SER Q 378 -4.68 -0.16 -21.96
CA SER Q 378 -5.69 -0.19 -20.91
C SER Q 378 -5.98 1.22 -20.39
N LEU Q 379 -4.94 2.02 -20.21
CA LEU Q 379 -5.14 3.41 -19.79
C LEU Q 379 -5.89 4.20 -20.86
N LEU Q 380 -5.51 4.02 -22.13
CA LEU Q 380 -6.22 4.65 -23.22
C LEU Q 380 -7.68 4.21 -23.24
N ALA Q 381 -7.92 2.91 -23.12
CA ALA Q 381 -9.29 2.40 -23.15
C ALA Q 381 -10.11 2.96 -22.00
N GLY Q 382 -9.50 3.09 -20.82
CA GLY Q 382 -10.23 3.63 -19.68
C GLY Q 382 -10.58 5.09 -19.86
N ILE Q 383 -9.62 5.89 -20.33
CA ILE Q 383 -9.88 7.31 -20.60
C ILE Q 383 -10.95 7.43 -21.68
N LEU Q 384 -10.85 6.62 -22.72
CA LEU Q 384 -11.83 6.66 -23.81
C LEU Q 384 -13.23 6.34 -23.32
N LEU Q 385 -13.37 5.38 -22.41
CA LEU Q 385 -14.68 5.06 -21.87
C LEU Q 385 -15.26 6.24 -21.12
N LEU Q 386 -14.42 7.03 -20.46
CA LEU Q 386 -14.85 8.17 -19.66
C LEU Q 386 -14.76 9.48 -20.42
N LYS Q 387 -14.77 9.43 -21.76
CA LYS Q 387 -14.64 10.66 -22.53
C LYS Q 387 -15.78 11.62 -22.25
N ASP Q 388 -17.01 11.11 -22.20
CA ASP Q 388 -18.15 11.96 -21.92
C ASP Q 388 -18.08 12.53 -20.52
N ILE Q 389 -17.71 11.70 -19.54
CA ILE Q 389 -17.64 12.17 -18.16
C ILE Q 389 -16.50 13.16 -17.98
N ILE Q 390 -15.32 12.83 -18.52
CA ILE Q 390 -14.19 13.73 -18.42
C ILE Q 390 -14.44 15.00 -19.23
N GLY Q 391 -14.88 14.84 -20.47
CA GLY Q 391 -15.30 15.96 -21.29
C GLY Q 391 -14.26 16.52 -22.23
N TYR Q 392 -13.14 15.84 -22.43
CA TYR Q 392 -12.13 16.33 -23.34
C TYR Q 392 -12.57 16.15 -24.80
N TYR Q 393 -12.01 16.98 -25.67
CA TYR Q 393 -12.34 16.94 -27.08
C TYR Q 393 -11.10 17.39 -27.87
N ASN Q 394 -11.30 17.75 -29.13
CA ASN Q 394 -10.23 18.16 -30.04
C ASN Q 394 -9.29 17.00 -30.41
N VAL Q 395 -9.79 15.78 -30.35
CA VAL Q 395 -9.03 14.61 -30.79
C VAL Q 395 -9.97 13.70 -31.57
N ILE Q 396 -9.38 12.94 -32.49
CA ILE Q 396 -10.15 11.96 -33.26
C ILE Q 396 -9.69 10.57 -32.83
N ILE Q 397 -10.28 10.04 -31.76
CA ILE Q 397 -9.88 8.75 -31.22
C ILE Q 397 -11.08 7.85 -31.01
N LYS Q 398 -12.18 8.43 -30.49
CA LYS Q 398 -13.32 7.62 -30.03
C LYS Q 398 -13.71 6.55 -31.05
N ILE Q 399 -13.84 6.93 -32.32
CA ILE Q 399 -14.12 6.00 -33.40
C ILE Q 399 -13.03 6.21 -34.46
N ASN Q 400 -11.94 5.48 -34.34
CA ASN Q 400 -10.81 5.58 -35.27
C ASN Q 400 -10.23 4.17 -35.43
N LYS Q 401 -10.74 3.43 -36.41
CA LYS Q 401 -10.24 2.08 -36.63
C LYS Q 401 -8.83 2.09 -37.20
N TYR Q 402 -8.48 3.14 -37.96
CA TYR Q 402 -7.13 3.23 -38.50
C TYR Q 402 -6.10 3.31 -37.38
N PHE Q 403 -6.37 4.10 -36.35
CA PHE Q 403 -5.41 4.26 -35.27
C PHE Q 403 -5.18 2.94 -34.55
N GLY Q 404 -6.26 2.23 -34.23
CA GLY Q 404 -6.11 0.96 -33.53
C GLY Q 404 -5.34 -0.06 -34.34
N LEU Q 405 -5.69 -0.20 -35.62
CA LEU Q 405 -5.01 -1.17 -36.47
C LEU Q 405 -3.54 -0.83 -36.63
N LEU Q 406 -3.24 0.43 -36.96
CA LEU Q 406 -1.85 0.82 -37.17
C LEU Q 406 -1.04 0.64 -35.89
N LEU Q 407 -1.61 1.01 -34.75
CA LEU Q 407 -0.91 0.86 -33.48
C LEU Q 407 -0.60 -0.61 -33.19
N PHE Q 408 -1.61 -1.47 -33.34
CA PHE Q 408 -1.43 -2.90 -33.06
C PHE Q 408 -0.36 -3.50 -33.97
N ILE Q 409 -0.44 -3.21 -35.27
CA ILE Q 409 0.50 -3.77 -36.22
C ILE Q 409 1.91 -3.30 -35.92
N ASN Q 410 2.09 -1.99 -35.75
CA ASN Q 410 3.42 -1.43 -35.63
C ASN Q 410 4.06 -1.74 -34.28
N ILE Q 411 3.25 -1.77 -33.21
CA ILE Q 411 3.80 -2.11 -31.90
C ILE Q 411 4.34 -3.53 -31.91
N ASN Q 412 3.66 -4.43 -32.62
CA ASN Q 412 4.14 -5.80 -32.74
C ASN Q 412 5.39 -5.89 -33.62
N ILE Q 413 5.53 -5.00 -34.60
CA ILE Q 413 6.73 -4.97 -35.41
C ILE Q 413 7.95 -4.60 -34.57
N ILE Q 414 7.73 -3.85 -33.48
CA ILE Q 414 8.84 -3.42 -32.65
C ILE Q 414 9.32 -4.55 -31.74
N PHE Q 415 8.39 -5.25 -31.09
CA PHE Q 415 8.76 -6.13 -29.99
C PHE Q 415 8.75 -7.61 -30.34
N THR Q 416 7.97 -8.04 -31.33
CA THR Q 416 8.07 -9.42 -31.78
C THR Q 416 9.48 -9.78 -32.23
N PRO Q 417 10.19 -8.95 -33.01
CA PRO Q 417 11.57 -9.27 -33.37
C PRO Q 417 12.51 -9.30 -32.17
N GLN Q 418 12.15 -8.65 -31.07
CA GLN Q 418 13.01 -8.67 -29.89
C GLN Q 418 12.96 -10.02 -29.19
N PHE Q 419 11.89 -10.80 -29.39
CA PHE Q 419 11.88 -12.18 -28.91
C PHE Q 419 12.87 -13.03 -29.70
N ILE Q 420 12.98 -12.79 -31.00
CA ILE Q 420 13.88 -13.58 -31.85
C ILE Q 420 15.33 -13.36 -31.45
N ILE Q 421 15.74 -12.10 -31.34
CA ILE Q 421 17.13 -11.80 -31.01
C ILE Q 421 17.50 -12.25 -29.62
N GLY Q 422 16.52 -12.63 -28.80
CA GLY Q 422 16.80 -13.20 -27.50
C GLY Q 422 17.44 -14.58 -27.56
N PHE Q 423 17.28 -15.28 -28.69
CA PHE Q 423 17.91 -16.61 -28.91
C PHE Q 423 19.01 -16.46 -29.96
N ASN Q 424 19.45 -15.24 -30.23
CA ASN Q 424 20.48 -14.96 -31.29
C ASN Q 424 21.92 -15.03 -30.76
N VAL Q 425 22.30 -14.53 -29.58
CA VAL Q 425 21.53 -13.70 -28.61
C VAL Q 425 22.09 -12.27 -28.60
N MET Q 426 21.22 -11.28 -28.46
CA MET Q 426 21.59 -9.85 -28.32
C MET Q 426 21.36 -9.44 -26.85
N PRO Q 427 22.41 -9.18 -26.04
CA PRO Q 427 22.22 -8.69 -24.67
C PRO Q 427 21.40 -7.41 -24.61
N ARG Q 428 20.85 -7.15 -23.43
CA ARG Q 428 20.17 -5.88 -23.16
C ARG Q 428 21.18 -4.79 -22.80
N ARG Q 429 20.67 -3.57 -22.70
CA ARG Q 429 21.44 -2.44 -22.18
C ARG Q 429 22.76 -2.25 -22.93
N ILE Q 430 22.76 -2.57 -24.22
CA ILE Q 430 23.90 -2.36 -25.10
C ILE Q 430 23.44 -1.52 -26.29
N LEU Q 431 24.40 -0.84 -26.91
CA LEU Q 431 24.13 -0.04 -28.11
C LEU Q 431 24.78 -0.59 -29.37
N GLU Q 432 26.00 -1.10 -29.27
CA GLU Q 432 26.69 -1.77 -30.38
C GLU Q 432 26.44 -3.27 -30.30
N TYR Q 433 26.42 -3.91 -31.48
CA TYR Q 433 26.13 -5.34 -31.56
C TYR Q 433 26.72 -5.89 -32.85
N SER Q 434 26.77 -7.22 -32.93
CA SER Q 434 27.35 -7.89 -34.10
C SER Q 434 26.50 -7.65 -35.34
N ASP Q 435 27.16 -7.69 -36.50
CA ASP Q 435 26.51 -7.34 -37.75
C ASP Q 435 25.43 -8.33 -38.14
N ASN Q 436 25.43 -9.54 -37.58
CA ASN Q 436 24.46 -10.56 -37.96
C ASN Q 436 23.13 -10.42 -37.22
N ILE Q 437 22.98 -9.39 -36.39
CA ILE Q 437 21.73 -9.12 -35.69
C ILE Q 437 21.06 -7.87 -36.22
N ILE Q 438 21.57 -7.30 -37.32
CA ILE Q 438 21.04 -6.04 -37.83
C ILE Q 438 19.63 -6.22 -38.35
N VAL Q 439 19.36 -7.31 -39.07
CA VAL Q 439 18.05 -7.47 -39.73
C VAL Q 439 16.94 -7.25 -38.73
N TRP Q 440 16.92 -8.04 -37.65
CA TRP Q 440 15.83 -7.95 -36.68
C TRP Q 440 15.83 -6.60 -35.99
N ASN Q 441 17.00 -6.08 -35.62
CA ASN Q 441 17.06 -4.77 -35.00
C ASN Q 441 16.53 -3.70 -35.94
N LEU Q 442 16.86 -3.81 -37.22
CA LEU Q 442 16.37 -2.85 -38.21
C LEU Q 442 14.86 -2.90 -38.32
N ILE Q 443 14.28 -4.10 -38.34
CA ILE Q 443 12.83 -4.23 -38.47
C ILE Q 443 12.15 -3.55 -37.29
N SER Q 444 12.63 -3.80 -36.08
CA SER Q 444 12.04 -3.19 -34.90
C SER Q 444 12.18 -1.68 -34.95
N SER Q 445 13.32 -1.17 -35.44
CA SER Q 445 13.50 0.27 -35.54
C SER Q 445 12.51 0.88 -36.51
N ILE Q 446 12.27 0.23 -37.65
CA ILE Q 446 11.25 0.72 -38.58
C ILE Q 446 9.90 0.77 -37.88
N GLY Q 447 9.64 -0.17 -36.98
CA GLY Q 447 8.40 -0.17 -36.25
C GLY Q 447 8.27 1.00 -35.30
N SER Q 448 9.39 1.43 -34.70
CA SER Q 448 9.33 2.52 -33.72
C SER Q 448 9.02 3.85 -34.38
N ILE Q 449 9.71 4.16 -35.49
CA ILE Q 449 9.45 5.41 -36.19
C ILE Q 449 7.99 5.46 -36.65
N SER Q 450 7.47 4.33 -37.12
CA SER Q 450 6.10 4.30 -37.60
C SER Q 450 5.09 4.56 -36.49
N THR Q 451 5.29 3.95 -35.31
CA THR Q 451 4.35 4.16 -34.22
C THR Q 451 4.28 5.63 -33.82
N ILE Q 452 5.42 6.31 -33.81
CA ILE Q 452 5.46 7.73 -33.46
C ILE Q 452 4.62 8.54 -34.44
N LEU Q 453 4.72 8.23 -35.73
CA LEU Q 453 3.96 8.96 -36.74
C LEU Q 453 2.46 8.81 -36.51
N ILE Q 454 2.02 7.64 -36.05
CA ILE Q 454 0.61 7.38 -35.81
C ILE Q 454 0.10 8.16 -34.61
N LEU Q 455 0.98 8.56 -33.70
CA LEU Q 455 0.57 9.36 -32.55
C LEU Q 455 0.20 10.78 -32.95
N LEU Q 456 0.64 11.24 -34.12
CA LEU Q 456 0.33 12.58 -34.59
C LEU Q 456 -1.06 12.66 -35.24
N SER Q 457 -1.57 11.54 -35.73
CA SER Q 457 -2.85 11.54 -36.44
C SER Q 457 -4.04 11.74 -35.53
N ILE Q 458 -3.88 11.55 -34.22
CA ILE Q 458 -5.02 11.65 -33.31
C ILE Q 458 -5.51 13.09 -33.24
N PHE Q 459 -4.60 14.05 -33.27
CA PHE Q 459 -4.95 15.46 -33.17
C PHE Q 459 -5.74 15.91 -34.41
N GLY R 1 -30.77 40.73 -2.01
CA GLY R 1 -31.82 41.08 -2.93
C GLY R 1 -31.39 42.12 -3.95
N ARG R 2 -31.29 41.72 -5.21
CA ARG R 2 -30.90 42.61 -6.29
C ARG R 2 -31.84 42.42 -7.47
N GLU R 3 -32.18 43.53 -8.13
CA GLU R 3 -33.07 43.52 -9.28
C GLU R 3 -32.26 43.73 -10.55
N LEU R 4 -32.45 42.83 -11.52
CA LEU R 4 -31.73 42.89 -12.79
C LEU R 4 -32.72 42.78 -13.94
N PRO R 5 -32.39 43.36 -15.08
CA PRO R 5 -33.26 43.24 -16.26
C PRO R 5 -33.09 41.89 -16.93
N GLU R 6 -34.06 41.57 -17.80
CA GLU R 6 -33.98 40.33 -18.56
C GLU R 6 -32.87 40.39 -19.60
N TYR R 7 -32.59 41.58 -20.14
CA TYR R 7 -31.56 41.73 -21.16
C TYR R 7 -30.97 43.12 -21.05
N VAL R 8 -29.80 43.30 -21.67
CA VAL R 8 -29.12 44.58 -21.73
C VAL R 8 -28.62 44.80 -23.15
N VAL R 9 -28.76 46.03 -23.63
CA VAL R 9 -28.26 46.42 -24.94
C VAL R 9 -26.91 47.09 -24.76
N LEU R 10 -25.87 46.54 -25.40
CA LEU R 10 -24.53 47.07 -25.23
C LEU R 10 -24.35 48.35 -26.05
N PRO R 11 -23.44 49.24 -25.62
CA PRO R 11 -23.26 50.48 -26.37
C PRO R 11 -22.62 50.27 -27.74
N HIS R 12 -21.71 49.33 -27.88
CA HIS R 12 -21.05 49.11 -29.15
C HIS R 12 -21.86 48.14 -30.02
N ASN R 13 -21.48 48.04 -31.28
CA ASN R 13 -22.13 47.18 -32.26
C ASN R 13 -21.10 46.32 -32.96
N GLN R 14 -20.09 45.86 -32.23
CA GLN R 14 -19.02 45.03 -32.76
C GLN R 14 -19.26 43.58 -32.34
N GLN R 15 -19.33 42.68 -33.31
CA GLN R 15 -19.44 41.24 -33.03
C GLN R 15 -18.04 40.66 -32.96
N ARG R 16 -17.45 40.79 -31.76
CA ARG R 16 -16.04 40.44 -31.60
C ARG R 16 -15.81 38.94 -31.56
N TYR R 17 -16.76 38.18 -31.01
CA TYR R 17 -16.56 36.76 -30.77
C TYR R 17 -17.60 35.93 -31.51
N GLY R 18 -17.30 34.65 -31.66
CA GLY R 18 -18.18 33.74 -32.38
C GLY R 18 -17.51 32.40 -32.60
N ARG R 19 -18.06 31.64 -33.54
CA ARG R 19 -17.53 30.31 -33.85
C ARG R 19 -16.12 30.41 -34.42
N ASP R 20 -15.31 29.39 -34.16
CA ASP R 20 -13.99 29.30 -34.75
C ASP R 20 -14.07 29.25 -36.27
N LYS R 21 -13.10 29.86 -36.92
CA LYS R 21 -12.90 29.66 -38.35
C LYS R 21 -12.29 28.29 -38.59
N SER R 22 -12.62 27.68 -39.72
CA SER R 22 -12.03 26.40 -40.09
C SER R 22 -10.51 26.50 -40.05
N TYR R 23 -9.88 25.55 -39.37
CA TYR R 23 -8.43 25.54 -39.21
C TYR R 23 -7.84 24.27 -39.81
N SER R 24 -6.60 24.38 -40.27
CA SER R 24 -5.86 23.26 -40.84
C SER R 24 -4.93 22.66 -39.79
N TYR R 25 -4.12 21.70 -40.19
CA TYR R 25 -3.26 21.02 -39.24
C TYR R 25 -2.18 21.94 -38.68
N PHE R 26 -1.62 22.81 -39.51
CA PHE R 26 -0.51 23.67 -39.13
C PHE R 26 -0.94 25.09 -38.84
N THR R 27 -2.23 25.32 -38.60
CA THR R 27 -2.69 26.66 -38.26
C THR R 27 -2.02 27.17 -36.99
N CYS R 28 -1.72 26.28 -36.04
CA CYS R 28 -1.10 26.69 -34.80
C CYS R 28 0.29 27.26 -35.03
N LEU R 29 0.97 26.84 -36.09
CA LEU R 29 2.35 27.27 -36.30
C LEU R 29 2.46 28.78 -36.47
N TRP R 30 1.44 29.42 -37.04
CA TRP R 30 1.45 30.87 -37.18
C TRP R 30 0.56 31.58 -36.17
N HIS R 31 -0.51 30.94 -35.72
CA HIS R 31 -1.41 31.61 -34.78
C HIS R 31 -0.77 31.77 -33.42
N PHE R 32 -0.09 30.73 -32.94
CA PHE R 32 0.54 30.82 -31.62
C PHE R 32 1.60 31.91 -31.55
N PRO R 33 2.58 31.96 -32.45
CA PRO R 33 3.54 33.08 -32.41
C PRO R 33 2.86 34.43 -32.58
N LYS R 34 1.78 34.50 -33.36
CA LYS R 34 1.06 35.75 -33.51
C LYS R 34 0.52 36.23 -32.17
N MET R 35 -0.04 35.32 -31.38
CA MET R 35 -0.57 35.71 -30.08
C MET R 35 0.54 36.22 -29.16
N VAL R 36 1.69 35.56 -29.18
CA VAL R 36 2.77 35.92 -28.27
C VAL R 36 3.26 37.34 -28.55
N PHE R 37 3.47 37.66 -29.83
CA PHE R 37 4.08 38.92 -30.19
C PHE R 37 3.08 40.03 -30.48
N THR R 38 1.77 39.73 -30.52
CA THR R 38 0.78 40.71 -30.88
C THR R 38 -0.32 40.93 -29.84
N GLU R 39 -0.57 39.96 -28.96
CA GLU R 39 -1.56 40.11 -27.91
C GLU R 39 -0.87 40.66 -26.66
N LYS R 40 -1.37 41.80 -26.15
CA LYS R 40 -0.70 42.44 -25.03
C LYS R 40 -0.62 41.54 -23.82
N TRP R 41 -1.74 40.91 -23.44
CA TRP R 41 -1.75 40.13 -22.22
C TRP R 41 -0.69 39.05 -22.23
N CYS R 42 -0.32 38.54 -23.41
CA CYS R 42 0.67 37.49 -23.50
C CYS R 42 2.09 38.03 -23.31
N TYR R 43 2.46 39.11 -24.03
CA TYR R 43 3.84 39.58 -23.96
C TYR R 43 4.12 40.42 -22.72
N THR R 44 3.08 40.93 -22.05
CA THR R 44 3.31 41.58 -20.77
C THR R 44 3.54 40.56 -19.66
N ASN R 45 2.92 39.39 -19.77
CA ASN R 45 3.16 38.33 -18.80
C ASN R 45 4.51 37.67 -19.00
N ILE R 46 4.99 37.62 -20.23
CA ILE R 46 6.31 37.03 -20.50
C ILE R 46 7.41 37.94 -20.00
N MET R 47 7.32 39.24 -20.30
CA MET R 47 8.33 40.18 -19.86
C MET R 47 8.38 40.26 -18.33
N TRP R 48 7.21 40.25 -17.70
CA TRP R 48 7.17 40.30 -16.24
C TRP R 48 7.88 39.11 -15.63
N PHE R 49 7.62 37.91 -16.16
CA PHE R 49 8.25 36.71 -15.64
C PHE R 49 9.77 36.76 -15.85
N VAL R 50 10.20 37.13 -17.05
CA VAL R 50 11.63 37.14 -17.34
C VAL R 50 12.35 38.18 -16.48
N PHE R 51 11.76 39.37 -16.35
CA PHE R 51 12.44 40.44 -15.64
C PHE R 51 12.68 40.07 -14.18
N TRP R 52 11.65 39.59 -13.50
CA TRP R 52 11.78 39.33 -12.07
C TRP R 52 12.58 38.08 -11.78
N THR R 53 12.48 37.06 -12.64
CA THR R 53 13.34 35.90 -12.46
C THR R 53 14.81 36.28 -12.57
N GLY R 54 15.15 37.07 -13.59
CA GLY R 54 16.51 37.56 -13.71
C GLY R 54 16.89 38.53 -12.61
N PHE R 55 15.92 39.33 -12.15
CA PHE R 55 16.21 40.33 -11.13
C PHE R 55 16.73 39.67 -9.86
N TRP R 56 16.07 38.61 -9.41
CA TRP R 56 16.53 37.90 -8.22
C TRP R 56 17.64 36.91 -8.51
N PHE R 57 17.91 36.62 -9.79
CA PHE R 57 19.03 35.76 -10.12
C PHE R 57 20.36 36.46 -9.93
N ILE R 58 20.40 37.78 -10.13
CA ILE R 58 21.64 38.54 -10.06
C ILE R 58 22.24 38.46 -8.66
N PRO R 59 21.54 38.86 -7.61
CA PRO R 59 22.17 38.83 -6.27
C PRO R 59 22.65 37.46 -5.87
N ASN R 60 21.90 36.41 -6.19
CA ASN R 60 22.38 35.06 -5.94
C ASN R 60 23.61 34.76 -6.79
N TYR R 61 23.60 35.19 -8.05
CA TYR R 61 24.73 34.94 -8.93
C TYR R 61 26.00 35.60 -8.41
N ILE R 62 25.89 36.85 -7.98
CA ILE R 62 27.07 37.57 -7.49
C ILE R 62 27.62 36.88 -6.25
N TRP R 63 26.74 36.52 -5.32
CA TRP R 63 27.19 35.88 -4.10
C TRP R 63 27.89 34.56 -4.38
N TRP R 64 27.33 33.74 -5.27
CA TRP R 64 27.92 32.44 -5.53
C TRP R 64 29.26 32.56 -6.26
N GLU R 65 29.36 33.50 -7.19
CA GLU R 65 30.60 33.66 -7.95
C GLU R 65 31.75 34.02 -7.03
N ARG R 66 31.52 34.95 -6.10
CA ARG R 66 32.55 35.28 -5.12
C ARG R 66 32.87 34.07 -4.26
N ARG R 67 31.84 33.34 -3.83
CA ARG R 67 32.05 32.16 -3.02
C ARG R 67 32.81 31.09 -3.80
N TYR R 68 32.46 30.88 -5.06
CA TYR R 68 33.12 29.85 -5.86
C TYR R 68 34.59 30.18 -6.07
N ALA R 69 34.89 31.45 -6.36
CA ALA R 69 36.29 31.85 -6.52
C ALA R 69 37.07 31.63 -5.23
N TYR R 70 36.46 31.95 -4.10
CA TYR R 70 37.11 31.76 -2.80
C TYR R 70 37.38 30.27 -2.55
N GLN R 71 36.38 29.44 -2.80
CA GLN R 71 36.53 28.00 -2.53
C GLN R 71 37.62 27.39 -3.40
N LYS R 72 37.81 27.90 -4.62
CA LYS R 72 38.87 27.37 -5.47
C LYS R 72 40.24 27.81 -5.00
N ALA R 73 40.33 28.95 -4.33
CA ALA R 73 41.62 29.42 -3.82
C ALA R 73 42.13 28.56 -2.68
N GLY R 74 41.25 27.85 -1.99
CA GLY R 74 41.66 26.97 -0.92
C GLY R 74 40.59 26.91 0.17
N PHE R 75 40.89 26.12 1.19
CA PHE R 75 40.00 25.99 2.33
C PHE R 75 40.11 27.23 3.23
N HIS R 76 39.14 27.37 4.14
CA HIS R 76 39.13 28.53 5.03
C HIS R 76 40.45 28.65 5.76
N TRP R 77 40.99 27.53 6.23
CA TRP R 77 42.24 27.55 7.01
C TRP R 77 43.45 27.78 6.12
N GLU R 78 43.37 27.40 4.84
CA GLU R 78 44.45 27.73 3.92
C GLU R 78 44.51 29.22 3.63
N HIS R 79 43.35 29.89 3.61
CA HIS R 79 43.33 31.33 3.46
C HIS R 79 43.92 32.04 4.67
N THR R 80 43.46 31.68 5.87
CA THR R 80 44.01 32.28 7.07
C THR R 80 45.50 31.97 7.21
N ASN R 81 45.93 30.83 6.67
CA ASN R 81 47.35 30.48 6.74
C ASN R 81 48.19 31.39 5.86
N ARG R 82 47.68 31.75 4.69
CA ARG R 82 48.43 32.64 3.79
C ARG R 82 48.60 34.02 4.41
N LYS R 83 47.59 34.49 5.14
CA LYS R 83 47.70 35.77 5.82
C LYS R 83 48.63 35.69 7.01
N LEU R 84 48.78 34.50 7.60
CA LEU R 84 49.69 34.31 8.72
C LEU R 84 51.14 34.29 8.26
N GLN R 85 51.41 33.64 7.13
CA GLN R 85 52.77 33.65 6.59
C GLN R 85 53.18 35.05 6.16
N ALA R 86 52.25 35.81 5.58
CA ALA R 86 52.54 37.19 5.21
C ALA R 86 52.87 38.03 6.42
N ARG R 87 52.11 37.87 7.50
CA ARG R 87 52.38 38.63 8.73
C ARG R 87 53.71 38.22 9.34
N LYS R 88 54.09 36.94 9.21
CA LYS R 88 55.37 36.49 9.71
C LYS R 88 56.52 37.03 8.86
N GLU R 89 56.28 37.23 7.57
CA GLU R 89 57.31 37.80 6.69
C GLU R 89 57.45 39.30 6.90
N ALA R 90 56.33 39.98 7.15
CA ALA R 90 56.37 41.42 7.37
C ALA R 90 57.19 41.76 8.62
N LEU R 91 57.04 40.97 9.67
CA LEU R 91 57.74 41.22 10.92
C LEU R 91 59.09 40.50 11.00
N GLY R 92 59.34 39.54 10.11
CA GLY R 92 60.55 38.77 10.19
C GLY R 92 60.60 37.83 11.38
N MET R 93 59.44 37.49 11.94
CA MET R 93 59.35 36.62 13.10
C MET R 93 58.92 35.23 12.66
N ASP R 94 59.63 34.21 13.15
CA ASP R 94 59.29 32.83 12.80
C ASP R 94 57.94 32.42 13.37
N LYS R 95 57.65 32.82 14.60
CA LYS R 95 56.39 32.52 15.27
C LYS R 95 55.79 33.82 15.78
N VAL R 96 54.54 34.08 15.41
CA VAL R 96 53.85 35.30 15.81
C VAL R 96 52.64 34.88 16.63
N PRO R 97 52.10 35.79 17.46
CA PRO R 97 50.88 35.47 18.19
C PRO R 97 49.72 35.25 17.24
N ALA R 98 48.80 34.37 17.64
CA ALA R 98 47.63 34.11 16.83
C ALA R 98 46.74 35.35 16.80
N SER R 99 45.90 35.43 15.77
CA SER R 99 45.05 36.59 15.60
C SER R 99 44.17 36.78 16.82
N GLY R 100 44.03 38.04 17.23
CA GLY R 100 43.24 38.38 18.40
C GLY R 100 43.94 38.19 19.72
N MET R 101 45.25 37.89 19.70
CA MET R 101 46.03 37.69 20.92
C MET R 101 47.30 38.52 20.86
N ASP R 102 47.80 38.89 22.03
CA ASP R 102 49.00 39.71 22.14
C ASP R 102 50.25 38.85 22.27
N TRP R 103 51.41 39.50 22.26
CA TRP R 103 52.68 38.79 22.36
C TRP R 103 52.91 38.26 23.77
N ASN S 1 -23.77 29.03 -8.65
CA ASN S 1 -24.04 29.63 -9.94
C ASN S 1 -23.96 28.60 -11.07
N LEU S 2 -24.68 28.86 -12.16
CA LEU S 2 -24.65 27.97 -13.30
C LEU S 2 -23.26 27.86 -13.90
N GLU S 3 -22.49 28.96 -13.88
CA GLU S 3 -21.15 28.93 -14.44
C GLU S 3 -20.23 28.02 -13.63
N ASP S 4 -20.48 27.86 -12.34
CA ASP S 4 -19.63 27.08 -11.47
C ASP S 4 -20.06 25.63 -11.35
N HIS S 5 -21.15 25.23 -12.01
CA HIS S 5 -21.63 23.86 -11.87
C HIS S 5 -20.62 22.86 -12.39
N PHE S 6 -20.05 23.12 -13.56
CA PHE S 6 -19.13 22.20 -14.22
C PHE S 6 -17.70 22.60 -13.93
N ASP S 7 -16.88 21.61 -13.59
CA ASP S 7 -15.45 21.84 -13.41
C ASP S 7 -14.83 22.19 -14.76
N LEU S 8 -13.96 23.19 -14.76
CA LEU S 8 -13.36 23.71 -15.99
C LEU S 8 -14.46 24.10 -16.98
N ALA S 9 -15.37 24.96 -16.50
CA ALA S 9 -16.59 25.23 -17.27
C ALA S 9 -16.26 25.84 -18.62
N GLU S 10 -15.30 26.77 -18.67
CA GLU S 10 -14.99 27.43 -19.94
C GLU S 10 -14.55 26.41 -20.99
N TYR S 11 -13.67 25.48 -20.60
CA TYR S 11 -13.21 24.46 -21.54
C TYR S 11 -14.36 23.53 -21.93
N MET S 12 -15.14 23.09 -20.96
CA MET S 12 -16.21 22.14 -21.25
C MET S 12 -17.30 22.79 -22.09
N MET S 13 -17.57 24.06 -21.87
CA MET S 13 -18.54 24.80 -22.68
C MET S 13 -17.91 25.37 -23.95
N LYS S 14 -16.64 25.08 -24.19
CA LYS S 14 -15.97 25.41 -25.44
C LYS S 14 -15.82 26.92 -25.62
N MET S 15 -15.42 27.60 -24.55
CA MET S 15 -15.16 29.03 -24.58
C MET S 15 -13.75 29.38 -24.13
N HIS S 16 -12.94 28.39 -23.77
CA HIS S 16 -11.64 28.66 -23.19
C HIS S 16 -10.73 29.36 -24.18
N ASN S 17 -9.78 30.11 -23.65
CA ASN S 17 -8.78 30.75 -24.49
C ASN S 17 -7.83 29.69 -25.06
N PRO S 18 -7.52 29.73 -26.36
CA PRO S 18 -6.65 28.69 -26.92
C PRO S 18 -5.24 28.69 -26.34
N MET S 19 -4.82 29.78 -25.70
CA MET S 19 -3.47 29.83 -25.16
C MET S 19 -3.23 28.73 -24.15
N SER S 20 -4.25 28.33 -23.39
CA SER S 20 -4.07 27.26 -22.44
C SER S 20 -3.63 25.98 -23.14
N GLU S 21 -4.27 25.65 -24.26
CA GLU S 21 -3.85 24.47 -25.01
C GLU S 21 -2.43 24.63 -25.54
N TYR S 22 -2.09 25.82 -26.04
CA TYR S 22 -0.75 26.03 -26.57
C TYR S 22 0.31 25.82 -25.50
N LEU S 23 0.04 26.31 -24.28
CA LEU S 23 1.00 26.11 -23.20
C LEU S 23 1.19 24.64 -22.88
N TYR S 24 0.10 23.88 -22.87
CA TYR S 24 0.20 22.45 -22.59
C TYR S 24 1.07 21.75 -23.63
N TRP S 25 0.86 22.05 -24.90
CA TRP S 25 1.67 21.46 -25.95
C TRP S 25 3.12 21.94 -25.86
N ILE S 26 3.31 23.23 -25.55
CA ILE S 26 4.67 23.74 -25.41
C ILE S 26 5.38 23.04 -24.26
N ALA S 27 4.67 22.84 -23.15
CA ALA S 27 5.30 22.15 -22.02
C ALA S 27 5.74 20.76 -22.40
N GLY S 28 4.90 20.03 -23.15
CA GLY S 28 5.31 18.73 -23.63
C GLY S 28 6.49 18.81 -24.58
N PHE S 29 6.51 19.83 -25.44
CA PHE S 29 7.63 19.99 -26.37
C PHE S 29 8.93 20.24 -25.61
N VAL S 30 8.88 21.08 -24.58
CA VAL S 30 10.07 21.33 -23.78
C VAL S 30 10.54 20.05 -23.10
N SER S 31 9.59 19.26 -22.58
CA SER S 31 9.96 18.00 -21.95
C SER S 31 10.70 17.10 -22.93
N GLY S 32 10.24 17.06 -24.18
CA GLY S 32 10.94 16.26 -25.18
C GLY S 32 12.34 16.75 -25.44
N LEU S 33 12.54 18.06 -25.42
CA LEU S 33 13.87 18.62 -25.69
C LEU S 33 14.91 18.19 -24.65
N HIS S 34 14.46 17.78 -23.46
CA HIS S 34 15.41 17.36 -22.44
C HIS S 34 16.12 16.07 -22.79
N GLY S 35 15.70 15.37 -23.84
CA GLY S 35 16.39 14.18 -24.28
C GLY S 35 17.27 14.43 -25.49
N ILE S 36 16.95 15.45 -26.27
CA ILE S 36 17.68 15.73 -27.51
C ILE S 36 18.81 16.72 -27.28
N LEU S 37 18.52 17.84 -26.61
CA LEU S 37 19.56 18.86 -26.43
C LEU S 37 20.77 18.34 -25.66
N PRO S 38 20.63 17.68 -24.51
CA PRO S 38 21.82 17.13 -23.85
C PRO S 38 22.53 16.09 -24.69
N LEU S 39 21.82 15.38 -25.57
CA LEU S 39 22.50 14.47 -26.50
C LEU S 39 23.46 15.24 -27.39
N LEU S 40 22.98 16.32 -28.01
CA LEU S 40 23.84 17.12 -28.87
C LEU S 40 24.99 17.74 -28.08
N HIS S 41 24.68 18.29 -26.91
CA HIS S 41 25.72 18.93 -26.11
C HIS S 41 26.79 17.94 -25.69
N SER S 42 26.37 16.76 -25.23
CA SER S 42 27.33 15.77 -24.79
C SER S 42 28.17 15.24 -25.95
N ASN S 43 27.55 15.04 -27.11
CA ASN S 43 28.30 14.58 -28.27
C ASN S 43 29.40 15.57 -28.63
N TYR S 44 29.06 16.86 -28.67
CA TYR S 44 30.06 17.87 -29.01
C TYR S 44 31.14 17.94 -27.93
N TYR S 45 30.74 17.82 -26.67
CA TYR S 45 31.69 17.98 -25.58
C TYR S 45 32.79 16.93 -25.66
N PHE S 46 32.43 15.68 -25.94
CA PHE S 46 33.40 14.59 -25.97
C PHE S 46 33.93 14.28 -27.37
N SER S 47 33.36 14.86 -28.41
CA SER S 47 33.83 14.58 -29.76
C SER S 47 34.13 15.83 -30.57
N GLY S 48 33.36 16.91 -30.38
CA GLY S 48 33.48 18.08 -31.21
C GLY S 48 32.45 18.17 -32.32
N MET S 49 31.54 17.19 -32.39
CA MET S 49 30.45 17.19 -33.35
C MET S 49 29.14 17.04 -32.60
N PHE S 50 28.09 17.68 -33.13
CA PHE S 50 26.79 17.57 -32.47
C PHE S 50 26.16 16.21 -32.70
N LEU S 51 26.36 15.61 -33.87
CA LEU S 51 25.86 14.29 -34.18
C LEU S 51 26.88 13.54 -35.02
N PRO S 52 26.99 12.22 -34.86
CA PRO S 52 27.93 11.45 -35.66
C PRO S 52 27.44 11.24 -37.09
N ARG S 53 28.36 10.77 -37.91
CA ARG S 53 28.06 10.26 -39.24
C ARG S 53 28.04 8.74 -39.16
N ASP S 54 26.95 8.14 -39.64
CA ASP S 54 26.74 6.70 -39.54
C ASP S 54 28.02 5.94 -39.86
N ASN S 55 28.43 5.08 -38.91
CA ASN S 55 29.60 4.22 -39.07
C ASN S 55 30.90 5.02 -39.18
N ASP S 56 30.99 6.18 -38.53
CA ASP S 56 32.25 6.91 -38.54
C ASP S 56 33.18 6.47 -37.42
N ASN S 57 32.77 5.50 -36.61
CA ASN S 57 33.64 4.90 -35.60
C ASN S 57 34.27 3.61 -36.10
N THR S 58 34.06 3.26 -37.36
CA THR S 58 34.57 2.04 -37.96
C THR S 58 35.38 2.37 -39.20
N GLN S 59 36.11 1.39 -39.69
CA GLN S 59 36.87 1.55 -40.92
C GLN S 59 35.93 1.69 -42.10
N LEU S 60 36.19 2.68 -42.96
CA LEU S 60 35.34 3.00 -44.09
C LEU S 60 36.14 2.89 -45.38
N CYS S 61 35.44 2.53 -46.45
CA CYS S 61 36.07 2.46 -47.76
C CYS S 61 36.59 3.84 -48.16
N ASP S 62 37.47 3.84 -49.17
CA ASP S 62 38.06 5.10 -49.62
C ASP S 62 36.99 6.04 -50.18
N ASP S 63 36.04 5.48 -50.94
CA ASP S 63 35.00 6.28 -51.56
C ASP S 63 33.80 6.51 -50.66
N SER S 64 33.83 6.01 -49.43
CA SER S 64 32.71 6.20 -48.52
C SER S 64 32.47 7.68 -48.26
N TRP S 65 31.20 8.09 -48.31
CA TRP S 65 30.83 9.46 -48.01
C TRP S 65 29.40 9.53 -47.53
N THR T 1 -31.02 -23.77 -33.41
CA THR T 1 -32.12 -24.66 -33.03
C THR T 1 -32.97 -24.04 -31.93
N TRP T 2 -32.73 -22.76 -31.65
CA TRP T 2 -33.46 -22.07 -30.60
C TRP T 2 -34.96 -22.06 -30.89
N THR T 3 -35.33 -21.73 -32.13
CA THR T 3 -36.74 -21.72 -32.49
C THR T 3 -37.29 -23.13 -32.65
N GLU T 4 -36.43 -24.09 -32.99
CA GLU T 4 -36.92 -25.41 -33.37
C GLU T 4 -37.25 -26.26 -32.14
N ILE T 5 -36.34 -26.32 -31.17
CA ILE T 5 -36.53 -27.22 -30.04
C ILE T 5 -36.60 -26.51 -28.69
N TRP T 6 -36.08 -25.29 -28.56
CA TRP T 6 -36.00 -24.62 -27.26
C TRP T 6 -37.20 -23.70 -27.01
N TRP T 7 -37.48 -22.80 -27.96
CA TRP T 7 -38.44 -21.72 -27.75
C TRP T 7 -39.44 -21.71 -28.90
N GLU T 8 -40.73 -21.75 -28.57
CA GLU T 8 -41.78 -21.83 -29.57
C GLU T 8 -42.57 -20.52 -29.70
N HIS T 9 -42.07 -19.42 -29.13
CA HIS T 9 -42.79 -18.16 -29.13
C HIS T 9 -42.09 -17.07 -29.93
N ASP T 10 -41.01 -17.41 -30.63
CA ASP T 10 -40.41 -16.49 -31.58
C ASP T 10 -40.78 -16.89 -33.01
N PRO T 11 -40.94 -15.93 -33.91
CA PRO T 11 -41.22 -16.29 -35.31
C PRO T 11 -40.09 -17.10 -35.91
N THR T 12 -40.45 -18.07 -36.73
CA THR T 12 -39.50 -18.97 -37.35
C THR T 12 -39.44 -18.70 -38.85
N PRO T 13 -38.30 -18.29 -39.38
CA PRO T 13 -38.23 -17.95 -40.81
C PRO T 13 -38.16 -19.19 -41.69
N LYS T 14 -38.43 -18.95 -42.96
CA LYS T 14 -38.17 -19.92 -44.01
C LYS T 14 -36.84 -19.61 -44.68
N VAL T 15 -36.07 -20.63 -44.97
CA VAL T 15 -34.78 -20.43 -45.63
C VAL T 15 -35.03 -20.11 -47.10
N ALA T 16 -34.66 -18.90 -47.49
CA ALA T 16 -34.72 -18.54 -48.91
C ALA T 16 -33.59 -19.20 -49.67
N GLN T 17 -32.40 -19.22 -49.09
CA GLN T 17 -31.20 -19.73 -49.74
C GLN T 17 -30.20 -20.07 -48.65
N TYR T 18 -29.49 -21.19 -48.84
CA TYR T 18 -28.41 -21.57 -47.93
C TYR T 18 -27.08 -20.97 -48.33
N ARG T 19 -27.12 -19.85 -49.04
CA ARG T 19 -25.96 -19.12 -49.51
C ARG T 19 -26.26 -17.63 -49.39
N PRO T 20 -25.26 -16.82 -49.08
CA PRO T 20 -25.50 -15.37 -48.98
C PRO T 20 -25.80 -14.75 -50.33
N TYR T 21 -26.52 -13.63 -50.29
CA TYR T 21 -26.79 -12.81 -51.46
C TYR T 21 -25.77 -11.68 -51.52
N VAL T 22 -25.14 -11.54 -52.68
CA VAL T 22 -24.14 -10.50 -52.90
C VAL T 22 -24.84 -9.28 -53.49
N CYS T 23 -24.66 -8.13 -52.86
CA CYS T 23 -25.30 -6.91 -53.31
C CYS T 23 -24.37 -5.72 -53.13
N THR T 24 -24.46 -4.77 -54.05
CA THR T 24 -23.76 -3.50 -53.95
C THR T 24 -24.62 -2.51 -53.19
N VAL T 25 -24.04 -1.88 -52.17
CA VAL T 25 -24.76 -0.95 -51.32
C VAL T 25 -24.01 0.37 -51.27
N GLU T 26 -24.75 1.44 -50.98
CA GLU T 26 -24.23 2.79 -50.99
C GLU T 26 -24.40 3.42 -49.61
N SER T 27 -23.36 4.12 -49.16
CA SER T 27 -23.41 4.80 -47.88
C SER T 27 -24.45 5.91 -47.93
N GLY T 28 -25.15 6.11 -46.82
CA GLY T 28 -26.18 7.12 -46.76
C GLY T 28 -27.53 6.66 -47.26
N LYS T 29 -27.69 5.37 -47.58
CA LYS T 29 -28.96 4.82 -48.01
C LYS T 29 -29.37 3.72 -47.04
N VAL T 30 -30.67 3.62 -46.77
CA VAL T 30 -31.21 2.66 -45.82
C VAL T 30 -31.82 1.50 -46.59
N TYR T 31 -31.51 0.29 -46.17
CA TYR T 31 -32.00 -0.93 -46.80
C TYR T 31 -32.84 -1.71 -45.81
N TRP T 32 -33.82 -2.45 -46.35
CA TRP T 32 -34.75 -3.24 -45.55
C TRP T 32 -34.63 -4.70 -45.95
N TRP T 33 -34.31 -5.55 -44.97
CA TRP T 33 -33.95 -6.94 -45.20
C TRP T 33 -35.10 -7.84 -44.81
N CYS T 34 -35.37 -8.84 -45.66
CA CYS T 34 -36.46 -9.76 -45.41
C CYS T 34 -36.06 -10.75 -44.32
N ALA T 35 -36.90 -10.86 -43.29
CA ALA T 35 -36.64 -11.75 -42.18
C ALA T 35 -37.51 -13.01 -42.22
N CYS T 36 -38.34 -13.18 -43.25
CA CYS T 36 -39.19 -14.35 -43.36
C CYS T 36 -38.81 -15.28 -44.50
N GLY T 37 -38.01 -14.82 -45.45
CA GLY T 37 -37.58 -15.67 -46.55
C GLY T 37 -38.61 -15.90 -47.63
N GLU T 38 -39.69 -15.15 -47.64
CA GLU T 38 -40.75 -15.31 -48.63
C GLU T 38 -40.85 -14.15 -49.60
N SER T 39 -39.97 -13.16 -49.47
CA SER T 39 -39.97 -12.05 -50.42
C SER T 39 -39.40 -12.48 -51.75
N LYS T 40 -39.94 -11.93 -52.83
CA LYS T 40 -39.48 -12.22 -54.18
C LYS T 40 -38.44 -11.23 -54.67
N THR T 41 -38.01 -10.30 -53.83
CA THR T 41 -36.94 -9.37 -54.17
C THR T 41 -35.79 -9.56 -53.21
N GLN T 42 -35.40 -10.80 -52.98
CA GLN T 42 -34.36 -11.10 -52.01
C GLN T 42 -33.09 -10.36 -52.36
N PRO T 43 -32.32 -9.89 -51.36
CA PRO T 43 -32.54 -10.10 -49.93
C PRO T 43 -33.43 -9.05 -49.28
N TRP T 44 -34.12 -8.26 -50.08
CA TRP T 44 -34.87 -7.12 -49.57
C TRP T 44 -36.36 -7.44 -49.48
N VAL T 45 -37.05 -6.68 -48.64
CA VAL T 45 -38.49 -6.80 -48.51
C VAL T 45 -39.14 -6.27 -49.79
N ASP T 46 -40.12 -7.02 -50.31
CA ASP T 46 -40.76 -6.69 -51.57
C ASP T 46 -42.07 -5.95 -51.41
N GLY T 47 -42.53 -5.74 -50.18
CA GLY T 47 -43.83 -5.13 -49.96
C GLY T 47 -44.99 -6.10 -49.94
N HIS T 48 -44.73 -7.39 -50.14
CA HIS T 48 -45.79 -8.39 -50.15
C HIS T 48 -45.53 -9.58 -49.25
N CYS T 49 -44.36 -9.67 -48.63
CA CYS T 49 -44.06 -10.81 -47.76
C CYS T 49 -44.60 -10.56 -46.36
N LYS T 50 -44.32 -11.50 -45.45
CA LYS T 50 -44.76 -11.34 -44.07
C LYS T 50 -44.19 -10.08 -43.44
N CYS T 51 -42.90 -9.81 -43.69
CA CYS T 51 -42.26 -8.66 -43.09
C CYS T 51 -42.98 -7.37 -43.46
N SER T 52 -43.30 -7.21 -44.74
CA SER T 52 -43.96 -5.99 -45.19
C SER T 52 -45.34 -5.84 -44.56
N LYS T 53 -46.07 -6.94 -44.43
CA LYS T 53 -47.42 -6.89 -43.86
C LYS T 53 -47.41 -6.96 -42.34
N ARG T 54 -46.25 -7.04 -41.70
CA ARG T 54 -46.15 -7.07 -40.25
C ARG T 54 -46.95 -8.23 -39.67
N GLU T 55 -46.87 -9.38 -40.33
CA GLU T 55 -47.67 -10.54 -39.99
C GLU T 55 -46.84 -11.57 -39.24
N GLY T 56 -47.44 -12.13 -38.20
CA GLY T 56 -46.81 -13.21 -37.47
C GLY T 56 -45.49 -12.86 -36.85
N GLY T 57 -45.34 -11.62 -36.39
CA GLY T 57 -44.12 -11.20 -35.73
C GLY T 57 -42.96 -10.88 -36.66
N PHE T 58 -43.17 -10.94 -37.97
CA PHE T 58 -42.12 -10.63 -38.93
C PHE T 58 -42.12 -9.14 -39.23
N ARG T 59 -40.95 -8.52 -39.13
CA ARG T 59 -40.78 -7.11 -39.46
C ARG T 59 -39.52 -6.93 -40.30
N PRO T 60 -39.49 -5.92 -41.16
CA PRO T 60 -38.27 -5.66 -41.94
C PRO T 60 -37.12 -5.27 -41.02
N ARG T 61 -35.93 -5.68 -41.40
CA ARG T 61 -34.71 -5.42 -40.63
C ARG T 61 -33.99 -4.25 -41.26
N ARG T 62 -33.91 -3.14 -40.52
CA ARG T 62 -33.24 -1.95 -41.01
C ARG T 62 -31.73 -2.18 -41.06
N TRP T 63 -31.09 -1.67 -42.11
CA TRP T 63 -29.66 -1.79 -42.25
C TRP T 63 -29.14 -0.62 -43.07
N GLU T 64 -27.92 -0.19 -42.74
CA GLU T 64 -27.29 0.95 -43.38
C GLU T 64 -25.78 0.73 -43.42
N PRO T 65 -25.16 0.81 -44.59
CA PRO T 65 -23.70 0.64 -44.67
C PRO T 65 -22.97 1.91 -44.27
N GLU T 66 -21.80 1.71 -43.66
CA GLU T 66 -20.94 2.84 -43.35
C GLU T 66 -20.23 3.36 -44.59
N HIS T 67 -19.74 2.46 -45.44
CA HIS T 67 -19.07 2.83 -46.67
C HIS T 67 -19.70 2.09 -47.84
N ASP T 68 -19.47 2.63 -49.03
CA ASP T 68 -19.92 1.97 -50.26
C ASP T 68 -19.10 0.71 -50.50
N GLY T 69 -19.74 -0.28 -51.10
CA GLY T 69 -19.05 -1.49 -51.45
C GLY T 69 -20.03 -2.63 -51.68
N VAL T 70 -19.46 -3.82 -51.85
CA VAL T 70 -20.22 -5.05 -52.03
C VAL T 70 -20.24 -5.80 -50.71
N ARG T 71 -21.43 -6.11 -50.22
CA ARG T 71 -21.60 -6.78 -48.94
C ARG T 71 -22.40 -8.05 -49.11
N LEU T 72 -22.05 -9.06 -48.31
CA LEU T 72 -22.78 -10.32 -48.29
C LEU T 72 -23.95 -10.21 -47.32
N PHE T 73 -25.08 -10.80 -47.71
CA PHE T 73 -26.31 -10.71 -46.94
C PHE T 73 -26.89 -12.10 -46.71
N CYS T 74 -27.57 -12.25 -45.58
CA CYS T 74 -28.01 -13.56 -45.14
C CYS T 74 -29.19 -14.05 -45.96
N GLY T 75 -29.08 -15.28 -46.46
CA GLY T 75 -30.18 -15.92 -47.16
C GLY T 75 -30.91 -16.90 -46.27
N CYS T 76 -30.21 -17.49 -45.30
CA CYS T 76 -30.83 -18.46 -44.41
C CYS T 76 -31.77 -17.81 -43.41
N LYS T 77 -31.65 -16.50 -43.20
CA LYS T 77 -32.50 -15.73 -42.31
C LYS T 77 -32.31 -16.06 -40.84
N SER T 78 -31.16 -16.67 -40.49
CA SER T 78 -30.87 -16.97 -39.10
C SER T 78 -29.46 -16.61 -38.68
N CYS T 79 -28.66 -16.01 -39.56
CA CYS T 79 -27.29 -15.67 -39.21
C CYS T 79 -27.26 -14.74 -37.99
N PHE T 80 -26.28 -14.97 -37.12
CA PHE T 80 -26.16 -14.16 -35.91
C PHE T 80 -25.97 -12.69 -36.26
N SER T 81 -25.21 -12.42 -37.33
CA SER T 81 -24.95 -11.05 -37.77
C SER T 81 -25.93 -10.58 -38.83
N SER T 82 -27.14 -11.13 -38.85
CA SER T 82 -28.12 -10.71 -39.84
C SER T 82 -28.41 -9.22 -39.67
N PRO T 83 -28.67 -8.50 -40.77
CA PRO T 83 -28.79 -8.94 -42.17
C PRO T 83 -27.50 -9.39 -42.82
N THR T 84 -26.35 -9.01 -42.28
CA THR T 84 -25.09 -9.39 -42.90
C THR T 84 -24.81 -10.87 -42.67
N TRP T 85 -23.97 -11.42 -43.54
CA TRP T 85 -23.61 -12.82 -43.50
C TRP T 85 -22.32 -13.02 -42.70
N ASN T 86 -22.29 -14.09 -41.91
CA ASN T 86 -21.08 -14.46 -41.18
C ASN T 86 -20.77 -15.94 -41.26
N GLY T 87 -21.50 -16.71 -42.07
CA GLY T 87 -21.32 -18.14 -42.18
C GLY T 87 -22.45 -18.95 -41.60
N GLY T 88 -23.43 -18.31 -40.97
CA GLY T 88 -24.56 -19.05 -40.42
C GLY T 88 -25.37 -19.77 -41.45
N CYS T 89 -25.34 -19.31 -42.70
CA CYS T 89 -26.06 -20.01 -43.76
C CYS T 89 -25.54 -21.43 -43.94
N PHE T 90 -24.22 -21.60 -43.91
CA PHE T 90 -23.64 -22.94 -43.97
C PHE T 90 -23.98 -23.75 -42.73
N THR T 91 -23.90 -23.12 -41.56
CA THR T 91 -24.20 -23.83 -40.32
C THR T 91 -25.63 -24.35 -40.32
N LYS T 92 -26.58 -23.50 -40.70
CA LYS T 92 -27.98 -23.92 -40.74
C LYS T 92 -28.20 -25.02 -41.76
N TRP T 93 -27.45 -24.98 -42.86
CA TRP T 93 -27.55 -26.05 -43.85
C TRP T 93 -27.10 -27.38 -43.27
N MET T 94 -26.02 -27.39 -42.49
CA MET T 94 -25.54 -28.62 -41.90
C MET T 94 -26.59 -29.22 -40.97
N GLN T 95 -27.31 -28.37 -40.23
CA GLN T 95 -28.39 -28.87 -39.40
C GLN T 95 -29.45 -29.58 -40.23
N SER T 96 -29.70 -29.09 -41.43
CA SER T 96 -30.75 -29.65 -42.28
C SER T 96 -30.27 -30.84 -43.11
N ASN T 97 -28.98 -30.89 -43.43
CA ASN T 97 -28.38 -32.01 -44.16
C ASN T 97 -27.09 -32.40 -43.47
N PRO T 98 -27.18 -33.10 -42.33
CA PRO T 98 -25.96 -33.40 -41.56
C PRO T 98 -24.96 -34.26 -42.30
N ALA T 99 -25.41 -35.10 -43.23
CA ALA T 99 -24.48 -35.92 -44.00
C ALA T 99 -23.65 -35.05 -44.93
N GLY T 100 -24.28 -34.11 -45.63
CA GLY T 100 -23.53 -33.18 -46.45
C GLY T 100 -22.58 -32.34 -45.63
N GLY T 101 -23.04 -31.88 -44.46
CA GLY T 101 -22.16 -31.08 -43.62
C GLY T 101 -20.87 -31.77 -43.29
N MET T 102 -20.94 -33.08 -42.99
CA MET T 102 -19.73 -33.83 -42.69
C MET T 102 -18.78 -33.86 -43.87
N LEU T 103 -19.32 -34.05 -45.08
CA LEU T 103 -18.48 -34.12 -46.27
C LEU T 103 -17.68 -32.83 -46.44
N TYR T 104 -18.36 -31.68 -46.38
CA TYR T 104 -17.66 -30.41 -46.53
C TYR T 104 -16.65 -30.20 -45.41
N CYS T 105 -17.04 -30.49 -44.17
CA CYS T 105 -16.13 -30.27 -43.03
C CYS T 105 -14.90 -31.14 -43.14
N PHE T 106 -15.08 -32.40 -43.54
CA PHE T 106 -13.93 -33.28 -43.75
C PHE T 106 -13.02 -32.72 -44.82
N ALA T 107 -13.61 -32.28 -45.94
CA ALA T 107 -12.80 -31.75 -47.03
C ALA T 107 -12.04 -30.51 -46.60
N ALA T 108 -12.72 -29.59 -45.91
CA ALA T 108 -12.05 -28.38 -45.45
C ALA T 108 -10.94 -28.71 -44.46
N ALA T 109 -11.22 -29.62 -43.52
CA ALA T 109 -10.20 -30.01 -42.56
C ALA T 109 -9.06 -30.74 -43.24
N PHE T 110 -9.36 -31.56 -44.25
CA PHE T 110 -8.31 -32.26 -44.97
C PHE T 110 -7.36 -31.29 -45.62
N GLY T 111 -7.89 -30.29 -46.31
CA GLY T 111 -7.03 -29.29 -46.93
C GLY T 111 -6.20 -28.53 -45.91
N PHE T 112 -6.85 -28.10 -44.82
CA PHE T 112 -6.13 -27.37 -43.78
C PHE T 112 -5.03 -28.23 -43.18
N GLY T 113 -5.30 -29.50 -42.93
CA GLY T 113 -4.28 -30.37 -42.38
C GLY T 113 -3.10 -30.54 -43.31
N THR T 114 -3.36 -30.75 -44.61
CA THR T 114 -2.28 -30.96 -45.55
C THR T 114 -1.38 -29.73 -45.65
N LEU T 115 -1.99 -28.55 -45.80
CA LEU T 115 -1.20 -27.34 -45.99
C LEU T 115 -0.36 -27.02 -44.76
N THR T 116 -0.97 -27.07 -43.58
CA THR T 116 -0.24 -26.73 -42.36
C THR T 116 0.86 -27.74 -42.09
N VAL T 117 0.62 -29.01 -42.39
CA VAL T 117 1.63 -30.04 -42.18
C VAL T 117 2.72 -29.93 -43.22
N TYR T 118 2.35 -29.62 -44.47
CA TYR T 118 3.35 -29.52 -45.53
C TYR T 118 4.34 -28.39 -45.25
N ARG T 119 3.84 -27.25 -44.77
CA ARG T 119 4.70 -26.10 -44.55
C ARG T 119 5.56 -26.27 -43.30
N LYS T 120 4.98 -26.77 -42.22
CA LYS T 120 5.75 -26.91 -40.98
C LYS T 120 6.62 -28.16 -41.01
N PHE T 121 5.98 -29.33 -41.11
CA PHE T 121 6.67 -30.62 -41.15
C PHE T 121 7.89 -30.66 -40.24
N TYR U 1 -19.21 -1.94 -62.24
CA TYR U 1 -18.91 -2.20 -63.65
C TYR U 1 -20.07 -2.95 -64.31
N THR U 2 -21.26 -2.38 -64.20
CA THR U 2 -22.52 -3.02 -64.62
C THR U 2 -22.50 -4.51 -64.26
N PRO U 3 -22.60 -4.83 -62.97
CA PRO U 3 -22.57 -6.24 -62.56
C PRO U 3 -23.80 -7.01 -63.03
N SER U 4 -23.65 -8.33 -63.07
CA SER U 4 -24.71 -9.20 -63.54
C SER U 4 -25.69 -9.53 -62.41
N PHE U 5 -26.83 -10.09 -62.81
CA PHE U 5 -27.94 -10.38 -61.93
C PHE U 5 -27.97 -11.89 -61.68
N GLU U 6 -27.49 -12.30 -60.52
CA GLU U 6 -27.46 -13.72 -60.14
C GLU U 6 -28.77 -14.09 -59.45
N ARG U 7 -29.51 -15.02 -60.05
CA ARG U 7 -30.82 -15.38 -59.51
C ARG U 7 -30.68 -16.17 -58.21
N GLY U 8 -29.72 -17.08 -58.13
CA GLY U 8 -29.48 -17.83 -56.93
C GLY U 8 -30.05 -19.23 -56.97
N LEU U 9 -30.01 -19.89 -55.81
CA LEU U 9 -30.48 -21.26 -55.71
C LEU U 9 -31.98 -21.35 -55.97
N ASN U 10 -32.75 -20.40 -55.45
CA ASN U 10 -34.20 -20.35 -55.69
C ASN U 10 -34.51 -19.15 -56.56
N PRO U 11 -34.64 -19.32 -57.88
CA PRO U 11 -34.85 -18.16 -58.76
C PRO U 11 -36.19 -17.48 -58.54
N GLU U 12 -37.16 -18.17 -57.96
CA GLU U 12 -38.47 -17.55 -57.78
C GLU U 12 -38.43 -16.46 -56.70
N LEU U 13 -37.51 -16.57 -55.75
CA LEU U 13 -37.40 -15.58 -54.69
C LEU U 13 -36.62 -14.35 -55.14
N THR U 14 -36.10 -14.33 -56.37
CA THR U 14 -35.48 -13.15 -56.96
C THR U 14 -36.23 -12.68 -58.19
N SER U 15 -37.48 -13.10 -58.36
CA SER U 15 -38.25 -12.80 -59.56
C SER U 15 -39.11 -11.55 -59.43
N GLY U 16 -39.10 -10.89 -58.27
CA GLY U 16 -39.90 -9.70 -58.09
C GLY U 16 -39.26 -8.48 -58.71
N ASP U 17 -39.97 -7.36 -58.57
CA ASP U 17 -39.51 -6.08 -59.10
C ASP U 17 -38.68 -5.37 -58.04
N TYR U 18 -37.38 -5.24 -58.29
CA TYR U 18 -36.49 -4.61 -57.33
C TYR U 18 -36.64 -3.10 -57.33
N GLY U 19 -36.84 -2.50 -58.49
CA GLY U 19 -36.88 -1.05 -58.55
C GLY U 19 -35.53 -0.47 -58.22
N ASP U 20 -35.52 0.51 -57.31
CA ASP U 20 -34.26 1.15 -56.94
C ASP U 20 -33.33 0.21 -56.18
N MET U 21 -33.89 -0.78 -55.48
CA MET U 21 -33.07 -1.63 -54.64
C MET U 21 -32.08 -2.43 -55.48
N PRO U 22 -30.87 -2.68 -54.96
CA PRO U 22 -29.87 -3.41 -55.74
C PRO U 22 -30.27 -4.86 -55.95
N LYS U 23 -29.80 -5.42 -57.09
CA LYS U 23 -30.06 -6.80 -57.43
C LYS U 23 -28.89 -7.70 -57.02
N PRO U 24 -29.15 -8.97 -56.71
CA PRO U 24 -28.05 -9.86 -56.32
C PRO U 24 -27.07 -10.09 -57.46
N GLN U 25 -25.83 -10.34 -57.09
CA GLN U 25 -24.70 -10.38 -58.01
C GLN U 25 -23.85 -11.62 -57.76
N PRO U 26 -22.99 -11.99 -58.71
CA PRO U 26 -22.08 -13.11 -58.49
C PRO U 26 -21.04 -12.80 -57.42
N LEU U 27 -20.50 -13.86 -56.83
CA LEU U 27 -19.57 -13.73 -55.71
C LEU U 27 -18.22 -13.18 -56.14
N ILE U 28 -17.86 -13.28 -57.41
CA ILE U 28 -16.60 -12.69 -57.86
C ILE U 28 -16.62 -11.19 -57.63
N ASP U 29 -17.80 -10.56 -57.73
CA ASP U 29 -17.89 -9.13 -57.48
C ASP U 29 -17.49 -8.79 -56.06
N PHE U 30 -17.90 -9.61 -55.08
CA PHE U 30 -17.55 -9.34 -53.70
C PHE U 30 -16.04 -9.39 -53.49
N PHE U 31 -15.37 -10.37 -54.11
CA PHE U 31 -13.93 -10.48 -53.94
C PHE U 31 -13.20 -9.33 -54.60
N THR U 32 -13.69 -8.88 -55.77
CA THR U 32 -13.08 -7.77 -56.47
C THR U 32 -13.63 -6.41 -56.04
N GLN U 33 -14.65 -6.38 -55.18
CA GLN U 33 -15.31 -5.15 -54.78
C GLN U 33 -15.77 -4.37 -56.01
N ASN U 34 -16.47 -5.07 -56.89
CA ASN U 34 -16.96 -4.51 -58.16
C ASN U 34 -15.81 -4.01 -59.02
N ARG U 35 -14.70 -4.74 -58.99
CA ARG U 35 -13.52 -4.41 -59.79
C ARG U 35 -13.08 -2.97 -59.56
N ASN U 36 -13.04 -2.59 -58.30
CA ASN U 36 -12.54 -1.28 -57.92
C ASN U 36 -11.02 -1.27 -58.02
N PRO U 37 -10.43 -0.43 -58.86
CA PRO U 37 -8.96 -0.47 -58.99
C PRO U 37 -8.23 -0.18 -57.70
N TRP U 38 -8.77 0.68 -56.85
CA TRP U 38 -8.09 0.99 -55.60
C TRP U 38 -8.13 -0.21 -54.65
N PHE U 39 -9.24 -0.97 -54.65
CA PHE U 39 -9.27 -2.18 -53.85
C PHE U 39 -8.32 -3.24 -54.40
N GLY U 40 -8.16 -3.29 -55.72
CA GLY U 40 -7.13 -4.14 -56.29
C GLY U 40 -5.74 -3.71 -55.88
N PHE U 41 -5.49 -2.39 -55.91
CA PHE U 41 -4.22 -1.91 -55.39
C PHE U 41 -4.09 -2.23 -53.91
N ALA U 42 -5.18 -2.06 -53.15
CA ALA U 42 -5.17 -2.40 -51.74
C ALA U 42 -4.92 -3.89 -51.53
N MET U 43 -5.54 -4.73 -52.35
CA MET U 43 -5.30 -6.16 -52.28
C MET U 43 -3.83 -6.47 -52.54
N PHE U 44 -3.31 -5.95 -53.64
CA PHE U 44 -1.88 -6.11 -53.92
C PHE U 44 -1.05 -5.56 -52.77
N CYS U 45 -1.51 -4.48 -52.15
CA CYS U 45 -0.83 -3.94 -50.98
C CYS U 45 -0.85 -4.94 -49.82
N GLY U 46 -2.00 -5.58 -49.58
CA GLY U 46 -2.08 -6.55 -48.50
C GLY U 46 -1.09 -7.69 -48.70
N PHE U 47 -1.00 -8.22 -49.92
CA PHE U 47 -0.02 -9.25 -50.21
C PHE U 47 1.39 -8.73 -49.99
N ASN U 48 1.66 -7.49 -50.40
CA ASN U 48 3.01 -6.95 -50.29
C ASN U 48 3.47 -6.89 -48.85
N PHE U 49 2.62 -6.41 -47.94
CA PHE U 49 3.02 -6.38 -46.54
C PHE U 49 3.21 -7.79 -46.00
N LEU U 50 2.21 -8.65 -46.18
CA LEU U 50 2.26 -9.99 -45.60
C LEU U 50 3.51 -10.73 -46.06
N TRP U 51 3.92 -10.50 -47.31
CA TRP U 51 5.18 -11.08 -47.78
C TRP U 51 6.35 -10.50 -47.02
N TRP U 52 6.33 -9.19 -46.74
CA TRP U 52 7.38 -8.59 -45.92
C TRP U 52 7.36 -9.16 -44.50
N ALA U 53 6.16 -9.38 -43.96
CA ALA U 53 6.05 -9.82 -42.57
C ALA U 53 6.66 -11.20 -42.37
N PHE U 54 6.44 -12.12 -43.31
CA PHE U 54 6.82 -13.52 -43.14
C PHE U 54 8.17 -13.84 -43.76
N PHE U 55 8.39 -13.45 -45.02
CA PHE U 55 9.58 -13.85 -45.75
C PHE U 55 10.50 -12.68 -46.09
N GLY U 56 10.14 -11.47 -45.71
CA GLY U 56 10.86 -10.30 -46.17
C GLY U 56 10.28 -9.73 -47.44
N ALA U 57 10.67 -8.49 -47.74
CA ALA U 57 10.02 -7.76 -48.83
C ALA U 57 10.17 -8.49 -50.16
N TRP U 58 11.37 -9.01 -50.44
CA TRP U 58 11.72 -9.61 -51.72
C TRP U 58 11.67 -8.60 -52.86
N GLN U 59 11.51 -7.31 -52.54
CA GLN U 59 11.62 -6.24 -53.52
C GLN U 59 13.04 -5.71 -53.59
N ILE U 60 13.86 -6.03 -52.60
CA ILE U 60 15.28 -5.67 -52.60
C ILE U 60 16.11 -6.65 -53.41
N ARG U 61 15.54 -7.80 -53.76
CA ARG U 61 16.28 -8.83 -54.50
C ARG U 61 16.95 -8.32 -55.76
N PRO U 62 16.27 -7.57 -56.65
CA PRO U 62 16.97 -7.10 -57.84
C PRO U 62 18.18 -6.24 -57.52
N LEU U 63 18.12 -5.49 -56.43
CA LEU U 63 19.24 -4.63 -56.02
C LEU U 63 20.35 -5.45 -55.37
N TRP U 64 19.99 -6.54 -54.69
CA TRP U 64 20.91 -7.37 -53.94
C TRP U 64 21.52 -8.49 -54.79
N ALA U 65 21.16 -8.55 -56.07
CA ALA U 65 21.55 -9.68 -56.91
C ALA U 65 23.07 -9.82 -57.01
N SER U 66 23.77 -8.72 -57.28
CA SER U 66 25.22 -8.78 -57.41
C SER U 66 25.90 -9.14 -56.10
N GLN U 67 25.34 -8.70 -54.98
CA GLN U 67 25.95 -8.90 -53.68
C GLN U 67 25.55 -10.24 -53.09
N ARG U 68 24.61 -10.92 -53.73
CA ARG U 68 24.23 -12.27 -53.38
C ARG U 68 25.00 -13.28 -54.21
N LYS U 69 25.59 -12.82 -55.31
CA LYS U 69 26.42 -13.64 -56.16
C LYS U 69 27.84 -13.66 -55.63
N SER U 70 28.26 -12.56 -55.02
CA SER U 70 29.54 -12.51 -54.35
C SER U 70 29.52 -13.32 -53.05
N LEU U 71 28.41 -13.26 -52.31
CA LEU U 71 28.29 -14.04 -51.08
C LEU U 71 28.29 -15.53 -51.37
N ALA U 72 27.66 -15.94 -52.47
CA ALA U 72 27.59 -17.34 -52.84
C ALA U 72 28.96 -17.89 -53.24
N GLU U 73 29.73 -17.09 -53.99
CA GLU U 73 31.07 -17.51 -54.41
C GLU U 73 31.99 -17.67 -53.21
N ALA U 74 31.91 -16.73 -52.26
CA ALA U 74 32.75 -16.81 -51.07
C ALA U 74 32.43 -18.05 -50.25
N ASP U 75 31.15 -18.34 -50.06
CA ASP U 75 30.76 -19.50 -49.27
C ASP U 75 31.26 -20.79 -49.89
N ARG U 76 31.18 -20.90 -51.22
CA ARG U 76 31.61 -22.11 -51.91
C ARG U 76 33.13 -22.25 -51.86
N LEU U 77 33.86 -21.18 -52.15
CA LEU U 77 35.31 -21.28 -52.26
C LEU U 77 35.98 -21.38 -50.90
N TYR U 78 35.52 -20.61 -49.91
CA TYR U 78 36.22 -20.49 -48.65
C TYR U 78 35.43 -20.92 -47.43
N GLY U 79 34.12 -21.06 -47.54
CA GLY U 79 33.31 -21.39 -46.39
C GLY U 79 33.41 -22.86 -46.04
N PRO U 80 32.87 -23.20 -44.86
CA PRO U 80 32.84 -24.61 -44.47
C PRO U 80 32.05 -25.45 -45.46
N THR U 81 32.51 -26.67 -45.70
CA THR U 81 31.92 -27.52 -46.72
C THR U 81 30.45 -27.75 -46.44
N LYS U 82 29.63 -27.63 -47.48
CA LYS U 82 28.21 -27.95 -47.43
C LYS U 82 27.96 -29.25 -48.16
N TYR U 83 27.01 -30.04 -47.67
CA TYR U 83 26.72 -31.35 -48.19
C TYR U 83 25.29 -31.41 -48.73
N GLY U 84 25.14 -31.99 -49.92
CA GLY U 84 23.81 -32.22 -50.45
C GLY U 84 23.03 -30.93 -50.64
N VAL U 85 21.77 -30.95 -50.19
CA VAL U 85 20.90 -29.80 -50.35
C VAL U 85 21.41 -28.62 -49.54
N GLY U 86 22.26 -28.87 -48.53
CA GLY U 86 22.83 -27.78 -47.77
C GLY U 86 23.57 -26.78 -48.65
N LYS U 87 24.13 -27.24 -49.76
CA LYS U 87 24.86 -26.39 -50.69
C LYS U 87 23.96 -25.34 -51.33
N LYS U 88 22.65 -25.49 -51.24
CA LYS U 88 21.71 -24.51 -51.76
C LYS U 88 21.71 -23.23 -50.94
N TYR U 89 21.98 -23.34 -49.65
CA TYR U 89 21.91 -22.20 -48.74
C TYR U 89 23.27 -21.53 -48.60
N ILE U 90 23.25 -20.21 -48.55
CA ILE U 90 24.43 -19.37 -48.31
C ILE U 90 24.02 -18.35 -47.26
N ASN U 91 24.88 -18.13 -46.27
CA ASN U 91 24.53 -17.20 -45.19
C ASN U 91 25.54 -16.08 -45.05
N ARG V 1 -28.75 19.31 9.76
CA ARG V 1 -28.09 20.16 10.79
C ARG V 1 -28.33 21.63 10.44
N ILE V 2 -29.04 22.34 11.32
CA ILE V 2 -29.42 23.71 11.02
C ILE V 2 -28.17 24.52 10.70
N GLY V 3 -28.24 25.29 9.61
CA GLY V 3 -27.13 26.14 9.21
C GLY V 3 -25.89 25.40 8.76
N GLY V 4 -26.05 24.23 8.14
CA GLY V 4 -24.94 23.50 7.57
C GLY V 4 -25.01 23.53 6.07
N PRO V 5 -24.00 23.00 5.39
CA PRO V 5 -23.98 23.04 3.92
C PRO V 5 -25.23 22.40 3.35
N PRO V 6 -26.07 23.17 2.65
CA PRO V 6 -27.36 22.63 2.19
C PRO V 6 -27.20 21.42 1.27
N VAL V 7 -28.08 20.42 1.44
CA VAL V 7 -28.06 19.26 0.56
C VAL V 7 -28.41 19.66 -0.86
N PHE V 8 -29.34 20.61 -1.03
CA PHE V 8 -29.81 21.03 -2.34
C PHE V 8 -30.05 22.54 -2.35
N MET V 9 -29.63 23.20 -3.44
CA MET V 9 -29.91 24.62 -3.66
C MET V 9 -30.29 24.83 -5.12
N GLN V 10 -31.29 25.69 -5.34
CA GLN V 10 -31.73 26.02 -6.69
C GLN V 10 -30.76 26.99 -7.35
N PHE V 11 -30.53 26.80 -8.65
CA PHE V 11 -29.66 27.70 -9.38
C PHE V 11 -30.28 29.09 -9.45
N PRO V 12 -29.50 30.14 -9.23
CA PRO V 12 -29.99 31.50 -9.50
C PRO V 12 -30.17 31.72 -10.99
N PRO V 13 -31.04 32.64 -11.38
CA PRO V 13 -31.27 32.85 -12.81
C PRO V 13 -30.02 33.34 -13.48
N PRO V 14 -29.83 33.03 -14.77
CA PRO V 14 -28.61 33.43 -15.47
C PRO V 14 -28.55 34.93 -15.65
N PRO V 15 -27.37 35.49 -15.86
CA PRO V 15 -27.23 36.94 -15.99
C PRO V 15 -27.94 37.44 -17.23
N PRO V 16 -28.25 38.74 -17.29
CA PRO V 16 -29.03 39.26 -18.42
C PRO V 16 -28.32 39.02 -19.75
N LYS V 17 -29.13 38.76 -20.76
CA LYS V 17 -28.60 38.56 -22.10
C LYS V 17 -28.14 39.89 -22.68
N GLU V 18 -27.11 39.82 -23.52
CA GLU V 18 -26.49 40.99 -24.11
C GLU V 18 -26.85 41.05 -25.59
N TYR V 19 -27.36 42.20 -26.03
CA TYR V 19 -27.61 42.47 -27.43
C TYR V 19 -26.62 43.52 -27.91
N LEU V 20 -26.38 43.54 -29.22
CA LEU V 20 -25.56 44.61 -29.78
C LEU V 20 -26.43 45.85 -29.95
N ALA V 21 -25.76 46.97 -30.26
CA ALA V 21 -26.50 48.23 -30.38
C ALA V 21 -27.60 48.13 -31.42
N ASP V 22 -27.38 47.35 -32.48
CA ASP V 22 -28.40 47.18 -33.52
C ASP V 22 -29.45 46.14 -33.16
N GLY V 23 -29.31 45.44 -32.04
CA GLY V 23 -30.25 44.43 -31.62
C GLY V 23 -29.81 43.02 -31.91
N THR V 24 -28.71 42.84 -32.62
CA THR V 24 -28.19 41.51 -32.88
C THR V 24 -27.75 40.85 -31.58
N PRO V 25 -28.15 39.61 -31.31
CA PRO V 25 -27.66 38.93 -30.11
C PRO V 25 -26.14 38.82 -30.12
N LYS V 26 -25.53 39.15 -28.99
CA LYS V 26 -24.08 39.11 -28.87
C LYS V 26 -23.61 37.66 -28.80
N THR V 27 -22.74 37.27 -29.70
CA THR V 27 -22.21 35.92 -29.73
C THR V 27 -20.88 35.85 -28.98
N TYR V 28 -20.60 34.68 -28.44
CA TYR V 28 -19.44 34.41 -27.62
C TYR V 28 -18.57 33.35 -28.26
N PRO V 29 -17.31 33.23 -27.88
CA PRO V 29 -16.43 32.27 -28.54
C PRO V 29 -16.98 30.85 -28.44
N LEU V 30 -16.81 30.11 -29.52
CA LEU V 30 -17.34 28.74 -29.62
C LEU V 30 -16.36 27.90 -30.41
N HIS V 31 -15.80 26.88 -29.78
CA HIS V 31 -14.82 26.01 -30.42
C HIS V 31 -15.49 24.79 -31.05
N GLN V 32 -16.49 25.03 -31.89
CA GLN V 32 -17.17 23.99 -32.66
C GLN V 32 -17.15 24.40 -34.13
N PRO V 33 -16.00 24.28 -34.78
CA PRO V 33 -15.85 24.82 -36.14
C PRO V 33 -16.66 24.09 -37.19
N VAL V 34 -17.01 24.82 -38.24
CA VAL V 34 -17.61 24.26 -39.44
C VAL V 34 -16.50 24.21 -40.49
N PHE V 35 -15.78 23.10 -40.54
CA PHE V 35 -14.67 22.97 -41.46
C PHE V 35 -15.15 23.06 -42.90
N ASP V 36 -14.32 23.66 -43.76
CA ASP V 36 -14.65 23.84 -45.16
C ASP V 36 -13.97 22.77 -45.99
N HIS V 37 -14.78 21.95 -46.65
CA HIS V 37 -14.31 20.95 -47.61
C HIS V 37 -15.53 20.35 -48.28
N GLY V 38 -15.28 19.52 -49.29
CA GLY V 38 -16.34 18.96 -50.10
C GLY V 38 -16.96 17.68 -49.61
N TYR V 39 -16.55 17.18 -48.45
CA TYR V 39 -17.04 15.90 -47.95
C TYR V 39 -18.30 16.10 -47.12
N THR V 40 -19.29 15.23 -47.34
CA THR V 40 -20.58 15.35 -46.69
C THR V 40 -21.08 14.01 -46.13
N TRP V 41 -20.19 13.05 -45.92
CA TRP V 41 -20.62 11.76 -45.42
C TRP V 41 -21.14 11.87 -43.99
N GLU V 42 -22.00 10.92 -43.62
CA GLU V 42 -22.59 10.87 -42.28
C GLU V 42 -22.59 9.41 -41.83
N HIS V 43 -21.80 9.11 -40.80
CA HIS V 43 -21.68 7.76 -40.29
C HIS V 43 -22.44 7.63 -38.98
N TRP V 44 -23.27 6.59 -38.87
CA TRP V 44 -24.10 6.36 -37.71
C TRP V 44 -23.70 5.05 -37.04
N TYR V 45 -23.71 5.06 -35.71
CA TYR V 45 -23.30 3.90 -34.92
C TYR V 45 -24.26 3.70 -33.77
N MET V 46 -24.80 2.49 -33.66
CA MET V 46 -25.58 2.13 -32.48
C MET V 46 -24.65 2.06 -31.28
N THR V 47 -25.02 2.73 -30.20
CA THR V 47 -24.15 2.91 -29.04
C THR V 47 -24.87 2.47 -27.78
N ASN V 48 -24.10 1.97 -26.82
CA ASN V 48 -24.65 1.64 -25.52
C ASN V 48 -25.12 2.91 -24.82
N ALA V 49 -26.38 2.92 -24.42
CA ALA V 49 -26.95 4.04 -23.67
C ALA V 49 -27.40 3.53 -22.31
N GLY V 50 -26.52 2.79 -21.64
CA GLY V 50 -26.85 2.17 -20.38
C GLY V 50 -26.99 0.68 -20.53
N VAL V 51 -27.96 0.10 -19.83
CA VAL V 51 -28.17 -1.34 -19.86
C VAL V 51 -29.28 -1.72 -20.85
N PHE V 52 -30.37 -0.98 -20.87
CA PHE V 52 -31.54 -1.35 -21.67
C PHE V 52 -31.82 -0.41 -22.83
N HIS V 53 -30.97 0.58 -23.06
CA HIS V 53 -31.20 1.56 -24.12
C HIS V 53 -29.96 1.66 -25.00
N THR V 54 -30.18 2.21 -26.19
CA THR V 54 -29.10 2.59 -27.09
C THR V 54 -29.38 3.97 -27.65
N VAL V 55 -28.36 4.52 -28.32
CA VAL V 55 -28.48 5.81 -28.98
C VAL V 55 -27.78 5.70 -30.33
N TYR V 56 -28.36 6.34 -31.35
CA TYR V 56 -27.83 6.28 -32.71
C TYR V 56 -26.90 7.46 -32.90
N TYR V 57 -25.62 7.24 -32.65
CA TYR V 57 -24.63 8.31 -32.68
C TYR V 57 -24.14 8.54 -34.09
N GLY V 58 -24.21 9.79 -34.53
CA GLY V 58 -23.83 10.17 -35.88
C GLY V 58 -22.60 11.05 -35.89
N GLU V 59 -21.69 10.77 -36.83
CA GLU V 59 -20.52 11.60 -37.08
C GLU V 59 -20.66 12.24 -38.46
N PHE V 60 -20.56 13.56 -38.50
CA PHE V 60 -20.77 14.33 -39.72
C PHE V 60 -19.43 14.84 -40.24
N ALA V 61 -19.26 14.79 -41.56
CA ALA V 61 -17.98 15.15 -42.16
C ALA V 61 -17.61 16.59 -41.86
N LYS V 62 -18.57 17.49 -41.86
CA LYS V 62 -18.27 18.90 -41.64
C LYS V 62 -17.75 19.18 -40.24
N ASP V 63 -17.90 18.25 -39.31
CA ASP V 63 -17.37 18.41 -37.96
C ASP V 63 -15.89 18.10 -37.87
N PHE V 64 -15.26 17.64 -38.94
CA PHE V 64 -13.89 17.19 -38.95
C PHE V 64 -13.07 17.96 -39.98
N PRO V 65 -11.76 18.05 -39.79
CA PRO V 65 -10.93 18.73 -40.79
C PRO V 65 -10.87 17.94 -42.09
N TRP V 66 -10.22 18.55 -43.09
CA TRP V 66 -10.18 17.94 -44.41
C TRP V 66 -9.49 16.59 -44.38
N ARG V 67 -8.39 16.48 -43.62
CA ARG V 67 -7.63 15.24 -43.64
C ARG V 67 -8.46 14.05 -43.19
N TRP V 68 -9.26 14.24 -42.14
CA TRP V 68 -10.09 13.14 -41.66
C TRP V 68 -11.29 12.89 -42.56
N GLY V 69 -11.90 13.96 -43.07
CA GLY V 69 -12.99 13.79 -44.01
C GLY V 69 -12.58 12.99 -45.23
N PHE V 70 -11.37 13.25 -45.73
CA PHE V 70 -10.86 12.51 -46.87
C PHE V 70 -10.63 11.04 -46.52
N VAL V 71 -9.96 10.78 -45.40
CA VAL V 71 -9.63 9.41 -45.04
C VAL V 71 -10.88 8.63 -44.67
N ALA V 72 -11.75 9.23 -43.85
CA ALA V 72 -12.93 8.52 -43.38
C ALA V 72 -13.97 8.29 -44.46
N GLU V 73 -13.83 8.92 -45.62
CA GLU V 73 -14.79 8.68 -46.70
C GLU V 73 -14.56 7.34 -47.37
N LYS V 74 -13.32 6.90 -47.47
CA LYS V 74 -12.98 5.69 -48.20
C LYS V 74 -13.33 4.45 -47.39
N PRO V 75 -13.53 3.32 -48.06
CA PRO V 75 -13.70 2.06 -47.32
C PRO V 75 -12.47 1.75 -46.48
N PHE V 76 -12.71 1.19 -45.29
CA PHE V 76 -11.62 0.97 -44.36
C PHE V 76 -10.57 0.02 -44.94
N TRP V 77 -11.02 -1.03 -45.62
CA TRP V 77 -10.09 -2.02 -46.16
C TRP V 77 -9.49 -1.60 -47.49
N VAL V 78 -9.88 -0.45 -48.02
CA VAL V 78 -9.13 0.19 -49.11
C VAL V 78 -8.02 1.06 -48.55
N GLY V 79 -8.34 1.87 -47.55
CA GLY V 79 -7.36 2.78 -46.98
C GLY V 79 -6.36 2.07 -46.08
N ALA V 80 -6.85 1.29 -45.14
CA ALA V 80 -6.01 0.66 -44.13
C ALA V 80 -4.78 -0.01 -44.75
N PRO V 81 -4.94 -0.94 -45.69
CA PRO V 81 -3.75 -1.61 -46.24
C PRO V 81 -2.76 -0.64 -46.86
N ILE V 82 -3.24 0.36 -47.60
CA ILE V 82 -2.33 1.33 -48.20
C ILE V 82 -1.60 2.12 -47.12
N LEU V 83 -2.34 2.55 -46.09
CA LEU V 83 -1.72 3.33 -45.02
C LEU V 83 -0.65 2.51 -44.31
N VAL V 84 -0.92 1.24 -44.04
CA VAL V 84 0.06 0.41 -43.35
C VAL V 84 1.37 0.38 -44.11
N LEU V 85 1.31 0.09 -45.41
CA LEU V 85 2.53 0.07 -46.20
C LEU V 85 3.18 1.44 -46.25
N GLY V 86 2.39 2.49 -46.42
CA GLY V 86 2.95 3.82 -46.52
C GLY V 86 3.74 4.22 -45.29
N VAL V 87 3.15 3.98 -44.11
CA VAL V 87 3.84 4.34 -42.87
C VAL V 87 5.14 3.58 -42.75
N LEU V 88 5.13 2.28 -43.07
CA LEU V 88 6.36 1.49 -42.99
C LEU V 88 7.40 1.99 -43.97
N CYS V 89 6.99 2.29 -45.21
CA CYS V 89 7.94 2.80 -46.19
C CYS V 89 8.55 4.11 -45.72
N LEU V 90 7.72 5.01 -45.21
CA LEU V 90 8.24 6.29 -44.74
C LEU V 90 9.25 6.10 -43.62
N GLY V 91 8.98 5.20 -42.69
CA GLY V 91 9.92 4.95 -41.62
C GLY V 91 11.27 4.52 -42.13
N HIS V 92 11.28 3.60 -43.10
CA HIS V 92 12.55 3.16 -43.67
C HIS V 92 13.26 4.29 -44.40
N ILE V 93 12.50 5.11 -45.13
CA ILE V 93 13.09 6.25 -45.83
C ILE V 93 13.76 7.18 -44.85
N ILE V 94 13.07 7.50 -43.75
CA ILE V 94 13.62 8.42 -42.75
C ILE V 94 14.92 7.89 -42.19
N GLN V 95 14.98 6.59 -41.93
CA GLN V 95 16.14 5.96 -41.33
C GLN V 95 17.26 5.70 -42.33
N THR V 96 17.01 5.92 -43.62
CA THR V 96 18.03 5.77 -44.64
C THR V 96 18.68 7.09 -45.04
N MET V 97 18.06 8.22 -44.69
CA MET V 97 18.58 9.51 -45.10
C MET V 97 19.93 9.81 -44.47
N GLY V 98 20.16 9.34 -43.25
CA GLY V 98 21.42 9.61 -42.58
C GLY V 98 22.55 8.68 -42.94
N GLN V 99 22.35 7.73 -43.85
CA GLN V 99 23.36 6.76 -44.21
C GLN V 99 23.51 6.62 -45.72
N ILE V 100 23.26 7.70 -46.45
CA ILE V 100 23.37 7.67 -47.90
C ILE V 100 24.85 7.74 -48.28
N GLY V 101 25.33 6.69 -48.94
CA GLY V 101 26.71 6.63 -49.35
C GLY V 101 27.67 6.04 -48.35
N VAL V 102 27.19 5.66 -47.16
CA VAL V 102 28.05 5.06 -46.15
C VAL V 102 28.41 3.65 -46.60
N ARG V 103 29.72 3.38 -46.68
CA ARG V 103 30.24 2.10 -47.17
C ARG V 103 31.29 1.57 -46.20
N PRO V 104 30.86 0.89 -45.13
CA PRO V 104 31.84 0.28 -44.22
C PRO V 104 32.65 -0.79 -44.92
N LYS V 105 33.91 -0.91 -44.50
CA LYS V 105 34.82 -1.85 -45.15
C LYS V 105 34.49 -3.30 -44.81
N ARG V 106 33.82 -3.55 -43.68
CA ARG V 106 33.54 -4.92 -43.27
C ARG V 106 32.44 -5.57 -44.08
N TYR V 107 31.74 -4.82 -44.93
CA TYR V 107 30.72 -5.38 -45.80
C TYR V 107 31.21 -5.53 -47.24
N THR V 108 32.47 -5.27 -47.50
CA THR V 108 33.02 -5.45 -48.83
C THR V 108 33.23 -6.93 -49.13
N PRO V 109 33.34 -7.30 -50.40
CA PRO V 109 33.55 -8.73 -50.72
C PRO V 109 34.80 -9.30 -50.09
N GLU V 110 35.88 -8.52 -49.99
CA GLU V 110 37.10 -9.04 -49.39
C GLU V 110 36.88 -9.45 -47.95
N TRP V 111 36.22 -8.59 -47.17
CA TRP V 111 35.95 -8.93 -45.77
C TRP V 111 34.93 -10.06 -45.67
N VAL V 112 33.99 -10.14 -46.61
CA VAL V 112 33.01 -11.21 -46.59
C VAL V 112 33.69 -12.56 -46.80
N GLU V 113 34.68 -12.62 -47.69
CA GLU V 113 35.41 -13.86 -47.91
C GLU V 113 36.23 -14.24 -46.69
N ALA V 114 36.86 -13.26 -46.05
CA ALA V 114 37.72 -13.56 -44.91
C ALA V 114 36.92 -14.17 -43.77
N THR V 115 35.69 -13.70 -43.56
CA THR V 115 34.85 -14.31 -42.53
C THR V 115 34.53 -15.76 -42.88
N LYS V 116 34.29 -16.05 -44.16
CA LYS V 116 34.06 -17.43 -44.56
C LYS V 116 35.27 -18.29 -44.24
N GLU V 117 36.47 -17.77 -44.47
CA GLU V 117 37.67 -18.51 -44.11
C GLU V 117 37.72 -18.78 -42.60
N ARG V 118 37.37 -17.77 -41.80
CA ARG V 118 37.38 -17.96 -40.35
C ARG V 118 36.37 -19.03 -39.94
N GLU V 119 35.18 -19.00 -40.55
CA GLU V 119 34.16 -19.98 -40.21
C GLU V 119 34.60 -21.39 -40.57
N ARG V 120 35.26 -21.56 -41.73
CA ARG V 120 35.75 -22.88 -42.11
C ARG V 120 36.78 -23.38 -41.11
N ALA V 121 37.70 -22.51 -40.70
CA ALA V 121 38.74 -22.93 -39.76
C ALA V 121 38.15 -23.25 -38.39
N GLU V 122 37.15 -22.49 -37.96
CA GLU V 122 36.54 -22.67 -36.66
C GLU V 122 35.33 -23.59 -36.68
N ASN V 123 34.92 -24.07 -37.85
CA ASN V 123 33.76 -24.95 -37.99
C ASN V 123 32.55 -24.35 -37.26
N THR V 124 32.21 -23.12 -37.63
CA THR V 124 31.18 -22.35 -36.93
C THR V 124 29.77 -22.85 -37.22
N ASN V 125 28.92 -22.81 -36.18
CA ASN V 125 27.51 -23.20 -36.22
C ASN V 125 27.38 -24.47 -37.07
N PRO V 126 28.00 -25.59 -36.64
CA PRO V 126 27.89 -26.86 -37.41
C PRO V 126 26.53 -27.51 -37.28
N ILE V 127 25.79 -27.25 -36.20
CA ILE V 127 24.52 -27.92 -35.94
C ILE V 127 23.40 -27.18 -36.67
N THR V 128 23.62 -25.90 -37.00
CA THR V 128 22.67 -25.14 -37.78
C THR V 128 22.76 -25.59 -39.24
N ARG V 129 23.98 -25.92 -39.68
CA ARG V 129 24.22 -26.36 -41.07
C ARG V 129 23.70 -27.80 -41.27
N TYR V 130 23.94 -28.66 -40.28
CA TYR V 130 23.40 -30.02 -40.34
C TYR V 130 21.88 -30.04 -40.31
N LEU V 131 21.29 -29.23 -39.43
CA LEU V 131 19.82 -29.24 -39.28
C LEU V 131 19.13 -28.62 -40.48
N ASP V 132 19.79 -27.65 -41.14
CA ASP V 132 19.24 -27.09 -42.38
C ASP V 132 19.21 -28.14 -43.48
N ARG V 133 20.28 -28.92 -43.62
CA ARG V 133 20.32 -29.96 -44.63
C ARG V 133 19.25 -31.02 -44.36
N ARG V 134 19.09 -31.43 -43.10
CA ARG V 134 18.09 -32.43 -42.78
C ARG V 134 16.69 -31.93 -43.07
N ARG V 135 16.39 -30.69 -42.69
CA ARG V 135 15.07 -30.14 -42.94
C ARG V 135 14.79 -29.99 -44.43
N ALA V 136 15.77 -29.50 -45.17
CA ALA V 136 15.59 -29.29 -46.60
C ALA V 136 15.33 -30.62 -47.31
N GLU V 137 16.02 -31.68 -46.89
CA GLU V 137 15.80 -32.99 -47.49
C GLU V 137 14.38 -33.48 -47.25
N ARG V 138 13.82 -33.18 -46.09
CA ARG V 138 12.48 -33.66 -45.75
C ARG V 138 11.39 -32.89 -46.48
N GLY V 139 11.50 -31.57 -46.54
CA GLY V 139 10.43 -30.75 -47.09
C GLY V 139 10.86 -29.35 -47.47
N PRO V 140 9.87 -28.48 -47.73
CA PRO V 140 10.18 -27.11 -48.17
C PRO V 140 10.77 -26.23 -47.08
N TYR V 141 12.04 -25.85 -47.20
CA TYR V 141 12.74 -25.08 -46.19
C TYR V 141 13.20 -23.75 -46.80
N TYR V 142 12.76 -22.64 -46.22
CA TYR V 142 13.06 -21.29 -46.73
C TYR V 142 13.75 -20.46 -45.66
N LEU V 143 14.92 -19.90 -45.99
CA LEU V 143 15.70 -19.06 -45.10
C LEU V 143 15.71 -17.62 -45.60
N MET V 144 15.37 -16.68 -44.71
CA MET V 144 15.44 -15.26 -45.07
C MET V 144 16.87 -14.88 -45.43
N SER V 145 17.85 -15.40 -44.69
CA SER V 145 19.25 -15.09 -44.92
C SER V 145 19.69 -15.42 -46.33
N ASN V 146 18.99 -16.36 -46.99
CA ASN V 146 19.37 -16.79 -48.32
C ASN V 146 18.97 -15.77 -49.38
N VAL V 147 17.85 -15.07 -49.18
CA VAL V 147 17.28 -14.21 -50.21
C VAL V 147 17.59 -12.73 -49.98
N LEU V 148 17.65 -12.29 -48.69
CA LEU V 148 17.67 -10.86 -48.37
C LEU V 148 19.05 -10.38 -47.96
N PRO V 149 19.35 -9.09 -48.13
CA PRO V 149 20.61 -8.56 -47.59
C PRO V 149 20.63 -8.58 -46.08
N TYR V 150 21.83 -8.75 -45.52
CA TYR V 150 21.98 -8.78 -44.07
C TYR V 150 22.37 -7.44 -43.48
N HIS V 151 22.72 -6.45 -44.31
CA HIS V 151 23.08 -5.12 -43.85
C HIS V 151 22.39 -4.08 -44.71
N PRO V 152 22.16 -2.88 -44.18
CA PRO V 152 21.41 -1.86 -44.92
C PRO V 152 22.25 -1.05 -45.88
N HIS V 153 23.56 -1.14 -45.82
CA HIS V 153 24.44 -0.37 -46.68
C HIS V 153 24.62 -1.01 -48.04
N PHE V 154 23.88 -2.08 -48.31
CA PHE V 154 24.03 -2.80 -49.57
C PHE V 154 23.65 -1.93 -50.76
N LEU V 155 22.78 -0.94 -50.55
CA LEU V 155 22.32 -0.09 -51.63
C LEU V 155 23.43 0.75 -52.22
N TRP V 156 24.52 0.96 -51.49
CA TRP V 156 25.60 1.83 -51.92
C TRP V 156 26.89 1.09 -52.22
N MET V 157 26.99 -0.18 -51.85
CA MET V 157 28.24 -0.93 -51.93
C MET V 157 28.24 -1.93 -53.08
N ARG V 158 27.62 -1.56 -54.19
CA ARG V 158 27.60 -2.46 -55.34
C ARG V 158 29.00 -2.67 -55.91
N ASN V 159 29.80 -1.61 -55.97
CA ASN V 159 31.13 -1.66 -56.57
C ASN V 159 32.25 -1.42 -55.57
N SER V 160 31.96 -1.44 -54.27
CA SER V 160 32.95 -1.12 -53.26
C SER V 160 33.87 -2.31 -53.02
N HIS V 161 35.16 -2.03 -52.82
CA HIS V 161 36.14 -3.05 -52.54
C HIS V 161 37.18 -2.49 -51.59
N ASP V 162 37.85 -3.39 -50.87
CA ASP V 162 39.02 -3.08 -50.07
C ASP V 162 40.21 -3.76 -50.75
N TYR V 163 40.98 -2.97 -51.51
CA TYR V 163 42.06 -3.54 -52.29
C TYR V 163 43.25 -3.93 -51.42
N GLU V 164 43.45 -3.23 -50.30
CA GLU V 164 44.55 -3.60 -49.42
C GLU V 164 44.32 -4.98 -48.82
N ALA V 165 43.09 -5.27 -48.41
CA ALA V 165 42.77 -6.59 -47.89
C ALA V 165 42.91 -7.65 -48.97
N ALA V 166 42.56 -7.32 -50.20
CA ALA V 166 42.68 -8.30 -51.28
C ALA V 166 44.12 -8.75 -51.45
N GLU V 167 45.07 -7.81 -51.42
CA GLU V 167 46.46 -8.19 -51.59
C GLU V 167 46.97 -8.99 -50.40
N ALA V 168 46.60 -8.58 -49.19
CA ALA V 168 47.03 -9.30 -48.01
C ALA V 168 46.44 -10.70 -47.97
N LEU V 169 45.15 -10.83 -48.28
CA LEU V 169 44.52 -12.15 -48.26
C LEU V 169 45.14 -13.07 -49.30
N ALA V 170 45.44 -12.55 -50.49
CA ALA V 170 46.07 -13.38 -51.51
C ALA V 170 47.45 -13.84 -51.06
N ALA V 171 48.21 -12.96 -50.42
CA ALA V 171 49.53 -13.33 -49.93
C ALA V 171 49.44 -14.43 -48.88
N ARG V 172 48.49 -14.30 -47.95
CA ARG V 172 48.35 -15.31 -46.91
C ARG V 172 47.95 -16.65 -47.49
N ARG V 173 47.06 -16.64 -48.49
CA ARG V 173 46.67 -17.89 -49.13
C ARG V 173 47.85 -18.56 -49.82
N GLU V 174 48.71 -17.76 -50.46
CA GLU V 174 49.90 -18.33 -51.08
C GLU V 174 50.81 -18.95 -50.04
N LYS V 175 51.03 -18.26 -48.92
CA LYS V 175 51.84 -18.83 -47.85
C LYS V 175 51.21 -20.10 -47.29
N ASP V 176 49.89 -20.11 -47.18
CA ASP V 176 49.21 -21.29 -46.67
C ASP V 176 49.44 -22.49 -47.59
N ARG V 177 49.41 -22.26 -48.91
CA ARG V 177 49.66 -23.35 -49.83
C ARG V 177 51.06 -23.91 -49.66
N GLU V 178 52.05 -23.05 -49.43
CA GLU V 178 53.40 -23.54 -49.19
C GLU V 178 53.46 -24.35 -47.90
N LEU V 179 52.81 -23.87 -46.85
CA LEU V 179 52.78 -24.61 -45.59
C LEU V 179 52.10 -25.96 -45.77
N ALA V 180 51.02 -26.00 -46.56
CA ALA V 180 50.32 -27.26 -46.77
C ALA V 180 51.21 -28.28 -47.47
N ALA V 181 51.96 -27.85 -48.49
CA ALA V 181 52.86 -28.76 -49.17
C ALA V 181 53.95 -29.26 -48.23
N LYS V 182 54.50 -28.36 -47.42
CA LYS V 182 55.50 -28.77 -46.44
C LYS V 182 54.92 -29.76 -45.44
N LEU V 183 53.71 -29.50 -44.96
CA LEU V 183 53.07 -30.42 -44.02
C LEU V 183 52.85 -31.78 -44.66
N GLU V 184 52.45 -31.80 -45.92
CA GLU V 184 52.30 -33.07 -46.63
C GLU V 184 53.62 -33.83 -46.65
N ALA V 185 54.72 -33.12 -46.87
CA ALA V 185 56.06 -33.72 -46.87
C ALA V 185 56.12 -34.90 -47.84
N LYS W 1 -10.68 -0.60 26.51
CA LYS W 1 -9.66 -0.91 25.52
C LYS W 1 -9.16 0.35 24.83
N HIS W 2 -7.91 0.32 24.38
CA HIS W 2 -7.31 1.51 23.77
C HIS W 2 -7.88 1.78 22.39
N PHE W 3 -7.74 0.83 21.49
CA PHE W 3 -8.15 1.04 20.10
C PHE W 3 -9.66 1.19 20.00
N PHE W 4 -10.08 2.11 19.12
CA PHE W 4 -11.48 2.38 18.89
C PHE W 4 -12.05 1.43 17.85
N THR W 5 -13.16 0.79 18.17
CA THR W 5 -13.89 -0.07 17.25
C THR W 5 -15.35 0.36 17.21
N ASP W 6 -15.86 0.59 16.00
CA ASP W 6 -17.23 1.08 15.86
C ASP W 6 -18.22 0.14 16.52
N GLY W 7 -17.97 -1.16 16.45
CA GLY W 7 -18.93 -2.14 16.92
C GLY W 7 -18.87 -2.40 18.41
N ALA W 8 -17.66 -2.45 18.98
CA ALA W 8 -17.50 -2.84 20.38
C ALA W 8 -16.98 -1.70 21.25
N ASN W 9 -15.80 -1.16 20.95
CA ASN W 9 -15.21 -0.09 21.75
C ASN W 9 -15.48 1.27 21.12
N ASP W 10 -16.77 1.59 21.00
CA ASP W 10 -17.21 2.84 20.38
C ASP W 10 -17.35 3.89 21.47
N TYR W 11 -16.23 4.52 21.82
CA TYR W 11 -16.21 5.56 22.82
C TYR W 11 -16.31 6.96 22.23
N VAL W 12 -16.12 7.10 20.92
CA VAL W 12 -16.17 8.41 20.30
C VAL W 12 -17.60 8.94 20.32
N THR W 13 -18.58 8.10 19.97
CA THR W 13 -19.97 8.49 19.99
C THR W 13 -20.80 7.79 21.06
N GLY W 14 -20.33 6.67 21.58
CA GLY W 14 -21.08 5.95 22.59
C GLY W 14 -22.27 5.19 22.07
N TRP W 15 -22.34 4.94 20.77
CA TRP W 15 -23.48 4.24 20.19
C TRP W 15 -23.49 2.78 20.64
N GLU W 16 -24.69 2.30 20.97
CA GLU W 16 -24.90 0.91 21.35
C GLU W 16 -26.04 0.34 20.52
N ASN W 17 -25.80 -0.81 19.91
CA ASN W 17 -26.79 -1.39 19.01
C ASN W 17 -28.06 -1.83 19.71
N THR W 18 -28.01 -2.11 21.01
CA THR W 18 -29.16 -2.61 21.75
C THR W 18 -29.36 -1.82 23.03
N PRO W 19 -30.58 -1.81 23.57
CA PRO W 19 -30.85 -1.04 24.78
C PRO W 19 -30.29 -1.74 26.00
N PRO W 20 -30.28 -1.07 27.16
CA PRO W 20 -29.81 -1.72 28.38
C PRO W 20 -30.71 -2.89 28.78
N LEU W 21 -30.10 -3.91 29.36
CA LEU W 21 -30.86 -5.07 29.82
C LEU W 21 -31.76 -4.73 30.99
N LYS W 22 -31.48 -3.63 31.70
CA LYS W 22 -32.29 -3.27 32.86
C LYS W 22 -33.72 -2.93 32.46
N PHE W 23 -33.91 -2.43 31.25
CA PHE W 23 -35.23 -1.96 30.84
C PHE W 23 -36.17 -3.12 30.58
N PRO W 24 -37.40 -3.06 31.07
CA PRO W 24 -38.38 -4.09 30.71
C PRO W 24 -38.66 -4.09 29.22
N ALA W 25 -39.01 -5.26 28.69
CA ALA W 25 -39.31 -5.37 27.27
C ALA W 25 -40.47 -4.48 26.88
N SER W 26 -41.41 -4.24 27.81
CA SER W 26 -42.51 -3.33 27.53
C SER W 26 -42.03 -1.89 27.44
N VAL W 27 -40.92 -1.57 28.09
CA VAL W 27 -40.36 -0.22 28.03
C VAL W 27 -39.45 -0.05 26.82
N MET W 28 -38.51 -0.97 26.64
CA MET W 28 -37.58 -0.93 25.52
C MET W 28 -37.04 -2.33 25.29
N LYS W 29 -36.88 -2.68 24.02
CA LYS W 29 -36.38 -3.99 23.63
C LYS W 29 -35.45 -3.83 22.44
N PRO W 30 -34.58 -4.80 22.20
CA PRO W 30 -33.74 -4.75 20.99
C PRO W 30 -34.59 -4.74 19.74
N CYS W 31 -34.09 -4.04 18.72
CA CYS W 31 -34.80 -3.91 17.45
C CYS W 31 -34.71 -5.21 16.69
N ASP W 32 -35.72 -6.06 16.85
CA ASP W 32 -35.75 -7.36 16.19
C ASP W 32 -37.22 -7.71 15.93
N TYR W 33 -37.65 -7.55 14.69
CA TYR W 33 -39.00 -7.92 14.28
C TYR W 33 -38.97 -9.07 13.26
N SER W 34 -37.94 -9.91 13.33
CA SER W 34 -37.85 -11.06 12.44
C SER W 34 -38.93 -12.08 12.70
N MET W 35 -39.53 -12.09 13.89
CA MET W 35 -40.55 -13.06 14.26
C MET W 35 -41.96 -12.53 14.04
N THR W 36 -42.12 -11.40 13.38
CA THR W 36 -43.44 -10.85 13.14
C THR W 36 -44.32 -11.85 12.42
N LYS W 37 -45.55 -12.02 12.90
CA LYS W 37 -46.46 -12.95 12.27
C LYS W 37 -46.91 -12.44 10.91
N PRO W 38 -47.35 -13.34 10.03
CA PRO W 38 -47.74 -12.91 8.68
C PRO W 38 -48.84 -11.86 8.73
N ILE W 39 -48.70 -10.87 7.87
CA ILE W 39 -49.66 -9.75 7.84
C ILE W 39 -50.96 -10.24 7.21
N PRO W 40 -52.12 -9.97 7.80
CA PRO W 40 -53.37 -10.32 7.14
C PRO W 40 -53.52 -9.59 5.81
N LYS W 41 -54.17 -10.26 4.86
CA LYS W 41 -54.31 -9.67 3.53
C LYS W 41 -55.16 -8.40 3.57
N HIS W 42 -56.14 -8.33 4.46
CA HIS W 42 -56.99 -7.15 4.49
C HIS W 42 -56.30 -5.94 5.08
N TRP W 43 -55.15 -6.11 5.74
CA TRP W 43 -54.35 -4.98 6.17
C TRP W 43 -53.71 -4.31 4.96
N LYS W 44 -53.60 -2.99 5.02
CA LYS W 44 -53.04 -2.19 3.94
C LYS W 44 -51.79 -1.46 4.43
N LEU W 45 -50.80 -1.36 3.55
CA LEU W 45 -49.56 -0.68 3.89
C LEU W 45 -49.78 0.82 3.93
N ARG W 46 -49.63 1.41 5.11
CA ARG W 46 -49.74 2.86 5.28
C ARG W 46 -48.39 3.54 5.19
N GLY W 47 -47.44 3.07 6.00
CA GLY W 47 -46.12 3.63 6.01
C GLY W 47 -45.29 3.17 4.82
N SER W 48 -44.04 3.61 4.82
CA SER W 48 -43.13 3.21 3.75
C SER W 48 -42.81 1.72 3.81
N GLY W 49 -42.76 1.16 5.01
CA GLY W 49 -42.27 -0.19 5.19
C GLY W 49 -40.76 -0.29 5.19
N ILE W 50 -40.07 0.81 4.96
CA ILE W 50 -38.62 0.83 4.94
C ILE W 50 -38.09 0.74 6.35
N HIS W 51 -37.02 -0.04 6.53
CA HIS W 51 -36.34 -0.10 7.80
C HIS W 51 -35.84 1.28 8.21
N GLY W 52 -36.27 1.75 9.36
CA GLY W 52 -35.94 3.08 9.80
C GLY W 52 -36.70 3.51 11.04
N PRO W 53 -36.80 4.81 11.28
CA PRO W 53 -37.40 5.30 12.53
C PRO W 53 -38.90 5.08 12.63
N GLU W 54 -39.57 4.66 11.56
CA GLU W 54 -40.99 4.34 11.69
C GLU W 54 -41.20 3.15 12.61
N ASN W 55 -40.22 2.26 12.71
CA ASN W 55 -40.30 1.16 13.66
C ASN W 55 -40.05 1.67 15.08
N THR W 56 -40.90 1.24 16.01
CA THR W 56 -40.81 1.78 17.37
C THR W 56 -39.48 1.46 18.02
N ASP W 57 -38.99 0.23 17.86
CA ASP W 57 -37.75 -0.17 18.51
C ASP W 57 -36.58 0.66 18.00
N LEU W 58 -36.48 0.85 16.69
CA LEU W 58 -35.39 1.64 16.14
C LEU W 58 -35.48 3.08 16.62
N MET W 59 -36.67 3.65 16.63
CA MET W 59 -36.85 5.01 17.13
C MET W 59 -36.34 5.12 18.56
N LYS W 60 -36.74 4.19 19.43
CA LYS W 60 -36.33 4.24 20.83
C LYS W 60 -34.83 4.06 20.95
N LEU W 61 -34.21 3.26 20.08
CA LEU W 61 -32.77 3.11 20.11
C LEU W 61 -32.07 4.42 19.80
N VAL W 62 -32.52 5.13 18.76
CA VAL W 62 -31.92 6.42 18.43
C VAL W 62 -32.13 7.40 19.57
N LEU W 63 -33.36 7.46 20.09
CA LEU W 63 -33.66 8.39 21.17
C LEU W 63 -32.78 8.13 22.38
N TRP W 64 -32.70 6.87 22.81
CA TRP W 64 -31.90 6.54 23.98
C TRP W 64 -30.42 6.80 23.74
N ASN W 65 -29.93 6.49 22.54
CA ASN W 65 -28.52 6.70 22.27
C ASN W 65 -28.12 8.17 22.34
N ARG W 66 -29.09 9.09 22.31
CA ARG W 66 -28.80 10.50 22.50
C ARG W 66 -29.13 11.00 23.90
N LEU W 67 -30.20 10.51 24.51
CA LEU W 67 -30.56 10.96 25.85
C LEU W 67 -29.80 10.24 26.95
N LYS W 68 -29.06 9.18 26.63
CA LYS W 68 -28.22 8.52 27.61
C LYS W 68 -26.93 9.28 27.87
N GLN W 69 -26.63 10.30 27.07
CA GLN W 69 -25.37 11.01 27.20
C GLN W 69 -25.33 11.94 28.40
N LYS W 70 -26.46 12.16 29.06
CA LYS W 70 -26.53 12.91 30.31
C LYS W 70 -27.16 12.02 31.37
N ARG W 71 -26.43 11.81 32.47
CA ARG W 71 -26.86 10.91 33.54
C ARG W 71 -26.48 11.50 34.89
N PRO W 72 -27.31 11.33 35.92
CA PRO W 72 -26.98 11.93 37.22
C PRO W 72 -25.71 11.40 37.88
N GLN W 73 -25.37 10.14 37.70
CA GLN W 73 -24.22 9.53 38.35
C GLN W 73 -23.52 8.60 37.38
N ARG W 74 -22.41 8.02 37.83
CA ARG W 74 -21.68 7.04 37.02
C ARG W 74 -22.34 5.67 37.12
N GLU W 75 -22.24 4.92 36.02
CA GLU W 75 -22.66 3.52 35.99
C GLU W 75 -21.43 2.67 36.28
N VAL W 76 -21.17 2.44 37.56
CA VAL W 76 -19.94 1.76 37.99
C VAL W 76 -19.83 0.43 37.26
N PRO W 77 -18.76 0.20 36.50
CA PRO W 77 -18.53 -1.13 35.93
C PRO W 77 -17.92 -2.06 36.97
N ASN W 78 -18.04 -3.36 36.71
CA ASN W 78 -17.52 -4.32 37.67
C ASN W 78 -15.99 -4.41 37.53
N ILE W 79 -15.38 -5.05 38.52
CA ILE W 79 -13.91 -5.06 38.61
C ILE W 79 -13.31 -5.74 37.39
N ASN W 80 -14.02 -6.69 36.79
CA ASN W 80 -13.49 -7.34 35.60
C ASN W 80 -13.26 -6.33 34.47
N TYR W 81 -14.23 -5.43 34.26
CA TYR W 81 -14.06 -4.40 33.25
C TYR W 81 -12.89 -3.49 33.61
N LEU W 82 -12.80 -3.08 34.87
CA LEU W 82 -11.75 -2.15 35.26
C LEU W 82 -10.37 -2.76 35.07
N LYS W 83 -10.20 -4.05 35.41
CA LYS W 83 -8.93 -4.71 35.17
C LYS W 83 -8.59 -4.71 33.68
N ASP W 84 -9.56 -5.02 32.83
CA ASP W 84 -9.29 -5.08 31.41
C ASP W 84 -8.93 -3.71 30.85
N SER W 85 -9.47 -2.64 31.42
CA SER W 85 -9.21 -1.30 30.91
C SER W 85 -7.74 -0.94 31.01
N ILE W 86 -7.04 -1.42 32.04
CA ILE W 86 -5.65 -1.07 32.26
C ILE W 86 -4.78 -2.33 32.34
N ARG W 87 -5.15 -3.35 31.57
CA ARG W 87 -4.40 -4.60 31.60
C ARG W 87 -2.95 -4.37 31.20
N LEU W 88 -2.73 -3.64 30.11
CA LEU W 88 -1.36 -3.40 29.65
C LEU W 88 -0.58 -2.58 30.67
N GLU W 89 -1.22 -1.56 31.24
CA GLU W 89 -0.54 -0.71 32.21
C GLU W 89 -0.04 -1.52 33.40
N LEU W 90 -0.92 -2.33 33.99
CA LEU W 90 -0.52 -3.14 35.13
C LEU W 90 0.55 -4.14 34.77
N SER W 91 0.43 -4.77 33.59
CA SER W 91 1.41 -5.77 33.18
C SER W 91 2.78 -5.15 32.96
N VAL W 92 2.82 -3.95 32.37
CA VAL W 92 4.10 -3.27 32.17
C VAL W 92 4.72 -2.91 33.51
N ASN W 93 3.90 -2.49 34.47
CA ASN W 93 4.43 -2.16 35.78
C ASN W 93 5.06 -3.38 36.44
N TRP W 94 4.39 -4.52 36.37
CA TRP W 94 4.96 -5.74 36.92
C TRP W 94 6.21 -6.15 36.15
N TRP W 95 6.25 -5.89 34.84
CA TRP W 95 7.46 -6.16 34.08
C TRP W 95 8.63 -5.33 34.59
N LEU W 96 8.37 -4.05 34.92
CA LEU W 96 9.42 -3.22 35.49
C LEU W 96 9.90 -3.79 36.82
N MET W 97 8.98 -4.26 37.66
CA MET W 97 9.39 -4.86 38.92
C MET W 97 10.26 -6.08 38.70
N SER W 98 9.90 -6.91 37.70
CA SER W 98 10.70 -8.09 37.40
C SER W 98 12.10 -7.69 36.95
N CYS W 99 12.20 -6.64 36.13
CA CYS W 99 13.49 -6.21 35.62
C CYS W 99 14.40 -5.67 36.72
N ILE W 100 13.82 -5.13 37.78
CA ILE W 100 14.60 -4.55 38.86
C ILE W 100 14.99 -5.60 39.89
N PHE W 101 14.06 -6.48 40.26
CA PHE W 101 14.27 -7.41 41.37
C PHE W 101 14.59 -8.83 40.93
N LEU W 102 14.45 -9.17 39.65
CA LEU W 102 14.83 -10.48 39.16
C LEU W 102 16.00 -10.40 38.19
N TRP W 103 15.85 -9.64 37.10
CA TRP W 103 16.94 -9.51 36.14
C TRP W 103 18.13 -8.81 36.75
N GLY W 104 17.88 -7.76 37.54
CA GLY W 104 18.94 -6.98 38.12
C GLY W 104 19.90 -7.78 38.97
N PRO W 105 19.38 -8.54 39.93
CA PRO W 105 20.29 -9.27 40.82
C PRO W 105 21.18 -10.29 40.14
N TRP W 106 20.64 -11.13 39.24
CA TRP W 106 21.49 -12.16 38.65
C TRP W 106 22.44 -11.59 37.61
N LEU W 107 22.04 -10.51 36.94
CA LEU W 107 22.97 -9.83 36.03
C LEU W 107 24.16 -9.27 36.79
N HIS W 108 23.92 -8.71 37.97
CA HIS W 108 25.02 -8.21 38.80
C HIS W 108 25.93 -9.34 39.23
N TRP W 109 25.35 -10.45 39.67
CA TRP W 109 26.14 -11.59 40.09
C TRP W 109 27.02 -12.10 38.96
N GLY W 110 26.48 -12.15 37.75
CA GLY W 110 27.26 -12.65 36.62
C GLY W 110 28.46 -11.77 36.33
N GLN W 111 28.28 -10.45 36.39
CA GLN W 111 29.39 -9.54 36.11
C GLN W 111 30.47 -9.65 37.18
N GLU W 112 30.07 -9.73 38.45
CA GLU W 112 31.04 -9.89 39.52
C GLU W 112 31.82 -11.19 39.38
N TYR W 113 31.12 -12.28 39.04
CA TYR W 113 31.80 -13.54 38.80
C TYR W 113 32.74 -13.43 37.60
N GLN W 114 32.28 -12.76 36.54
CA GLN W 114 33.10 -12.57 35.35
C GLN W 114 34.41 -11.86 35.70
N LYS W 115 34.35 -10.89 36.60
CA LYS W 115 35.54 -10.16 37.01
C LYS W 115 36.63 -11.10 37.48
N VAL W 116 36.27 -12.11 38.28
CA VAL W 116 37.25 -12.99 38.89
C VAL W 116 37.64 -14.16 37.97
N HIS W 117 36.68 -14.71 37.23
CA HIS W 117 36.88 -15.95 36.48
C HIS W 117 36.89 -15.74 34.97
N GLU W 118 36.87 -14.49 34.52
CA GLU W 118 36.95 -14.05 33.13
C GLU W 118 35.70 -14.28 32.28
N GLN W 119 34.88 -15.26 32.63
CA GLN W 119 33.70 -15.60 31.85
C GLN W 119 32.52 -15.69 32.81
N PRO W 120 31.30 -15.51 32.32
CA PRO W 120 30.15 -15.50 33.22
C PRO W 120 29.94 -16.85 33.88
N PRO W 121 29.17 -16.90 34.96
CA PRO W 121 29.01 -18.17 35.68
C PRO W 121 28.21 -19.22 34.94
N TRP W 122 27.58 -18.86 33.81
CA TRP W 122 26.76 -19.79 33.04
C TRP W 122 27.41 -20.15 31.70
N ALA W 123 28.73 -20.05 31.63
CA ALA W 123 29.49 -20.33 30.42
C ALA W 123 30.56 -21.38 30.69
N MET W 124 30.99 -22.05 29.63
CA MET W 124 32.07 -23.03 29.72
C MET W 124 33.41 -22.31 29.70
N LYS W 125 34.23 -22.52 30.72
CA LYS W 125 35.56 -21.93 30.72
C LYS W 125 36.36 -22.45 29.54
N ARG W 126 37.01 -21.55 28.83
CA ARG W 126 37.80 -21.91 27.66
C ARG W 126 39.20 -22.32 28.07
N ILE W 127 39.84 -23.08 27.18
CA ILE W 127 41.24 -23.43 27.31
C ILE W 127 42.06 -23.03 26.09
N ASP W 128 41.42 -22.40 25.10
CA ASP W 128 42.10 -22.03 23.87
C ASP W 128 43.16 -20.97 24.09
N GLY W 129 43.07 -20.21 25.18
CA GLY W 129 44.01 -19.15 25.47
C GLY W 129 43.58 -17.77 24.99
N LEU W 130 42.43 -17.68 24.34
CA LEU W 130 41.86 -16.38 24.00
C LEU W 130 41.41 -15.67 25.27
N ARG W 131 41.38 -14.34 25.23
CA ARG W 131 41.05 -13.53 26.40
C ARG W 131 39.75 -12.77 26.18
N GLY W 132 39.04 -12.47 27.26
CA GLY W 132 37.81 -11.71 27.22
C GLY W 132 36.63 -12.47 27.82
N GLU W 133 35.54 -11.72 28.01
CA GLU W 133 34.34 -12.29 28.65
C GLU W 133 33.69 -13.37 27.78
N GLY W 134 33.64 -13.16 26.47
CA GLY W 134 32.98 -14.12 25.60
C GLY W 134 31.47 -13.95 25.58
N TYR W 135 30.78 -15.00 25.15
CA TYR W 135 29.33 -14.95 25.01
C TYR W 135 28.63 -14.86 26.36
N PHE W 136 27.41 -14.32 26.34
CA PHE W 136 26.54 -14.20 27.51
C PHE W 136 25.33 -15.12 27.44
N THR W 137 24.65 -15.20 26.29
CA THR W 137 23.54 -16.12 26.12
C THR W 137 24.12 -17.46 25.68
N TRP W 138 24.27 -18.39 26.63
CA TRP W 138 24.94 -19.65 26.36
C TRP W 138 24.09 -20.58 25.53
N PHE W 139 22.76 -20.44 25.60
CA PHE W 139 21.89 -21.34 24.86
C PHE W 139 21.74 -20.93 23.40
N LEU W 140 22.26 -19.77 23.01
CA LEU W 140 22.34 -19.35 21.62
C LEU W 140 23.73 -19.53 21.05
N GLU W 141 24.54 -20.39 21.65
CA GLU W 141 25.88 -20.69 21.17
C GLU W 141 25.88 -21.95 20.31
N TYR X 1 -29.04 9.77 15.85
CA TYR X 1 -28.69 8.78 14.85
C TYR X 1 -27.23 8.37 15.00
N ARG X 2 -26.89 7.21 14.42
CA ARG X 2 -25.52 6.72 14.53
C ARG X 2 -24.55 7.67 13.84
N HIS X 3 -24.99 8.38 12.81
CA HIS X 3 -24.10 9.28 12.09
C HIS X 3 -23.83 10.59 12.83
N TRP X 4 -24.67 10.96 13.81
CA TRP X 4 -24.45 12.16 14.59
C TRP X 4 -23.33 11.95 15.62
N HIS X 5 -22.64 13.04 15.97
CA HIS X 5 -21.54 13.02 16.93
C HIS X 5 -22.16 13.22 18.33
N ARG X 6 -21.39 13.63 19.34
CA ARG X 6 -21.89 13.64 20.72
C ARG X 6 -22.72 14.89 21.01
N MET X 7 -23.80 14.73 21.76
CA MET X 7 -24.60 15.85 22.25
C MET X 7 -23.71 16.96 22.77
N SER X 8 -24.02 18.20 22.39
CA SER X 8 -23.38 19.36 22.98
C SER X 8 -24.07 19.72 24.30
N GLU X 9 -23.43 20.60 25.07
CA GLU X 9 -24.11 21.15 26.24
C GLU X 9 -25.36 21.93 25.82
N ASP X 10 -25.27 22.64 24.70
CA ASP X 10 -26.41 23.40 24.21
C ASP X 10 -27.58 22.51 23.83
N ASP X 11 -27.30 21.28 23.41
CA ASP X 11 -28.37 20.36 23.04
C ASP X 11 -29.34 20.11 24.19
N TRP X 12 -28.89 20.33 25.43
CA TRP X 12 -29.75 20.16 26.60
C TRP X 12 -30.41 21.47 27.01
N ALA X 13 -29.63 22.53 27.17
CA ALA X 13 -30.18 23.82 27.56
C ALA X 13 -29.25 24.92 27.10
N LEU X 14 -29.79 26.14 27.03
CA LEU X 14 -28.99 27.29 26.64
C LEU X 14 -28.60 28.12 27.84
N PRO X 15 -27.45 28.78 27.79
CA PRO X 15 -27.04 29.66 28.88
C PRO X 15 -27.98 30.85 29.00
N LEU X 16 -28.23 31.28 30.25
CA LEU X 16 -29.15 32.38 30.49
C LEU X 16 -28.64 33.69 29.92
N ASP X 17 -27.35 33.79 29.60
CA ASP X 17 -26.81 34.98 28.95
C ASP X 17 -27.23 35.08 27.50
N SER X 18 -27.83 34.04 26.93
CA SER X 18 -28.37 34.10 25.58
C SER X 18 -29.84 34.50 25.58
N MET X 19 -30.43 34.73 26.73
CA MET X 19 -31.81 35.21 26.79
C MET X 19 -31.89 36.60 26.17
N PRO X 20 -32.83 36.87 25.26
CA PRO X 20 -32.97 38.23 24.74
C PRO X 20 -33.27 39.21 25.86
N GLU X 21 -32.64 40.38 25.79
CA GLU X 21 -32.78 41.37 26.84
C GLU X 21 -34.08 42.15 26.74
N ASP X 22 -34.74 42.13 25.59
CA ASP X 22 -36.04 42.77 25.44
C ASP X 22 -37.13 41.70 25.56
N VAL X 23 -37.35 41.27 26.80
CA VAL X 23 -38.31 40.21 27.07
C VAL X 23 -39.72 40.67 26.71
N LYS X 24 -40.02 41.95 26.95
CA LYS X 24 -41.36 42.43 26.70
C LYS X 24 -41.77 42.23 25.25
N THR X 25 -40.86 42.52 24.32
CA THR X 25 -41.15 42.29 22.91
C THR X 25 -41.07 40.81 22.55
N LEU X 26 -40.20 40.06 23.23
CA LEU X 26 -40.05 38.64 22.92
C LEU X 26 -41.36 37.91 23.14
N MET X 27 -42.04 38.18 24.25
CA MET X 27 -43.27 37.48 24.56
C MET X 27 -44.45 37.94 23.71
N ALA X 28 -44.28 38.99 22.92
CA ALA X 28 -45.32 39.47 22.04
C ALA X 28 -45.05 39.17 20.57
N THR X 29 -43.89 38.58 20.26
CA THR X 29 -43.56 38.29 18.87
C THR X 29 -44.31 37.06 18.39
N PRO X 30 -44.90 37.09 17.19
CA PRO X 30 -45.52 35.87 16.65
C PRO X 30 -44.50 34.79 16.40
N GLN X 31 -44.96 33.54 16.42
CA GLN X 31 -44.06 32.41 16.30
C GLN X 31 -43.31 32.43 14.98
N THR X 32 -44.00 32.79 13.90
CA THR X 32 -43.35 32.84 12.60
C THR X 32 -42.23 33.88 12.55
N GLU X 33 -42.24 34.84 13.47
CA GLU X 33 -41.26 35.90 13.48
C GLU X 33 -40.16 35.69 14.54
N ARG X 34 -40.17 34.56 15.22
CA ARG X 34 -39.18 34.29 16.26
C ARG X 34 -38.07 33.42 15.68
N GLY X 35 -36.83 33.81 15.94
CA GLY X 35 -35.68 33.02 15.56
C GLY X 35 -35.45 31.86 16.51
N PHE X 36 -34.40 31.10 16.23
CA PHE X 36 -34.14 29.89 17.01
C PHE X 36 -33.91 30.22 18.48
N VAL X 37 -33.07 31.22 18.76
CA VAL X 37 -32.81 31.58 20.14
C VAL X 37 -34.03 32.22 20.76
N GLU X 38 -34.72 33.09 20.03
CA GLU X 38 -35.91 33.73 20.55
C GLU X 38 -36.99 32.69 20.82
N ASP X 39 -37.14 31.72 19.93
CA ASP X 39 -38.15 30.68 20.13
C ASP X 39 -37.81 29.78 21.30
N TYR X 40 -36.52 29.51 21.53
CA TYR X 40 -36.14 28.71 22.68
C TYR X 40 -36.56 29.38 23.98
N TRP X 41 -36.31 30.68 24.09
CA TRP X 41 -36.56 31.37 25.35
C TRP X 41 -38.01 31.77 25.52
N TYR X 42 -38.74 31.93 24.42
CA TYR X 42 -40.19 32.12 24.53
C TYR X 42 -40.84 30.89 25.14
N ASN X 43 -40.49 29.71 24.62
CA ASN X 43 -41.09 28.48 25.13
C ASN X 43 -40.65 28.20 26.56
N ARG X 44 -39.38 28.43 26.87
CA ARG X 44 -38.90 28.12 28.21
C ARG X 44 -39.51 29.04 29.25
N ILE X 45 -39.59 30.34 28.95
CA ILE X 45 -40.18 31.27 29.90
C ILE X 45 -41.65 30.97 30.09
N ARG X 46 -42.39 30.80 28.99
CA ARG X 46 -43.82 30.56 29.10
C ARG X 46 -44.10 29.17 29.65
N GLY X 47 -43.33 28.16 29.20
CA GLY X 47 -43.56 26.81 29.67
C GLY X 47 -43.26 26.63 31.15
N GLU X 48 -42.16 27.21 31.61
CA GLU X 48 -41.84 27.11 33.03
C GLU X 48 -42.74 27.98 33.89
N ALA X 49 -43.31 29.04 33.33
CA ALA X 49 -44.25 29.84 34.10
C ALA X 49 -45.50 29.05 34.43
N THR X 50 -45.99 28.24 33.48
CA THR X 50 -47.17 27.42 33.76
C THR X 50 -46.82 26.20 34.62
N LEU X 51 -45.64 25.62 34.44
CA LEU X 51 -45.29 24.44 35.21
C LEU X 51 -44.98 24.78 36.65
N LEU X 52 -44.48 25.99 36.92
CA LEU X 52 -44.18 26.41 38.27
C LEU X 52 -45.36 27.08 38.95
N ASP X 53 -46.58 26.80 38.49
CA ASP X 53 -47.81 27.28 39.11
C ASP X 53 -48.68 26.06 39.38
N PRO X 54 -48.37 25.30 40.42
CA PRO X 54 -49.04 24.00 40.60
C PRO X 54 -50.55 24.10 40.73
N GLU X 55 -51.05 25.15 41.38
CA GLU X 55 -52.48 25.24 41.65
C GLU X 55 -53.32 25.36 40.40
N ALA X 56 -52.73 25.76 39.28
CA ALA X 56 -53.48 25.93 38.04
C ALA X 56 -53.35 24.75 37.08
N LEU X 57 -52.36 23.90 37.27
CA LEU X 57 -52.15 22.78 36.34
C LEU X 57 -53.36 21.86 36.25
N PRO X 58 -53.96 21.39 37.36
CA PRO X 58 -55.05 20.42 37.20
C PRO X 58 -56.23 20.94 36.41
N SER X 59 -56.48 22.25 36.44
CA SER X 59 -57.59 22.83 35.70
C SER X 59 -57.24 23.20 34.26
N LYS X 60 -56.00 22.96 33.84
CA LYS X 60 -55.55 23.33 32.50
C LYS X 60 -55.65 22.13 31.58
N SER X 61 -56.25 22.33 30.41
CA SER X 61 -56.41 21.25 29.46
C SER X 61 -55.09 20.89 28.80
N TYR X 62 -55.01 19.66 28.30
CA TYR X 62 -53.81 19.22 27.60
C TYR X 62 -53.54 20.08 26.37
N ILE X 63 -54.59 20.55 25.70
CA ILE X 63 -54.40 21.43 24.56
C ILE X 63 -53.72 22.72 25.01
N ALA X 64 -54.19 23.30 26.13
CA ALA X 64 -53.59 24.53 26.63
C ALA X 64 -52.22 24.26 27.24
N LEU X 65 -52.07 23.14 27.94
CA LEU X 65 -50.78 22.82 28.56
C LEU X 65 -49.72 22.59 27.50
N ALA X 66 -50.04 21.88 26.42
CA ALA X 66 -49.08 21.66 25.35
C ALA X 66 -48.69 22.99 24.70
N ARG X 67 -49.65 23.89 24.52
CA ARG X 67 -49.34 25.19 23.93
C ARG X 67 -48.36 25.95 24.79
N ASP X 68 -48.56 25.95 26.11
CA ASP X 68 -47.69 26.71 26.99
C ASP X 68 -46.26 26.20 26.93
N MET X 69 -46.08 24.89 26.92
CA MET X 69 -44.74 24.31 26.83
C MET X 69 -44.17 24.36 25.43
N GLY X 70 -44.96 24.76 24.43
CA GLY X 70 -44.47 24.85 23.08
C GLY X 70 -44.47 23.53 22.33
N LEU X 71 -45.23 22.55 22.79
CA LEU X 71 -45.32 21.26 22.12
C LEU X 71 -46.46 21.26 21.12
N GLN X 72 -46.20 20.72 19.93
CA GLN X 72 -47.16 20.73 18.84
C GLN X 72 -48.05 19.49 18.94
N ILE X 73 -49.36 19.71 19.06
CA ILE X 73 -50.31 18.62 18.98
C ILE X 73 -50.21 17.98 17.60
N VAL X 74 -50.08 16.66 17.57
CA VAL X 74 -49.82 15.97 16.31
C VAL X 74 -51.12 15.74 15.55
N ASP X 75 -51.01 15.70 14.22
CA ASP X 75 -52.11 15.42 13.32
C ASP X 75 -51.52 14.73 12.09
N GLU X 76 -52.39 14.12 11.28
CA GLU X 76 -51.89 13.35 10.13
C GLU X 76 -51.01 14.19 9.21
N PRO X 77 -51.39 15.41 8.83
CA PRO X 77 -50.48 16.21 8.00
C PRO X 77 -49.09 16.37 8.59
N SER X 78 -49.00 16.83 9.84
CA SER X 78 -47.70 17.08 10.45
C SER X 78 -46.95 15.77 10.71
N SER X 79 -47.66 14.72 11.09
CA SER X 79 -47.02 13.43 11.32
C SER X 79 -46.36 12.91 10.05
N HIS X 80 -47.08 13.01 8.92
CA HIS X 80 -46.52 12.61 7.64
C HIS X 80 -45.22 13.34 7.35
N MET X 81 -45.23 14.67 7.50
CA MET X 81 -44.04 15.45 7.19
C MET X 81 -42.90 15.13 8.12
N MET X 82 -43.16 15.16 9.43
CA MET X 82 -42.11 14.85 10.39
C MET X 82 -41.54 13.47 10.14
N GLY X 83 -42.41 12.49 9.87
CA GLY X 83 -41.94 11.14 9.64
C GLY X 83 -41.02 11.04 8.43
N LEU X 84 -41.42 11.68 7.33
CA LEU X 84 -40.58 11.66 6.13
C LEU X 84 -39.28 12.44 6.36
N ILE X 85 -39.32 13.47 7.20
CA ILE X 85 -38.09 14.17 7.56
C ILE X 85 -37.14 13.22 8.29
N GLU X 86 -37.64 12.53 9.31
CA GLU X 86 -36.79 11.65 10.09
C GLU X 86 -36.31 10.47 9.25
N LEU X 87 -37.11 10.03 8.28
CA LEU X 87 -36.68 8.96 7.38
C LEU X 87 -35.57 9.45 6.47
N TYR X 88 -35.65 10.69 5.99
CA TYR X 88 -34.56 11.25 5.19
C TYR X 88 -33.27 11.30 6.00
N GLU X 89 -33.36 11.80 7.23
CA GLU X 89 -32.17 11.93 8.07
C GLU X 89 -31.56 10.57 8.37
N TYR X 90 -32.40 9.58 8.66
CA TYR X 90 -31.88 8.25 8.95
C TYR X 90 -31.12 7.68 7.76
N LEU X 91 -31.64 7.87 6.55
CA LEU X 91 -31.00 7.33 5.38
C LEU X 91 -29.69 8.03 5.05
N ARG X 92 -29.36 9.12 5.74
CA ARG X 92 -28.08 9.79 5.48
C ARG X 92 -26.91 8.89 5.81
N GLY X 93 -26.99 8.16 6.92
CA GLY X 93 -25.92 7.25 7.29
C GLY X 93 -26.37 5.83 7.57
N ALA X 94 -27.44 5.38 6.92
CA ALA X 94 -27.95 4.04 7.12
C ALA X 94 -28.32 3.42 5.79
N SER X 95 -28.38 2.09 5.78
CA SER X 95 -28.71 1.36 4.57
C SER X 95 -30.19 1.52 4.23
N PHE X 96 -30.51 1.25 2.97
CA PHE X 96 -31.84 1.44 2.41
C PHE X 96 -32.39 0.06 2.06
N VAL X 97 -33.11 -0.53 3.01
CA VAL X 97 -33.64 -1.89 2.86
C VAL X 97 -35.12 -1.87 3.23
N GLY X 98 -35.94 -2.52 2.40
CA GLY X 98 -37.36 -2.58 2.64
C GLY X 98 -38.07 -3.55 1.72
N PRO X 99 -39.40 -3.54 1.73
CA PRO X 99 -40.16 -4.47 0.91
C PRO X 99 -40.05 -4.16 -0.58
N PHE X 100 -40.28 -5.20 -1.38
CA PHE X 100 -40.23 -5.06 -2.82
C PHE X 100 -41.31 -4.10 -3.29
N GLY X 101 -40.93 -3.19 -4.19
CA GLY X 101 -41.84 -2.15 -4.64
C GLY X 101 -42.72 -2.60 -5.78
N THR X 102 -44.00 -2.22 -5.70
CA THR X 102 -44.99 -2.54 -6.72
C THR X 102 -45.77 -1.27 -7.05
N ILE X 103 -46.65 -1.38 -8.04
CA ILE X 103 -47.43 -0.22 -8.47
C ILE X 103 -48.29 0.28 -7.32
N GLU X 104 -48.89 -0.64 -6.56
CA GLU X 104 -49.72 -0.23 -5.43
C GLU X 104 -48.90 0.50 -4.38
N ASN X 105 -47.69 0.01 -4.11
CA ASN X 105 -46.82 0.58 -3.08
C ASN X 105 -45.41 0.72 -3.62
N PRO X 106 -45.13 1.79 -4.36
CA PRO X 106 -43.78 1.99 -4.88
C PRO X 106 -42.76 2.18 -3.77
N VAL X 107 -41.50 1.83 -4.07
CA VAL X 107 -40.42 2.22 -3.19
C VAL X 107 -40.40 3.73 -3.09
N LEU X 108 -40.45 4.23 -1.85
CA LEU X 108 -40.48 5.66 -1.61
C LEU X 108 -39.06 6.17 -1.49
N VAL X 109 -38.69 7.10 -2.36
CA VAL X 109 -37.34 7.65 -2.40
C VAL X 109 -37.42 9.13 -1.99
N PRO X 110 -37.20 9.46 -0.71
CA PRO X 110 -37.27 10.86 -0.31
C PRO X 110 -36.13 11.67 -0.90
N ALA X 111 -36.43 12.92 -1.23
CA ALA X 111 -35.43 13.82 -1.79
C ALA X 111 -35.86 15.25 -1.52
N VAL X 112 -34.87 16.14 -1.45
CA VAL X 112 -35.15 17.57 -1.35
C VAL X 112 -35.22 18.20 -2.74
N GLY X 113 -34.28 17.85 -3.61
CA GLY X 113 -34.27 18.35 -4.97
C GLY X 113 -35.30 17.64 -5.81
N GLN X 114 -35.10 17.71 -7.13
CA GLN X 114 -35.98 17.08 -8.09
C GLN X 114 -35.42 15.75 -8.60
N GLU X 115 -34.35 15.24 -7.99
CA GLU X 115 -33.70 14.05 -8.48
C GLU X 115 -32.85 13.43 -7.37
N ARG X 116 -32.79 12.11 -7.36
CA ARG X 116 -31.89 11.39 -6.44
C ARG X 116 -31.46 10.09 -7.11
N VAL X 117 -30.16 9.81 -7.06
CA VAL X 117 -29.63 8.59 -7.66
C VAL X 117 -30.05 7.40 -6.81
N VAL X 118 -30.57 6.36 -7.47
CA VAL X 118 -31.07 5.17 -6.80
C VAL X 118 -30.57 3.95 -7.55
N ALA X 119 -30.34 2.87 -6.81
CA ALA X 119 -29.93 1.59 -7.37
C ALA X 119 -30.95 0.52 -7.01
N CYS X 120 -31.28 -0.32 -7.99
CA CYS X 120 -32.14 -1.47 -7.77
C CYS X 120 -31.30 -2.73 -7.70
N THR X 121 -31.45 -3.49 -6.62
CA THR X 121 -30.77 -4.77 -6.44
C THR X 121 -31.69 -5.95 -6.67
N GLY X 122 -32.92 -5.72 -7.10
CA GLY X 122 -33.85 -6.80 -7.34
C GLY X 122 -34.53 -7.28 -6.07
N GLY X 123 -35.03 -8.51 -6.13
CA GLY X 123 -35.72 -9.12 -5.01
C GLY X 123 -34.77 -9.81 -4.04
N VAL X 124 -35.35 -10.72 -3.23
CA VAL X 124 -34.60 -11.45 -2.22
C VAL X 124 -34.11 -12.78 -2.79
N GLY X 125 -32.93 -13.20 -2.36
CA GLY X 125 -32.37 -14.48 -2.76
C GLY X 125 -31.90 -14.56 -4.18
N ASP X 126 -32.45 -15.51 -4.95
CA ASP X 126 -32.08 -15.63 -6.36
C ASP X 126 -32.67 -14.52 -7.22
N GLU X 127 -33.67 -13.82 -6.73
CA GLU X 127 -34.25 -12.69 -7.45
C GLU X 127 -33.43 -11.41 -7.31
N GLU X 128 -32.37 -11.43 -6.50
CA GLU X 128 -31.45 -10.31 -6.40
C GLU X 128 -30.54 -10.26 -7.62
N HIS X 129 -30.41 -9.09 -8.23
CA HIS X 129 -29.52 -8.89 -9.37
C HIS X 129 -28.48 -7.82 -9.05
N PHE X 130 -27.54 -7.65 -9.98
CA PHE X 130 -26.48 -6.66 -9.82
C PHE X 130 -27.08 -5.26 -9.76
N THR X 131 -26.38 -4.37 -9.06
CA THR X 131 -26.87 -3.00 -8.88
C THR X 131 -27.10 -2.33 -10.23
N LEU X 132 -28.32 -1.88 -10.45
CA LEU X 132 -28.67 -1.11 -11.64
C LEU X 132 -29.00 0.31 -11.19
N TRP X 133 -28.08 1.24 -11.46
CA TRP X 133 -28.24 2.62 -11.01
C TRP X 133 -29.07 3.42 -12.01
N PHE X 134 -29.96 4.26 -11.48
CA PHE X 134 -30.77 5.14 -12.30
C PHE X 134 -31.02 6.43 -11.55
N ARG X 135 -31.32 7.48 -12.30
CA ARG X 135 -31.60 8.80 -11.74
C ARG X 135 -33.11 8.95 -11.58
N CYS X 136 -33.58 9.02 -10.33
CA CYS X 136 -35.00 9.07 -10.03
C CYS X 136 -35.44 10.53 -10.03
N ARG X 137 -36.07 10.95 -11.13
CA ARG X 137 -36.57 12.30 -11.27
C ARG X 137 -38.06 12.35 -10.92
N GLU X 138 -38.49 13.47 -10.37
CA GLU X 138 -39.85 13.60 -9.89
C GLU X 138 -40.85 13.52 -11.03
N GLY X 139 -42.05 13.03 -10.71
CA GLY X 139 -43.14 13.00 -11.65
C GLY X 139 -43.15 11.82 -12.60
N PHE X 140 -42.33 10.80 -12.36
CA PHE X 140 -42.32 9.59 -13.18
C PHE X 140 -42.33 8.37 -12.29
N MET X 141 -43.15 7.39 -12.65
CA MET X 141 -43.22 6.12 -11.93
C MET X 141 -42.22 5.17 -12.59
N TYR X 142 -41.07 4.99 -11.96
CA TYR X 142 -39.98 4.24 -12.57
C TYR X 142 -40.16 2.75 -12.39
N ARG X 143 -39.76 1.99 -13.42
CA ARG X 143 -39.83 0.54 -13.42
C ARG X 143 -38.45 0.01 -13.78
N CYS X 144 -37.89 -0.83 -12.91
CA CYS X 144 -36.61 -1.45 -13.22
C CYS X 144 -36.73 -2.28 -14.48
N GLY X 145 -35.76 -2.14 -15.38
CA GLY X 145 -35.79 -2.91 -16.61
C GLY X 145 -35.55 -4.39 -16.42
N GLU X 146 -35.09 -4.81 -15.25
CA GLU X 146 -34.70 -6.18 -15.00
C GLU X 146 -35.73 -6.94 -14.17
N CYS X 147 -36.09 -6.42 -12.99
CA CYS X 147 -37.01 -7.09 -12.10
C CYS X 147 -38.39 -6.46 -12.06
N ASP X 148 -38.59 -5.35 -12.76
CA ASP X 148 -39.87 -4.64 -12.79
C ASP X 148 -40.26 -4.10 -11.42
N GLN X 149 -39.27 -3.74 -10.60
CA GLN X 149 -39.54 -3.11 -9.32
C GLN X 149 -39.91 -1.65 -9.54
N ILE X 150 -41.03 -1.23 -8.98
CA ILE X 150 -41.54 0.12 -9.18
C ILE X 150 -40.94 1.04 -8.12
N PHE X 151 -40.50 2.21 -8.58
CA PHE X 151 -39.93 3.24 -7.72
C PHE X 151 -40.69 4.54 -7.90
N MET X 152 -40.60 5.41 -6.90
CA MET X 152 -41.22 6.73 -6.97
C MET X 152 -40.46 7.69 -6.07
N LEU X 153 -40.36 8.94 -6.51
CA LEU X 153 -39.66 9.98 -5.78
C LEU X 153 -40.66 10.78 -4.94
N VAL X 154 -40.34 10.98 -3.67
CA VAL X 154 -41.14 11.79 -2.77
C VAL X 154 -40.31 13.03 -2.42
N ARG X 155 -40.86 14.20 -2.65
CA ARG X 155 -40.17 15.46 -2.43
C ARG X 155 -40.65 16.11 -1.15
N LEU X 156 -39.69 16.51 -0.31
CA LEU X 156 -39.99 17.23 0.92
C LEU X 156 -40.02 18.73 0.61
N TYR X 157 -41.08 19.15 -0.08
CA TYR X 157 -41.23 20.51 -0.54
C TYR X 157 -42.55 21.09 -0.08
N TYR X 158 -42.52 22.32 0.45
CA TYR X 158 -43.73 23.04 0.86
C TYR X 158 -43.51 24.53 0.66
N GLU X 159 -44.24 25.13 -0.28
CA GLU X 159 -44.31 26.59 -0.45
C GLU X 159 -42.91 27.21 -0.50
N ASP X 160 -42.19 26.87 -1.58
CA ASP X 160 -40.86 27.40 -1.87
C ASP X 160 -39.85 27.05 -0.79
N ARG X 161 -40.13 26.05 0.03
CA ARG X 161 -39.24 25.63 1.10
C ARG X 161 -39.27 24.11 1.19
N TYR X 162 -38.20 23.55 1.75
CA TYR X 162 -38.19 22.12 2.03
C TYR X 162 -38.75 21.89 3.43
N TRP X 163 -38.93 20.63 3.80
CA TRP X 163 -39.56 20.28 5.06
C TRP X 163 -38.52 20.25 6.17
N THR X 164 -38.78 21.01 7.24
CA THR X 164 -37.96 21.01 8.43
C THR X 164 -38.88 21.03 9.64
N GLN X 165 -38.32 20.65 10.80
CA GLN X 165 -39.10 20.71 12.03
C GLN X 165 -39.62 22.12 12.28
N THR X 166 -38.79 23.12 11.99
CA THR X 166 -39.21 24.51 12.15
C THR X 166 -40.35 24.86 11.20
N LEU X 167 -40.26 24.39 9.95
CA LEU X 167 -41.32 24.66 8.99
C LEU X 167 -42.63 23.99 9.40
N VAL X 168 -42.55 22.75 9.89
CA VAL X 168 -43.75 22.04 10.30
C VAL X 168 -44.40 22.72 11.48
N ARG X 169 -43.59 23.20 12.44
CA ARG X 169 -44.13 23.87 13.61
C ARG X 169 -44.78 25.20 13.23
N ASP X 170 -44.17 25.94 12.30
CA ASP X 170 -44.72 27.23 11.90
C ASP X 170 -46.01 27.07 11.12
N THR X 171 -46.09 26.06 10.25
CA THR X 171 -47.23 25.94 9.35
C THR X 171 -48.48 25.45 10.09
N PHE X 172 -48.32 24.57 11.07
CA PHE X 172 -49.46 23.93 11.70
C PHE X 172 -49.77 24.42 13.10
N MET X 173 -48.79 24.91 13.85
CA MET X 173 -49.06 25.45 15.19
C MET X 173 -49.67 26.84 15.08
N SER X 174 -50.64 27.12 15.94
CA SER X 174 -51.34 28.39 15.97
C SER X 174 -51.09 29.07 17.31
N ASP X 175 -50.65 30.33 17.26
CA ASP X 175 -50.41 31.09 18.48
C ASP X 175 -51.72 31.27 19.24
N GLY X 176 -51.67 31.02 20.54
CA GLY X 176 -52.81 31.15 21.41
C GLY X 176 -52.96 32.56 21.95
N ASP X 177 -53.61 32.67 23.10
CA ASP X 177 -53.74 33.96 23.75
C ASP X 177 -52.36 34.53 24.07
N MET X 178 -52.22 35.84 23.86
CA MET X 178 -50.93 36.48 24.09
C MET X 178 -50.48 36.27 25.52
N PHE X 179 -49.20 35.95 25.69
CA PHE X 179 -48.67 35.72 27.03
C PHE X 179 -48.80 36.98 27.86
N ASP X 180 -49.25 36.82 29.10
CA ASP X 180 -49.47 37.92 30.02
C ASP X 180 -48.26 38.05 30.94
N LEU X 181 -47.65 39.23 30.96
CA LEU X 181 -46.49 39.45 31.81
C LEU X 181 -46.84 39.41 33.29
N LYS X 182 -48.11 39.59 33.64
CA LYS X 182 -48.51 39.47 35.04
C LYS X 182 -48.26 38.06 35.56
N THR X 183 -48.47 37.05 34.71
CA THR X 183 -48.18 35.68 35.13
C THR X 183 -46.69 35.50 35.42
N LEU X 184 -45.84 36.10 34.60
CA LEU X 184 -44.41 36.02 34.86
C LEU X 184 -44.06 36.62 36.21
N GLU X 185 -44.60 37.80 36.51
CA GLU X 185 -44.32 38.43 37.79
C GLU X 185 -44.89 37.61 38.95
N ARG X 186 -46.11 37.10 38.79
CA ARG X 186 -46.74 36.36 39.87
C ARG X 186 -45.94 35.11 40.22
N VAL X 187 -45.55 34.33 39.21
CA VAL X 187 -44.74 33.15 39.44
C VAL X 187 -43.36 33.54 39.96
N HIS X 188 -42.82 34.66 39.49
CA HIS X 188 -41.52 35.13 39.97
C HIS X 188 -41.52 35.33 41.47
N LYS X 189 -42.53 36.04 41.99
CA LYS X 189 -42.61 36.25 43.42
C LYS X 189 -42.88 34.95 44.18
N MET X 190 -43.46 33.96 43.51
CA MET X 190 -43.75 32.69 44.16
C MET X 190 -42.48 31.96 44.54
N TRP X 191 -41.55 31.82 43.60
CA TRP X 191 -40.36 31.01 43.80
C TRP X 191 -39.09 31.82 44.08
N ASN X 192 -39.15 33.15 43.98
CA ASN X 192 -38.00 34.01 44.24
C ASN X 192 -38.37 35.03 45.32
N LYS X 193 -37.78 34.88 46.52
CA LYS X 193 -38.04 35.78 47.64
C LYS X 193 -36.83 35.80 48.59
N ASP X 194 -36.59 36.96 49.20
CA ASP X 194 -35.61 37.11 50.29
C ASP X 194 -34.26 36.50 49.95
N GLU X 195 -33.76 36.78 48.75
CA GLU X 195 -32.43 36.36 48.29
C GLU X 195 -32.39 34.90 47.86
N MET X 196 -33.52 34.20 47.86
CA MET X 196 -33.62 32.83 47.35
C MET X 196 -34.27 32.88 45.98
N VAL X 197 -33.58 32.38 44.96
CA VAL X 197 -34.11 32.34 43.60
C VAL X 197 -34.27 30.87 43.22
N ARG X 198 -35.52 30.40 43.20
CA ARG X 198 -35.84 29.04 42.77
C ARG X 198 -36.44 29.02 41.38
N TRP X 199 -36.46 30.17 40.68
CA TRP X 199 -36.76 30.27 39.26
C TRP X 199 -35.77 31.28 38.67
N GLU X 200 -34.55 30.81 38.39
CA GLU X 200 -33.50 31.70 37.89
C GLU X 200 -33.90 32.36 36.57
N VAL X 201 -34.53 31.59 35.67
CA VAL X 201 -34.94 32.13 34.38
C VAL X 201 -35.98 33.23 34.57
N GLY X 202 -36.87 33.09 35.55
CA GLY X 202 -37.86 34.11 35.81
C GLY X 202 -37.34 35.30 36.59
N TYR X 203 -36.22 35.13 37.28
CA TYR X 203 -35.55 36.26 37.91
C TYR X 203 -34.84 37.12 36.87
N TRP X 204 -34.16 36.48 35.93
CA TRP X 204 -33.54 37.20 34.82
C TRP X 204 -34.60 37.82 33.92
N ALA X 205 -35.66 37.08 33.62
CA ALA X 205 -36.70 37.58 32.73
C ALA X 205 -37.43 38.78 33.34
N GLN X 206 -37.74 38.71 34.63
CA GLN X 206 -38.39 39.84 35.28
C GLN X 206 -37.46 41.04 35.34
N ASP X 207 -36.17 40.81 35.53
CA ASP X 207 -35.20 41.91 35.55
C ASP X 207 -35.20 42.66 34.22
N TYR X 208 -35.22 41.91 33.11
CA TYR X 208 -35.24 42.55 31.79
C TYR X 208 -36.53 43.34 31.56
N VAL X 209 -37.67 42.78 31.98
CA VAL X 209 -38.93 43.51 31.86
C VAL X 209 -38.86 44.79 32.69
N LEU X 210 -38.18 44.74 33.83
CA LEU X 210 -37.98 45.92 34.66
C LEU X 210 -36.96 46.88 34.08
N GLY X 211 -36.15 46.42 33.12
CA GLY X 211 -35.18 47.29 32.47
C GLY X 211 -33.73 46.91 32.63
N LYS X 212 -33.43 45.75 33.24
CA LYS X 212 -32.04 45.32 33.40
C LYS X 212 -31.23 46.03 34.48
N GLY X 213 -31.11 45.39 35.63
CA GLY X 213 -30.31 45.85 36.74
C GLY X 213 -31.13 46.23 37.94
N VAL X 214 -32.43 45.99 37.87
CA VAL X 214 -33.38 46.45 38.87
C VAL X 214 -33.40 45.52 40.07
N LEU X 215 -33.42 44.21 39.84
CA LEU X 215 -33.55 43.24 40.91
C LEU X 215 -32.22 43.08 41.66
N PRO X 216 -32.26 42.69 42.93
CA PRO X 216 -31.03 42.58 43.71
C PRO X 216 -30.05 41.61 43.07
N GLY X 217 -28.77 41.99 43.09
CA GLY X 217 -27.71 41.13 42.61
C GLY X 217 -27.62 41.01 41.11
N MET X 218 -28.52 41.64 40.36
CA MET X 218 -28.53 41.48 38.91
C MET X 218 -27.50 42.37 38.23
N VAL X 219 -27.22 43.56 38.77
CA VAL X 219 -26.13 44.37 38.24
C VAL X 219 -24.82 43.62 38.38
N GLU X 220 -24.61 42.97 39.52
CA GLU X 220 -23.39 42.19 39.74
C GLU X 220 -23.36 40.96 38.84
N GLU X 221 -24.53 40.42 38.51
CA GLU X 221 -24.60 39.27 37.61
C GLU X 221 -24.24 39.65 36.19
N HIS X 222 -24.62 40.87 35.77
CA HIS X 222 -24.37 41.32 34.41
C HIS X 222 -23.01 41.97 34.23
N THR X 223 -22.28 42.27 35.30
CA THR X 223 -20.95 42.87 35.19
C THR X 223 -19.91 41.79 34.92
N ARG X 224 -19.34 41.79 33.71
CA ARG X 224 -18.30 40.84 33.31
C ARG X 224 -16.99 41.58 33.10
N VAL X 225 -15.90 40.82 33.00
CA VAL X 225 -14.56 41.40 32.95
C VAL X 225 -13.88 41.23 31.60
N ASN X 226 -14.35 40.32 30.76
CA ASN X 226 -13.76 40.10 29.44
C ASN X 226 -14.87 39.80 28.43
N ILE Y 1 -25.79 -18.38 -9.01
CA ILE Y 1 -25.64 -17.44 -10.12
C ILE Y 1 -27.00 -16.83 -10.44
N TYR Y 2 -26.99 -15.64 -11.04
CA TYR Y 2 -28.23 -14.97 -11.40
C TYR Y 2 -28.72 -15.48 -12.75
N GLU Y 3 -30.00 -15.85 -12.83
CA GLU Y 3 -30.58 -16.37 -14.05
C GLU Y 3 -31.93 -15.74 -14.34
N GLY Y 4 -32.13 -14.50 -13.91
CA GLY Y 4 -33.40 -13.82 -14.07
C GLY Y 4 -34.36 -14.10 -12.94
N GLN Y 5 -35.47 -13.38 -12.97
CA GLN Y 5 -36.52 -13.57 -11.98
C GLN Y 5 -37.30 -14.84 -12.29
N THR Y 6 -37.77 -15.51 -11.24
CA THR Y 6 -38.54 -16.72 -11.40
C THR Y 6 -39.97 -16.38 -11.82
N VAL Y 7 -40.52 -17.19 -12.72
CA VAL Y 7 -41.85 -16.97 -13.28
C VAL Y 7 -42.72 -18.19 -13.00
N GLN Y 8 -43.92 -17.96 -12.51
CA GLN Y 8 -44.94 -19.00 -12.37
C GLN Y 8 -45.84 -18.99 -13.60
N GLU Y 9 -46.27 -20.18 -14.03
CA GLU Y 9 -47.04 -20.27 -15.26
C GLU Y 9 -48.28 -19.39 -15.21
N SER Y 10 -48.88 -19.25 -14.03
CA SER Y 10 -50.08 -18.43 -13.89
C SER Y 10 -49.83 -16.99 -14.34
N GLU Y 11 -48.61 -16.50 -14.16
CA GLU Y 11 -48.25 -15.13 -14.53
C GLU Y 11 -48.02 -14.97 -16.02
N LEU Y 12 -47.94 -16.06 -16.78
CA LEU Y 12 -47.75 -16.02 -18.21
C LEU Y 12 -49.05 -16.14 -18.99
N ILE Y 13 -50.19 -16.13 -18.30
CA ILE Y 13 -51.48 -16.34 -18.93
C ILE Y 13 -52.05 -14.97 -19.31
N PRO Y 14 -52.37 -14.73 -20.58
CA PRO Y 14 -52.88 -13.41 -20.98
C PRO Y 14 -54.33 -13.20 -20.61
N GLN Y 15 -54.73 -11.93 -20.55
CA GLN Y 15 -56.13 -11.58 -20.35
C GLN Y 15 -56.87 -11.39 -21.67
N GLU Y 16 -56.17 -11.42 -22.79
CA GLU Y 16 -56.77 -11.37 -24.11
C GLU Y 16 -55.95 -12.24 -25.05
N ASP Y 17 -56.61 -12.76 -26.08
CA ASP Y 17 -55.94 -13.64 -27.03
C ASP Y 17 -55.06 -12.89 -28.02
N ASP Y 18 -55.18 -11.57 -28.09
CA ASP Y 18 -54.39 -10.77 -29.03
C ASP Y 18 -53.15 -10.16 -28.39
N TRP Y 19 -52.91 -10.40 -27.10
CA TRP Y 19 -51.74 -9.83 -26.46
C TRP Y 19 -50.47 -10.36 -27.10
N VAL Y 20 -49.58 -9.44 -27.48
CA VAL Y 20 -48.24 -9.75 -27.94
C VAL Y 20 -47.27 -8.87 -27.16
N ILE Y 21 -46.00 -9.02 -27.46
CA ILE Y 21 -44.97 -8.27 -26.75
C ILE Y 21 -44.91 -6.85 -27.28
N GLU Y 22 -45.00 -5.87 -26.39
CA GLU Y 22 -45.03 -4.48 -26.79
C GLU Y 22 -43.78 -4.11 -27.57
N GLU Y 23 -43.98 -3.46 -28.72
CA GLU Y 23 -42.88 -3.05 -29.59
C GLU Y 23 -42.62 -1.56 -29.40
N THR Y 24 -41.97 -1.24 -28.29
CA THR Y 24 -41.55 0.12 -27.99
C THR Y 24 -40.05 0.23 -28.25
N ASN Y 25 -39.66 1.29 -28.96
CA ASN Y 25 -38.26 1.50 -29.30
C ASN Y 25 -37.50 1.99 -28.07
N PHE Y 26 -36.44 1.27 -27.72
CA PHE Y 26 -35.58 1.67 -26.61
C PHE Y 26 -34.31 2.35 -27.09
N CYS Y 27 -34.21 2.66 -28.38
CA CYS Y 27 -33.20 3.59 -28.86
C CYS Y 27 -33.67 5.02 -28.52
N LEU Y 28 -32.85 5.74 -27.75
CA LEU Y 28 -33.27 7.04 -27.26
C LEU Y 28 -33.43 8.05 -28.39
N GLY Y 29 -32.61 7.96 -29.41
CA GLY Y 29 -32.70 8.84 -30.55
C GLY Y 29 -31.36 8.98 -31.23
N ARG Y 30 -31.31 9.92 -32.17
CA ARG Y 30 -30.09 10.22 -32.90
C ARG Y 30 -29.36 11.37 -32.20
N ASN Y 31 -28.08 11.16 -31.89
CA ASN Y 31 -27.30 12.14 -31.18
C ASN Y 31 -25.93 12.32 -31.84
N CYS Y 32 -25.20 13.30 -31.36
CA CYS Y 32 -23.87 13.66 -31.83
C CYS Y 32 -23.23 14.53 -30.74
N TYR Y 33 -22.15 15.23 -31.08
CA TYR Y 33 -21.64 16.25 -30.19
C TYR Y 33 -22.75 17.21 -29.81
N VAL Y 34 -22.83 17.54 -28.52
CA VAL Y 34 -23.76 18.59 -28.10
C VAL Y 34 -23.37 19.87 -28.80
N ARG Y 35 -24.34 20.51 -29.45
CA ARG Y 35 -24.10 21.68 -30.28
C ARG Y 35 -24.62 22.92 -29.55
N PHE Y 36 -23.70 23.75 -29.10
CA PHE Y 36 -24.05 24.99 -28.41
C PHE Y 36 -24.31 26.09 -29.41
N ARG Y 37 -25.27 26.95 -29.07
CA ARG Y 37 -25.49 28.17 -29.84
C ARG Y 37 -24.41 29.20 -29.52
N GLU Y 38 -24.00 29.94 -30.54
CA GLU Y 38 -23.03 31.02 -30.31
C GLU Y 38 -23.60 32.08 -29.39
N GLU Y 39 -24.89 32.40 -29.56
CA GLU Y 39 -25.49 33.47 -28.78
C GLU Y 39 -25.47 33.16 -27.29
N ASP Y 40 -25.57 31.89 -26.91
CA ASP Y 40 -25.61 31.53 -25.50
C ASP Y 40 -24.28 31.83 -24.82
N ASP Y 41 -24.37 32.38 -23.61
CA ASP Y 41 -23.19 32.66 -22.81
C ASP Y 41 -22.83 31.44 -21.98
N LEU Y 42 -21.86 31.59 -21.08
CA LEU Y 42 -21.39 30.46 -20.30
C LEU Y 42 -22.52 29.87 -19.45
N ALA Y 43 -23.33 30.74 -18.83
CA ALA Y 43 -24.43 30.25 -18.01
C ALA Y 43 -25.46 29.51 -18.86
N ARG Y 44 -25.82 30.07 -20.01
CA ARG Y 44 -26.84 29.45 -20.84
C ARG Y 44 -26.33 28.22 -21.58
N ARG Y 45 -25.03 28.13 -21.82
CA ARG Y 45 -24.48 26.89 -22.36
C ARG Y 45 -24.46 25.80 -21.30
N ALA Y 46 -24.30 26.16 -20.02
CA ALA Y 46 -24.42 25.17 -18.96
C ALA Y 46 -25.82 24.59 -18.90
N LEU Y 47 -26.85 25.43 -19.04
CA LEU Y 47 -28.21 24.93 -19.08
C LEU Y 47 -28.42 24.00 -20.26
N HIS Y 48 -27.85 24.35 -21.41
CA HIS Y 48 -27.96 23.51 -22.59
C HIS Y 48 -27.36 22.13 -22.34
N GLN Y 49 -26.17 22.10 -21.72
CA GLN Y 49 -25.53 20.82 -21.44
C GLN Y 49 -26.37 19.98 -20.48
N MET Y 50 -26.95 20.62 -19.47
CA MET Y 50 -27.77 19.90 -18.50
C MET Y 50 -29.04 19.34 -19.12
N ASP Y 51 -29.50 19.89 -20.23
CA ASP Y 51 -30.71 19.41 -20.89
C ASP Y 51 -30.41 18.34 -21.94
N SER Y 52 -29.16 17.95 -22.14
CA SER Y 52 -28.77 16.94 -23.11
C SER Y 52 -28.27 15.66 -22.46
N GLN Y 53 -28.62 15.44 -21.19
CA GLN Y 53 -28.11 14.28 -20.46
C GLN Y 53 -28.90 13.04 -20.84
N LEU Y 54 -28.20 12.02 -21.35
CA LEU Y 54 -28.87 10.78 -21.70
C LEU Y 54 -29.36 10.04 -20.46
N ASN Y 55 -28.65 10.19 -19.33
CA ASN Y 55 -29.05 9.48 -18.12
C ASN Y 55 -30.28 10.08 -17.46
N LYS Y 56 -30.78 11.20 -17.96
CA LYS Y 56 -32.07 11.73 -17.54
C LYS Y 56 -33.21 11.29 -18.44
N MET Y 57 -32.93 10.47 -19.44
CA MET Y 57 -33.94 10.02 -20.40
C MET Y 57 -34.50 8.67 -19.98
N HIS Y 58 -35.67 8.35 -20.53
CA HIS Y 58 -36.36 7.11 -20.20
C HIS Y 58 -37.27 6.75 -21.36
N THR Y 59 -37.87 5.56 -21.24
CA THR Y 59 -38.86 5.07 -22.19
C THR Y 59 -40.15 4.79 -21.44
N ARG Y 60 -41.25 5.39 -21.89
CA ARG Y 60 -42.53 5.20 -21.25
C ARG Y 60 -43.24 3.99 -21.84
N LEU Y 61 -43.72 3.11 -20.97
CA LEU Y 61 -44.38 1.89 -21.40
C LEU Y 61 -45.88 2.16 -21.58
N ARG Y 62 -46.60 1.13 -22.02
CA ARG Y 62 -48.02 1.30 -22.33
C ARG Y 62 -48.85 1.64 -21.12
N ASP Y 63 -48.38 1.32 -19.91
CA ASP Y 63 -49.13 1.58 -18.69
C ASP Y 63 -48.69 2.85 -17.97
N GLY Y 64 -47.80 3.63 -18.57
CA GLY Y 64 -47.41 4.91 -18.02
C GLY Y 64 -46.17 4.90 -17.17
N THR Y 65 -45.69 3.73 -16.77
CA THR Y 65 -44.41 3.65 -16.10
C THR Y 65 -43.28 3.78 -17.11
N VAL Y 66 -42.13 4.26 -16.66
CA VAL Y 66 -41.00 4.53 -17.53
C VAL Y 66 -39.81 3.71 -17.05
N ILE Y 67 -39.12 3.08 -17.99
CA ILE Y 67 -37.88 2.37 -17.71
C ILE Y 67 -36.73 3.36 -17.93
N PRO Y 68 -35.98 3.71 -16.90
CA PRO Y 68 -34.96 4.75 -17.05
C PRO Y 68 -33.67 4.22 -17.66
N TYR Y 69 -32.84 5.17 -18.08
CA TYR Y 69 -31.44 4.89 -18.36
C TYR Y 69 -30.81 4.28 -17.12
N MET Y 70 -30.25 3.09 -17.26
CA MET Y 70 -29.68 2.36 -16.14
C MET Y 70 -28.24 1.96 -16.46
N SER Y 71 -27.45 1.79 -15.42
CA SER Y 71 -26.05 1.41 -15.56
C SER Y 71 -25.65 0.48 -14.43
N PHE Y 72 -24.63 -0.34 -14.69
CA PHE Y 72 -24.13 -1.24 -13.66
C PHE Y 72 -23.43 -0.48 -12.56
N HIS Y 73 -22.82 0.66 -12.87
CA HIS Y 73 -22.03 1.41 -11.92
C HIS Y 73 -22.55 2.83 -11.83
N PRO Y 74 -22.33 3.52 -10.70
CA PRO Y 74 -22.81 4.90 -10.55
C PRO Y 74 -21.98 5.93 -11.29
N ASP Y 75 -20.93 5.52 -12.02
CA ASP Y 75 -20.14 6.47 -12.77
C ASP Y 75 -20.96 7.12 -13.89
N GLU Y 76 -21.97 6.42 -14.39
CA GLU Y 76 -22.80 6.92 -15.47
C GLU Y 76 -24.00 7.72 -14.97
N MET Y 77 -24.07 7.99 -13.67
CA MET Y 77 -25.21 8.69 -13.09
C MET Y 77 -24.95 10.17 -12.86
N VAL Y 78 -23.71 10.64 -12.94
CA VAL Y 78 -23.42 12.05 -12.77
C VAL Y 78 -23.58 12.76 -14.11
N ASP Y 79 -23.79 14.07 -14.05
CA ASP Y 79 -23.89 14.85 -15.27
C ASP Y 79 -22.59 14.76 -16.05
N ARG Y 80 -22.71 14.78 -17.37
CA ARG Y 80 -21.56 14.68 -18.26
C ARG Y 80 -21.35 16.01 -18.96
N PRO Y 81 -20.20 16.70 -18.78
CA PRO Y 81 -19.06 16.31 -17.95
C PRO Y 81 -19.33 16.43 -16.46
N ALA Y 82 -18.52 15.76 -15.66
CA ALA Y 82 -18.78 15.67 -14.23
C ALA Y 82 -18.74 17.04 -13.59
N PRO Y 83 -19.76 17.44 -12.83
CA PRO Y 83 -19.71 18.71 -12.11
C PRO Y 83 -18.80 18.63 -10.90
N ILE Y 84 -18.54 19.80 -10.30
CA ILE Y 84 -17.62 19.87 -9.17
C ILE Y 84 -18.17 19.06 -7.99
N HIS Y 85 -19.45 19.22 -7.70
CA HIS Y 85 -20.10 18.52 -6.59
C HIS Y 85 -21.20 17.64 -7.15
N THR Y 86 -21.04 16.32 -7.04
CA THR Y 86 -21.96 15.40 -7.71
C THR Y 86 -23.07 14.86 -6.82
N PHE Y 87 -22.73 14.07 -5.80
CA PHE Y 87 -23.73 13.34 -5.02
C PHE Y 87 -24.03 14.09 -3.73
N SER Y 88 -24.69 15.24 -3.86
CA SER Y 88 -25.05 16.01 -2.68
C SER Y 88 -26.03 15.24 -1.81
N GLU Y 89 -27.08 14.69 -2.43
CA GLU Y 89 -27.99 13.78 -1.73
C GLU Y 89 -27.47 12.36 -1.94
N LYS Y 90 -27.20 11.68 -0.84
CA LYS Y 90 -26.53 10.39 -0.92
C LYS Y 90 -27.31 9.44 -1.82
N PRO Y 91 -26.69 8.86 -2.84
CA PRO Y 91 -27.40 7.87 -3.65
C PRO Y 91 -27.83 6.69 -2.78
N LEU Y 92 -29.05 6.22 -3.02
CA LEU Y 92 -29.67 5.20 -2.20
C LEU Y 92 -29.61 3.87 -2.92
N LEU Y 93 -28.90 2.91 -2.34
CA LEU Y 93 -28.88 1.54 -2.82
C LEU Y 93 -29.99 0.78 -2.11
N LYS Y 94 -31.01 0.37 -2.84
CA LYS Y 94 -32.20 -0.25 -2.27
C LYS Y 94 -31.98 -1.76 -2.16
N TRP Y 95 -32.01 -2.26 -0.93
CA TRP Y 95 -32.00 -3.69 -0.68
C TRP Y 95 -33.41 -4.16 -0.34
N THR Y 96 -33.70 -5.41 -0.68
CA THR Y 96 -35.02 -5.99 -0.47
C THR Y 96 -34.92 -7.16 0.50
N TRP Y 97 -35.88 -7.24 1.41
CA TRP Y 97 -36.01 -8.38 2.30
C TRP Y 97 -37.48 -8.64 2.58
N ASP Y 98 -37.76 -9.77 3.23
CA ASP Y 98 -39.13 -10.17 3.53
C ASP Y 98 -39.58 -9.74 4.91
N GLU Y 99 -38.73 -9.07 5.68
CA GLU Y 99 -39.10 -8.67 7.02
C GLU Y 99 -40.10 -7.52 6.99
N THR Y 100 -41.03 -7.53 7.95
CA THR Y 100 -42.03 -6.48 8.08
C THR Y 100 -42.35 -6.29 9.55
N TYR Y 101 -42.91 -5.12 9.86
CA TYR Y 101 -43.34 -4.80 11.21
C TYR Y 101 -44.75 -4.24 11.16
N GLU Y 102 -45.48 -4.44 12.27
CA GLU Y 102 -46.91 -4.14 12.27
C GLU Y 102 -47.18 -2.65 12.15
N GLU Y 103 -46.29 -1.79 12.65
CA GLU Y 103 -46.56 -0.37 12.67
C GLU Y 103 -46.81 0.18 11.27
N ALA Y 104 -46.23 -0.45 10.25
CA ALA Y 104 -46.37 0.06 8.89
C ALA Y 104 -47.76 -0.15 8.32
N TYR Y 105 -48.55 -1.04 8.88
CA TYR Y 105 -49.85 -1.39 8.35
C TYR Y 105 -50.96 -0.81 9.21
N ASP Y 106 -52.15 -0.75 8.63
CA ASP Y 106 -53.36 -0.35 9.33
C ASP Y 106 -54.51 -1.24 8.91
N ASP Y 107 -55.35 -1.61 9.88
CA ASP Y 107 -56.50 -2.46 9.60
C ASP Y 107 -57.79 -1.63 9.50
N PRO Z 1 -28.81 -21.51 1.90
CA PRO Z 1 -28.76 -20.17 2.49
C PRO Z 1 -30.16 -19.60 2.77
N PRO Z 2 -30.51 -19.47 4.05
CA PRO Z 2 -31.86 -18.99 4.38
C PRO Z 2 -32.06 -17.55 3.97
N THR Z 3 -33.31 -17.23 3.65
CA THR Z 3 -33.70 -15.89 3.24
C THR Z 3 -34.50 -15.15 4.30
N ARG Z 4 -34.81 -15.79 5.42
CA ARG Z 4 -35.57 -15.18 6.51
C ARG Z 4 -34.68 -15.10 7.74
N LEU Z 5 -34.66 -13.94 8.38
CA LEU Z 5 -33.83 -13.76 9.57
C LEU Z 5 -34.31 -14.63 10.73
N SER Z 6 -35.56 -15.08 10.71
CA SER Z 6 -36.06 -15.92 11.78
C SER Z 6 -35.37 -17.29 11.78
N THR Z 7 -34.98 -17.80 10.61
CA THR Z 7 -34.37 -19.11 10.50
C THR Z 7 -32.89 -19.05 10.85
N PRO Z 8 -32.45 -19.68 11.95
CA PRO Z 8 -31.06 -19.54 12.38
C PRO Z 8 -30.08 -20.19 11.42
N LEU Z 9 -28.82 -19.74 11.52
CA LEU Z 9 -27.72 -20.31 10.75
C LEU Z 9 -26.96 -21.30 11.61
N TYR Z 10 -26.68 -22.49 11.05
CA TYR Z 10 -25.93 -23.49 11.79
C TYR Z 10 -24.47 -23.08 11.92
N SER Z 11 -23.90 -23.29 13.11
CA SER Z 11 -22.50 -23.00 13.36
C SER Z 11 -21.85 -24.15 14.11
N GLU Z 12 -20.65 -24.51 13.68
CA GLU Z 12 -19.83 -25.43 14.44
C GLU Z 12 -19.17 -24.68 15.60
N GLY Z 13 -18.57 -25.42 16.52
CA GLY Z 13 -17.78 -24.82 17.56
C GLY Z 13 -16.33 -24.78 17.12
N GLY Z 14 -15.63 -23.72 17.48
CA GLY Z 14 -14.23 -23.60 17.16
C GLY Z 14 -13.86 -22.16 16.88
N ALA Z 15 -12.67 -21.98 16.31
CA ALA Z 15 -12.12 -20.66 16.07
C ALA Z 15 -12.34 -20.14 14.66
N PHE Z 16 -12.98 -20.92 13.79
CA PHE Z 16 -13.36 -20.45 12.45
C PHE Z 16 -14.72 -21.09 12.12
N THR Z 17 -15.79 -20.41 12.51
CA THR Z 17 -17.14 -20.91 12.37
C THR Z 17 -18.06 -19.74 12.02
N VAL Z 18 -19.36 -20.02 11.83
CA VAL Z 18 -20.32 -18.96 11.54
C VAL Z 18 -20.49 -18.04 12.74
N ASN Z 19 -20.47 -18.60 13.96
CA ASN Z 19 -20.61 -17.79 15.16
C ASN Z 19 -19.35 -16.95 15.39
N TRP Z 20 -18.19 -17.57 15.21
CA TRP Z 20 -16.92 -16.87 15.36
C TRP Z 20 -16.82 -15.72 14.36
N TRP Z 21 -17.28 -15.94 13.14
CA TRP Z 21 -17.21 -14.91 12.12
C TRP Z 21 -18.19 -13.77 12.41
N ARG Z 22 -19.37 -14.09 12.93
CA ARG Z 22 -20.34 -13.05 13.25
C ARG Z 22 -19.81 -12.11 14.33
N ASN Z 23 -19.14 -12.68 15.34
CA ASN Z 23 -18.67 -11.86 16.45
C ASN Z 23 -17.69 -10.79 15.98
N ARG Z 24 -16.90 -11.07 14.95
CA ARG Z 24 -15.80 -10.20 14.56
C ARG Z 24 -16.06 -9.43 13.27
N TYR Z 25 -17.06 -9.81 12.48
CA TYR Z 25 -17.27 -9.15 11.19
C TYR Z 25 -17.62 -7.68 11.37
N GLY Z 26 -18.45 -7.36 12.35
CA GLY Z 26 -18.94 -6.00 12.51
C GLY Z 26 -18.20 -5.18 13.54
N LEU Z 27 -17.00 -5.61 13.94
CA LEU Z 27 -16.25 -4.88 14.96
C LEU Z 27 -15.90 -3.47 14.47
N TYR Z 28 -15.49 -3.34 13.22
CA TYR Z 28 -15.08 -2.06 12.65
C TYR Z 28 -16.14 -1.46 11.73
N SER Z 29 -17.38 -1.94 11.81
CA SER Z 29 -18.42 -1.58 10.85
C SER Z 29 -19.30 -0.47 11.40
N ARG Z 30 -19.46 0.59 10.62
CA ARG Z 30 -20.39 1.66 10.94
C ARG Z 30 -21.80 1.38 10.42
N ARG Z 31 -21.98 0.33 9.63
CA ARG Z 31 -23.26 0.06 8.98
C ARG Z 31 -24.14 -0.92 9.76
N GLN Z 32 -23.56 -1.67 10.70
CA GLN Z 32 -24.31 -2.64 11.49
C GLN Z 32 -24.72 -1.99 12.80
N THR Z 33 -25.76 -1.15 12.71
CA THR Z 33 -26.15 -0.28 13.81
C THR Z 33 -27.29 -0.85 14.65
N ASP Z 34 -27.87 -1.97 14.28
CA ASP Z 34 -28.95 -2.58 15.03
C ASP Z 34 -29.02 -4.05 14.68
N PRO Z 35 -29.68 -4.87 15.50
CA PRO Z 35 -29.68 -6.32 15.24
C PRO Z 35 -30.21 -6.70 13.86
N MET Z 36 -31.39 -6.19 13.49
CA MET Z 36 -31.96 -6.57 12.20
C MET Z 36 -31.02 -6.22 11.06
N LEU Z 37 -30.53 -4.99 11.03
CA LEU Z 37 -29.65 -4.57 9.95
C LEU Z 37 -28.32 -5.31 10.02
N ALA Z 38 -27.79 -5.52 11.22
CA ALA Z 38 -26.53 -6.22 11.36
C ALA Z 38 -26.61 -7.64 10.82
N GLU Z 39 -27.68 -8.36 11.17
CA GLU Z 39 -27.82 -9.72 10.69
C GLU Z 39 -28.00 -9.76 9.18
N PHE Z 40 -28.79 -8.83 8.63
CA PHE Z 40 -28.99 -8.80 7.19
C PHE Z 40 -27.67 -8.61 6.45
N LEU Z 41 -26.84 -7.67 6.92
CA LEU Z 41 -25.56 -7.44 6.27
C LEU Z 41 -24.62 -8.61 6.49
N PHE Z 42 -24.66 -9.23 7.67
CA PHE Z 42 -23.80 -10.38 7.93
C PHE Z 42 -24.13 -11.53 6.98
N ARG Z 43 -25.42 -11.88 6.87
CA ARG Z 43 -25.81 -12.95 5.97
C ARG Z 43 -25.55 -12.60 4.53
N GLN Z 44 -25.65 -11.32 4.18
CA GLN Z 44 -25.34 -10.89 2.82
C GLN Z 44 -23.90 -11.20 2.47
N GLN Z 45 -22.98 -10.89 3.39
CA GLN Z 45 -21.57 -11.17 3.14
C GLN Z 45 -21.31 -12.67 3.12
N VAL Z 46 -21.89 -13.42 4.06
CA VAL Z 46 -21.66 -14.85 4.12
C VAL Z 46 -22.18 -15.52 2.85
N LYS Z 47 -23.38 -15.14 2.42
CA LYS Z 47 -23.94 -15.69 1.20
C LYS Z 47 -23.03 -15.43 0.00
N GLU Z 48 -22.46 -14.23 -0.07
CA GLU Z 48 -21.71 -13.82 -1.26
C GLU Z 48 -20.34 -14.47 -1.34
N TRP Z 49 -19.69 -14.71 -0.21
CA TRP Z 49 -18.30 -15.16 -0.20
C TRP Z 49 -18.11 -16.61 0.19
N PHE Z 50 -18.95 -17.13 1.08
CA PHE Z 50 -18.77 -18.49 1.57
C PHE Z 50 -19.69 -19.50 0.89
N TYR Z 51 -20.76 -19.06 0.23
CA TYR Z 51 -21.63 -19.93 -0.55
C TYR Z 51 -21.30 -19.85 -2.03
N ASP Z 52 -20.14 -19.30 -2.38
CA ASP Z 52 -19.68 -19.19 -3.76
C ASP Z 52 -18.72 -20.34 -4.04
N VAL Z 53 -19.17 -21.31 -4.83
CA VAL Z 53 -18.36 -22.50 -5.08
C VAL Z 53 -16.96 -22.17 -5.57
N PRO Z 54 -16.77 -21.34 -6.59
CA PRO Z 54 -15.41 -21.12 -7.10
C PRO Z 54 -14.47 -20.47 -6.10
N SER Z 55 -14.99 -19.78 -5.08
CA SER Z 55 -14.13 -19.15 -4.10
C SER Z 55 -13.29 -20.16 -3.35
N TYR Z 56 -13.80 -21.39 -3.19
CA TYR Z 56 -13.07 -22.41 -2.45
C TYR Z 56 -11.82 -22.88 -3.18
N ASN Z 57 -11.77 -22.73 -4.51
CA ASN Z 57 -10.56 -23.07 -5.25
C ASN Z 57 -9.40 -22.20 -4.82
N TYR Z 58 -9.64 -20.90 -4.62
CA TYR Z 58 -8.58 -20.01 -4.18
C TYR Z 58 -8.15 -20.30 -2.76
N ALA Z 59 -9.07 -20.74 -1.91
CA ALA Z 59 -8.69 -21.14 -0.56
C ALA Z 59 -7.68 -22.27 -0.61
N ALA Z 60 -7.87 -23.23 -1.51
CA ALA Z 60 -6.91 -24.32 -1.67
C ALA Z 60 -5.56 -23.79 -2.12
N LEU Z 61 -5.55 -22.84 -3.05
CA LEU Z 61 -4.30 -22.36 -3.61
C LEU Z 61 -3.50 -21.57 -2.59
N VAL Z 62 -4.17 -20.78 -1.75
CA VAL Z 62 -3.44 -20.01 -0.75
C VAL Z 62 -2.86 -20.94 0.30
N GLY Z 63 -3.62 -21.96 0.71
CA GLY Z 63 -3.08 -22.90 1.67
C GLY Z 63 -1.86 -23.62 1.15
N LEU Z 64 -1.94 -24.13 -0.08
CA LEU Z 64 -0.82 -24.86 -0.66
C LEU Z 64 0.40 -23.96 -0.78
N ALA Z 65 0.23 -22.74 -1.30
CA ALA Z 65 1.35 -21.84 -1.48
C ALA Z 65 1.97 -21.46 -0.15
N LEU Z 66 1.14 -21.16 0.85
CA LEU Z 66 1.65 -20.75 2.15
C LEU Z 66 2.34 -21.91 2.85
N GLY Z 67 1.79 -23.12 2.74
CA GLY Z 67 2.41 -24.26 3.37
C GLY Z 67 3.81 -24.51 2.84
N ILE Z 68 3.95 -24.46 1.51
CA ILE Z 68 5.27 -24.59 0.91
C ILE Z 68 6.20 -23.48 1.42
N LEU Z 69 5.68 -22.25 1.48
CA LEU Z 69 6.48 -21.11 1.86
C LEU Z 69 6.99 -21.24 3.29
N VAL Z 70 6.11 -21.57 4.23
CA VAL Z 70 6.52 -21.70 5.64
C VAL Z 70 7.57 -22.80 5.75
N ALA Z 71 7.38 -23.89 5.03
CA ALA Z 71 8.27 -25.04 5.17
C ALA Z 71 9.65 -24.75 4.58
N VAL Z 72 9.71 -24.07 3.43
CA VAL Z 72 11.00 -23.75 2.85
C VAL Z 72 11.77 -22.80 3.75
N ILE Z 73 11.08 -21.86 4.39
CA ILE Z 73 11.74 -20.99 5.35
C ILE Z 73 12.30 -21.82 6.49
N TRP Z 74 11.45 -22.64 7.08
CA TRP Z 74 11.87 -23.43 8.24
C TRP Z 74 13.02 -24.34 7.87
N ARG Z 75 12.97 -24.95 6.69
CA ARG Z 75 14.01 -25.90 6.31
C ARG Z 75 15.37 -25.22 6.21
N HIS Z 76 15.42 -24.02 5.64
CA HIS Z 76 16.68 -23.30 5.56
C HIS Z 76 17.27 -23.09 6.94
N PHE Z 77 16.47 -22.57 7.87
CA PHE Z 77 16.95 -22.28 9.21
C PHE Z 77 17.41 -23.56 9.91
N LEU Z 78 16.64 -24.63 9.77
CA LEU Z 78 16.91 -25.84 10.54
C LEU Z 78 18.03 -26.69 9.95
N PHE Z 79 18.21 -26.68 8.64
CA PHE Z 79 19.10 -27.65 7.99
C PHE Z 79 20.16 -27.04 7.09
N ASN Z 80 19.98 -25.84 6.57
CA ASN Z 80 20.93 -25.35 5.58
C ASN Z 80 22.27 -25.08 6.26
N PRO Z 81 23.36 -25.66 5.76
CA PRO Z 81 24.65 -25.49 6.45
C PRO Z 81 25.14 -24.05 6.48
N ASP Z 82 24.62 -23.19 5.61
CA ASP Z 82 25.12 -21.83 5.50
C ASP Z 82 24.31 -20.81 6.26
N VAL Z 83 23.20 -21.22 6.89
CA VAL Z 83 22.37 -20.33 7.68
C VAL Z 83 22.76 -20.52 9.15
N TYR Z 84 23.20 -19.45 9.79
CA TYR Z 84 23.63 -19.48 11.18
C TYR Z 84 22.68 -18.63 12.02
N VAL Z 85 22.11 -19.23 13.06
CA VAL Z 85 21.40 -18.51 14.09
C VAL Z 85 22.14 -18.57 15.43
N ARG Z 86 22.67 -19.74 15.77
CA ARG Z 86 23.61 -19.85 16.88
C ARG Z 86 24.95 -19.26 16.48
N ARG Z 87 25.75 -18.90 17.49
CA ARG Z 87 26.98 -18.16 17.25
C ARG Z 87 28.26 -18.93 17.56
N GLN Z 88 28.17 -20.10 18.19
CA GLN Z 88 29.37 -20.82 18.58
C GLN Z 88 30.34 -20.98 17.40
N GLU Z 89 29.82 -21.42 16.26
CA GLU Z 89 30.68 -21.68 15.11
C GLU Z 89 31.14 -20.38 14.46
N LEU Z 90 30.33 -19.33 14.54
CA LEU Z 90 30.70 -18.04 13.99
C LEU Z 90 31.76 -17.32 14.80
N ARG Z 91 32.09 -17.83 16.00
CA ARG Z 91 33.17 -17.30 16.81
C ARG Z 91 34.46 -18.10 16.62
N LYS Z 92 34.54 -18.87 15.55
CA LYS Z 92 35.70 -19.68 15.23
C LYS Z 92 36.04 -19.51 13.75
N MET Z 93 37.30 -19.76 13.42
CA MET Z 93 37.71 -19.74 12.03
C MET Z 93 37.06 -20.89 11.27
N TRP Z 94 37.00 -20.75 9.95
CA TRP Z 94 36.33 -21.74 9.11
C TRP Z 94 36.81 -23.17 9.36
N PRO Z 95 38.12 -23.45 9.44
CA PRO Z 95 38.55 -24.85 9.62
C PRO Z 95 38.03 -25.52 10.88
N ASP Z 96 37.51 -24.76 11.85
CA ASP Z 96 37.11 -25.31 13.14
C ASP Z 96 35.60 -25.49 13.30
N ARG Z 97 34.82 -25.27 12.25
CA ARG Z 97 33.35 -25.27 12.36
C ARG Z 97 32.81 -26.68 12.07
N HIS Z 98 33.13 -27.62 12.96
CA HIS Z 98 32.78 -29.01 12.73
C HIS Z 98 31.27 -29.24 12.85
N ARG Z 99 30.64 -28.66 13.87
CA ARG Z 99 29.21 -28.87 14.06
C ARG Z 99 28.41 -28.40 12.86
N GLN Z 100 28.83 -27.32 12.21
CA GLN Z 100 28.13 -26.82 11.03
C GLN Z 100 28.45 -27.64 9.80
N PHE Z 101 29.66 -28.21 9.72
CA PHE Z 101 30.01 -29.07 8.59
C PHE Z 101 29.22 -30.36 8.60
N ALA Z 102 28.62 -30.73 9.74
CA ALA Z 102 27.84 -31.95 9.82
C ALA Z 102 26.56 -31.86 9.00
N TYR Z 103 26.03 -30.65 8.81
CA TYR Z 103 24.83 -30.45 8.01
C TYR Z 103 25.10 -30.58 6.52
N ALA Z 104 26.36 -30.60 6.09
CA ALA Z 104 26.69 -30.40 4.69
C ALA Z 104 26.24 -31.57 3.82
N VAL Z 105 26.76 -32.77 4.09
CA VAL Z 105 26.47 -33.93 3.25
C VAL Z 105 24.99 -34.32 3.34
N PRO Z 106 24.39 -34.40 4.54
CA PRO Z 106 22.95 -34.71 4.57
C PRO Z 106 22.12 -33.72 3.76
N TYR Z 107 22.50 -32.45 3.77
CA TYR Z 107 21.78 -31.43 3.02
C TYR Z 107 22.08 -31.49 1.54
N LEU Z 108 23.20 -32.08 1.14
CA LEU Z 108 23.58 -32.21 -0.25
C LEU Z 108 22.81 -33.31 -0.98
N ASN Z 109 22.12 -34.18 -0.25
CA ASN Z 109 21.46 -35.35 -0.83
C ASN Z 109 20.01 -35.42 -0.38
N PRO Z 110 19.18 -34.48 -0.83
CA PRO Z 110 17.74 -34.57 -0.56
C PRO Z 110 17.10 -35.68 -1.39
N GLN Z 111 15.94 -36.16 -0.91
CA GLN Z 111 15.30 -37.31 -1.53
C GLN Z 111 14.93 -37.02 -2.98
N LEU Z 112 14.31 -35.87 -3.24
CA LEU Z 112 13.83 -35.57 -4.59
C LEU Z 112 14.98 -35.46 -5.58
N LYS Z 113 16.15 -34.99 -5.12
CA LYS Z 113 17.31 -34.94 -6.00
C LYS Z 113 17.72 -36.33 -6.46
N ASN Z 114 17.69 -37.30 -5.55
CA ASN Z 114 18.01 -38.67 -5.93
C ASN Z 114 16.93 -39.27 -6.81
N LEU Z 115 15.68 -38.89 -6.60
CA LEU Z 115 14.56 -39.47 -7.34
C LEU Z 115 14.44 -38.93 -8.76
N LEU Z 116 14.82 -37.67 -8.99
CA LEU Z 116 14.56 -37.02 -10.27
C LEU Z 116 15.79 -36.87 -11.16
N LEU Z 117 16.99 -36.88 -10.61
CA LEU Z 117 18.18 -36.82 -11.44
C LEU Z 117 18.24 -37.91 -12.50
N PRO Z 118 17.84 -39.16 -12.24
CA PRO Z 118 17.90 -40.18 -13.30
C PRO Z 118 17.09 -39.83 -14.54
N TYR Z 119 16.20 -38.85 -14.47
CA TYR Z 119 15.33 -38.50 -15.58
C TYR Z 119 15.92 -37.41 -16.47
N LYS Z 120 17.23 -37.19 -16.42
CA LYS Z 120 17.86 -36.25 -17.33
C LYS Z 120 17.85 -36.75 -18.77
N ASN Z 121 17.65 -38.04 -19.00
CA ASN Z 121 17.65 -38.56 -20.36
C ASN Z 121 16.41 -38.13 -21.15
N SER Z 122 15.47 -37.45 -20.51
CA SER Z 122 14.31 -36.89 -21.19
C SER Z 122 14.55 -35.46 -21.65
N PHE Z 123 15.73 -34.90 -21.38
CA PHE Z 123 16.09 -33.56 -21.79
C PHE Z 123 17.36 -33.50 -22.63
N ILE Z 124 18.14 -34.57 -22.68
CA ILE Z 124 19.43 -34.58 -23.35
C ILE Z 124 19.43 -35.72 -24.36
N ASP Z 125 19.80 -35.42 -25.61
CA ASP Z 125 19.86 -36.44 -26.64
C ASP Z 125 21.20 -37.15 -26.67
N ASN Z 126 22.30 -36.42 -26.52
CA ASN Z 126 23.64 -36.96 -26.61
C ASN Z 126 24.30 -37.04 -25.23
N GLU Z 127 24.72 -38.25 -24.85
CA GLU Z 127 25.41 -38.45 -23.58
C GLU Z 127 24.61 -37.87 -22.41
N PRO Z 128 23.38 -38.35 -22.19
CA PRO Z 128 22.59 -37.88 -21.04
C PRO Z 128 23.16 -38.39 -19.72
N ASP Z 129 24.12 -39.31 -19.78
CA ASP Z 129 24.76 -39.92 -18.63
C ASP Z 129 26.21 -39.48 -18.53
N TYR Z 130 26.52 -38.29 -19.10
CA TYR Z 130 27.88 -37.75 -19.12
C TYR Z 130 28.43 -37.47 -17.73
N ALA Z 131 27.55 -37.22 -16.77
CA ALA Z 131 27.95 -36.84 -15.41
C ALA Z 131 27.49 -37.87 -14.37
N ASP Z 132 27.19 -39.09 -14.79
CA ASP Z 132 26.66 -40.08 -13.87
C ASP Z 132 27.74 -40.60 -12.93
N TYR Z 133 28.92 -40.90 -13.43
CA TYR Z 133 29.96 -41.53 -12.64
C TYR Z 133 30.78 -40.48 -11.90
N ASN Z 134 31.01 -40.72 -10.61
CA ASN Z 134 31.86 -39.87 -9.79
C ASN Z 134 32.54 -40.71 -8.72
N PRO Z 135 33.86 -40.83 -8.75
CA PRO Z 135 34.55 -41.76 -7.83
C PRO Z 135 34.66 -41.28 -6.40
N VAL Z 136 34.27 -40.04 -6.09
CA VAL Z 136 34.54 -39.49 -4.77
C VAL Z 136 33.59 -40.10 -3.74
N GLY Z 137 32.29 -40.01 -3.98
CA GLY Z 137 31.30 -40.61 -3.10
C GLY Z 137 30.49 -39.63 -2.28
N LEU Z 138 30.55 -38.33 -2.57
CA LEU Z 138 29.70 -37.38 -1.87
C LEU Z 138 28.23 -37.56 -2.23
N ARG Z 139 27.95 -38.02 -3.45
CA ARG Z 139 26.61 -38.25 -3.96
C ARG Z 139 26.52 -39.67 -4.48
N PRO Z 140 25.31 -40.20 -4.64
CA PRO Z 140 25.17 -41.55 -5.22
C PRO Z 140 25.50 -41.58 -6.70
N GLN Z 141 25.96 -42.75 -7.14
CA GLN Z 141 26.12 -43.01 -8.57
C GLN Z 141 24.76 -43.01 -9.25
N ARG Z 142 24.68 -42.41 -10.43
CA ARG Z 142 23.42 -42.18 -11.10
C ARG Z 142 23.18 -43.21 -12.20
N VAL Z 143 21.94 -43.70 -12.28
CA VAL Z 143 21.50 -44.64 -13.31
C VAL Z 143 20.37 -43.97 -14.08
N MET Z 144 20.46 -43.99 -15.40
CA MET Z 144 19.46 -43.33 -16.22
C MET Z 144 18.10 -43.99 -16.06
N ALA Z 145 17.05 -43.18 -16.16
CA ALA Z 145 15.70 -43.66 -16.01
C ALA Z 145 15.29 -44.55 -17.18
N ILE Z 146 14.29 -45.39 -16.93
CA ILE Z 146 13.80 -46.32 -17.96
C ILE Z 146 12.63 -45.77 -18.73
N ARG Z 147 12.02 -44.67 -18.28
CA ARG Z 147 10.82 -44.10 -18.86
C ARG Z 147 10.96 -42.59 -18.98
N ARG Z 148 10.21 -42.00 -19.91
CA ARG Z 148 10.19 -40.56 -20.05
C ARG Z 148 9.48 -39.91 -18.86
N ILE Z 149 9.80 -38.64 -18.62
CA ILE Z 149 9.10 -37.92 -17.55
C ILE Z 149 7.62 -37.85 -17.89
N PRO Z 150 6.71 -38.18 -16.98
CA PRO Z 150 5.28 -38.09 -17.30
C PRO Z 150 4.87 -36.66 -17.62
N GLY Z 151 3.98 -36.51 -18.61
CA GLY Z 151 3.47 -35.20 -18.94
C GLY Z 151 3.58 -34.77 -20.40
N PHE Z 152 4.42 -33.77 -20.69
CA PHE Z 152 4.48 -33.15 -22.00
C PHE Z 152 5.67 -33.63 -22.83
N PHE Z 153 6.26 -34.78 -22.53
CA PHE Z 153 7.42 -35.27 -23.27
C PHE Z 153 7.04 -36.23 -24.39
N TRP Z 154 6.13 -35.79 -25.27
CA TRP Z 154 5.68 -36.65 -26.36
C TRP Z 154 6.74 -36.81 -27.44
N ALA Z 155 7.71 -35.90 -27.50
CA ALA Z 155 8.73 -35.98 -28.55
C ALA Z 155 9.63 -37.19 -28.38
N ILE Z 156 9.78 -37.70 -27.17
CA ILE Z 156 10.59 -38.90 -26.92
C ILE Z 156 9.65 -40.09 -26.72
N PRO Z 157 10.08 -41.32 -27.05
CA PRO Z 157 9.21 -42.48 -26.82
C PRO Z 157 8.95 -42.70 -25.34
N GLN Z 158 7.77 -43.29 -25.05
CA GLN Z 158 7.35 -43.49 -23.67
C GLN Z 158 8.40 -44.22 -22.86
N TYR Z 159 9.08 -45.20 -23.46
CA TYR Z 159 10.14 -45.96 -22.80
C TYR Z 159 11.36 -45.94 -23.69
N PHE Z 160 12.54 -45.86 -23.08
CA PHE Z 160 13.75 -45.69 -23.86
C PHE Z 160 14.19 -46.95 -24.58
N PHE Z 161 13.73 -48.12 -24.14
CA PHE Z 161 13.98 -49.33 -24.91
C PHE Z 161 13.33 -49.26 -26.28
N GLU Z 162 12.29 -48.44 -26.43
CA GLU Z 162 11.64 -48.29 -27.73
C GLU Z 162 12.49 -47.47 -28.70
N ASP Z 163 13.33 -46.59 -28.17
CA ASP Z 163 14.11 -45.70 -29.02
C ASP Z 163 15.25 -46.46 -29.70
N PRO Z 164 15.41 -46.35 -31.02
CA PRO Z 164 16.49 -47.10 -31.69
C PRO Z 164 17.88 -46.57 -31.39
N LEU Z 165 18.06 -45.25 -31.31
CA LEU Z 165 19.38 -44.66 -31.20
C LEU Z 165 19.84 -44.43 -29.77
N TYR Z 166 19.03 -44.77 -28.78
CA TYR Z 166 19.35 -44.41 -27.40
C TYR Z 166 20.69 -44.98 -26.97
N THR Z 167 20.93 -46.27 -27.24
CA THR Z 167 22.12 -46.92 -26.75
C THR Z 167 23.38 -46.41 -27.44
N SER Z 168 23.28 -45.98 -28.69
CA SER Z 168 24.43 -45.53 -29.45
C SER Z 168 24.84 -44.12 -29.09
N CYS Z 169 24.02 -43.38 -28.35
CA CYS Z 169 24.29 -42.01 -27.94
C CYS Z 169 24.81 -41.95 -26.52
N SER Z 170 24.95 -43.09 -25.86
CA SER Z 170 25.40 -43.11 -24.47
C SER Z 170 26.86 -42.69 -24.36
N THR Z 171 27.20 -42.14 -23.19
CA THR Z 171 28.56 -41.71 -22.93
C THR Z 171 29.54 -42.85 -23.02
N LYS Z 172 29.04 -44.09 -22.90
CA LYS Z 172 29.90 -45.26 -23.00
C LYS Z 172 30.27 -45.57 -24.44
N ASN Z 173 29.30 -45.52 -25.35
CA ASN Z 173 29.62 -45.75 -26.76
C ASN Z 173 30.45 -44.59 -27.32
N MET Z 174 30.15 -43.36 -26.87
CA MET Z 174 30.90 -42.21 -27.32
C MET Z 174 32.34 -42.31 -26.85
N GLN Z 175 32.53 -42.76 -25.60
CA GLN Z 175 33.88 -42.99 -25.08
C GLN Z 175 34.61 -44.06 -25.89
N THR Z 176 33.90 -45.11 -26.27
CA THR Z 176 34.50 -46.16 -27.09
C THR Z 176 34.97 -45.59 -28.42
N ILE Z 177 34.13 -44.81 -29.07
CA ILE Z 177 34.47 -44.25 -30.38
C ILE Z 177 35.70 -43.36 -30.27
N TYR Z 178 35.71 -42.45 -29.31
CA TYR Z 178 36.81 -41.51 -29.18
C TYR Z 178 38.07 -42.17 -28.66
N LYS Z 179 37.94 -43.19 -27.80
CA LYS Z 179 39.12 -43.89 -27.32
C LYS Z 179 39.78 -44.70 -28.42
N LYS Z 180 39.00 -45.14 -29.41
CA LYS Z 180 39.54 -45.89 -30.54
C LYS Z 180 40.39 -45.01 -31.44
N LEU Z 181 40.14 -43.69 -31.41
CA LEU Z 181 40.92 -42.72 -32.16
C LEU Z 181 42.08 -42.14 -31.35
N GLY Z 182 42.17 -42.48 -30.06
CA GLY Z 182 43.13 -41.83 -29.21
C GLY Z 182 42.82 -40.38 -28.96
N TYR Z 183 41.55 -39.99 -29.13
CA TYR Z 183 41.19 -38.58 -29.08
C TYR Z 183 41.11 -38.07 -27.65
N SER Z 184 40.46 -38.80 -26.76
CA SER Z 184 40.28 -38.36 -25.40
C SER Z 184 40.01 -39.56 -24.51
N GLU Z 185 40.18 -39.36 -23.20
CA GLU Z 185 39.93 -40.42 -22.23
C GLU Z 185 38.44 -40.60 -21.96
N LEU Z 186 37.69 -39.51 -21.91
CA LEU Z 186 36.25 -39.58 -21.64
C LEU Z 186 35.45 -39.47 -22.93
P1 LPP AA . -5.12 -25.10 24.03
O2 LPP AA . -5.00 -26.38 24.85
O3 LPP AA . -4.55 -23.91 24.70
O4 LPP AA . -6.57 -24.93 23.66
O5 LPP AA . -4.38 -25.41 22.63
C6 LPP AA . -3.22 -26.26 22.63
C7 LPP AA . -2.23 -25.72 21.66
C8 LPP AA . -1.72 -24.38 22.09
O9 LPP AA . -1.12 -26.66 21.65
O27 LPP AA . -1.26 -23.67 20.92
C11 LPP AA . -1.26 -27.79 20.97
O10 LPP AA . -2.14 -27.98 20.16
C12 LPP AA . -0.23 -28.80 21.37
C13 LPP AA . -0.51 -29.38 22.75
C14 LPP AA . 0.73 -29.94 23.42
C15 LPP AA . 1.40 -31.04 22.64
C16 LPP AA . 2.58 -31.65 23.37
C17 LPP AA . 3.35 -32.66 22.52
C18 LPP AA . 3.87 -32.09 21.22
C19 LPP AA . 4.75 -33.03 20.44
C20 LPP AA . 5.39 -32.38 19.23
C21 LPP AA . 6.32 -33.30 18.46
C22 LPP AA . 6.95 -32.65 17.25
C23 LPP AA . 7.77 -33.59 16.39
C24 LPP AA . 8.33 -32.95 15.14
C25 LPP AA . 9.05 -33.94 14.24
C26 LPP AA . 9.56 -33.30 12.99
C29 LPP AA . -0.23 -22.83 21.07
O28 LPP AA . 0.39 -22.71 22.10
C30 LPP AA . 0.04 -22.08 19.81
C31 LPP AA . 1.17 -21.07 19.95
C32 LPP AA . 1.62 -20.51 18.62
C33 LPP AA . 2.58 -21.42 17.87
C34 LPP AA . 2.93 -20.94 16.49
C35 LPP AA . 4.12 -21.62 15.89
C36 LPP AA . 4.25 -21.43 14.39
C37 LPP AA . 5.58 -21.87 13.82
C38 LPP AA . 6.76 -21.01 14.26
C39 LPP AA . 6.52 -19.53 14.09
C40 LPP AA . 7.68 -18.66 14.49
C41 LPP AA . 7.29 -17.22 14.72
C42 LPP AA . 6.59 -16.56 13.54
C43 LPP AA . 7.44 -16.51 12.29
C44 LPP AA . 6.81 -15.65 11.24
C27 PEE BA . 12.94 -27.59 0.13
C26 PEE BA . 12.69 -26.85 -1.14
C25 PEE BA . 11.24 -26.91 -1.55
C24 PEE BA . 10.94 -26.08 -2.78
C23 PEE BA . 9.46 -26.04 -3.15
C22 PEE BA . 8.82 -27.39 -3.30
C21 PEE BA . 9.54 -28.30 -4.29
C20 PEE BA . 8.83 -29.62 -4.54
C19 PEE BA . 8.62 -30.48 -3.30
C18 PEE BA . 8.10 -31.87 -3.60
C17 PEE BA . 6.79 -31.91 -4.38
C16 PEE BA . 6.32 -33.30 -4.75
C15 PEE BA . 7.33 -34.07 -5.59
C14 PEE BA . 6.88 -35.43 -6.06
C13 PEE BA . 8.01 -36.15 -6.75
C12 PEE BA . 7.69 -37.49 -7.38
C11 PEE BA . 8.92 -38.04 -8.08
C10 PEE BA . 8.72 -39.33 -8.79
O4 PEE BA . 8.69 -39.46 -9.99
O2 PEE BA . 8.62 -40.35 -7.93
C2 PEE BA . 8.53 -41.70 -8.47
C1 PEE BA . 9.83 -42.41 -8.22
O3P PEE BA . 9.79 -43.68 -8.91
P PEE BA . 11.01 -44.38 -9.65
O2P PEE BA . 11.97 -43.30 -10.11
O1P PEE BA . 10.53 -45.26 -10.73
O4P PEE BA . 11.78 -45.22 -8.47
C4 PEE BA . 12.73 -44.56 -7.60
C5 PEE BA . 14.14 -44.94 -7.98
N PEE BA . 15.12 -44.27 -7.09
C3 PEE BA . 7.40 -42.40 -7.79
O3 PEE BA . 6.19 -41.65 -8.02
C30 PEE BA . 5.07 -42.13 -7.47
O5 PEE BA . 5.02 -43.16 -6.83
C31 PEE BA . 3.91 -41.25 -7.75
C32 PEE BA . 2.59 -42.00 -7.95
C33 PEE BA . 1.41 -41.09 -8.21
C34 PEE BA . 1.12 -40.12 -7.07
C35 PEE BA . -0.05 -39.19 -7.34
C36 PEE BA . -1.38 -39.90 -7.56
C17 PEE CA . 21.41 11.51 8.72
C16 PEE CA . 22.58 11.68 9.68
C15 PEE CA . 23.37 10.41 9.92
C14 PEE CA . 24.08 9.91 8.68
C13 PEE CA . 24.79 8.58 8.87
C12 PEE CA . 25.88 8.61 9.92
C11 PEE CA . 26.60 7.27 10.05
C10 PEE CA . 27.73 7.33 11.01
O4 PEE CA . 28.79 7.87 10.81
O2 PEE CA . 27.39 6.74 12.17
C2 PEE CA . 27.82 7.32 13.45
C1 PEE CA . 28.99 6.57 14.01
O3P PEE CA . 30.04 6.58 13.01
P PEE CA . 31.54 6.80 13.46
O2P PEE CA . 31.61 8.24 13.95
O1P PEE CA . 32.55 6.42 12.46
O4P PEE CA . 31.65 5.89 14.77
C4 PEE CA . 32.89 5.96 15.52
C5 PEE CA . 32.61 5.97 16.99
N PEE CA . 33.67 6.70 17.72
C3 PEE CA . 28.10 8.79 13.36
O3 PEE CA . 26.90 9.49 12.98
C30 PEE CA . 26.26 10.16 13.94
O5 PEE CA . 26.56 10.13 15.11
C31 PEE CA . 25.11 10.95 13.39
C32 PEE CA . 24.40 11.75 14.46
C33 PEE CA . 23.22 12.54 13.94
C34 PEE CA . 22.09 11.68 13.44
C35 PEE CA . 20.88 12.48 13.00
C36 PEE CA . 19.75 11.62 12.47
C37 PEE CA . 18.55 12.42 11.99
C1 CDL DA . 0.70 14.28 42.34
O1 CDL DA . -0.70 14.53 42.19
CA2 CDL DA . 1.09 14.55 43.78
OA2 CDL DA . 2.44 14.12 43.96
PA1 CDL DA . 2.85 13.45 45.35
OA3 CDL DA . 2.17 12.14 45.43
OA4 CDL DA . 2.67 14.43 46.44
OA5 CDL DA . 4.40 13.19 45.15
CA3 CDL DA . 4.87 12.05 44.41
CA4 CDL DA . 6.13 11.59 45.09
OA6 CDL DA . 7.10 12.63 44.83
CA5 CDL DA . 7.45 13.46 45.81
OA7 CDL DA . 6.99 13.40 46.92
C11 CDL DA . 8.45 14.46 45.32
C12 CDL DA . 8.92 15.44 46.37
C13 CDL DA . 9.81 16.50 45.76
C14 CDL DA . 10.03 17.69 46.66
C15 CDL DA . 10.93 18.74 46.05
C16 CDL DA . 11.01 20.01 46.86
C17 CDL DA . 12.03 21.00 46.38
C18 CDL DA . 13.45 20.50 46.49
C19 CDL DA . 14.51 21.55 46.21
C20 CDL DA . 15.92 21.04 46.39
C21 CDL DA . 16.98 22.10 46.19
C22 CDL DA . 18.38 21.61 46.44
C23 CDL DA . 19.44 22.69 46.31
C24 CDL DA . 20.85 22.22 46.61
C25 CDL DA . 21.89 23.32 46.51
C26 CDL DA . 23.30 22.86 46.83
C27 CDL DA . 24.30 23.97 46.72
CA6 CDL DA . 6.68 10.35 44.47
OA8 CDL DA . 8.11 10.30 44.69
CA7 CDL DA . 8.54 9.52 45.68
OA9 CDL DA . 7.92 9.29 46.69
C31 CDL DA . 9.86 8.93 45.33
C32 CDL DA . 10.81 8.79 46.50
C33 CDL DA . 12.22 8.51 46.04
C34 CDL DA . 13.24 8.46 47.17
C35 CDL DA . 14.66 8.29 46.68
C36 CDL DA . 15.69 8.24 47.80
CB2 CDL DA . 1.45 15.11 41.35
OB2 CDL DA . 1.57 16.46 41.87
PB2 CDL DA . 2.42 17.53 41.04
OB3 CDL DA . 2.13 17.35 39.61
OB4 CDL DA . 2.30 18.87 41.66
OB5 CDL DA . 3.86 16.95 41.35
CB3 CDL DA . 4.40 17.17 42.67
CB4 CDL DA . 5.76 16.55 42.72
OB6 CDL DA . 6.65 17.38 41.94
CB5 CDL DA . 7.45 18.24 42.58
OB7 CDL DA . 7.34 18.51 43.75
C51 CDL DA . 8.51 18.74 41.67
C52 CDL DA . 9.86 18.08 41.93
C53 CDL DA . 9.87 16.60 41.55
C54 CDL DA . 11.07 15.84 42.09
C55 CDL DA . 12.41 16.39 41.66
C56 CDL DA . 13.58 15.63 42.24
C57 CDL DA . 14.91 16.28 42.00
C58 CDL DA . 16.06 15.67 42.78
C59 CDL DA . 17.30 16.53 42.80
C60 CDL DA . 18.37 16.04 43.76
C61 CDL DA . 19.55 16.98 43.89
C62 CDL DA . 20.57 16.55 44.91
C63 CDL DA . 21.71 17.52 45.09
C64 CDL DA . 22.73 17.07 46.11
C65 CDL DA . 23.89 18.03 46.30
C66 CDL DA . 24.90 17.55 47.31
C67 CDL DA . 26.05 18.48 47.49
CB6 CDL DA . 5.76 15.21 42.04
OB8 CDL DA . 7.06 14.60 42.22
CB7 CDL DA . 7.25 13.44 41.61
OB9 CDL DA . 6.42 12.89 40.94
C71 CDL DA . 8.62 12.89 41.89
C72 CDL DA . 9.25 12.23 40.66
C73 CDL DA . 10.38 11.26 40.97
C74 CDL DA . 11.58 11.85 41.69
C75 CDL DA . 11.43 11.93 43.20
C76 CDL DA . 12.66 12.40 43.96
C77 CDL DA . 13.88 11.52 43.80
C78 CDL DA . 14.78 11.91 42.65
C79 CDL DA . 15.82 10.86 42.29
C80 CDL DA . 16.70 11.21 41.09
C81 CDL DA . 15.92 11.38 39.80
C82 CDL DA . 15.47 12.82 39.54
C83 CDL DA . 14.35 12.93 38.52
C84 CDL DA . 13.64 14.26 38.57
C85 CDL DA . 12.54 14.41 37.54
C86 CDL DA . 11.72 15.66 37.72
C87 CDL DA . 10.69 15.84 36.65
C1 CDL EA . 10.45 14.54 67.30
O1 CDL EA . 9.82 15.08 68.47
CA2 CDL EA . 11.67 15.36 67.00
OA2 CDL EA . 12.12 15.07 65.66
PA1 CDL EA . 11.91 16.12 64.47
OA3 CDL EA . 10.74 15.67 63.68
OA4 CDL EA . 11.93 17.49 65.02
OA5 CDL EA . 13.20 15.92 63.55
CA3 CDL EA . 13.78 14.62 63.41
CA4 CDL EA . 14.97 14.71 62.48
OA6 CDL EA . 14.45 15.13 61.18
CA5 CDL EA . 15.32 15.34 60.19
OA7 CDL EA . 16.50 15.49 60.36
C11 CDL EA . 14.64 15.33 58.86
CA6 CDL EA . 15.59 13.36 62.28
OA8 CDL EA . 14.58 12.57 61.60
CA7 CDL EA . 14.97 11.67 60.70
OA9 CDL EA . 16.12 11.34 60.54
C31 CDL EA . 13.80 11.18 59.92
C32 CDL EA . 14.14 10.14 58.85
C33 CDL EA . 12.92 9.70 58.08
C34 CDL EA . 13.20 8.64 57.03
CB2 CDL EA . 10.71 13.07 67.55
OB2 CDL EA . 10.29 12.30 66.40
PB2 CDL EA . 11.05 10.94 66.04
OB3 CDL EA . 11.32 10.24 67.31
OB4 CDL EA . 10.26 10.23 65.01
OB5 CDL EA . 12.48 11.24 65.41
CB3 CDL EA . 13.30 10.09 65.13
CB4 CDL EA . 14.03 10.32 63.83
OB6 CDL EA . 13.26 9.72 62.74
CB5 CDL EA . 13.14 8.39 62.65
OB7 CDL EA . 13.67 7.61 63.41
C51 CDL EA . 12.23 8.00 61.52
C52 CDL EA . 12.65 6.79 60.71
C53 CDL EA . 11.65 6.49 59.61
C54 CDL EA . 12.01 5.30 58.74
CB6 CDL EA . 15.43 9.77 63.87
OB8 CDL EA . 16.13 10.50 64.90
CB7 CDL EA . 17.40 10.19 65.12
OB9 CDL EA . 18.06 9.50 64.37
C71 CDL EA . 17.87 10.75 66.42
C72 CDL EA . 17.24 10.02 67.60
C73 CDL EA . 17.66 10.58 68.96
C74 CDL EA . 19.15 10.50 69.22
C75 CDL EA . 19.55 11.04 70.59
O12 PC1 FA . -5.85 -0.53 49.55
P PC1 FA . -6.29 -1.25 50.76
O14 PC1 FA . -6.97 -0.51 51.83
O13 PC1 FA . -7.27 -2.42 50.29
C11 PC1 FA . -7.98 -2.27 49.04
C12 PC1 FA . -9.32 -2.91 49.27
N PC1 FA . -9.35 -4.41 49.34
C13 PC1 FA . -10.67 -4.86 48.83
C14 PC1 FA . -8.26 -5.05 48.53
C15 PC1 FA . -9.21 -4.86 50.76
O11 PC1 FA . -5.03 -1.96 51.43
C1 PC1 FA . -4.02 -1.13 52.03
C2 PC1 FA . -2.87 -1.02 51.07
O21 PC1 FA . -2.39 -2.36 50.78
C21 PC1 FA . -1.30 -2.46 50.03
O22 PC1 FA . -0.17 -2.33 50.43
C22 PC1 FA . -1.69 -2.67 48.61
C23 PC1 FA . -0.58 -2.58 47.60
C24 PC1 FA . 0.31 -3.79 47.56
C25 PC1 FA . 1.24 -3.73 46.37
C26 PC1 FA . 2.41 -4.64 46.40
C27 PC1 FA . 3.32 -4.38 45.22
C28 PC1 FA . 4.69 -5.02 45.30
C29 PC1 FA . 5.68 -4.36 44.37
C2A PC1 FA . 7.05 -4.98 44.40
C2B PC1 FA . 7.17 -6.22 43.56
C2C PC1 FA . 8.35 -7.09 43.93
C2D PC1 FA . 8.55 -8.26 43.00
C2E PC1 FA . 9.66 -9.19 43.43
C2F PC1 FA . 9.81 -10.41 42.56
C2G PC1 FA . 8.57 -11.27 42.49
C2H PC1 FA . 8.75 -12.53 41.67
C2I PC1 FA . 7.45 -13.17 41.35
C3 PC1 FA . -1.76 -0.14 51.58
O31 PC1 FA . -1.08 0.45 50.44
C31 PC1 FA . -0.10 1.29 50.71
O32 PC1 FA . 0.34 1.49 51.81
C32 PC1 FA . 0.37 2.00 49.47
C33 PC1 FA . 1.22 1.14 48.53
C34 PC1 FA . 1.61 1.90 47.28
C35 PC1 FA . 2.35 1.07 46.25
C36 PC1 FA . 3.83 0.92 46.51
C37 PC1 FA . 4.59 0.36 45.33
C38 PC1 FA . 6.06 0.14 45.56
C39 PC1 FA . 6.82 -0.25 44.31
C3A PC1 FA . 8.32 -0.03 44.41
C3B PC1 FA . 9.03 -0.20 43.09
C3C PC1 FA . 10.32 0.58 42.96
C3D PC1 FA . 11.52 -0.09 43.60
C3E PC1 FA . 12.70 0.84 43.75
C3F PC1 FA . 13.96 0.16 44.24
C3G PC1 FA . 14.56 -0.79 43.23
C3H PC1 FA . 15.97 -1.25 43.53
C3I PC1 FA . 16.05 -2.18 44.66
C1 CDL GA . -1.10 -14.68 31.87
O1 CDL GA . -1.34 -14.24 33.21
CA2 CDL GA . -0.69 -16.13 31.91
OA2 CDL GA . 0.49 -16.34 31.11
PA1 CDL GA . 0.66 -17.74 30.37
OA3 CDL GA . 0.04 -18.75 31.26
OA4 CDL GA . 0.17 -17.61 28.99
OA5 CDL GA . 2.22 -18.08 30.30
CA3 CDL GA . 3.08 -17.93 31.46
CA4 CDL GA . 3.97 -19.14 31.54
OA6 CDL GA . 5.15 -18.93 30.69
CA5 CDL GA . 6.33 -19.38 31.13
OA7 CDL GA . 6.51 -19.80 32.24
C11 CDL GA . 7.38 -19.26 30.07
C12 CDL GA . 7.78 -20.59 29.43
C13 CDL GA . 8.25 -21.64 30.41
C14 CDL GA . 8.71 -22.93 29.75
C15 CDL GA . 10.06 -22.87 29.07
C16 CDL GA . 11.23 -22.78 30.01
C17 CDL GA . 12.57 -23.08 29.35
C18 CDL GA . 13.77 -23.01 30.29
C19 CDL GA . 13.62 -23.87 31.54
C20 CDL GA . 14.89 -23.97 32.35
C21 CDL GA . 14.63 -24.32 33.80
C22 CDL GA . 15.84 -24.71 34.60
C23 CDL GA . 16.32 -26.10 34.28
C24 CDL GA . 17.45 -26.60 35.14
C25 CDL GA . 17.77 -28.06 34.90
C26 CDL GA . 18.79 -28.65 35.84
C27 CDL GA . 18.95 -30.13 35.63
CA6 CDL GA . 3.25 -20.34 30.99
OA8 CDL GA . 3.98 -21.56 31.25
CA7 CDL GA . 3.53 -22.32 32.24
OA9 CDL GA . 2.92 -21.91 33.19
C31 CDL GA . 3.86 -23.76 31.99
C32 CDL GA . 5.35 -24.02 32.13
C33 CDL GA . 5.71 -25.49 32.08
C34 CDL GA . 7.21 -25.72 32.16
C35 CDL GA . 7.89 -24.91 33.24
C36 CDL GA . 9.35 -25.20 33.44
C37 CDL GA . 9.99 -24.27 34.45
C38 CDL GA . 11.47 -24.48 34.68
C39 CDL GA . 11.82 -25.61 35.62
C40 CDL GA . 12.01 -26.97 34.95
C41 CDL GA . 12.11 -28.12 35.94
C42 CDL GA . 13.30 -28.04 36.88
C43 CDL GA . 13.25 -29.06 37.99
C44 CDL GA . 14.36 -28.90 39.02
C45 CDL GA . 14.23 -29.83 40.22
C46 CDL GA . 13.01 -29.58 41.08
C47 CDL GA . 12.99 -30.43 42.33
CB2 CDL GA . -2.34 -14.42 31.06
OB2 CDL GA . -2.70 -13.02 31.21
PB2 CDL GA . -2.48 -11.91 30.08
OB3 CDL GA . -2.16 -12.56 28.80
OB4 CDL GA . -3.63 -10.99 30.16
OB5 CDL GA . -1.13 -11.28 30.67
CB3 CDL GA . -0.82 -9.87 30.78
CB4 CDL GA . -0.52 -9.30 29.42
OB6 CDL GA . 0.72 -8.53 29.39
CB5 CDL GA . 1.82 -9.11 28.88
OB7 CDL GA . 2.09 -10.28 29.05
C51 CDL GA . 2.58 -8.18 27.99
C52 CDL GA . 2.68 -6.73 28.46
C53 CDL GA . 3.61 -6.55 29.64
C54 CDL GA . 4.99 -5.99 29.29
C55 CDL GA . 5.73 -6.71 28.18
C56 CDL GA . 7.22 -6.47 28.20
C57 CDL GA . 7.96 -6.92 26.94
C58 CDL GA . 7.73 -8.38 26.58
C59 CDL GA . 8.48 -8.81 25.33
C60 CDL GA . 9.96 -9.09 25.54
C61 CDL GA . 10.23 -10.34 26.36
C62 CDL GA . 11.69 -10.72 26.45
C63 CDL GA . 12.52 -9.80 27.31
C64 CDL GA . 13.99 -10.18 27.41
C65 CDL GA . 14.81 -9.25 28.27
C66 CDL GA . 14.86 -7.80 27.82
C67 CDL GA . 15.44 -7.63 26.43
CB6 CDL GA . -1.59 -8.34 29.03
OB8 CDL GA . -1.17 -7.75 27.79
CB7 CDL GA . -2.13 -7.42 26.94
OB9 CDL GA . -3.22 -7.03 27.27
C71 CDL GA . -1.69 -7.66 25.54
C72 CDL GA . -0.68 -6.63 25.07
C73 CDL GA . 0.03 -7.06 23.81
C74 CDL GA . 0.66 -5.93 23.07
C75 CDL GA . 1.76 -5.23 23.84
C76 CDL GA . 2.13 -3.91 23.23
C77 CDL GA . 3.60 -3.62 23.25
C78 CDL GA . 4.20 -3.49 24.62
C79 CDL GA . 3.98 -2.14 25.28
C80 CDL GA . 4.61 -2.02 26.65
C81 CDL GA . 6.13 -2.13 26.64
C82 CDL GA . 6.74 -2.11 28.03
C83 CDL GA . 8.20 -2.51 28.07
C84 CDL GA . 9.11 -1.62 27.27
C85 CDL GA . 10.55 -2.07 27.25
C86 CDL GA . 11.48 -1.06 26.64
C87 CDL GA . 12.89 -1.53 26.60
C21 PEE HA . 10.60 -8.59 12.68
C20 PEE HA . 11.87 -9.06 12.01
C19 PEE HA . 11.66 -9.57 10.60
C18 PEE HA . 12.93 -10.12 9.97
C17 PEE HA . 12.76 -10.52 8.52
C16 PEE HA . 13.83 -11.47 8.03
C15 PEE HA . 15.24 -10.96 8.23
C14 PEE HA . 16.30 -11.87 7.66
C13 PEE HA . 16.10 -12.13 6.19
C12 PEE HA . 17.38 -12.18 5.40
C11 PEE HA . 18.04 -13.55 5.38
C10 PEE HA . 19.14 -13.57 4.37
O4 PEE HA . 19.81 -12.63 4.06
O2 PEE HA . 19.24 -14.78 3.80
C2 PEE HA . 20.53 -15.46 3.74
C1 PEE HA . 21.66 -14.53 3.39
O3P PEE HA . 22.74 -15.39 2.97
P PEE HA . 23.28 -15.54 1.47
O2P PEE HA . 22.56 -14.49 0.64
O1P PEE HA . 23.19 -16.91 0.95
O4P PEE HA . 24.83 -15.11 1.62
C4 PEE HA . 25.19 -14.03 2.50
C5 PEE HA . 26.68 -13.79 2.45
N PEE HA . 27.05 -12.62 3.26
C3 PEE HA . 20.80 -16.10 5.05
O3 PEE HA . 19.54 -16.45 5.68
C30 PEE HA . 18.85 -17.44 5.15
O5 PEE HA . 19.23 -18.11 4.23
C31 PEE HA . 17.53 -17.61 5.82
C32 PEE HA . 16.45 -18.01 4.84
C33 PEE HA . 15.12 -18.24 5.48
C34 PEE HA . 13.96 -17.96 4.55
C35 PEE HA . 13.57 -16.49 4.53
C36 PEE HA . 12.74 -16.09 5.73
C37 PEE HA . 12.55 -14.61 5.90
C38 PEE HA . 11.59 -14.25 7.01
C39 PEE HA . 11.76 -15.10 8.25
C40 PEE HA . 11.06 -14.57 9.47
C41 PEE HA . 11.10 -15.52 10.65
C42 PEE HA . 10.92 -14.86 11.99
C43 PEE HA . 11.08 -15.80 13.16
C44 PEE HA . 10.82 -15.19 14.50
C45 PEE HA . 10.83 -16.19 15.65
C46 PEE HA . 10.38 -15.60 16.96
C47 PEE HA . 10.14 -16.64 18.03
C1 CDL IA . 33.22 22.06 13.66
O1 CDL IA . 33.71 22.91 12.62
CA2 CDL IA . 31.82 22.48 14.00
OA2 CDL IA . 31.90 23.46 15.06
PA1 CDL IA . 31.53 23.03 16.55
OA3 CDL IA . 31.96 21.61 16.69
OA4 CDL IA . 32.03 24.04 17.51
OA5 CDL IA . 29.93 23.05 16.50
CA3 CDL IA . 29.18 23.65 17.58
CA4 CDL IA . 28.02 24.39 16.98
OA6 CDL IA . 27.22 23.45 16.20
CA5 CDL IA . 26.76 23.84 15.00
OA7 CDL IA . 27.47 23.98 14.03
C11 CDL IA . 25.31 24.17 15.07
C12 CDL IA . 24.75 24.03 16.48
C13 CDL IA . 23.30 24.46 16.58
C14 CDL IA . 22.35 23.65 15.72
CA6 CDL IA . 28.49 25.57 16.19
OA8 CDL IA . 27.37 26.37 15.77
CA7 CDL IA . 26.81 27.20 16.65
OA9 CDL IA . 27.22 27.36 17.77
C31 CDL IA . 25.61 27.85 16.07
C32 CDL IA . 24.49 28.13 17.06
C33 CDL IA . 24.73 29.42 17.81
C34 CDL IA . 23.57 29.88 18.67
C35 CDL IA . 23.76 31.29 19.21
C36 CDL IA . 25.03 31.48 20.02
C37 CDL IA . 25.23 32.91 20.48
C38 CDL IA . 26.47 33.11 21.34
C39 CDL IA . 26.66 34.54 21.83
CB2 CDL IA . 33.37 20.63 13.19
OB2 CDL IA . 33.18 19.69 14.27
PB2 CDL IA . 32.55 18.27 13.92
OB3 CDL IA . 33.09 17.85 12.61
OB4 CDL IA . 32.71 17.35 15.08
OB5 CDL IA . 31.00 18.57 13.73
CB3 CDL IA . 30.23 18.86 14.91
CB4 CDL IA . 28.80 19.13 14.57
OB6 CDL IA . 28.74 19.65 13.21
CB5 CDL IA . 27.53 19.83 12.65
OB7 CDL IA . 26.51 19.37 13.09
CB6 CDL IA . 28.21 20.17 15.49
OB8 CDL IA . 26.85 19.82 15.81
CB7 CDL IA . 26.67 18.81 16.66
OB9 CDL IA . 27.58 18.16 17.12
C71 CDL IA . 25.22 18.57 16.94
C72 CDL IA . 24.82 18.91 18.37
C73 CDL IA . 23.69 18.06 18.90
C74 CDL IA . 24.07 16.60 19.10
C75 CDL IA . 22.92 15.68 19.45
C76 CDL IA . 23.30 14.21 19.38
C77 CDL IA . 22.16 13.25 19.71
C78 CDL IA . 22.58 11.79 19.63
C79 CDL IA . 22.88 11.30 18.23
C80 CDL IA . 23.68 10.02 18.16
C81 CDL IA . 25.04 10.10 18.85
C82 CDL IA . 25.86 11.31 18.46
C83 CDL IA . 27.25 11.32 19.06
C84 CDL IA . 28.06 12.56 18.71
C1 CDL JA . 27.81 32.22 8.05
O1 CDL JA . 26.50 31.89 7.60
CA2 CDL JA . 28.46 31.01 8.68
OA2 CDL JA . 27.62 30.57 9.76
PA1 CDL JA . 28.21 29.82 11.04
OA3 CDL JA . 29.50 29.17 10.68
OA4 CDL JA . 28.15 30.70 12.23
OA5 CDL JA . 27.08 28.70 11.11
CA3 CDL JA . 26.58 28.22 12.37
CA4 CDL JA . 25.22 28.80 12.63
OA6 CDL JA . 24.21 28.16 11.80
CA5 CDL JA . 23.39 27.30 12.40
OA7 CDL JA . 23.71 26.58 13.31
C11 CDL JA . 22.01 27.43 11.84
C12 CDL JA . 21.04 28.17 12.78
C13 CDL JA . 20.82 27.49 14.12
C14 CDL JA . 20.27 28.41 15.19
C15 CDL JA . 18.97 29.09 14.82
C16 CDL JA . 17.76 28.18 14.81
C17 CDL JA . 16.46 28.93 14.58
C18 CDL JA . 15.24 28.21 15.14
C19 CDL JA . 13.98 29.07 15.17
C20 CDL JA . 13.81 29.90 16.45
C21 CDL JA . 14.94 30.88 16.72
C22 CDL JA . 14.66 31.85 17.86
C23 CDL JA . 15.82 32.81 18.11
C24 CDL JA . 15.54 33.85 19.18
C25 CDL JA . 16.72 34.79 19.40
C26 CDL JA . 16.48 35.90 20.40
C27 CDL JA . 17.72 36.73 20.63
CA6 CDL JA . 25.14 30.25 12.23
OA8 CDL JA . 23.82 30.79 12.49
CA7 CDL JA . 23.43 30.84 13.77
OA9 CDL JA . 23.25 29.87 14.46
C31 CDL JA . 23.37 32.26 14.23
C32 CDL JA . 23.00 32.33 15.70
C33 CDL JA . 22.92 33.74 16.21
C34 CDL JA . 24.27 34.39 16.45
C35 CDL JA . 24.17 35.77 17.04
C36 CDL JA . 23.49 35.80 18.40
C37 CDL JA . 23.44 37.18 19.01
C38 CDL JA . 22.81 37.21 20.38
C39 CDL JA . 22.80 38.59 21.00
C40 CDL JA . 22.17 38.65 22.38
C41 CDL JA . 22.09 40.04 22.96
C42 CDL JA . 23.43 40.71 23.19
C43 CDL JA . 23.34 42.14 23.67
C44 CDL JA . 22.61 42.31 24.99
C45 CDL JA . 22.56 43.74 25.47
C46 CDL JA . 21.82 43.91 26.78
C47 CDL JA . 21.78 45.34 27.23
CB2 CDL JA . 28.64 32.72 6.88
OB2 CDL JA . 27.76 33.11 5.81
PB2 CDL JA . 27.63 32.23 4.50
OB3 CDL JA . 28.40 32.87 3.42
OB4 CDL JA . 27.90 30.79 4.82
OB5 CDL JA . 26.08 32.39 4.17
CB3 CDL JA . 25.53 31.79 2.98
CB4 CDL JA . 24.06 32.08 2.91
OB6 CDL JA . 23.46 31.46 4.09
CB5 CDL JA . 23.08 32.27 5.09
OB7 CDL JA . 23.20 33.45 5.08
C51 CDL JA . 22.47 31.47 6.20
C52 CDL JA . 21.30 32.18 6.87
C53 CDL JA . 20.14 32.43 5.92
C54 CDL JA . 19.00 33.21 6.56
C55 CDL JA . 18.35 32.52 7.73
C56 CDL JA . 17.23 33.30 8.38
C57 CDL JA . 17.70 34.59 9.05
CB6 CDL JA . 23.41 31.49 1.70
OB8 CDL JA . 23.31 32.56 0.75
CB7 CDL JA . 22.27 32.54 -0.07
OB9 CDL JA . 21.71 31.54 -0.43
C71 CDL JA . 21.83 33.94 -0.41
C72 CDL JA . 22.73 34.68 -1.39
C73 CDL JA . 22.05 35.94 -1.91
C74 CDL JA . 21.91 37.03 -0.88
C75 CDL JA . 21.06 38.22 -1.32
C76 CDL JA . 19.58 37.93 -1.44
C77 CDL JA . 19.11 37.52 -2.84
C78 CDL JA . 17.72 36.92 -2.88
C79 CDL JA . 17.58 35.68 -2.02
C80 CDL JA . 16.20 35.06 -2.00
C81 CDL JA . 16.11 33.96 -0.97
C82 CDL JA . 14.75 33.33 -0.81
C83 CDL JA . 14.32 32.49 -1.99
C84 CDL JA . 13.39 31.35 -1.62
C85 CDL JA . 13.99 30.35 -0.64
C86 CDL JA . 15.31 29.75 -1.08
C87 CDL JA . 15.94 28.88 -0.03
C21 PEE KA . 8.83 17.48 10.30
C20 PEE KA . 8.37 17.43 11.74
C19 PEE KA . 6.92 17.82 11.95
C18 PEE KA . 6.49 17.72 13.39
C17 PEE KA . 5.05 18.10 13.66
C16 PEE KA . 4.70 18.00 15.13
C15 PEE KA . 3.25 18.14 15.46
C14 PEE KA . 2.96 17.83 16.91
C13 PEE KA . 1.51 17.93 17.32
C12 PEE KA . 0.57 17.03 16.53
C11 PEE KA . -0.70 16.74 17.30
C10 PEE KA . -1.53 15.65 16.69
O4 PEE KA . -1.20 14.49 16.63
O2 PEE KA . -2.71 16.12 16.27
C2 PEE KA . -3.82 15.17 16.17
C1 PEE KA . -4.82 15.58 17.22
O3P PEE KA . -5.74 16.55 16.67
P PEE KA . -7.27 16.46 17.07
O2P PEE KA . -7.85 17.86 17.02
O1P PEE KA . -7.53 15.67 18.29
O4P PEE KA . -7.74 15.63 15.77
C4 PEE KA . -7.91 16.25 14.48
C5 PEE KA . -9.37 16.32 14.15
N PEE KA . -10.07 15.11 14.62
C3 PEE KA . -4.40 15.21 14.79
O3 PEE KA . -3.49 14.62 13.85
C30 PEE KA . -3.74 13.37 13.44
O5 PEE KA . -4.36 12.57 14.08
C31 PEE KA . -3.19 13.16 12.07
C32 PEE KA . -2.69 11.74 11.80
C33 PEE KA . -2.30 11.53 10.35
C34 PEE KA . -1.27 12.51 9.84
C35 PEE KA . 0.07 12.42 10.55
C36 PEE KA . 1.12 13.35 9.96
C37 PEE KA . 2.46 13.29 10.68
C1 CDL LA . 4.47 37.78 29.23
O1 CDL LA . 5.48 36.98 28.60
CA2 CDL LA . 4.33 37.34 30.67
OA2 CDL LA . 3.98 35.94 30.67
PA1 CDL LA . 3.75 35.18 32.03
OA3 CDL LA . 3.87 36.14 33.15
OA4 CDL LA . 2.52 34.36 31.91
OA5 CDL LA . 5.01 34.21 32.11
CA3 CDL LA . 6.33 34.74 32.29
CA4 CDL LA . 7.28 33.88 31.52
OA6 CDL LA . 7.87 32.95 32.48
CA5 CDL LA . 8.15 31.71 32.06
OA7 CDL LA . 8.43 31.45 30.92
C11 CDL LA . 8.06 30.72 33.17
C12 CDL LA . 9.12 29.63 33.02
C13 CDL LA . 9.07 28.59 34.12
C14 CDL LA . 10.11 27.49 33.94
C15 CDL LA . 9.94 26.36 34.92
C16 CDL LA . 10.80 25.14 34.61
C17 CDL LA . 10.38 23.92 35.40
C18 CDL LA . 11.37 22.78 35.34
C19 CDL LA . 10.99 21.61 36.22
C20 CDL LA . 11.95 20.43 36.14
C21 CDL LA . 11.57 19.27 37.05
CA6 CDL LA . 8.41 34.62 30.86
OA8 CDL LA . 8.80 35.75 31.65
CA7 CDL LA . 8.59 36.97 31.14
OA9 CDL LA . 7.68 37.23 30.39
C31 CDL LA . 9.63 37.94 31.59
C32 CDL LA . 9.45 39.33 31.00
C33 CDL LA . 10.59 40.26 31.36
C34 CDL LA . 10.52 41.60 30.66
C35 CDL LA . 11.72 42.47 30.93
C36 CDL LA . 11.69 43.79 30.19
C37 CDL LA . 12.92 44.63 30.40
C38 CDL LA . 12.88 45.98 29.71
C39 CDL LA . 14.10 46.83 29.97
C40 CDL LA . 14.04 48.20 29.33
C41 CDL LA . 15.25 49.06 29.64
C42 CDL LA . 15.20 50.43 29.00
C43 CDL LA . 16.40 51.28 29.34
C44 CDL LA . 16.43 52.62 28.63
C45 CDL LA . 17.64 53.46 28.98
C46 CDL LA . 17.70 54.77 28.24
C47 CDL LA . 18.86 55.62 28.67
CB2 CDL LA . 4.83 39.23 29.10
OB2 CDL LA . 4.91 39.53 27.69
PB2 CDL LA . 3.77 40.40 26.97
OB3 CDL LA . 2.47 40.17 27.63
OB4 CDL LA . 4.30 41.77 26.83
OB5 CDL LA . 3.71 39.73 25.52
CB3 CDL LA . 3.21 38.39 25.37
CB4 CDL LA . 3.99 37.71 24.28
OB6 CDL LA . 5.28 37.38 24.86
CB5 CDL LA . 5.53 36.10 25.16
OB7 CDL LA . 4.67 35.29 25.41
C51 CDL LA . 7.00 35.82 25.13
C52 CDL LA . 7.36 34.40 25.53
C53 CDL LA . 7.36 34.19 27.04
C54 CDL LA . 7.52 32.76 27.48
C55 CDL LA . 8.80 32.10 27.01
C56 CDL LA . 8.94 30.67 27.50
C57 CDL LA . 10.30 30.07 27.28
C58 CDL LA . 10.65 29.81 25.83
C59 CDL LA . 11.92 29.00 25.67
C60 CDL LA . 12.14 28.49 24.25
C61 CDL LA . 12.73 29.51 23.32
C62 CDL LA . 14.15 29.90 23.64
C63 CDL LA . 14.85 30.66 22.54
C64 CDL LA . 16.23 31.15 22.92
C65 CDL LA . 16.76 32.24 22.00
C66 CDL LA . 18.05 32.88 22.43
C67 CDL LA . 17.82 33.96 23.44
CB6 CDL LA . 4.30 38.63 23.12
OB8 CDL LA . 5.17 37.89 22.25
CB7 CDL LA . 5.61 38.53 21.16
OB9 CDL LA . 5.40 39.69 20.93
C71 CDL LA . 6.42 37.62 20.29
C72 CDL LA . 6.19 37.88 18.81
C73 CDL LA . 6.91 36.89 17.92
C74 CDL LA . 6.29 36.73 16.56
C75 CDL LA . 6.43 35.32 16.02
C76 CDL LA . 6.23 35.20 14.53
C77 CDL LA . 6.23 33.77 14.03
C78 CDL LA . 6.08 33.63 12.53
C79 CDL LA . 7.30 34.07 11.74
C80 CDL LA . 7.21 33.76 10.26
C81 CDL LA . 7.64 32.36 9.89
C82 CDL LA . 7.53 32.03 8.40
C83 CDL LA . 8.50 32.80 7.51
C84 CDL LA . 8.69 32.17 6.14
C85 CDL LA . 8.46 33.10 4.95
C86 CDL LA . 7.07 33.66 4.86
C87 CDL LA . 6.65 33.96 3.46
C1 CDL MA . -31.43 -32.51 -26.80
O1 CDL MA . -31.91 -31.25 -27.27
CA2 CDL MA . -30.35 -33.01 -27.73
OA2 CDL MA . -30.68 -34.33 -28.14
PA1 CDL MA . -30.21 -34.90 -29.57
OA3 CDL MA . -31.31 -35.73 -30.11
OA4 CDL MA . -29.60 -33.84 -30.40
OA5 CDL MA . -29.07 -35.91 -29.09
CA3 CDL MA . -28.31 -35.60 -27.90
CA4 CDL MA . -27.26 -36.67 -27.74
OA6 CDL MA . -27.21 -37.01 -26.33
CA5 CDL MA . -27.78 -38.17 -25.95
OA7 CDL MA . -28.31 -38.94 -26.70
C11 CDL MA . -27.65 -38.36 -24.46
C12 CDL MA . -26.94 -37.20 -23.78
CA6 CDL MA . -25.90 -36.17 -28.13
OA8 CDL MA . -25.04 -37.32 -28.26
CA7 CDL MA . -24.09 -37.25 -29.19
OA9 CDL MA . -23.77 -36.24 -29.74
C31 CDL MA . -23.52 -38.61 -29.47
C32 CDL MA . -23.19 -38.79 -30.94
C33 CDL MA . -22.39 -40.04 -31.22
C34 CDL MA . -21.91 -40.14 -32.66
C35 CDL MA . -21.00 -41.33 -32.91
C36 CDL MA . -20.55 -41.44 -34.36
C37 CDL MA . -19.65 -42.63 -34.63
CB2 CDL MA . -31.05 -32.37 -25.34
OB2 CDL MA . -30.03 -33.31 -24.94
PB2 CDL MA . -29.59 -33.33 -23.40
OB3 CDL MA . -29.55 -34.75 -22.99
OB4 CDL MA . -30.46 -32.39 -22.65
OB5 CDL MA . -28.11 -32.77 -23.31
CB3 CDL MA . -27.14 -33.12 -24.32
CB4 CDL MA . -26.17 -31.98 -24.50
OB6 CDL MA . -24.93 -32.62 -24.92
CB5 CDL MA . -24.16 -31.98 -25.80
OB7 CDL MA . -24.43 -30.91 -26.29
C51 CDL MA . -22.92 -32.77 -26.08
C52 CDL MA . -22.02 -32.09 -27.09
C53 CDL MA . -20.75 -32.89 -27.34
C54 CDL MA . -19.78 -32.85 -26.19
C55 CDL MA . -18.44 -33.45 -26.55
C56 CDL MA . -17.41 -33.37 -25.44
C57 CDL MA . -16.05 -33.96 -25.81
C58 CDL MA . -15.46 -33.41 -27.10
C59 CDL MA . -15.83 -34.22 -28.34
C60 CDL MA . -15.47 -33.54 -29.64
C61 CDL MA . -15.85 -34.35 -30.87
C62 CDL MA . -15.08 -35.63 -31.02
C63 CDL MA . -15.38 -36.39 -32.29
C64 CDL MA . -14.42 -37.54 -32.56
C65 CDL MA . -14.71 -38.32 -33.83
C66 CDL MA . -13.74 -39.45 -34.10
C67 CDL MA . -12.34 -38.97 -34.38
CB6 CDL MA . -25.84 -31.25 -23.24
OB8 CDL MA . -24.71 -30.41 -23.55
CB7 CDL MA . -24.18 -29.66 -22.59
OB9 CDL MA . -24.65 -29.56 -21.48
C71 CDL MA . -22.91 -29.02 -23.05
C72 CDL MA . -21.81 -30.05 -23.26
C73 CDL MA . -20.48 -29.47 -23.69
C74 CDL MA . -19.82 -28.62 -22.62
C75 CDL MA . -18.35 -28.37 -22.85
C76 CDL MA . -17.74 -27.49 -21.78
C77 CDL MA . -16.29 -27.14 -21.99
C78 CDL MA . -15.82 -26.05 -21.05
C79 CDL MA . -14.37 -25.64 -21.22
C80 CDL MA . -13.89 -24.73 -20.11
C81 CDL MA . -12.41 -24.43 -20.14
C82 CDL MA . -11.96 -23.62 -21.33
C83 CDL MA . -10.55 -23.07 -21.19
C84 CDL MA . -9.47 -24.14 -21.16
C85 CDL MA . -8.07 -23.57 -21.04
C86 CDL MA . -6.97 -24.60 -21.01
C87 CDL MA . -5.60 -23.99 -20.89
CU1 CUA NA . 30.61 -5.91 -17.99
CU2 CUA NA . 29.04 -5.59 -18.65
C1 CDL OA . -19.87 -17.97 -37.91
O1 CDL OA . -18.93 -18.39 -38.89
CA2 CDL OA . -21.09 -18.86 -37.99
OA2 CDL OA . -21.82 -18.79 -36.75
PA1 CDL OA . -21.99 -20.04 -35.76
OA3 CDL OA . -23.43 -20.37 -35.81
OA4 CDL OA . -21.39 -19.65 -34.46
OA5 CDL OA . -21.23 -21.33 -36.32
CA3 CDL OA . -19.79 -21.43 -36.30
CA4 CDL OA . -19.39 -22.85 -36.03
OA6 CDL OA . -18.15 -23.04 -36.79
CA5 CDL OA . -17.00 -23.18 -36.12
OA7 CDL OA . -16.92 -23.48 -34.95
C11 CDL OA . -15.84 -22.89 -37.01
C12 CDL OA . -14.45 -22.99 -36.38
C13 CDL OA . -13.35 -22.73 -37.39
C14 CDL OA . -11.93 -22.77 -36.86
C15 CDL OA . -10.88 -22.49 -37.92
C16 CDL OA . -9.47 -22.29 -37.40
C17 CDL OA . -8.51 -21.76 -38.45
C18 CDL OA . -7.30 -20.99 -37.90
C19 CDL OA . -6.24 -21.86 -37.25
C20 CDL OA . -5.18 -21.05 -36.50
C21 CDL OA . -4.31 -20.14 -37.36
C22 CDL OA . -3.05 -20.80 -37.90
C23 CDL OA . -3.29 -22.00 -38.80
C24 CDL OA . -2.04 -22.51 -39.49
CA6 CDL OA . -20.41 -23.82 -36.58
OA8 CDL OA . -19.80 -25.13 -36.57
CA7 CDL OA . -19.75 -25.77 -35.41
OA9 CDL OA . -20.37 -25.45 -34.43
C31 CDL OA . -18.78 -26.92 -35.46
C32 CDL OA . -18.14 -27.11 -36.84
C33 CDL OA . -17.11 -28.20 -36.85
C34 CDL OA . -15.75 -27.78 -36.34
C35 CDL OA . -14.88 -28.94 -35.94
C36 CDL OA . -13.41 -28.60 -35.74
C37 CDL OA . -12.61 -29.70 -35.05
C38 CDL OA . -11.31 -29.22 -34.43
C39 CDL OA . -10.36 -28.54 -35.41
C40 CDL OA . -9.77 -29.47 -36.45
C41 CDL OA . -9.24 -28.75 -37.67
C42 CDL OA . -10.34 -28.22 -38.57
C43 CDL OA . -9.86 -27.40 -39.74
C44 CDL OA . -10.95 -27.09 -40.75
C45 CDL OA . -12.11 -26.29 -40.19
C46 CDL OA . -13.33 -26.24 -41.11
C47 CDL OA . -13.99 -27.59 -41.29
CB2 CDL OA . -19.14 -17.89 -36.59
OB2 CDL OA . -17.87 -18.54 -36.74
PB2 CDL OA . -16.82 -18.58 -35.54
OB3 CDL OA . -16.98 -17.36 -34.72
OB4 CDL OA . -16.84 -19.90 -34.90
OB5 CDL OA . -15.51 -18.39 -36.44
CB3 CDL OA . -14.30 -19.10 -36.15
CB4 CDL OA . -13.30 -18.12 -35.61
OB6 CDL OA . -12.04 -18.84 -35.54
CB5 CDL OA . -10.93 -18.18 -35.90
OB7 CDL OA . -10.91 -17.09 -36.38
C51 CDL OA . -9.73 -19.00 -35.59
C52 CDL OA . -8.95 -18.52 -34.37
C53 CDL OA . -7.95 -19.54 -33.92
C54 CDL OA . -6.95 -19.05 -32.91
C55 CDL OA . -6.14 -17.85 -33.37
C56 CDL OA . -4.76 -17.78 -32.77
C57 CDL OA . -3.78 -18.76 -33.40
C58 CDL OA . -2.42 -18.78 -32.72
C59 CDL OA . -1.42 -19.72 -33.37
C60 CDL OA . -0.13 -19.86 -32.59
C61 CDL OA . 0.58 -18.55 -32.34
C62 CDL OA . 1.90 -18.68 -31.61
C63 CDL OA . 2.59 -17.36 -31.34
C64 CDL OA . 1.84 -16.42 -30.39
C65 CDL OA . 2.13 -16.64 -28.91
C66 CDL OA . 1.91 -18.05 -28.39
C67 CDL OA . 1.98 -18.11 -26.90
CB6 CDL OA . -13.66 -17.73 -34.20
OB8 CDL OA . -12.51 -17.18 -33.53
CB7 CDL OA . -12.14 -15.94 -33.86
OB9 CDL OA . -12.58 -15.34 -34.80
C71 CDL OA . -11.14 -15.40 -32.89
C72 CDL OA . -10.07 -14.54 -33.52
C73 CDL OA . -9.37 -13.66 -32.51
C74 CDL OA . -8.12 -12.99 -33.06
C75 CDL OA . -7.54 -11.95 -32.13
C76 CDL OA . -6.29 -11.28 -32.68
C77 CDL OA . -5.05 -12.16 -32.63
C78 CDL OA . -3.83 -11.50 -33.20
C79 CDL OA . -2.54 -11.94 -32.53
C80 CDL OA . -1.29 -11.35 -33.15
C81 CDL OA . -0.05 -11.58 -32.30
C82 CDL OA . 1.20 -10.96 -32.89
C83 CDL OA . 2.40 -11.02 -31.96
C84 CDL OA . 2.83 -12.43 -31.59
C85 CDL OA . 4.10 -12.47 -30.77
C86 CDL OA . 4.54 -13.89 -30.43
C87 CDL OA . 5.86 -13.93 -29.71
C19 PEE PA . 7.90 -8.11 6.39
C18 PEE PA . 8.45 -8.98 5.28
C17 PEE PA . 9.89 -9.41 5.50
C16 PEE PA . 10.42 -10.28 4.39
C15 PEE PA . 11.78 -10.87 4.70
C14 PEE PA . 12.38 -11.62 3.54
C13 PEE PA . 13.85 -11.90 3.77
C12 PEE PA . 14.58 -12.42 2.56
C11 PEE PA . 14.75 -13.92 2.60
C10 PEE PA . 15.70 -14.44 1.57
O4 PEE PA . 16.30 -13.77 0.78
O2 PEE PA . 15.81 -15.77 1.65
C2 PEE PA . 16.28 -16.49 0.49
C1 PEE PA . 17.77 -16.38 0.41
O3P PEE PA . 18.25 -17.51 -0.34
P PEE PA . 19.79 -17.72 -0.64
O2P PEE PA . 20.39 -16.35 -0.92
O1P PEE PA . 19.97 -18.75 -1.67
O4P PEE PA . 20.32 -18.20 0.81
C4 PEE PA . 19.91 -19.48 1.33
C5 PEE PA . 21.04 -20.08 2.11
N PEE PA . 22.26 -19.24 2.02
C3 PEE PA . 15.80 -17.91 0.65
O3 PEE PA . 14.48 -17.74 1.22
C30 PEE PA . 13.49 -18.49 0.76
O5 PEE PA . 13.50 -19.69 0.74
C31 PEE PA . 12.39 -17.60 0.26
C32 PEE PA . 11.24 -17.49 1.23
C33 PEE PA . 10.41 -16.26 0.95
C34 PEE PA . 10.01 -15.49 2.20
C35 PEE PA . 9.28 -14.22 1.89
C36 PEE PA . 8.19 -13.88 2.88
C37 PEE PA . 7.49 -12.58 2.56
C38 PEE PA . 6.27 -12.33 3.41
C39 PEE PA . 5.69 -10.94 3.25
C40 PEE PA . 5.16 -10.65 1.85
C23 PEE QA . 9.81 15.70 4.15
C22 PEE QA . 8.95 15.19 5.28
C21 PEE QA . 7.49 15.58 5.19
C20 PEE QA . 6.79 15.08 3.94
C19 PEE QA . 5.31 15.36 3.93
C18 PEE QA . 4.58 14.78 2.74
C17 PEE QA . 3.14 15.27 2.57
C16 PEE QA . 2.09 14.52 3.37
C15 PEE QA . 2.21 14.64 4.88
C14 PEE QA . 2.22 16.06 5.41
C13 PEE QA . 2.18 16.17 6.93
C12 PEE QA . 0.79 16.36 7.52
C11 PEE QA . -0.17 15.27 7.13
C10 PEE QA . -1.55 15.40 7.70
O4 PEE QA . -1.82 15.82 8.78
O2 PEE QA . -2.44 14.91 6.83
C2 PEE QA . -3.61 14.23 7.37
C1 PEE QA . -4.76 15.19 7.27
O3P PEE QA . -5.73 14.77 6.29
P PEE QA . -6.51 15.85 5.39
O2P PEE QA . -6.06 15.63 3.95
O1P PEE QA . -6.34 17.23 5.87
O4P PEE QA . -8.08 15.42 5.48
C4 PEE QA . -9.11 16.42 5.67
C5 PEE QA . -10.46 15.77 5.79
N PEE QA . -10.56 14.96 7.02
C3 PEE QA . -3.72 12.99 6.52
O3 PEE QA . -2.39 12.44 6.49
C30 PEE QA . -2.17 11.32 5.79
O5 PEE QA . -3.05 10.58 5.43
C31 PEE QA . -0.71 11.15 5.49
C32 PEE QA . 0.09 10.70 6.69
C33 PEE QA . 1.50 11.29 6.74
C34 PEE QA . 2.42 10.82 5.64
C35 PEE QA . 3.85 11.27 5.85
C36 PEE QA . 4.85 10.75 4.84
C37 PEE QA . 6.26 11.27 5.10
C38 PEE QA . 7.34 10.63 4.26
C39 PEE QA . 8.73 11.20 4.53
C40 PEE QA . 9.86 10.44 3.86
C41 PEE QA . 11.24 11.04 4.12
C42 PEE QA . 12.36 10.41 3.31
C43 PEE QA . 13.74 10.94 3.69
C44 PEE QA . 14.86 10.45 2.81
C45 PEE QA . 16.24 10.93 3.23
C46 PEE QA . 17.36 10.53 2.30
C47 PEE QA . 18.69 11.07 2.76
C1 CDL RA . -2.23 33.72 -10.13
O1 CDL RA . -3.46 34.46 -10.16
CA2 CDL RA . -1.88 33.35 -8.71
OA2 CDL RA . -2.50 34.28 -7.79
PA1 CDL RA . -2.27 34.08 -6.23
OA3 CDL RA . -1.42 35.19 -5.77
OA4 CDL RA . -3.58 33.83 -5.57
OA5 CDL RA . -1.40 32.73 -6.23
CA3 CDL RA . -1.50 31.72 -5.21
CA4 CDL RA . -0.11 31.20 -4.97
OA6 CDL RA . 0.21 30.04 -5.78
CA5 CDL RA . 0.29 30.22 -7.11
OA7 CDL RA . -0.65 30.54 -7.79
C11 CDL RA . 1.70 30.09 -7.58
C12 CDL RA . 2.54 29.05 -6.85
C13 CDL RA . 3.88 28.89 -7.51
C14 CDL RA . 4.78 27.82 -6.94
C15 CDL RA . 5.98 27.55 -7.82
C16 CDL RA . 6.86 26.40 -7.39
C17 CDL RA . 7.71 25.90 -8.55
C18 CDL RA . 8.71 24.82 -8.21
C19 CDL RA . 9.46 24.33 -9.44
C20 CDL RA . 10.64 23.41 -9.18
C21 CDL RA . 11.68 23.99 -8.25
C22 CDL RA . 13.08 23.41 -8.44
C23 CDL RA . 13.67 23.67 -9.82
C24 CDL RA . 13.44 25.06 -10.35
C25 CDL RA . 14.37 25.47 -11.46
C26 CDL RA . 14.18 26.91 -11.91
C27 CDL RA . 15.17 27.34 -12.96
CA6 CDL RA . 0.16 30.81 -3.55
OA8 CDL RA . 1.51 30.32 -3.59
CA7 CDL RA . 2.07 29.94 -2.44
OA9 CDL RA . 1.58 30.15 -1.36
C31 CDL RA . 3.36 29.20 -2.69
C32 CDL RA . 4.54 30.05 -2.28
C33 CDL RA . 5.87 29.36 -2.45
C34 CDL RA . 6.98 30.08 -1.71
C35 CDL RA . 8.30 29.35 -1.73
C36 CDL RA . 9.34 29.91 -0.78
C37 CDL RA . 8.93 29.83 0.69
C38 CDL RA . 10.09 29.95 1.66
C39 CDL RA . 10.84 31.26 1.57
C40 CDL RA . 12.07 31.29 2.45
C41 CDL RA . 12.88 32.57 2.35
C42 CDL RA . 14.23 32.49 3.05
C43 CDL RA . 15.05 33.76 2.95
C44 CDL RA . 16.41 33.65 3.64
C45 CDL RA . 17.23 34.93 3.61
C46 CDL RA . 17.65 35.38 2.22
C47 CDL RA . 18.61 36.53 2.27
CB2 CDL RA . -2.38 32.48 -10.99
OB2 CDL RA . -3.58 31.79 -10.60
PB2 CDL RA . -3.61 30.19 -10.64
OB3 CDL RA . -2.95 29.71 -9.41
OB4 CDL RA . -4.99 29.74 -10.94
OB5 CDL RA . -2.67 29.87 -11.89
CB3 CDL RA . -1.71 28.80 -11.82
CB4 CDL RA . -1.61 28.08 -13.15
OB6 CDL RA . -0.28 28.05 -13.76
CB5 CDL RA . 0.80 28.03 -12.97
OB7 CDL RA . 1.15 28.94 -12.27
C51 CDL RA . 1.49 26.70 -13.05
C52 CDL RA . 0.80 25.72 -14.00
C53 CDL RA . 1.52 24.39 -14.08
C54 CDL RA . 3.00 24.54 -14.41
C55 CDL RA . 3.75 23.24 -14.58
C56 CDL RA . 3.25 22.39 -15.73
C57 CDL RA . 4.28 21.42 -16.26
C58 CDL RA . 5.36 22.10 -17.08
C59 CDL RA . 6.51 21.19 -17.46
C60 CDL RA . 7.54 21.87 -18.35
C61 CDL RA . 8.83 21.11 -18.51
C62 CDL RA . 8.65 19.71 -19.07
CB6 CDL RA . -2.56 28.63 -14.19
OB8 CDL RA . -2.69 27.71 -15.30
CB7 CDL RA . -2.01 27.96 -16.41
OB9 CDL RA . -0.99 28.61 -16.45
C71 CDL RA . -2.70 27.42 -17.63
C72 CDL RA . -3.34 26.05 -17.46
C73 CDL RA . -2.33 24.91 -17.44
C74 CDL RA . -1.51 24.79 -18.71
C75 CDL RA . -0.87 23.43 -18.92
C76 CDL RA . 0.28 23.10 -17.99
C77 CDL RA . 0.82 21.71 -18.17
C78 CDL RA . -0.04 20.61 -17.56
C79 CDL RA . 0.24 20.35 -16.09
C80 CDL RA . -0.60 19.23 -15.51
C81 CDL RA . -0.34 18.96 -14.04
C82 CDL RA . -0.67 20.13 -13.13
C83 CDL RA . -0.56 19.81 -11.65
C84 CDL RA . -1.00 20.95 -10.75
C85 CDL RA . -0.09 22.16 -10.79
C86 CDL RA . 1.28 21.93 -10.19
C87 CDL RA . 2.16 23.16 -10.25
C1 CDL SA . -17.69 -2.18 3.36
O1 CDL SA . -16.40 -1.66 3.04
CA2 CDL SA . -18.37 -1.23 4.33
OA2 CDL SA . -17.47 -1.04 5.44
PA1 CDL SA . -18.02 -0.91 6.93
OA3 CDL SA . -18.79 0.35 7.01
OA4 CDL SA . -18.68 -2.19 7.29
OA5 CDL SA . -16.75 -0.71 7.88
CA3 CDL SA . -15.41 -0.63 7.34
CA4 CDL SA . -14.65 -1.85 7.76
OA6 CDL SA . -13.30 -1.67 7.24
CA5 CDL SA . -12.52 -0.75 7.83
OA7 CDL SA . -12.72 -0.31 8.94
C11 CDL SA . -11.43 -0.32 6.91
C12 CDL SA . -10.12 -0.04 7.61
C13 CDL SA . -8.98 0.07 6.63
C14 CDL SA . -7.62 0.14 7.28
C15 CDL SA . -6.49 0.03 6.30
C16 CDL SA . -5.12 0.05 6.94
C17 CDL SA . -4.79 -1.19 7.75
C18 CDL SA . -3.40 -1.16 8.36
CA6 CDL SA . -15.18 -3.09 7.09
OA8 CDL SA . -14.33 -4.19 7.46
CA7 CDL SA . -14.47 -4.69 8.69
OA9 CDL SA . -15.31 -4.33 9.47
C31 CDL SA . -13.47 -5.77 8.97
CB2 CDL SA . -18.45 -2.46 2.09
OB2 CDL SA . -18.29 -3.85 1.78
PB2 CDL SA . -19.49 -4.65 1.11
OB3 CDL SA . -20.62 -4.62 2.07
OB4 CDL SA . -19.70 -4.11 -0.25
OB5 CDL SA . -18.96 -6.16 1.01
CB3 CDL SA . -18.89 -7.00 2.18
CB4 CDL SA . -17.46 -7.29 2.52
OB6 CDL SA . -16.95 -6.09 3.15
CB5 CDL SA . -15.72 -6.10 3.68
OB7 CDL SA . -15.16 -7.11 4.04
C51 CDL SA . -15.16 -4.72 3.73
C52 CDL SA . -13.74 -4.62 4.25
C53 CDL SA . -12.68 -5.12 3.31
C54 CDL SA . -11.30 -4.92 3.88
C55 CDL SA . -10.17 -5.19 2.93
C56 CDL SA . -8.81 -4.92 3.56
C57 CDL SA . -7.64 -5.26 2.68
C58 CDL SA . -7.64 -6.70 2.20
C59 CDL SA . -6.29 -7.19 1.74
C60 CDL SA . -6.32 -8.60 1.21
C61 CDL SA . -4.94 -9.24 1.14
C62 CDL SA . -3.94 -8.44 0.32
C63 CDL SA . -2.59 -9.09 0.28
C64 CDL SA . -1.49 -8.21 -0.24
C65 CDL SA . -0.12 -8.88 -0.28
C66 CDL SA . 0.37 -9.34 1.09
C67 CDL SA . 1.71 -9.97 1.04
CB6 CDL SA . -16.63 -7.53 1.28
OB8 CDL SA . -15.28 -7.96 1.59
CB7 CDL SA . -15.11 -9.21 2.04
OB9 CDL SA . -15.96 -9.86 2.56
C71 CDL SA . -13.72 -9.69 1.75
C72 CDL SA . -13.13 -10.59 2.84
C73 CDL SA . -11.84 -11.28 2.42
C74 CDL SA . -10.70 -10.33 2.06
C75 CDL SA . -9.43 -11.03 1.61
C76 CDL SA . -8.68 -11.78 2.69
C77 CDL SA . -7.29 -12.22 2.26
C78 CDL SA . -7.26 -13.35 1.25
C79 CDL SA . -7.34 -14.75 1.86
C80 CDL SA . -6.09 -15.13 2.63
C81 CDL SA . -6.08 -16.55 3.15
C82 CDL SA . -4.82 -16.90 3.93
C83 CDL SA . -4.75 -18.34 4.38
C84 CDL SA . -3.50 -18.66 5.18
C85 CDL SA . -3.48 -20.06 5.75
C86 CDL SA . -2.30 -20.38 6.64
C87 CDL SA . -2.48 -21.70 7.35
K K TA . 24.40 1.20 -33.30
CU CU UA . 9.32 -10.15 -11.26
MG MG VA . 21.15 -9.47 -14.87
FE HEA WA . 10.70 0.71 -23.19
CHA HEA WA . 13.67 -0.58 -22.20
CHB HEA WA . 11.81 0.75 -26.38
CHC HEA WA . 7.75 2.02 -24.19
CHD HEA WA . 9.64 0.68 -19.99
NA HEA WA . 12.37 0.21 -24.09
C1A HEA WA . 13.49 -0.32 -23.52
C2A HEA WA . 14.59 -0.58 -24.44
C3A HEA WA . 13.98 -0.21 -25.70
C4A HEA WA . 12.64 0.29 -25.41
CMA HEA WA . 14.50 -0.21 -27.07
OMA HEA WA . 14.65 -1.30 -27.61
CAA HEA WA . 15.92 -1.21 -24.18
CBA HEA WA . 17.11 -0.26 -24.27
CGA HEA WA . 18.20 -1.04 -23.60
O1A HEA WA . 19.04 -1.56 -24.35
O2A HEA WA . 18.25 -1.10 -22.36
NB HEA WA . 9.94 1.26 -24.92
C1B HEA WA . 10.56 1.20 -26.13
C2B HEA WA . 9.70 1.69 -27.22
C3B HEA WA . 8.47 2.07 -26.56
C4B HEA WA . 8.70 1.78 -25.14
CMB HEA WA . 10.24 1.68 -28.63
NC HEA WA . 9.04 1.24 -22.29
C1C HEA WA . 7.92 1.76 -22.86
C2C HEA WA . 6.86 2.03 -21.88
C3C HEA WA . 7.45 1.62 -20.63
C4C HEA WA . 8.80 1.14 -20.95
CMC HEA WA . 5.55 2.61 -22.35
CAC HEA WA . 6.98 1.59 -19.22
CBC HEA WA . 5.74 1.23 -18.96
ND HEA WA . 11.48 0.16 -21.47
C1D HEA WA . 10.89 0.22 -20.25
C2D HEA WA . 11.79 -0.27 -19.20
C3D HEA WA . 13.02 -0.66 -19.85
C4D HEA WA . 12.72 -0.34 -21.26
CMD HEA WA . 11.30 -0.29 -17.78
CAD HEA WA . 14.28 -1.24 -19.28
CBD HEA WA . 15.16 -0.09 -18.80
CGD HEA WA . 16.57 -0.57 -18.65
O1D HEA WA . 17.01 -1.40 -19.48
O2D HEA WA . 17.26 -0.14 -17.70
C11 HEA WA . 7.19 2.67 -26.98
O11 HEA WA . 7.49 3.93 -27.56
C12 HEA WA . 6.49 1.83 -28.04
C13 HEA WA . 5.42 2.66 -28.72
C14 HEA WA . 4.27 3.01 -27.80
C15 HEA WA . 3.94 4.30 -27.58
C16 HEA WA . 2.78 4.66 -26.67
C17 HEA WA . 3.30 5.06 -25.29
C18 HEA WA . 2.41 6.15 -24.73
C19 HEA WA . 2.44 6.44 -23.42
C20 HEA WA . 1.57 7.52 -22.80
C21 HEA WA . 0.32 6.92 -22.16
C22 HEA WA . -0.41 8.02 -21.42
C23 HEA WA . -1.74 8.03 -21.38
C24 HEA WA . -2.46 9.12 -20.63
C25 HEA WA . -2.52 6.96 -22.08
C26 HEA WA . 4.77 5.39 -28.19
C27 HEA WA . 3.37 5.70 -22.52
FE HEA XA . 7.57 -10.30 -15.46
CHA HEA XA . 10.89 -9.75 -15.70
CHB HEA XA . 8.15 -13.59 -14.98
CHC HEA XA . 4.24 -10.82 -15.24
CHD HEA XA . 7.05 -6.97 -15.95
NA HEA XA . 9.17 -11.42 -15.35
C1A HEA XA . 10.47 -11.03 -15.47
C2A HEA XA . 11.47 -12.10 -15.37
C3A HEA XA . 10.61 -13.25 -15.15
C4A HEA XA . 9.22 -12.76 -15.15
CMA HEA XA . 11.00 -14.65 -14.91
OMA HEA XA . 10.60 -15.21 -13.91
CAA HEA XA . 12.97 -11.98 -15.41
CBA HEA XA . 13.59 -12.72 -16.58
CGA HEA XA . 15.05 -12.38 -16.51
O1A HEA XA . 15.41 -11.52 -15.68
O2A HEA XA . 15.85 -12.98 -17.25
NB HEA XA . 6.42 -11.87 -15.17
C1B HEA XA . 6.86 -13.15 -14.99
C2B HEA XA . 5.74 -14.10 -14.81
C3B HEA XA . 4.54 -13.30 -14.88
C4B HEA XA . 5.06 -11.91 -15.11
CMB HEA XA . 6.06 -15.56 -14.60
NC HEA XA . 5.98 -9.14 -15.57
C1C HEA XA . 4.68 -9.54 -15.46
C2C HEA XA . 3.74 -8.41 -15.60
C3C HEA XA . 4.60 -7.27 -15.79
C4C HEA XA . 5.97 -7.80 -15.79
CMC HEA XA . 2.26 -8.68 -15.49
CAC HEA XA . 4.33 -5.83 -16.01
CBC HEA XA . 3.21 -5.31 -15.53
ND HEA XA . 8.72 -8.71 -15.75
C1D HEA XA . 8.33 -7.42 -15.94
C2D HEA XA . 9.49 -6.52 -16.13
C3D HEA XA . 10.67 -7.34 -16.03
C4D HEA XA . 10.08 -8.69 -15.81
CMD HEA XA . 9.25 -5.05 -16.33
CAD HEA XA . 12.12 -6.99 -16.18
CBD HEA XA . 12.61 -6.06 -15.07
CGD HEA XA . 14.10 -6.01 -15.29
O1D HEA XA . 14.70 -4.93 -15.35
O2D HEA XA . 14.68 -7.12 -15.30
C11 HEA XA . 3.10 -13.62 -14.76
O11 HEA XA . 2.37 -12.57 -14.13
C12 HEA XA . 2.42 -13.91 -16.10
C13 HEA XA . 1.05 -14.51 -15.81
C14 HEA XA . 0.17 -14.54 -17.03
C15 HEA XA . 0.02 -15.65 -17.77
C16 HEA XA . -0.87 -15.62 -19.00
C17 HEA XA . -2.34 -15.55 -18.59
C18 HEA XA . -2.70 -16.84 -17.91
C19 HEA XA . -3.16 -17.88 -18.63
C20 HEA XA . -3.54 -19.17 -17.94
C21 HEA XA . -2.92 -20.37 -18.67
C22 HEA XA . -1.42 -20.22 -18.61
C23 HEA XA . -0.68 -21.13 -17.95
C24 HEA XA . 0.80 -20.99 -17.87
C25 HEA XA . -1.35 -22.29 -17.26
C26 HEA XA . 0.72 -16.92 -17.39
C27 HEA XA . -3.37 -17.73 -20.11
O1 PER YA . 7.75 -10.03 -13.28
O2 PER YA . 8.67 -8.99 -12.90
C19 PEE ZA . 16.58 38.37 0.16
C18 PEE ZA . 15.09 38.15 0.38
C17 PEE ZA . 14.20 38.93 -0.55
C16 PEE ZA . 12.72 38.76 -0.27
C15 PEE ZA . 11.81 39.57 -1.17
C14 PEE ZA . 10.34 39.38 -0.85
C13 PEE ZA . 9.40 40.19 -1.71
C12 PEE ZA . 9.58 39.95 -3.19
C11 PEE ZA . 8.42 40.47 -4.04
C10 PEE ZA . 8.63 40.18 -5.49
O4 PEE ZA . 9.57 39.59 -5.94
O2 PEE ZA . 7.64 40.70 -6.23
C2 PEE ZA . 7.90 40.87 -7.66
C1 PEE ZA . 7.17 39.81 -8.45
O3P PEE ZA . 5.83 40.23 -8.73
P PEE ZA . 4.50 39.62 -8.06
O2P PEE ZA . 4.91 38.58 -7.03
O1P PEE ZA . 3.57 39.13 -9.10
O4P PEE ZA . 3.99 40.98 -7.31
C4 PEE ZA . 2.70 41.20 -6.68
C5 PEE ZA . 2.64 40.55 -5.34
N PEE ZA . 2.72 39.07 -5.45
C3 PEE ZA . 7.45 42.26 -7.97
O3 PEE ZA . 8.19 43.08 -7.03
C30 PEE ZA . 8.05 44.40 -7.07
O5 PEE ZA . 7.67 45.00 -8.04
C31 PEE ZA . 8.37 44.99 -5.74
C32 PEE ZA . 9.47 44.26 -4.97
C33 PEE ZA . 9.74 44.88 -3.62
C34 PEE ZA . 10.65 44.05 -2.72
C35 PEE ZA . 11.99 43.69 -3.33
C36 PEE ZA . 12.82 44.88 -3.77
C37 PEE ZA . 14.18 44.49 -4.29
C38 PEE ZA . 15.11 43.95 -3.23
C39 PEE ZA . 16.44 43.46 -3.76
C40 PEE ZA . 17.41 43.03 -2.69
C41 PEE ZA . 18.71 42.48 -3.23
C42 PEE ZA . 19.76 42.20 -2.17
C43 PEE ZA . 21.01 41.56 -2.74
C44 PEE ZA . 22.15 41.38 -1.77
C45 PEE ZA . 23.33 40.66 -2.39
C46 PEE ZA . 24.48 40.36 -1.46
C47 PEE ZA . 25.61 39.64 -2.14
C16 PEE AB . 7.70 23.64 -31.16
C15 PEE AB . 6.21 23.48 -31.37
C14 PEE AB . 5.42 24.75 -31.17
C13 PEE AB . 3.93 24.60 -31.39
C12 PEE AB . 3.13 25.87 -31.14
C11 PEE AB . 1.64 25.69 -31.38
C10 PEE AB . 1.03 24.62 -30.54
O4 PEE AB . 1.33 24.38 -29.39
O2 PEE AB . 0.12 23.92 -31.22
C2 PEE AB . -0.37 22.67 -30.64
C1 PEE AB . -1.73 22.90 -30.07
O3P PEE AB . -2.49 23.62 -31.06
P PEE AB . -4.05 23.40 -31.28
O2P PEE AB . -4.33 21.91 -31.14
O1P PEE AB . -4.51 24.00 -32.55
O4P PEE AB . -4.67 24.12 -29.96
C4 PEE AB . -5.27 25.44 -30.02
C5 PEE AB . -6.75 25.35 -29.84
N PEE AB . -7.35 24.43 -30.84
C3 PEE AB . -0.42 21.67 -31.75
O3 PEE AB . 0.89 21.58 -32.34
C30 PEE AB . 1.04 20.72 -33.36
O5 PEE AB . 0.21 19.92 -33.67
C31 PEE AB . 2.35 20.92 -34.04
C32 PEE AB . 2.98 19.63 -34.53
C33 PEE AB . 4.30 19.83 -35.23
C34 PEE AB . 4.21 20.73 -36.46
C1 CDL BB . -6.24 29.37 -17.00
O1 CDL BB . -6.27 28.70 -15.73
CA2 CDL BB . -7.52 29.07 -17.74
OA2 CDL BB . -7.63 27.63 -17.86
PA1 CDL BB . -8.85 26.95 -18.62
OA3 CDL BB . -9.77 26.44 -17.57
OA4 CDL BB . -9.38 27.88 -19.64
OA5 CDL BB . -8.22 25.67 -19.33
CA3 CDL BB . -7.11 25.00 -18.70
CA4 CDL BB . -7.17 23.52 -18.97
OA6 CDL BB . -6.63 23.25 -20.30
CA5 CDL BB . -5.30 23.31 -20.46
OA7 CDL BB . -4.54 23.64 -19.60
C11 CDL BB . -4.92 22.92 -21.86
C12 CDL BB . -5.08 21.44 -22.14
C13 CDL BB . -4.94 21.14 -23.62
C14 CDL BB . -4.96 19.67 -23.95
C15 CDL BB . -6.14 18.92 -23.39
C16 CDL BB . -6.24 17.50 -23.89
C17 CDL BB . -6.69 17.39 -25.33
C18 CDL BB . -6.64 15.98 -25.87
C19 CDL BB . -5.23 15.45 -26.09
C20 CDL BB . -4.47 16.14 -27.21
C21 CDL BB . -3.05 15.63 -27.39
C22 CDL BB . -2.06 16.18 -26.40
C23 CDL BB . -0.68 15.53 -26.50
C24 CDL BB . 0.33 16.05 -25.49
C25 CDL BB . 1.03 17.33 -25.89
C26 CDL BB . 2.02 17.14 -27.01
C27 CDL BB . 3.02 18.25 -27.13
CA6 CDL BB . -8.58 22.99 -18.99
OA8 CDL BB . -8.56 21.56 -18.84
CA7 CDL BB . -8.73 20.80 -19.93
OA9 CDL BB . -8.65 21.23 -21.05
C31 CDL BB . -9.06 19.39 -19.57
C32 CDL BB . -8.49 18.39 -20.55
C33 CDL BB . -8.57 16.95 -20.10
C34 CDL BB . -7.76 16.01 -20.95
C35 CDL BB . -7.67 14.59 -20.43
C36 CDL BB . -6.72 13.72 -21.23
C37 CDL BB . -7.13 13.51 -22.67
C38 CDL BB . -6.23 12.54 -23.42
C39 CDL BB . -6.77 12.16 -24.78
C40 CDL BB . -5.94 11.10 -25.49
C41 CDL BB . -4.57 11.57 -25.94
C42 CDL BB . -3.81 10.52 -26.73
C43 CDL BB . -2.58 11.04 -27.45
C44 CDL BB . -1.44 11.44 -26.53
C45 CDL BB . -0.17 11.80 -27.29
C46 CDL BB . 1.03 12.15 -26.44
C47 CDL BB . 1.46 11.04 -25.51
CB2 CDL BB . -5.98 30.84 -16.78
OB2 CDL BB . -5.68 31.44 -18.06
PB2 CDL BB . -4.48 32.47 -18.20
OB3 CDL BB . -4.41 32.88 -19.63
OB4 CDL BB . -4.58 33.52 -17.15
OB5 CDL BB . -3.32 31.43 -17.88
CB3 CDL BB . -2.06 31.78 -17.28
CB4 CDL BB . -1.04 31.62 -18.37
OB6 CDL BB . 0.00 30.64 -17.97
CB5 CDL BB . 0.89 30.96 -17.02
OB7 CDL BB . 1.01 32.07 -16.55
C51 CDL BB . 1.71 29.77 -16.61
C52 CDL BB . 1.93 28.72 -17.70
C53 CDL BB . 2.64 27.47 -17.19
C54 CDL BB . 2.40 26.23 -18.03
C55 CDL BB . 3.14 26.20 -19.36
C56 CDL BB . 4.60 25.77 -19.26
C57 CDL BB . 5.30 25.70 -20.61
C58 CDL BB . 6.65 25.01 -20.57
C59 CDL BB . 7.68 25.71 -19.71
C60 CDL BB . 9.05 25.05 -19.73
C61 CDL BB . 10.07 25.73 -18.86
C62 CDL BB . 11.44 25.07 -18.85
C63 CDL BB . 12.45 25.81 -18.02
C64 CDL BB . 13.81 25.16 -17.94
C65 CDL BB . 14.83 25.97 -17.16
C66 CDL BB . 16.19 25.33 -17.04
C67 CDL BB . 17.19 26.22 -16.36
CB6 CDL BB . -0.47 32.93 -18.84
OB8 CDL BB . 0.17 32.56 -20.08
CB7 CDL BB . 0.76 33.51 -20.81
OB9 CDL BB . 0.74 34.68 -20.55
C71 CDL BB . 1.44 32.86 -21.96
C72 CDL BB . 2.19 33.80 -22.89
C73 CDL BB . 2.74 33.05 -24.08
C74 CDL BB . 3.85 32.08 -23.74
C75 CDL BB . 3.98 30.96 -24.75
C76 CDL BB . 5.21 30.10 -24.56
C77 CDL BB . 6.49 30.80 -24.93
C78 CDL BB . 7.69 29.88 -25.02
C79 CDL BB . 8.94 30.57 -25.50
C80 CDL BB . 10.11 29.65 -25.71
C81 CDL BB . 11.33 30.35 -26.28
C82 CDL BB . 12.49 29.43 -26.57
C83 CDL BB . 13.67 30.13 -27.20
C84 CDL BB . 14.82 29.20 -27.55
C85 CDL BB . 15.99 29.89 -28.21
C86 CDL BB . 17.12 28.94 -28.57
C87 CDL BB . 18.27 29.64 -29.23
ZN ZN CB . -40.11 -11.10 -45.41
ZN ZN DB . -27.61 -16.79 -43.05
C1 CDL EB . -17.23 -6.00 -40.10
O1 CDL EB . -17.03 -4.84 -39.28
CA2 CDL EB . -18.71 -6.31 -40.21
OA2 CDL EB . -18.82 -7.64 -40.76
PA1 CDL EB . -20.23 -8.31 -41.10
OA3 CDL EB . -21.25 -7.32 -40.72
OA4 CDL EB . -20.17 -8.79 -42.50
OA5 CDL EB . -20.49 -9.58 -40.16
CA3 CDL EB . -19.50 -10.45 -39.56
CA4 CDL EB . -18.22 -10.50 -40.35
OA6 CDL EB . -17.77 -11.88 -40.56
CA5 CDL EB . -17.91 -12.40 -41.78
OA7 CDL EB . -18.76 -12.05 -42.56
C11 CDL EB . -16.83 -13.39 -42.09
C12 CDL EB . -16.97 -14.74 -41.40
C13 CDL EB . -16.26 -15.83 -42.18
C14 CDL EB . -16.31 -17.20 -41.52
C15 CDL EB . -15.39 -17.33 -40.32
C16 CDL EB . -15.30 -18.74 -39.77
C17 CDL EB . -14.88 -19.78 -40.80
C18 CDL EB . -14.45 -21.09 -40.19
C19 CDL EB . -14.20 -22.20 -41.20
C20 CDL EB . -13.09 -21.89 -42.18
CA6 CDL EB . -17.12 -9.84 -39.60
OA8 CDL EB . -15.98 -9.76 -40.48
CA7 CDL EB . -14.76 -9.85 -39.94
OA9 CDL EB . -14.56 -10.02 -38.77
C31 CDL EB . -13.71 -9.73 -40.99
C32 CDL EB . -13.56 -8.31 -41.50
C33 CDL EB . -12.88 -8.26 -42.86
C34 CDL EB . -11.51 -8.91 -42.87
C35 CDL EB . -10.98 -9.12 -44.26
C36 CDL EB . -10.79 -7.84 -45.02
C37 CDL EB . -10.01 -8.00 -46.28
C38 CDL EB . -9.77 -6.69 -46.98
C39 CDL EB . -8.73 -6.77 -48.07
C40 CDL EB . -8.23 -5.41 -48.47
C41 CDL EB . -7.03 -5.44 -49.38
C42 CDL EB . -5.80 -6.07 -48.75
CB2 CDL EB . -16.63 -5.79 -41.47
OB2 CDL EB . -15.63 -4.76 -41.41
PB2 CDL EB . -15.87 -3.35 -42.11
OB3 CDL EB . -16.80 -2.59 -41.25
OB4 CDL EB . -14.56 -2.75 -42.45
OB5 CDL EB . -16.65 -3.69 -43.47
CB3 CDL EB . -15.90 -4.26 -44.56
CB4 CDL EB . -16.76 -5.27 -45.27
OB6 CDL EB . -16.31 -6.56 -44.78
CB5 CDL EB . -17.20 -7.56 -44.72
OB7 CDL EB . -18.30 -7.51 -45.20
C51 CDL EB . -16.63 -8.73 -43.96
C52 CDL EB . -16.30 -9.88 -44.90
C53 CDL EB . -15.49 -10.95 -44.22
C54 CDL EB . -15.13 -12.10 -45.13
C55 CDL EB . -14.11 -11.73 -46.20
C56 CDL EB . -13.89 -12.82 -47.23
C57 CDL EB . -13.27 -14.08 -46.68
C58 CDL EB . -13.11 -15.18 -47.70
C59 CDL EB . -14.41 -15.71 -48.26
CB6 CDL EB . -16.56 -5.24 -46.75
OB8 CDL EB . -15.22 -5.77 -46.98
CB7 CDL EB . -15.03 -6.46 -48.09
OB9 CDL EB . -15.75 -6.41 -49.04
C71 CDL EB . -13.83 -7.34 -47.95
C72 CDL EB . -13.58 -8.19 -49.19
C73 CDL EB . -12.31 -8.97 -49.06
C74 CDL EB . -11.82 -9.59 -50.33
C75 CDL EB . -10.40 -10.08 -50.22
C76 CDL EB . -9.70 -10.29 -51.54
C77 CDL EB . -8.23 -10.66 -51.40
C78 CDL EB . -7.38 -9.62 -50.73
C79 CDL EB . -5.90 -9.97 -50.64
C27 PEE FB . 10.00 -16.05 56.71
C26 PEE FB . 10.22 -15.71 55.26
C25 PEE FB . 11.24 -14.60 55.08
C24 PEE FB . 11.49 -14.24 53.63
C23 PEE FB . 12.51 -13.14 53.45
C22 PEE FB . 12.75 -12.78 52.00
C21 PEE FB . 13.78 -11.69 51.80
C20 PEE FB . 14.01 -11.34 50.35
C19 PEE FB . 15.02 -10.25 50.11
C18 PEE FB . 15.22 -9.92 48.65
C17 PEE FB . 16.20 -8.81 48.37
C16 PEE FB . 16.30 -8.50 46.89
C15 PEE FB . 17.17 -7.31 46.53
C14 PEE FB . 16.86 -6.79 45.15
C13 PEE FB . 17.75 -5.71 44.61
C12 PEE FB . 17.23 -5.16 43.30
C11 PEE FB . 18.16 -4.16 42.62
C10 PEE FB . 19.34 -4.82 41.98
O4 PEE FB . 19.32 -5.90 41.45
O2 PEE FB . 20.43 -4.06 42.07
C2 PEE FB . 21.67 -4.57 41.50
C1 PEE FB . 21.98 -3.76 40.26
O3P PEE FB . 23.41 -3.82 40.10
P PEE FB . 24.20 -3.17 38.90
O2P PEE FB . 25.50 -2.65 39.48
O1P PEE FB . 23.40 -2.18 38.15
O4P PEE FB . 24.58 -4.51 38.07
C4 PEE FB . 23.57 -5.29 37.38
C5 PEE FB . 23.12 -4.55 36.15
N PEE FB . 24.28 -4.11 35.34
C3 PEE FB . 22.76 -4.41 42.51
O3 PEE FB . 22.35 -5.08 43.73
C30 PEE FB . 22.36 -6.41 43.73
O5 PEE FB . 22.71 -7.09 42.79
C31 PEE FB . 21.88 -6.95 45.04
C32 PEE FB . 21.03 -8.20 44.91
C33 PEE FB . 20.69 -8.75 46.27
C34 PEE FB . 19.74 -9.92 46.26
C35 PEE FB . 19.44 -10.42 47.65
C36 PEE FB . 18.42 -11.54 47.72
C37 PEE FB . 18.14 -11.96 49.14
C38 PEE FB . 17.13 -13.06 49.29
C39 PEE FB . 16.89 -13.44 50.74
C40 PEE FB . 15.86 -14.53 50.93
C41 PEE FB . 15.65 -14.89 52.39
C42 PEE FB . 14.62 -15.98 52.61
C43 PEE FB . 14.41 -16.32 54.07
C44 PEE FB . 13.38 -17.41 54.30
C45 PEE FB . 13.17 -17.73 55.76
C46 PEE FB . 12.14 -18.81 56.00
C47 PEE FB . 11.94 -19.11 57.46
C1 CDL GB . -7.25 -6.38 24.48
O1 CDL GB . -5.88 -6.67 24.22
CA2 CDL GB . -7.51 -4.92 24.21
OA2 CDL GB . -6.45 -4.42 23.36
PA1 CDL GB . -6.38 -2.85 23.07
OA3 CDL GB . -7.57 -2.49 22.28
OA4 CDL GB . -6.09 -2.14 24.33
OA5 CDL GB . -5.10 -2.75 22.11
CA3 CDL GB . -3.80 -3.07 22.66
CA4 CDL GB . -2.78 -2.12 22.11
OA6 CDL GB . -2.73 -2.22 20.66
CA5 CDL GB . -3.30 -1.24 19.96
OA7 CDL GB . -4.28 -0.63 20.32
C11 CDL GB . -2.53 -0.94 18.72
C12 CDL GB . -3.26 -1.34 17.46
C13 CDL GB . -2.52 -0.99 16.19
C14 CDL GB . -1.18 -1.68 16.06
C15 CDL GB . -0.62 -1.64 14.65
C16 CDL GB . 0.70 -2.37 14.50
C17 CDL GB . 1.13 -2.56 13.05
C18 CDL GB . 0.18 -3.42 12.24
CA6 CDL GB . -1.41 -2.46 22.60
OA8 CDL GB . -0.46 -2.41 21.52
CA7 CDL GB . 0.33 -1.33 21.43
OA9 CDL GB . 0.09 -0.29 21.96
C31 CDL GB . 1.55 -1.64 20.62
C32 CDL GB . 1.56 -0.99 19.25
C33 CDL GB . 2.90 -1.12 18.56
C34 CDL GB . 3.33 -2.55 18.30
C35 CDL GB . 4.66 -2.61 17.58
C36 CDL GB . 5.16 -3.99 17.24
C37 CDL GB . 6.54 -3.96 16.61
C38 CDL GB . 7.00 -5.27 16.01
C39 CDL GB . 8.41 -5.21 15.45
C40 CDL GB . 8.87 -6.49 14.78
CB2 CDL GB . -8.11 -7.30 23.66
OB2 CDL GB . -8.23 -6.74 22.33
PB2 CDL GB . -9.11 -7.53 21.26
OB3 CDL GB . -8.42 -8.81 21.02
OB4 CDL GB . -10.52 -7.54 21.70
OB5 CDL GB . -9.03 -6.71 19.88
CB3 CDL GB . -8.82 -5.29 19.87
CB4 CDL GB . -7.45 -5.03 19.31
OB6 CDL GB . -7.66 -4.46 17.98
CB5 CDL GB . -6.83 -3.51 17.56
OB7 CDL GB . -6.21 -2.79 18.29
C51 CDL GB . -6.74 -3.52 16.07
C52 CDL GB . -5.71 -2.55 15.52
C53 CDL GB . -5.68 -2.51 14.02
C54 CDL GB . -5.00 -3.71 13.38
C55 CDL GB . -4.78 -3.52 11.90
C56 CDL GB . -3.94 -4.59 11.22
C57 CDL GB . -3.50 -4.16 9.83
C58 CDL GB . -2.75 -5.21 9.04
C59 CDL GB . -3.58 -6.43 8.65
C60 CDL GB . -2.90 -7.34 7.65
C61 CDL GB . -2.79 -6.76 6.25
C62 CDL GB . -1.93 -7.58 5.30
C63 CDL GB . -2.41 -8.98 5.04
C64 CDL GB . -1.50 -9.77 4.12
C65 CDL GB . -1.89 -11.23 3.93
C66 CDL GB . -3.20 -11.45 3.19
C67 CDL GB . -3.60 -12.88 3.12
CB6 CDL GB . -6.70 -6.30 19.05
OB8 CDL GB . -5.43 -6.02 18.43
CB7 CDL GB . -4.45 -5.60 19.22
OB9 CDL GB . -4.59 -5.30 20.38
C71 CDL GB . -3.14 -5.55 18.49
C72 CDL GB . -1.95 -5.90 19.37
C73 CDL GB . -0.65 -5.96 18.59
C74 CDL GB . 0.55 -6.31 19.44
C75 CDL GB . 1.84 -6.45 18.66
C76 CDL GB . 3.04 -6.85 19.50
ZN ZN HB . -34.32 -4.44 -10.40
P1 LPP IB . 9.41 -44.43 -4.29
O2 LPP IB . 8.54 -45.60 -3.84
O3 LPP IB . 9.67 -44.40 -5.74
O4 LPP IB . 10.68 -44.45 -3.46
O5 LPP IB . 8.61 -43.11 -3.80
C6 LPP IB . 9.40 -42.06 -3.23
C7 LPP IB . 8.53 -40.88 -2.92
C8 LPP IB . 7.65 -40.49 -4.08
O9 LPP IB . 7.64 -41.18 -1.79
O27 LPP IB . 6.92 -39.33 -3.63
C11 LPP IB . 8.17 -41.18 -0.56
O10 LPP IB . 9.34 -41.35 -0.33
C12 LPP IB . 7.11 -40.93 0.47
C13 LPP IB . 6.11 -39.89 0.01
C14 LPP IB . 5.15 -39.46 1.10
C15 LPP IB . 4.27 -38.28 0.70
C16 LPP IB . 3.56 -37.63 1.87
C17 LPP IB . 3.31 -36.15 1.69
C18 LPP IB . 2.38 -35.80 0.55
C19 LPP IB . 0.94 -36.14 0.81
C20 LPP IB . 0.00 -35.69 -0.30
C21 LPP IB . -1.46 -35.88 0.03
C22 LPP IB . -2.40 -35.28 -1.00
C23 LPP IB . -2.19 -35.83 -2.41
C24 LPP IB . -3.15 -35.26 -3.42
C25 LPP IB . -2.93 -35.79 -4.83
C26 LPP IB . -3.83 -35.16 -5.83
C29 LPP IB . 5.70 -39.15 -4.13
O28 LPP IB . 5.28 -39.69 -5.11
C30 LPP IB . 4.93 -38.19 -3.25
C31 LPP IB . 3.57 -37.81 -3.80
C32 LPP IB . 3.67 -36.93 -5.02
C33 LPP IB . 2.35 -36.37 -5.48
C34 LPP IB . 1.73 -35.36 -4.54
C35 LPP IB . 0.78 -34.40 -5.23
C36 LPP IB . 0.10 -33.42 -4.30
C37 LPP IB . -0.69 -32.36 -5.02
C38 LPP IB . -1.66 -31.60 -4.14
C39 LPP IB . -2.46 -30.56 -4.87
C40 LPP IB . -3.67 -30.09 -4.12
C41 LPP IB . -4.56 -29.15 -4.91
C42 LPP IB . -3.96 -27.78 -5.11
C43 LPP IB . -4.85 -26.89 -5.93
C44 LPP IB . -4.33 -25.52 -5.99
C27 PEE JB . 3.91 -21.24 10.68
C26 PEE JB . 3.81 -19.82 11.17
C25 PEE JB . 4.20 -18.79 10.13
C24 PEE JB . 5.62 -18.86 9.60
C23 PEE JB . 5.92 -17.77 8.58
C22 PEE JB . 7.29 -17.83 7.90
C21 PEE JB . 8.50 -17.87 8.83
C20 PEE JB . 8.89 -19.27 9.27
C19 PEE JB . 10.08 -19.29 10.20
C18 PEE JB . 10.62 -20.69 10.42
C17 PEE JB . 11.75 -20.79 11.43
C16 PEE JB . 11.33 -20.46 12.84
C15 PEE JB . 11.69 -19.07 13.26
C14 PEE JB . 13.08 -18.94 13.88
C13 PEE JB . 14.23 -19.38 12.99
C12 PEE JB . 15.58 -19.26 13.67
C11 PEE JB . 15.76 -20.22 14.84
C10 PEE JB . 16.23 -21.60 14.46
O4 PEE JB . 15.54 -22.58 14.48
O2 PEE JB . 17.55 -21.60 14.19
C2 PEE JB . 18.31 -22.80 14.53
C1 PEE JB . 19.39 -23.09 13.53
O3P PEE JB . 20.65 -22.99 14.24
P PEE JB . 22.11 -23.35 13.69
O2P PEE JB . 22.48 -24.67 14.34
O1P PEE JB . 23.08 -22.27 13.94
O4P PEE JB . 22.01 -23.66 12.11
C4 PEE JB . 22.26 -24.99 11.62
C5 PEE JB . 22.14 -25.02 10.12
N PEE JB . 20.85 -24.43 9.69
C3 PEE JB . 18.89 -22.51 15.88
O3 PEE JB . 17.81 -22.39 16.84
C30 PEE JB . 18.16 -22.11 18.09
O5 PEE JB . 19.26 -21.77 18.42
C31 PEE JB . 17.00 -22.31 19.02
C32 PEE JB . 16.44 -20.99 19.54
C33 PEE JB . 15.90 -20.13 18.41
C34 PEE JB . 15.31 -18.82 18.88
C35 PEE JB . 14.67 -18.02 17.74
C36 PEE JB . 14.16 -16.63 18.10
C37 PEE JB . 15.23 -15.54 18.23
C38 PEE JB . 16.14 -15.62 19.46
C39 PEE JB . 15.43 -15.46 20.80
C40 PEE JB . 16.36 -15.70 21.98
C41 PEE JB . 15.84 -15.22 23.32
C42 PEE JB . 14.47 -15.71 23.72
C43 PEE JB . 14.05 -15.20 25.08
C44 PEE JB . 12.61 -15.49 25.45
C45 PEE JB . 12.24 -14.94 26.82
C46 PEE JB . 10.78 -15.08 27.19
C47 PEE JB . 9.86 -14.31 26.27
C1 CDL KB . 5.68 -42.51 -18.65
O1 CDL KB . 6.30 -41.73 -17.62
CA2 CDL KB . 4.27 -42.04 -18.83
OA2 CDL KB . 4.24 -41.08 -19.92
PA1 CDL KB . 2.87 -40.35 -20.28
OA3 CDL KB . 3.23 -39.00 -20.78
OA4 CDL KB . 2.06 -41.24 -21.13
OA5 CDL KB . 2.20 -40.18 -18.85
CA3 CDL KB . 0.77 -40.30 -18.68
CA4 CDL KB . 0.45 -40.20 -17.22
OA6 CDL KB . 1.22 -39.09 -16.65
CA5 CDL KB . 0.81 -37.84 -16.93
OA7 CDL KB . -0.02 -37.56 -17.76
C11 CDL KB . 1.53 -36.83 -16.08
C12 CDL KB . 0.67 -35.65 -15.66
C13 CDL KB . 1.40 -34.65 -14.78
CA6 CDL KB . 0.89 -41.43 -16.49
OA8 CDL KB . 0.89 -41.12 -15.07
CA7 CDL KB . 1.80 -41.74 -14.31
OA9 CDL KB . 2.43 -42.69 -14.66
C31 CDL KB . 1.96 -41.04 -12.99
C32 CDL KB . 3.27 -40.26 -12.90
C33 CDL KB . 3.50 -39.64 -11.53
C34 CDL KB . 2.49 -38.57 -11.17
CB2 CDL KB . 5.74 -43.95 -18.25
OB2 CDL KB . 5.29 -43.99 -16.87
PB2 CDL KB . 4.45 -45.24 -16.37
OB3 CDL KB . 5.18 -46.44 -16.82
OB4 CDL KB . 4.10 -45.07 -14.94
OB5 CDL KB . 3.16 -45.00 -17.29
CB3 CDL KB . 1.82 -45.19 -16.79
CB4 CDL KB . 1.25 -46.35 -17.57
OB6 CDL KB . 0.54 -45.87 -18.76
CB5 CDL KB . -0.34 -44.86 -18.65
OB7 CDL KB . -0.94 -44.60 -17.64
C51 CDL KB . -0.42 -44.11 -19.94
C52 CDL KB . -1.74 -44.23 -20.67
C53 CDL KB . -2.13 -45.66 -20.99
C54 CDL KB . -1.16 -46.38 -21.89
CB6 CDL KB . 0.34 -47.20 -16.73
OB8 CDL KB . -0.35 -48.06 -17.67
CB7 CDL KB . -1.20 -48.96 -17.20
OB9 CDL KB . -1.36 -49.19 -16.03
C71 CDL KB . -1.93 -49.62 -18.32
C72 CDL KB . -1.48 -51.06 -18.55
C73 CDL KB . -2.04 -51.68 -19.81
C74 CDL KB . -3.55 -51.87 -19.79
C75 CDL KB . -4.11 -52.54 -21.03
#